data_6CRL
#
_entry.id   6CRL
#
_entity_poly.entity_id   1
_entity_poly.type   'polypeptide(L)'
_entity_poly.pdbx_seq_one_letter_code
;MGQGTAYAEVMNRKVAALDSVPPTEYATLAADFSRIAAVEGSDWMAAYYTAYCRIIPAFGNPSEADRLCEEAESMLSKAE
SLGGDLSEIACLRSMAASARLLVNPQERWQTYGAESSRQLAVALEANPANPRAYFLQAQSLLYTPAQFGGGKDKALPFAE
KSVSCYAAATVSPAYAPHWGEQQARQLLMLCKAETQELVPR
;
_entity_poly.pdbx_strand_id   A
#
# COMPACT_ATOMS: atom_id res chain seq x y z
N MET A 1 -12.96 -21.90 12.68
CA MET A 1 -12.91 -23.34 12.35
C MET A 1 -11.67 -23.94 12.95
N GLY A 2 -11.84 -24.67 14.05
CA GLY A 2 -10.69 -25.24 14.72
C GLY A 2 -10.06 -24.23 15.65
N GLN A 3 -9.30 -24.71 16.61
CA GLN A 3 -8.64 -23.82 17.58
C GLN A 3 -7.63 -22.91 16.88
N GLY A 4 -6.88 -23.47 15.92
CA GLY A 4 -5.87 -22.71 15.21
C GLY A 4 -4.72 -22.29 16.12
N THR A 5 -4.93 -21.18 16.84
CA THR A 5 -3.97 -20.61 17.81
C THR A 5 -2.58 -20.32 17.25
N ALA A 6 -2.46 -20.34 15.94
CA ALA A 6 -1.20 -20.05 15.31
C ALA A 6 -1.26 -18.69 14.65
N TYR A 7 -0.34 -17.81 15.03
CA TYR A 7 -0.32 -16.44 14.51
C TYR A 7 -0.23 -16.42 12.99
N ALA A 8 0.71 -17.18 12.45
CA ALA A 8 0.90 -17.22 11.01
C ALA A 8 -0.34 -17.76 10.30
N GLU A 9 -0.91 -18.84 10.83
CA GLU A 9 -2.07 -19.47 10.22
C GLU A 9 -3.30 -18.59 10.24
N VAL A 10 -3.49 -17.87 11.36
CA VAL A 10 -4.61 -16.97 11.48
C VAL A 10 -4.52 -15.90 10.39
N MET A 11 -3.33 -15.35 10.23
CA MET A 11 -3.08 -14.33 9.23
C MET A 11 -3.19 -14.90 7.82
N ASN A 12 -2.74 -16.15 7.62
CA ASN A 12 -2.77 -16.76 6.29
C ASN A 12 -4.17 -16.81 5.74
N ARG A 13 -5.12 -17.20 6.57
CA ARG A 13 -6.50 -17.26 6.14
C ARG A 13 -7.08 -15.86 5.93
N LYS A 14 -6.76 -14.95 6.84
CA LYS A 14 -7.25 -13.58 6.77
C LYS A 14 -6.72 -12.87 5.52
N VAL A 15 -5.45 -13.05 5.24
CA VAL A 15 -4.82 -12.44 4.07
C VAL A 15 -5.38 -13.02 2.77
N ALA A 16 -5.61 -14.33 2.74
CA ALA A 16 -6.15 -14.99 1.57
C ALA A 16 -7.53 -14.43 1.24
N ALA A 17 -8.34 -14.22 2.28
CA ALA A 17 -9.66 -13.64 2.11
C ALA A 17 -9.56 -12.17 1.81
N LEU A 18 -8.49 -11.55 2.29
CA LEU A 18 -8.28 -10.12 2.15
C LEU A 18 -8.25 -9.71 0.68
N ASP A 19 -7.55 -10.48 -0.13
CA ASP A 19 -7.47 -10.21 -1.56
C ASP A 19 -8.83 -10.40 -2.23
N SER A 20 -9.53 -11.46 -1.83
CA SER A 20 -10.84 -11.79 -2.40
C SER A 20 -11.95 -10.82 -1.98
N VAL A 21 -11.93 -10.41 -0.73
CA VAL A 21 -12.98 -9.57 -0.16
C VAL A 21 -12.90 -8.13 -0.71
N PRO A 22 -14.07 -7.47 -0.93
CA PRO A 22 -14.12 -6.07 -1.37
C PRO A 22 -13.43 -5.14 -0.38
N PRO A 23 -12.80 -4.06 -0.88
CA PRO A 23 -12.06 -3.11 -0.04
C PRO A 23 -12.96 -2.42 1.00
N THR A 24 -14.25 -2.37 0.71
CA THR A 24 -15.22 -1.76 1.61
C THR A 24 -15.40 -2.61 2.87
N GLU A 25 -15.19 -3.91 2.73
CA GLU A 25 -15.45 -4.83 3.81
C GLU A 25 -14.19 -5.04 4.66
N TYR A 26 -13.16 -4.24 4.37
CA TYR A 26 -11.90 -4.30 5.09
C TYR A 26 -12.08 -3.92 6.55
N ALA A 27 -13.18 -3.23 6.84
CA ALA A 27 -13.48 -2.81 8.19
C ALA A 27 -13.57 -4.02 9.12
N THR A 28 -14.12 -5.12 8.61
CA THR A 28 -14.27 -6.33 9.41
C THR A 28 -12.89 -6.90 9.75
N LEU A 29 -12.05 -6.93 8.74
CA LEU A 29 -10.73 -7.52 8.84
C LEU A 29 -9.79 -6.65 9.65
N ALA A 30 -9.94 -5.33 9.52
CA ALA A 30 -9.09 -4.40 10.26
C ALA A 30 -9.25 -4.62 11.74
N ALA A 31 -10.49 -4.85 12.16
CA ALA A 31 -10.78 -5.13 13.54
C ALA A 31 -10.08 -6.41 13.98
N ASP A 32 -10.13 -7.43 13.13
CA ASP A 32 -9.49 -8.72 13.44
C ASP A 32 -7.99 -8.60 13.57
N PHE A 33 -7.36 -7.85 12.66
CA PHE A 33 -5.93 -7.67 12.73
C PHE A 33 -5.55 -6.88 13.97
N SER A 34 -6.38 -5.90 14.30
CA SER A 34 -6.20 -5.09 15.50
C SER A 34 -6.32 -5.98 16.74
N ARG A 35 -7.30 -6.90 16.71
CA ARG A 35 -7.53 -7.82 17.81
C ARG A 35 -6.32 -8.72 18.00
N ILE A 36 -5.73 -9.15 16.88
CA ILE A 36 -4.54 -9.96 16.91
C ILE A 36 -3.37 -9.19 17.52
N ALA A 37 -3.23 -7.94 17.09
CA ALA A 37 -2.15 -7.06 17.57
C ALA A 37 -2.25 -6.81 19.07
N ALA A 38 -3.49 -6.66 19.56
CA ALA A 38 -3.74 -6.42 20.97
C ALA A 38 -3.23 -7.58 21.82
N VAL A 39 -3.41 -8.79 21.32
CA VAL A 39 -2.99 -9.97 22.03
C VAL A 39 -1.51 -10.20 21.78
N GLU A 40 -0.88 -10.73 22.77
CA GLU A 40 0.54 -11.03 22.70
C GLU A 40 0.82 -12.15 21.70
N GLY A 41 2.05 -12.22 21.24
CA GLY A 41 2.41 -13.22 20.26
C GLY A 41 2.26 -12.69 18.85
N SER A 42 1.66 -11.51 18.75
CA SER A 42 1.50 -10.84 17.49
C SER A 42 2.81 -10.18 17.05
N ASP A 43 2.85 -9.77 15.79
CA ASP A 43 4.02 -9.10 15.25
C ASP A 43 3.60 -7.79 14.61
N TRP A 44 4.58 -7.05 14.13
CA TRP A 44 4.37 -5.74 13.51
C TRP A 44 3.44 -5.88 12.31
N MET A 45 3.43 -7.05 11.72
CA MET A 45 2.67 -7.32 10.52
C MET A 45 1.17 -7.18 10.79
N ALA A 46 0.74 -7.59 11.98
CA ALA A 46 -0.66 -7.46 12.35
C ALA A 46 -1.05 -5.98 12.35
N ALA A 47 -0.15 -5.14 12.87
CA ALA A 47 -0.35 -3.70 12.87
C ALA A 47 -0.36 -3.16 11.45
N TYR A 48 0.51 -3.71 10.61
CA TYR A 48 0.62 -3.32 9.21
C TYR A 48 -0.71 -3.53 8.49
N TYR A 49 -1.27 -4.70 8.66
CA TYR A 49 -2.55 -5.03 8.02
C TYR A 49 -3.71 -4.25 8.61
N THR A 50 -3.66 -3.95 9.89
CA THR A 50 -4.72 -3.17 10.52
C THR A 50 -4.81 -1.79 9.84
N ALA A 51 -3.65 -1.16 9.69
CA ALA A 51 -3.57 0.15 9.04
C ALA A 51 -3.99 0.04 7.58
N TYR A 52 -3.56 -1.03 6.94
CA TYR A 52 -3.86 -1.31 5.54
C TYR A 52 -5.36 -1.35 5.30
N CYS A 53 -6.06 -2.07 6.14
CA CYS A 53 -7.49 -2.25 6.01
C CYS A 53 -8.25 -0.94 6.20
N ARG A 54 -7.64 0.02 6.89
CA ARG A 54 -8.23 1.34 7.05
C ARG A 54 -7.91 2.27 5.87
N ILE A 55 -6.65 2.23 5.45
CA ILE A 55 -6.15 3.10 4.40
C ILE A 55 -6.79 2.83 3.02
N ILE A 56 -6.95 1.57 2.66
CA ILE A 56 -7.51 1.23 1.34
C ILE A 56 -8.93 1.83 1.13
N PRO A 57 -9.89 1.60 2.05
CA PRO A 57 -11.23 2.19 1.95
C PRO A 57 -11.21 3.71 2.17
N ALA A 58 -10.09 4.22 2.70
CA ALA A 58 -9.93 5.65 2.93
C ALA A 58 -10.01 6.41 1.63
N PHE A 59 -9.45 5.81 0.58
CA PHE A 59 -9.49 6.40 -0.75
C PHE A 59 -10.95 6.56 -1.20
N GLY A 60 -11.78 5.61 -0.84
CA GLY A 60 -13.18 5.67 -1.18
C GLY A 60 -14.03 6.25 -0.06
N ASN A 61 -13.38 6.74 0.99
CA ASN A 61 -14.10 7.31 2.14
C ASN A 61 -13.47 8.61 2.57
N PRO A 62 -13.68 9.67 1.80
CA PRO A 62 -13.15 10.99 2.13
C PRO A 62 -13.86 11.63 3.33
N SER A 63 -14.99 11.03 3.72
CA SER A 63 -15.81 11.53 4.81
C SER A 63 -15.03 11.57 6.13
N GLU A 64 -14.27 10.52 6.41
CA GLU A 64 -13.48 10.48 7.63
C GLU A 64 -12.12 9.87 7.35
N ALA A 65 -11.60 10.11 6.14
CA ALA A 65 -10.31 9.57 5.73
C ALA A 65 -9.23 10.04 6.68
N ASP A 66 -9.33 11.29 7.08
CA ASP A 66 -8.38 11.87 8.01
C ASP A 66 -8.47 11.20 9.40
N ARG A 67 -9.71 11.01 9.87
CA ARG A 67 -9.94 10.38 11.19
C ARG A 67 -9.49 8.92 11.22
N LEU A 68 -9.75 8.19 10.16
CA LEU A 68 -9.34 6.79 10.10
C LEU A 68 -7.83 6.70 9.90
N CYS A 69 -7.27 7.76 9.36
CA CYS A 69 -5.83 7.89 9.22
C CYS A 69 -5.19 7.86 10.60
N GLU A 70 -5.84 8.51 11.56
CA GLU A 70 -5.33 8.58 12.93
C GLU A 70 -5.16 7.18 13.51
N GLU A 71 -6.17 6.33 13.30
CA GLU A 71 -6.12 4.96 13.76
C GLU A 71 -5.02 4.18 13.04
N ALA A 72 -4.99 4.33 11.72
CA ALA A 72 -4.02 3.63 10.89
C ALA A 72 -2.59 4.05 11.21
N GLU A 73 -2.40 5.35 11.39
CA GLU A 73 -1.11 5.91 11.68
C GLU A 73 -0.57 5.38 13.00
N SER A 74 -1.43 5.33 14.00
CA SER A 74 -1.05 4.83 15.30
C SER A 74 -0.60 3.37 15.20
N MET A 75 -1.36 2.58 14.44
CA MET A 75 -1.02 1.17 14.24
C MET A 75 0.30 1.04 13.46
N LEU A 76 0.47 1.92 12.47
CA LEU A 76 1.70 1.96 11.66
C LEU A 76 2.89 2.32 12.53
N SER A 77 2.67 3.22 13.47
CA SER A 77 3.71 3.67 14.36
C SER A 77 4.22 2.50 15.19
N LYS A 78 3.28 1.63 15.57
CA LYS A 78 3.58 0.44 16.35
C LYS A 78 4.52 -0.48 15.56
N ALA A 79 4.24 -0.61 14.26
CA ALA A 79 5.06 -1.42 13.37
C ALA A 79 6.47 -0.85 13.28
N GLU A 80 6.55 0.47 13.19
CA GLU A 80 7.80 1.18 13.11
C GLU A 80 8.58 1.05 14.42
N SER A 81 7.86 1.15 15.53
CA SER A 81 8.44 1.05 16.86
C SER A 81 9.05 -0.34 17.12
N LEU A 82 8.35 -1.37 16.66
CA LEU A 82 8.82 -2.76 16.84
C LEU A 82 10.11 -3.01 16.09
N GLY A 83 10.24 -2.44 14.91
CA GLY A 83 11.42 -2.67 14.12
C GLY A 83 11.12 -3.46 12.87
N GLY A 84 9.89 -3.34 12.37
CA GLY A 84 9.51 -4.03 11.18
C GLY A 84 10.00 -3.32 9.94
N ASP A 85 9.55 -3.76 8.77
CA ASP A 85 9.99 -3.15 7.53
C ASP A 85 9.43 -1.75 7.40
N LEU A 86 10.33 -0.79 7.43
CA LEU A 86 10.00 0.62 7.36
C LEU A 86 9.34 0.97 6.02
N SER A 87 9.86 0.38 4.96
CA SER A 87 9.39 0.68 3.61
C SER A 87 7.92 0.30 3.42
N GLU A 88 7.55 -0.87 3.90
CA GLU A 88 6.19 -1.38 3.76
C GLU A 88 5.18 -0.46 4.46
N ILE A 89 5.52 0.00 5.64
CA ILE A 89 4.62 0.88 6.37
C ILE A 89 4.72 2.31 5.85
N ALA A 90 5.86 2.65 5.27
CA ALA A 90 6.04 3.95 4.63
C ALA A 90 5.09 4.06 3.46
N CYS A 91 4.96 2.96 2.72
CA CYS A 91 4.05 2.89 1.58
C CYS A 91 2.60 3.12 2.01
N LEU A 92 2.22 2.52 3.13
CA LEU A 92 0.88 2.73 3.65
C LEU A 92 0.68 4.18 4.08
N ARG A 93 1.70 4.76 4.71
CA ARG A 93 1.63 6.13 5.17
C ARG A 93 1.51 7.13 4.02
N SER A 94 2.20 6.88 2.91
CA SER A 94 2.11 7.75 1.76
C SER A 94 0.70 7.72 1.17
N MET A 95 0.10 6.52 1.16
CA MET A 95 -1.26 6.37 0.66
C MET A 95 -2.26 7.11 1.52
N ALA A 96 -2.03 7.08 2.83
CA ALA A 96 -2.92 7.76 3.76
C ALA A 96 -2.95 9.25 3.47
N ALA A 97 -1.78 9.82 3.21
CA ALA A 97 -1.67 11.22 2.85
C ALA A 97 -2.40 11.48 1.54
N SER A 98 -2.23 10.56 0.60
CA SER A 98 -2.85 10.65 -0.71
C SER A 98 -4.38 10.60 -0.61
N ALA A 99 -4.89 9.72 0.25
CA ALA A 99 -6.33 9.58 0.46
C ALA A 99 -6.92 10.86 1.03
N ARG A 100 -6.20 11.47 1.97
CA ARG A 100 -6.64 12.72 2.58
C ARG A 100 -6.60 13.85 1.55
N LEU A 101 -5.64 13.76 0.66
CA LEU A 101 -5.47 14.73 -0.42
C LEU A 101 -6.71 14.75 -1.32
N LEU A 102 -7.29 13.58 -1.55
CA LEU A 102 -8.45 13.43 -2.45
C LEU A 102 -9.67 14.23 -1.99
N VAL A 103 -9.72 14.57 -0.71
CA VAL A 103 -10.81 15.38 -0.18
C VAL A 103 -10.85 16.73 -0.91
N ASN A 104 -9.67 17.30 -1.10
CA ASN A 104 -9.52 18.55 -1.84
C ASN A 104 -8.30 18.44 -2.76
N PRO A 105 -8.47 17.84 -3.95
CA PRO A 105 -7.38 17.63 -4.89
C PRO A 105 -7.02 18.88 -5.67
N GLN A 106 -7.12 20.01 -5.03
CA GLN A 106 -6.76 21.27 -5.63
C GLN A 106 -5.76 22.02 -4.75
N GLU A 107 -5.96 21.93 -3.44
CA GLU A 107 -5.13 22.67 -2.49
C GLU A 107 -4.31 21.73 -1.58
N ARG A 108 -4.72 20.48 -1.47
CA ARG A 108 -4.07 19.55 -0.55
C ARG A 108 -2.71 19.07 -1.08
N TRP A 109 -2.42 19.40 -2.32
CA TRP A 109 -1.16 19.00 -2.95
C TRP A 109 0.07 19.51 -2.20
N GLN A 110 -0.01 20.73 -1.70
CA GLN A 110 1.12 21.36 -1.03
C GLN A 110 1.55 20.60 0.23
N THR A 111 0.60 20.15 1.02
CA THR A 111 0.91 19.47 2.26
C THR A 111 0.85 17.95 2.11
N TYR A 112 -0.31 17.45 1.73
CA TYR A 112 -0.55 16.01 1.65
C TYR A 112 0.25 15.37 0.54
N GLY A 113 0.39 16.07 -0.58
CA GLY A 113 1.21 15.58 -1.66
C GLY A 113 2.64 15.44 -1.23
N ALA A 114 3.10 16.44 -0.47
CA ALA A 114 4.43 16.43 0.08
C ALA A 114 4.62 15.27 1.06
N GLU A 115 3.59 15.02 1.88
CA GLU A 115 3.65 13.93 2.86
C GLU A 115 3.81 12.60 2.16
N SER A 116 3.05 12.40 1.10
CA SER A 116 3.11 11.19 0.31
C SER A 116 4.50 11.04 -0.31
N SER A 117 5.02 12.15 -0.85
CA SER A 117 6.32 12.15 -1.48
C SER A 117 7.42 11.84 -0.47
N ARG A 118 7.29 12.41 0.73
CA ARG A 118 8.25 12.20 1.79
C ARG A 118 8.28 10.74 2.23
N GLN A 119 7.10 10.15 2.36
CA GLN A 119 6.99 8.76 2.77
C GLN A 119 7.51 7.83 1.69
N LEU A 120 7.26 8.17 0.43
CA LEU A 120 7.74 7.37 -0.69
C LEU A 120 9.24 7.36 -0.77
N ALA A 121 9.84 8.49 -0.49
CA ALA A 121 11.29 8.58 -0.46
C ALA A 121 11.82 7.65 0.62
N VAL A 122 11.12 7.63 1.74
CA VAL A 122 11.45 6.74 2.84
C VAL A 122 11.30 5.27 2.41
N ALA A 123 10.21 4.97 1.68
CA ALA A 123 9.97 3.62 1.21
C ALA A 123 11.10 3.13 0.31
N LEU A 124 11.54 3.97 -0.61
CA LEU A 124 12.63 3.61 -1.50
C LEU A 124 13.93 3.42 -0.74
N GLU A 125 14.18 4.31 0.22
CA GLU A 125 15.38 4.24 1.03
C GLU A 125 15.40 2.97 1.89
N ALA A 126 14.28 2.71 2.58
CA ALA A 126 14.18 1.55 3.48
C ALA A 126 14.30 0.23 2.73
N ASN A 127 13.53 0.06 1.65
CA ASN A 127 13.65 -1.14 0.83
C ASN A 127 13.65 -0.74 -0.63
N PRO A 128 14.84 -0.63 -1.23
CA PRO A 128 14.98 -0.19 -2.63
C PRO A 128 14.44 -1.22 -3.62
N ALA A 129 14.21 -2.44 -3.17
CA ALA A 129 13.69 -3.49 -4.02
C ALA A 129 12.18 -3.65 -3.86
N ASN A 130 11.61 -2.82 -3.01
CA ASN A 130 10.18 -2.90 -2.70
C ASN A 130 9.33 -2.54 -3.93
N PRO A 131 8.47 -3.48 -4.38
CA PRO A 131 7.61 -3.25 -5.56
C PRO A 131 6.57 -2.17 -5.31
N ARG A 132 6.05 -2.15 -4.10
CA ARG A 132 5.06 -1.20 -3.69
C ARG A 132 5.60 0.22 -3.67
N ALA A 133 6.86 0.36 -3.25
CA ALA A 133 7.50 1.66 -3.22
C ALA A 133 7.56 2.25 -4.63
N TYR A 134 7.94 1.41 -5.60
CA TYR A 134 7.99 1.83 -7.00
C TYR A 134 6.59 2.05 -7.55
N PHE A 135 5.66 1.20 -7.14
CA PHE A 135 4.26 1.29 -7.58
C PHE A 135 3.66 2.62 -7.23
N LEU A 136 3.81 3.00 -5.98
CA LEU A 136 3.27 4.26 -5.51
C LEU A 136 3.95 5.41 -6.22
N GLN A 137 5.25 5.27 -6.45
CA GLN A 137 6.00 6.27 -7.17
C GLN A 137 5.46 6.45 -8.57
N ALA A 138 5.24 5.35 -9.27
CA ALA A 138 4.71 5.39 -10.61
C ALA A 138 3.33 6.01 -10.63
N GLN A 139 2.49 5.61 -9.67
CA GLN A 139 1.15 6.15 -9.56
C GLN A 139 1.18 7.65 -9.29
N SER A 140 2.00 8.05 -8.33
CA SER A 140 2.10 9.46 -7.97
C SER A 140 2.60 10.29 -9.15
N LEU A 141 3.66 9.81 -9.79
CA LEU A 141 4.26 10.50 -10.93
C LEU A 141 3.30 10.57 -12.11
N LEU A 142 2.57 9.49 -12.34
CA LEU A 142 1.59 9.41 -13.43
C LEU A 142 0.49 10.44 -13.27
N TYR A 143 0.01 10.59 -12.06
CA TYR A 143 -1.10 11.49 -11.81
C TYR A 143 -0.64 12.84 -11.27
N THR A 144 0.64 13.14 -11.46
CA THR A 144 1.18 14.42 -11.04
C THR A 144 0.65 15.55 -11.93
N PRO A 145 0.03 16.58 -11.34
CA PRO A 145 -0.49 17.72 -12.09
C PRO A 145 0.61 18.75 -12.36
N ALA A 146 1.77 18.24 -12.81
CA ALA A 146 2.96 19.06 -13.10
C ALA A 146 3.55 19.74 -11.84
N GLN A 147 2.89 19.53 -10.70
CA GLN A 147 3.31 20.14 -9.43
C GLN A 147 4.70 19.65 -9.01
N PHE A 148 4.93 18.36 -9.16
CA PHE A 148 6.19 17.76 -8.73
C PHE A 148 7.10 17.52 -9.93
N GLY A 149 6.72 18.05 -11.09
CA GLY A 149 7.51 17.88 -12.30
C GLY A 149 7.44 16.45 -12.84
N GLY A 150 6.39 15.74 -12.47
CA GLY A 150 6.24 14.39 -12.88
C GLY A 150 5.47 14.25 -14.18
N GLY A 151 4.95 13.07 -14.38
CA GLY A 151 4.23 12.73 -15.58
C GLY A 151 4.40 11.26 -15.85
N LYS A 152 3.73 10.73 -16.87
CA LYS A 152 3.88 9.30 -17.16
C LYS A 152 5.31 8.99 -17.55
N ASP A 153 5.97 9.99 -18.10
CA ASP A 153 7.38 9.92 -18.51
C ASP A 153 8.27 9.56 -17.32
N LYS A 154 7.97 10.12 -16.16
CA LYS A 154 8.79 9.86 -15.00
C LYS A 154 8.33 8.58 -14.32
N ALA A 155 7.11 8.18 -14.62
CA ALA A 155 6.53 6.97 -14.06
C ALA A 155 6.90 5.74 -14.86
N LEU A 156 7.50 5.97 -16.03
CA LEU A 156 7.87 4.89 -16.95
C LEU A 156 8.76 3.83 -16.28
N PRO A 157 9.92 4.22 -15.66
CA PRO A 157 10.80 3.25 -15.02
C PRO A 157 10.21 2.68 -13.74
N PHE A 158 9.42 3.48 -13.04
CA PHE A 158 8.81 3.05 -11.80
C PHE A 158 7.75 1.97 -12.02
N ALA A 159 6.95 2.14 -13.06
CA ALA A 159 5.92 1.16 -13.37
C ALA A 159 6.54 -0.18 -13.74
N GLU A 160 7.57 -0.13 -14.59
CA GLU A 160 8.28 -1.34 -15.00
C GLU A 160 9.01 -1.98 -13.82
N LYS A 161 9.58 -1.13 -12.96
CA LYS A 161 10.30 -1.59 -11.77
C LYS A 161 9.43 -2.42 -10.84
N SER A 162 8.26 -1.91 -10.50
CA SER A 162 7.37 -2.62 -9.61
C SER A 162 6.94 -3.95 -10.20
N VAL A 163 6.62 -3.96 -11.50
CA VAL A 163 6.20 -5.16 -12.19
C VAL A 163 7.33 -6.18 -12.24
N SER A 164 8.55 -5.70 -12.51
CA SER A 164 9.72 -6.55 -12.58
C SER A 164 9.93 -7.25 -11.25
N CYS A 165 9.75 -6.52 -10.18
CA CYS A 165 9.89 -7.05 -8.84
C CYS A 165 8.87 -8.17 -8.56
N TYR A 166 7.62 -7.96 -8.99
CA TYR A 166 6.55 -8.96 -8.74
C TYR A 166 6.84 -10.27 -9.45
N ALA A 167 7.56 -10.20 -10.56
CA ALA A 167 7.92 -11.38 -11.31
C ALA A 167 8.77 -12.34 -10.44
N ALA A 168 9.64 -11.75 -9.62
CA ALA A 168 10.51 -12.53 -8.76
C ALA A 168 9.92 -12.64 -7.36
N ALA A 169 8.74 -12.07 -7.17
CA ALA A 169 8.09 -12.07 -5.88
C ALA A 169 7.52 -13.44 -5.55
N THR A 170 8.34 -14.24 -4.93
CA THR A 170 7.95 -15.58 -4.50
C THR A 170 6.85 -15.50 -3.45
N VAL A 171 6.98 -14.51 -2.58
CA VAL A 171 6.04 -14.27 -1.47
C VAL A 171 6.30 -15.24 -0.32
N SER A 172 6.76 -14.69 0.79
CA SER A 172 7.07 -15.48 1.97
C SER A 172 6.80 -14.64 3.22
N PRO A 173 6.40 -15.26 4.34
CA PRO A 173 6.24 -16.73 4.45
C PRO A 173 5.07 -17.27 3.63
N ALA A 174 4.01 -16.47 3.54
CA ALA A 174 2.80 -16.85 2.81
C ALA A 174 1.78 -15.75 2.87
N TYR A 175 1.61 -15.20 4.06
CA TYR A 175 0.66 -14.12 4.28
C TYR A 175 1.27 -12.77 3.98
N ALA A 176 2.44 -12.78 3.36
CA ALA A 176 3.09 -11.53 2.96
C ALA A 176 2.18 -10.81 1.95
N PRO A 177 2.13 -9.46 1.98
CA PRO A 177 1.17 -8.68 1.16
C PRO A 177 1.25 -8.99 -0.33
N HIS A 178 0.09 -9.29 -0.91
CA HIS A 178 -0.01 -9.61 -2.34
C HIS A 178 -0.58 -8.41 -3.08
N TRP A 179 -1.12 -7.47 -2.33
CA TRP A 179 -1.79 -6.32 -2.91
C TRP A 179 -0.83 -5.45 -3.71
N GLY A 180 -1.37 -4.86 -4.75
CA GLY A 180 -0.61 -3.99 -5.61
C GLY A 180 0.01 -4.70 -6.78
N GLU A 181 0.00 -6.03 -6.76
CA GLU A 181 0.58 -6.82 -7.85
C GLU A 181 -0.14 -6.58 -9.18
N GLN A 182 -1.46 -6.69 -9.14
CA GLN A 182 -2.28 -6.49 -10.32
C GLN A 182 -2.29 -5.03 -10.72
N GLN A 183 -2.34 -4.17 -9.72
CA GLN A 183 -2.40 -2.74 -9.91
C GLN A 183 -1.16 -2.21 -10.61
N ALA A 184 0.01 -2.69 -10.20
CA ALA A 184 1.26 -2.26 -10.81
C ALA A 184 1.33 -2.68 -12.26
N ARG A 185 0.86 -3.89 -12.54
CA ARG A 185 0.87 -4.44 -13.87
C ARG A 185 0.01 -3.60 -14.81
N GLN A 186 -1.19 -3.23 -14.37
CA GLN A 186 -2.06 -2.39 -15.19
C GLN A 186 -1.57 -0.95 -15.22
N LEU A 187 -0.91 -0.53 -14.14
CA LEU A 187 -0.40 0.81 -14.03
C LEU A 187 0.64 1.06 -15.11
N LEU A 188 1.46 0.05 -15.38
CA LEU A 188 2.49 0.13 -16.40
C LEU A 188 1.85 0.48 -17.77
N MET A 189 0.72 -0.16 -18.08
CA MET A 189 0.04 0.10 -19.35
C MET A 189 -0.41 1.52 -19.38
N LEU A 190 -0.89 1.96 -18.27
CA LEU A 190 -1.32 3.34 -18.12
C LEU A 190 -0.12 4.30 -18.20
N CYS A 191 1.00 3.91 -17.57
CA CYS A 191 2.19 4.74 -17.53
C CYS A 191 2.86 4.88 -18.89
N LYS A 192 2.94 3.80 -19.65
CA LYS A 192 3.57 3.90 -20.94
C LYS A 192 2.56 4.18 -22.01
N ALA A 193 1.46 3.42 -21.97
CA ALA A 193 0.43 3.46 -22.99
C ALA A 193 1.06 3.25 -24.34
N GLU A 194 2.06 2.39 -24.32
CA GLU A 194 2.88 2.08 -25.47
C GLU A 194 2.03 1.52 -26.60
N THR A 195 1.15 0.59 -26.25
CA THR A 195 0.19 -0.01 -27.17
C THR A 195 0.86 -0.54 -28.47
N GLN A 196 2.13 -0.93 -28.36
CA GLN A 196 2.86 -1.42 -29.51
C GLN A 196 2.38 -2.81 -29.91
N GLU A 197 2.14 -2.98 -31.20
CA GLU A 197 1.67 -4.24 -31.75
C GLU A 197 2.76 -5.31 -31.55
N LEU A 198 2.40 -6.39 -30.86
CA LEU A 198 3.35 -7.45 -30.54
C LEU A 198 2.77 -8.84 -30.72
N VAL A 199 1.67 -8.94 -31.46
CA VAL A 199 1.03 -10.25 -31.71
C VAL A 199 1.95 -11.28 -32.43
N PRO A 200 2.58 -10.86 -33.53
CA PRO A 200 3.52 -11.70 -34.30
C PRO A 200 4.67 -12.20 -33.44
N ARG A 201 5.03 -13.47 -33.63
CA ARG A 201 6.10 -14.08 -32.88
C ARG A 201 6.74 -15.19 -33.69
N MET A 1 -13.31 -15.66 15.32
CA MET A 1 -12.77 -16.93 14.80
C MET A 1 -11.83 -17.57 15.80
N GLY A 2 -12.26 -18.69 16.37
CA GLY A 2 -11.40 -19.41 17.28
C GLY A 2 -10.58 -20.45 16.54
N GLN A 3 -10.82 -20.56 15.24
CA GLN A 3 -10.10 -21.50 14.39
C GLN A 3 -8.69 -21.00 14.16
N GLY A 4 -7.72 -21.86 14.41
CA GLY A 4 -6.34 -21.46 14.31
C GLY A 4 -5.84 -20.95 15.64
N THR A 5 -4.61 -21.27 15.98
CA THR A 5 -4.07 -20.85 17.27
C THR A 5 -2.76 -20.10 17.12
N ALA A 6 -2.05 -20.40 16.08
CA ALA A 6 -0.79 -19.77 15.84
C ALA A 6 -0.97 -18.50 15.08
N TYR A 7 -0.08 -17.55 15.31
CA TYR A 7 -0.12 -16.28 14.61
C TYR A 7 -0.02 -16.54 13.11
N ALA A 8 0.90 -17.41 12.73
CA ALA A 8 1.11 -17.76 11.35
C ALA A 8 -0.15 -18.38 10.73
N GLU A 9 -0.80 -19.28 11.47
CA GLU A 9 -2.03 -19.95 10.97
C GLU A 9 -3.12 -18.93 10.71
N VAL A 10 -3.30 -18.03 11.66
CA VAL A 10 -4.34 -17.02 11.57
C VAL A 10 -4.07 -16.07 10.42
N MET A 11 -2.83 -15.59 10.35
CA MET A 11 -2.42 -14.65 9.32
C MET A 11 -2.47 -15.30 7.93
N ASN A 12 -2.04 -16.55 7.84
CA ASN A 12 -2.02 -17.26 6.56
C ASN A 12 -3.40 -17.39 5.95
N ARG A 13 -4.38 -17.71 6.77
CA ARG A 13 -5.75 -17.85 6.27
C ARG A 13 -6.29 -16.52 5.78
N LYS A 14 -6.15 -15.49 6.59
CA LYS A 14 -6.68 -14.18 6.27
C LYS A 14 -5.93 -13.48 5.13
N VAL A 15 -4.61 -13.60 5.13
CA VAL A 15 -3.80 -12.99 4.08
C VAL A 15 -4.06 -13.66 2.72
N ALA A 16 -4.19 -14.98 2.72
CA ALA A 16 -4.45 -15.71 1.48
C ALA A 16 -5.77 -15.25 0.87
N ALA A 17 -6.76 -15.04 1.71
CA ALA A 17 -8.05 -14.53 1.28
C ALA A 17 -7.91 -13.11 0.79
N LEU A 18 -7.06 -12.35 1.48
CA LEU A 18 -6.83 -10.94 1.23
C LEU A 18 -6.42 -10.69 -0.24
N ASP A 19 -5.59 -11.58 -0.78
CA ASP A 19 -5.13 -11.46 -2.16
C ASP A 19 -6.27 -11.48 -3.17
N SER A 20 -7.29 -12.30 -2.92
CA SER A 20 -8.39 -12.46 -3.88
C SER A 20 -9.68 -11.73 -3.46
N VAL A 21 -9.81 -11.45 -2.19
CA VAL A 21 -11.01 -10.81 -1.66
C VAL A 21 -11.15 -9.36 -2.19
N PRO A 22 -12.39 -8.92 -2.53
CA PRO A 22 -12.66 -7.54 -2.98
C PRO A 22 -12.29 -6.50 -1.91
N PRO A 23 -11.87 -5.28 -2.36
CA PRO A 23 -11.47 -4.20 -1.43
C PRO A 23 -12.61 -3.76 -0.53
N THR A 24 -13.83 -4.01 -0.98
CA THR A 24 -15.02 -3.71 -0.22
C THR A 24 -15.06 -4.56 1.06
N GLU A 25 -14.63 -5.80 0.92
CA GLU A 25 -14.66 -6.77 2.01
C GLU A 25 -13.50 -6.53 3.00
N TYR A 26 -12.60 -5.61 2.65
CA TYR A 26 -11.42 -5.31 3.48
C TYR A 26 -11.80 -4.82 4.86
N ALA A 27 -12.98 -4.22 4.97
CA ALA A 27 -13.47 -3.71 6.23
C ALA A 27 -13.57 -4.83 7.27
N THR A 28 -14.01 -6.01 6.82
CA THR A 28 -14.16 -7.15 7.72
C THR A 28 -12.78 -7.62 8.20
N LEU A 29 -11.86 -7.64 7.25
CA LEU A 29 -10.53 -8.11 7.48
C LEU A 29 -9.72 -7.18 8.36
N ALA A 30 -9.94 -5.87 8.18
CA ALA A 30 -9.23 -4.86 8.97
C ALA A 30 -9.52 -5.05 10.45
N ALA A 31 -10.78 -5.33 10.75
CA ALA A 31 -11.18 -5.57 12.13
C ALA A 31 -10.47 -6.79 12.68
N ASP A 32 -10.38 -7.84 11.86
CA ASP A 32 -9.72 -9.08 12.25
C ASP A 32 -8.25 -8.86 12.55
N PHE A 33 -7.57 -8.10 11.70
CA PHE A 33 -6.16 -7.82 11.90
C PHE A 33 -5.96 -6.95 13.13
N SER A 34 -6.87 -6.02 13.34
CA SER A 34 -6.84 -5.14 14.49
C SER A 34 -6.95 -5.98 15.77
N ARG A 35 -7.83 -6.97 15.74
CA ARG A 35 -8.04 -7.87 16.86
C ARG A 35 -6.76 -8.64 17.16
N ILE A 36 -6.09 -9.07 16.10
CA ILE A 36 -4.85 -9.81 16.23
C ILE A 36 -3.79 -8.95 16.88
N ALA A 37 -3.69 -7.70 16.42
CA ALA A 37 -2.71 -6.75 16.94
C ALA A 37 -2.95 -6.49 18.44
N ALA A 38 -4.22 -6.43 18.82
CA ALA A 38 -4.58 -6.25 20.22
C ALA A 38 -4.08 -7.42 21.07
N VAL A 39 -4.16 -8.62 20.51
CA VAL A 39 -3.72 -9.81 21.20
C VAL A 39 -2.21 -9.87 21.26
N GLU A 40 -1.75 -10.36 22.34
CA GLU A 40 -0.32 -10.51 22.59
C GLU A 40 0.26 -11.62 21.71
N GLY A 41 1.51 -11.49 21.32
CA GLY A 41 2.12 -12.48 20.48
C GLY A 41 1.98 -12.12 19.02
N SER A 42 1.22 -11.08 18.75
CA SER A 42 1.06 -10.59 17.40
C SER A 42 2.32 -9.89 16.92
N ASP A 43 2.42 -9.69 15.64
CA ASP A 43 3.55 -9.03 15.06
C ASP A 43 3.11 -7.70 14.48
N TRP A 44 4.06 -6.90 14.07
CA TRP A 44 3.80 -5.59 13.48
C TRP A 44 2.95 -5.75 12.21
N MET A 45 3.02 -6.94 11.61
CA MET A 45 2.31 -7.24 10.38
C MET A 45 0.80 -7.09 10.58
N ALA A 46 0.30 -7.51 11.73
CA ALA A 46 -1.12 -7.39 12.03
C ALA A 46 -1.54 -5.92 11.98
N ALA A 47 -0.72 -5.06 12.58
CA ALA A 47 -0.97 -3.62 12.56
C ALA A 47 -0.86 -3.08 11.13
N TYR A 48 0.13 -3.61 10.41
CA TYR A 48 0.39 -3.23 9.01
C TYR A 48 -0.84 -3.53 8.15
N TYR A 49 -1.35 -4.74 8.27
CA TYR A 49 -2.51 -5.15 7.49
C TYR A 49 -3.78 -4.43 7.89
N THR A 50 -3.89 -4.06 9.16
CA THR A 50 -5.07 -3.31 9.60
C THR A 50 -5.13 -1.98 8.84
N ALA A 51 -4.00 -1.30 8.80
CA ALA A 51 -3.89 -0.04 8.08
C ALA A 51 -4.07 -0.26 6.59
N TYR A 52 -3.51 -1.35 6.09
CA TYR A 52 -3.59 -1.73 4.68
C TYR A 52 -5.04 -1.85 4.25
N CYS A 53 -5.81 -2.55 5.05
CA CYS A 53 -7.20 -2.79 4.74
C CYS A 53 -7.99 -1.48 4.68
N ARG A 54 -7.69 -0.53 5.55
CA ARG A 54 -8.38 0.76 5.51
C ARG A 54 -7.97 1.59 4.29
N ILE A 55 -6.69 1.58 4.00
CA ILE A 55 -6.09 2.40 2.95
C ILE A 55 -6.52 2.01 1.52
N ILE A 56 -6.57 0.73 1.22
CA ILE A 56 -6.90 0.29 -0.14
C ILE A 56 -8.27 0.80 -0.65
N PRO A 57 -9.37 0.60 0.11
CA PRO A 57 -10.69 1.10 -0.27
C PRO A 57 -10.76 2.62 -0.23
N ALA A 58 -9.81 3.24 0.46
CA ALA A 58 -9.74 4.71 0.58
C ALA A 58 -9.60 5.34 -0.79
N PHE A 59 -8.84 4.69 -1.66
CA PHE A 59 -8.65 5.16 -3.02
C PHE A 59 -9.99 5.25 -3.74
N GLY A 60 -10.85 4.29 -3.49
CA GLY A 60 -12.16 4.27 -4.11
C GLY A 60 -13.25 4.86 -3.22
N ASN A 61 -12.86 5.39 -2.06
CA ASN A 61 -13.82 5.93 -1.10
C ASN A 61 -13.35 7.28 -0.58
N PRO A 62 -13.49 8.32 -1.40
CA PRO A 62 -13.08 9.67 -1.03
C PRO A 62 -14.00 10.31 0.01
N SER A 63 -15.16 9.68 0.21
CA SER A 63 -16.18 10.21 1.12
C SER A 63 -15.67 10.30 2.57
N GLU A 64 -14.98 9.27 3.04
CA GLU A 64 -14.47 9.26 4.42
C GLU A 64 -13.05 8.75 4.46
N ALA A 65 -12.33 8.96 3.37
CA ALA A 65 -10.96 8.48 3.24
C ALA A 65 -10.06 9.06 4.32
N ASP A 66 -10.27 10.32 4.63
CA ASP A 66 -9.43 11.01 5.62
C ASP A 66 -9.53 10.35 6.98
N ARG A 67 -10.75 10.01 7.38
CA ARG A 67 -10.99 9.44 8.70
C ARG A 67 -10.45 8.04 8.84
N LEU A 68 -10.56 7.26 7.79
CA LEU A 68 -10.05 5.91 7.84
C LEU A 68 -8.53 5.90 7.69
N CYS A 69 -8.00 6.85 6.91
CA CYS A 69 -6.55 6.97 6.74
C CYS A 69 -5.89 7.35 8.06
N GLU A 70 -6.51 8.26 8.80
CA GLU A 70 -5.94 8.68 10.08
C GLU A 70 -6.01 7.53 11.09
N GLU A 71 -7.04 6.69 10.97
CA GLU A 71 -7.15 5.49 11.79
C GLU A 71 -6.02 4.54 11.43
N ALA A 72 -5.79 4.38 10.13
CA ALA A 72 -4.76 3.52 9.60
C ALA A 72 -3.38 3.96 10.05
N GLU A 73 -3.16 5.27 10.08
CA GLU A 73 -1.88 5.83 10.44
C GLU A 73 -1.49 5.44 11.85
N SER A 74 -2.44 5.50 12.76
CA SER A 74 -2.18 5.16 14.14
C SER A 74 -1.81 3.67 14.27
N MET A 75 -2.45 2.83 13.47
CA MET A 75 -2.11 1.40 13.44
C MET A 75 -0.71 1.20 12.89
N LEU A 76 -0.36 1.99 11.89
CA LEU A 76 0.97 1.98 11.30
C LEU A 76 2.01 2.39 12.32
N SER A 77 1.62 3.31 13.19
CA SER A 77 2.50 3.80 14.23
C SER A 77 2.91 2.65 15.14
N LYS A 78 1.97 1.74 15.37
CA LYS A 78 2.20 0.55 16.18
C LYS A 78 3.27 -0.32 15.54
N ALA A 79 3.20 -0.46 14.22
CA ALA A 79 4.19 -1.21 13.46
C ALA A 79 5.56 -0.57 13.60
N GLU A 80 5.58 0.76 13.53
CA GLU A 80 6.80 1.53 13.67
C GLU A 80 7.34 1.41 15.09
N SER A 81 6.43 1.43 16.05
CA SER A 81 6.77 1.33 17.46
C SER A 81 7.40 -0.03 17.78
N LEU A 82 6.84 -1.10 17.22
CA LEU A 82 7.37 -2.43 17.44
C LEU A 82 8.77 -2.56 16.85
N GLY A 83 8.98 -1.95 15.71
CA GLY A 83 10.25 -2.05 15.05
C GLY A 83 10.16 -2.90 13.81
N GLY A 84 8.99 -2.89 13.18
CA GLY A 84 8.80 -3.64 11.98
C GLY A 84 9.37 -2.92 10.78
N ASP A 85 9.10 -3.43 9.60
CA ASP A 85 9.62 -2.82 8.38
C ASP A 85 9.06 -1.42 8.17
N LEU A 86 9.93 -0.44 8.34
CA LEU A 86 9.58 0.95 8.17
C LEU A 86 9.15 1.22 6.74
N SER A 87 9.83 0.57 5.81
CA SER A 87 9.60 0.75 4.40
C SER A 87 8.16 0.35 4.04
N GLU A 88 7.72 -0.78 4.58
CA GLU A 88 6.39 -1.29 4.30
C GLU A 88 5.31 -0.35 4.80
N ILE A 89 5.48 0.18 6.01
CA ILE A 89 4.49 1.07 6.57
C ILE A 89 4.62 2.46 5.97
N ALA A 90 5.82 2.80 5.50
CA ALA A 90 6.03 4.06 4.81
C ALA A 90 5.21 4.08 3.53
N CYS A 91 5.18 2.93 2.85
CA CYS A 91 4.43 2.77 1.63
C CYS A 91 2.93 2.97 1.88
N LEU A 92 2.44 2.39 2.97
CA LEU A 92 1.04 2.54 3.31
C LEU A 92 0.71 4.00 3.63
N ARG A 93 1.62 4.66 4.36
CA ARG A 93 1.45 6.08 4.69
C ARG A 93 1.42 6.94 3.45
N SER A 94 2.27 6.63 2.48
CA SER A 94 2.27 7.38 1.24
C SER A 94 0.98 7.16 0.46
N MET A 95 0.44 5.94 0.51
CA MET A 95 -0.82 5.63 -0.17
C MET A 95 -1.97 6.40 0.44
N ALA A 96 -1.95 6.56 1.76
CA ALA A 96 -2.99 7.28 2.45
C ALA A 96 -3.06 8.72 1.94
N ALA A 97 -1.89 9.32 1.73
CA ALA A 97 -1.83 10.64 1.14
C ALA A 97 -2.34 10.61 -0.30
N SER A 98 -1.94 9.56 -1.03
CA SER A 98 -2.33 9.38 -2.43
C SER A 98 -3.86 9.22 -2.57
N ALA A 99 -4.46 8.45 -1.68
CA ALA A 99 -5.91 8.23 -1.70
C ALA A 99 -6.64 9.53 -1.48
N ARG A 100 -6.11 10.34 -0.57
CA ARG A 100 -6.70 11.63 -0.27
C ARG A 100 -6.50 12.62 -1.43
N LEU A 101 -5.49 12.38 -2.25
CA LEU A 101 -5.29 13.16 -3.46
C LEU A 101 -6.41 12.91 -4.43
N LEU A 102 -6.90 11.69 -4.48
CA LEU A 102 -8.02 11.36 -5.36
C LEU A 102 -9.25 12.14 -4.95
N VAL A 103 -9.32 12.50 -3.66
CA VAL A 103 -10.39 13.33 -3.16
C VAL A 103 -10.34 14.70 -3.86
N ASN A 104 -9.14 15.28 -3.96
CA ASN A 104 -8.96 16.55 -4.65
C ASN A 104 -7.61 16.62 -5.34
N PRO A 105 -7.52 16.08 -6.55
CA PRO A 105 -6.26 16.04 -7.31
C PRO A 105 -6.00 17.36 -8.01
N GLN A 106 -6.11 18.44 -7.28
CA GLN A 106 -5.89 19.74 -7.85
C GLN A 106 -4.98 20.59 -6.95
N GLU A 107 -5.37 20.77 -5.71
CA GLU A 107 -4.62 21.61 -4.78
C GLU A 107 -3.91 20.78 -3.71
N ARG A 108 -4.34 19.54 -3.56
CA ARG A 108 -3.82 18.70 -2.48
C ARG A 108 -2.45 18.16 -2.80
N TRP A 109 -2.00 18.40 -4.02
CA TRP A 109 -0.65 18.02 -4.45
C TRP A 109 0.40 18.69 -3.57
N GLN A 110 0.11 19.92 -3.19
CA GLN A 110 0.99 20.72 -2.36
C GLN A 110 1.22 20.06 -0.99
N THR A 111 0.16 19.54 -0.42
CA THR A 111 0.21 18.95 0.90
C THR A 111 0.34 17.42 0.86
N TYR A 112 -0.71 16.76 0.41
CA TYR A 112 -0.76 15.30 0.36
C TYR A 112 0.23 14.75 -0.65
N GLY A 113 0.38 15.45 -1.77
CA GLY A 113 1.33 15.03 -2.77
C GLY A 113 2.73 15.01 -2.21
N ALA A 114 3.05 16.03 -1.43
CA ALA A 114 4.33 16.11 -0.78
C ALA A 114 4.50 14.95 0.21
N GLU A 115 3.43 14.64 0.96
CA GLU A 115 3.47 13.58 1.96
C GLU A 115 3.77 12.23 1.34
N SER A 116 3.12 11.94 0.21
CA SER A 116 3.35 10.69 -0.46
C SER A 116 4.79 10.59 -0.93
N SER A 117 5.32 11.71 -1.42
CA SER A 117 6.68 11.75 -1.89
C SER A 117 7.66 11.55 -0.73
N ARG A 118 7.38 12.21 0.39
CA ARG A 118 8.24 12.15 1.57
C ARG A 118 8.28 10.74 2.13
N GLN A 119 7.12 10.10 2.21
CA GLN A 119 7.03 8.75 2.72
C GLN A 119 7.70 7.75 1.79
N LEU A 120 7.57 7.96 0.48
CA LEU A 120 8.21 7.10 -0.50
C LEU A 120 9.71 7.16 -0.39
N ALA A 121 10.22 8.34 -0.13
CA ALA A 121 11.64 8.51 0.09
C ALA A 121 12.07 7.68 1.30
N VAL A 122 11.22 7.68 2.32
CA VAL A 122 11.44 6.88 3.51
C VAL A 122 11.39 5.38 3.17
N ALA A 123 10.43 5.00 2.31
CA ALA A 123 10.29 3.62 1.88
C ALA A 123 11.57 3.14 1.19
N LEU A 124 12.07 3.95 0.28
CA LEU A 124 13.30 3.62 -0.42
C LEU A 124 14.48 3.60 0.53
N GLU A 125 14.49 4.53 1.46
CA GLU A 125 15.53 4.61 2.47
C GLU A 125 15.57 3.35 3.33
N ALA A 126 14.40 2.96 3.85
CA ALA A 126 14.30 1.78 4.70
C ALA A 126 14.60 0.49 3.93
N ASN A 127 13.98 0.31 2.76
CA ASN A 127 14.30 -0.83 1.90
C ASN A 127 14.23 -0.43 0.43
N PRO A 128 15.38 -0.19 -0.20
CA PRO A 128 15.45 0.22 -1.61
C PRO A 128 14.98 -0.89 -2.55
N ALA A 129 15.05 -2.13 -2.09
CA ALA A 129 14.64 -3.27 -2.89
C ALA A 129 13.14 -3.54 -2.77
N ASN A 130 12.46 -2.70 -2.02
CA ASN A 130 11.03 -2.84 -1.79
C ASN A 130 10.26 -2.62 -3.09
N PRO A 131 9.47 -3.62 -3.54
CA PRO A 131 8.69 -3.53 -4.79
C PRO A 131 7.63 -2.45 -4.71
N ARG A 132 7.04 -2.31 -3.54
CA ARG A 132 6.00 -1.34 -3.31
C ARG A 132 6.53 0.08 -3.32
N ALA A 133 7.75 0.27 -2.82
CA ALA A 133 8.38 1.57 -2.83
C ALA A 133 8.56 2.06 -4.27
N TYR A 134 8.99 1.16 -5.14
CA TYR A 134 9.14 1.47 -6.55
C TYR A 134 7.79 1.67 -7.21
N PHE A 135 6.82 0.82 -6.83
CA PHE A 135 5.48 0.84 -7.41
C PHE A 135 4.81 2.17 -7.21
N LEU A 136 4.84 2.65 -6.00
CA LEU A 136 4.22 3.89 -5.67
C LEU A 136 4.89 5.04 -6.40
N GLN A 137 6.21 4.97 -6.52
CA GLN A 137 6.94 5.95 -7.32
C GLN A 137 6.51 5.92 -8.77
N ALA A 138 6.39 4.71 -9.31
CA ALA A 138 5.98 4.55 -10.68
C ALA A 138 4.59 5.12 -10.90
N GLN A 139 3.68 4.83 -9.98
CA GLN A 139 2.35 5.36 -10.04
C GLN A 139 2.36 6.88 -9.91
N SER A 140 3.14 7.38 -8.96
CA SER A 140 3.25 8.80 -8.74
C SER A 140 3.82 9.50 -9.97
N LEU A 141 4.92 8.97 -10.51
CA LEU A 141 5.57 9.52 -11.69
C LEU A 141 4.66 9.47 -12.92
N LEU A 142 3.94 8.37 -13.08
CA LEU A 142 3.03 8.19 -14.21
C LEU A 142 1.93 9.24 -14.22
N TYR A 143 1.39 9.51 -13.05
CA TYR A 143 0.26 10.41 -12.93
C TYR A 143 0.70 11.79 -12.42
N THR A 144 1.97 12.11 -12.60
CA THR A 144 2.48 13.41 -12.17
C THR A 144 1.87 14.54 -13.01
N PRO A 145 1.20 15.51 -12.35
CA PRO A 145 0.62 16.67 -13.03
C PRO A 145 1.68 17.74 -13.28
N ALA A 146 2.82 17.33 -13.83
CA ALA A 146 3.97 18.20 -14.15
C ALA A 146 4.63 18.81 -12.89
N GLN A 147 3.98 18.66 -11.74
CA GLN A 147 4.48 19.25 -10.48
C GLN A 147 5.81 18.63 -10.06
N PHE A 148 5.93 17.32 -10.20
CA PHE A 148 7.14 16.62 -9.76
C PHE A 148 8.09 16.37 -10.93
N GLY A 149 7.70 16.81 -12.11
CA GLY A 149 8.54 16.63 -13.30
C GLY A 149 8.64 15.18 -13.73
N GLY A 150 7.61 14.41 -13.43
CA GLY A 150 7.61 13.02 -13.77
C GLY A 150 7.04 12.73 -15.13
N GLY A 151 6.57 11.53 -15.31
CA GLY A 151 6.03 11.10 -16.57
C GLY A 151 6.06 9.59 -16.69
N LYS A 152 5.45 9.07 -17.74
CA LYS A 152 5.39 7.62 -17.97
C LYS A 152 6.78 7.02 -18.13
N ASP A 153 7.64 7.73 -18.85
CA ASP A 153 9.01 7.29 -19.07
C ASP A 153 9.79 7.23 -17.77
N LYS A 154 9.54 8.19 -16.90
CA LYS A 154 10.21 8.25 -15.62
C LYS A 154 9.75 7.09 -14.73
N ALA A 155 8.48 6.75 -14.86
CA ALA A 155 7.86 5.68 -14.09
C ALA A 155 8.31 4.29 -14.54
N LEU A 156 8.77 4.17 -15.78
CA LEU A 156 9.15 2.88 -16.37
C LEU A 156 10.19 2.10 -15.53
N PRO A 157 11.33 2.72 -15.13
CA PRO A 157 12.34 2.02 -14.32
C PRO A 157 11.79 1.57 -12.98
N PHE A 158 10.90 2.37 -12.43
CA PHE A 158 10.26 2.05 -11.16
C PHE A 158 9.28 0.91 -11.32
N ALA A 159 8.52 0.93 -12.41
CA ALA A 159 7.54 -0.10 -12.69
C ALA A 159 8.20 -1.47 -12.89
N GLU A 160 9.31 -1.51 -13.64
CA GLU A 160 10.03 -2.76 -13.87
C GLU A 160 10.69 -3.26 -12.60
N LYS A 161 11.20 -2.33 -11.81
CA LYS A 161 11.78 -2.66 -10.53
C LYS A 161 10.77 -3.30 -9.61
N SER A 162 9.57 -2.76 -9.59
CA SER A 162 8.52 -3.29 -8.77
C SER A 162 8.24 -4.74 -9.12
N VAL A 163 8.10 -5.01 -10.41
CA VAL A 163 7.80 -6.34 -10.89
C VAL A 163 8.95 -7.30 -10.57
N SER A 164 10.19 -6.83 -10.77
CA SER A 164 11.36 -7.65 -10.55
C SER A 164 11.43 -8.03 -9.09
N CYS A 165 11.16 -7.07 -8.26
CA CYS A 165 11.17 -7.22 -6.84
C CYS A 165 10.11 -8.21 -6.37
N TYR A 166 8.91 -8.19 -6.97
CA TYR A 166 7.87 -9.15 -6.59
C TYR A 166 8.29 -10.56 -6.93
N ALA A 167 8.92 -10.72 -8.09
CA ALA A 167 9.39 -12.01 -8.54
C ALA A 167 10.46 -12.57 -7.59
N ALA A 168 11.36 -11.69 -7.15
CA ALA A 168 12.45 -12.09 -6.26
C ALA A 168 12.01 -12.13 -4.81
N ALA A 169 10.82 -11.58 -4.52
CA ALA A 169 10.31 -11.53 -3.15
C ALA A 169 10.15 -12.92 -2.58
N THR A 170 9.70 -13.84 -3.40
CA THR A 170 9.51 -15.25 -3.03
C THR A 170 8.30 -15.45 -2.10
N VAL A 171 7.92 -14.38 -1.43
CA VAL A 171 6.82 -14.38 -0.47
C VAL A 171 7.08 -15.38 0.66
N SER A 172 7.76 -14.91 1.69
CA SER A 172 8.11 -15.76 2.80
C SER A 172 7.79 -15.05 4.12
N PRO A 173 7.20 -15.77 5.10
CA PRO A 173 6.86 -17.19 4.96
C PRO A 173 5.70 -17.44 3.98
N ALA A 174 4.73 -16.52 3.98
CA ALA A 174 3.55 -16.63 3.12
C ALA A 174 2.63 -15.45 3.35
N TYR A 175 2.44 -15.10 4.62
CA TYR A 175 1.57 -14.01 4.99
C TYR A 175 2.30 -12.67 5.00
N ALA A 176 3.58 -12.69 4.64
CA ALA A 176 4.36 -11.47 4.57
C ALA A 176 3.84 -10.63 3.41
N PRO A 177 3.88 -9.28 3.51
CA PRO A 177 3.30 -8.42 2.47
C PRO A 177 3.81 -8.74 1.08
N HIS A 178 2.89 -9.13 0.22
CA HIS A 178 3.20 -9.49 -1.15
C HIS A 178 2.12 -8.97 -2.07
N TRP A 179 1.36 -8.02 -1.59
CA TRP A 179 0.27 -7.43 -2.35
C TRP A 179 0.81 -6.44 -3.38
N GLY A 180 -0.04 -6.12 -4.36
CA GLY A 180 0.33 -5.15 -5.39
C GLY A 180 0.99 -5.77 -6.59
N GLU A 181 1.07 -7.10 -6.60
CA GLU A 181 1.73 -7.83 -7.68
C GLU A 181 1.04 -7.57 -9.02
N GLN A 182 -0.28 -7.62 -9.02
CA GLN A 182 -1.06 -7.44 -10.23
C GLN A 182 -0.97 -6.02 -10.78
N GLN A 183 -1.05 -5.05 -9.89
CA GLN A 183 -1.03 -3.65 -10.29
C GLN A 183 0.31 -3.23 -10.85
N ALA A 184 1.39 -3.70 -10.23
CA ALA A 184 2.73 -3.31 -10.66
C ALA A 184 3.02 -3.77 -12.07
N ARG A 185 2.63 -5.00 -12.37
CA ARG A 185 2.81 -5.57 -13.68
C ARG A 185 2.02 -4.76 -14.72
N GLN A 186 0.77 -4.46 -14.36
CA GLN A 186 -0.11 -3.68 -15.21
C GLN A 186 0.38 -2.26 -15.38
N LEU A 187 0.90 -1.70 -14.30
CA LEU A 187 1.35 -0.32 -14.29
C LEU A 187 2.44 -0.09 -15.32
N LEU A 188 3.38 -1.02 -15.43
CA LEU A 188 4.44 -0.91 -16.41
C LEU A 188 3.85 -0.96 -17.82
N MET A 189 2.89 -1.86 -18.01
CA MET A 189 2.24 -2.03 -19.31
C MET A 189 1.55 -0.75 -19.69
N LEU A 190 0.90 -0.18 -18.71
CA LEU A 190 0.19 1.08 -18.87
C LEU A 190 1.16 2.21 -19.20
N CYS A 191 2.33 2.19 -18.58
CA CYS A 191 3.35 3.17 -18.87
C CYS A 191 3.88 3.02 -20.29
N LYS A 192 4.09 1.77 -20.72
CA LYS A 192 4.59 1.49 -22.07
C LYS A 192 3.57 1.86 -23.11
N ALA A 193 2.35 1.51 -22.83
CA ALA A 193 1.24 1.79 -23.72
C ALA A 193 0.14 2.52 -23.01
N GLU A 194 -0.05 3.77 -23.36
CA GLU A 194 -1.08 4.58 -22.75
C GLU A 194 -2.45 4.19 -23.30
N THR A 195 -3.44 4.18 -22.44
CA THR A 195 -4.78 3.75 -22.81
C THR A 195 -5.82 4.46 -21.95
N GLN A 196 -7.05 4.52 -22.46
CA GLN A 196 -8.15 5.15 -21.75
C GLN A 196 -8.64 4.23 -20.62
N GLU A 197 -8.64 4.74 -19.41
CA GLU A 197 -9.11 3.99 -18.25
C GLU A 197 -10.61 4.12 -18.10
N LEU A 198 -11.20 3.23 -17.30
CA LEU A 198 -12.61 3.30 -16.99
C LEU A 198 -12.85 4.51 -16.12
N VAL A 199 -14.00 5.15 -16.29
CA VAL A 199 -14.29 6.41 -15.63
C VAL A 199 -13.29 7.46 -16.12
N PRO A 200 -13.65 8.18 -17.20
CA PRO A 200 -12.74 9.15 -17.85
C PRO A 200 -12.13 10.12 -16.86
N ARG A 201 -10.82 10.24 -16.93
CA ARG A 201 -10.08 11.10 -16.05
C ARG A 201 -8.90 11.73 -16.78
N MET A 1 -13.31 -22.36 24.07
CA MET A 1 -13.15 -22.26 22.60
C MET A 1 -11.71 -21.91 22.25
N GLY A 2 -11.29 -22.31 21.06
CA GLY A 2 -9.92 -22.10 20.62
C GLY A 2 -9.50 -20.65 20.52
N GLN A 3 -10.42 -19.79 20.07
CA GLN A 3 -10.14 -18.36 19.85
C GLN A 3 -9.17 -18.18 18.69
N GLY A 4 -9.15 -19.16 17.80
CA GLY A 4 -8.25 -19.14 16.68
C GLY A 4 -6.94 -19.80 17.01
N THR A 5 -6.20 -20.22 16.01
CA THR A 5 -4.93 -20.86 16.23
C THR A 5 -4.01 -20.65 15.04
N ALA A 6 -2.69 -20.61 15.31
CA ALA A 6 -1.68 -20.43 14.27
C ALA A 6 -1.74 -19.05 13.64
N TYR A 7 -0.82 -18.19 14.02
CA TYR A 7 -0.76 -16.81 13.53
C TYR A 7 -0.66 -16.76 12.01
N ALA A 8 0.27 -17.53 11.47
CA ALA A 8 0.48 -17.55 10.03
C ALA A 8 -0.77 -18.02 9.30
N GLU A 9 -1.40 -19.05 9.83
CA GLU A 9 -2.59 -19.60 9.20
C GLU A 9 -3.80 -18.68 9.30
N VAL A 10 -3.97 -18.02 10.46
CA VAL A 10 -5.07 -17.07 10.63
C VAL A 10 -4.91 -15.93 9.63
N MET A 11 -3.70 -15.40 9.56
CA MET A 11 -3.41 -14.33 8.64
C MET A 11 -3.53 -14.78 7.21
N ASN A 12 -3.08 -15.99 6.94
CA ASN A 12 -3.11 -16.54 5.59
C ASN A 12 -4.53 -16.57 5.05
N ARG A 13 -5.46 -17.07 5.86
CA ARG A 13 -6.85 -17.14 5.45
C ARG A 13 -7.42 -15.74 5.26
N LYS A 14 -7.14 -14.86 6.21
CA LYS A 14 -7.65 -13.49 6.17
C LYS A 14 -7.08 -12.69 5.01
N VAL A 15 -5.79 -12.83 4.75
CA VAL A 15 -5.15 -12.16 3.61
C VAL A 15 -5.71 -12.69 2.29
N ALA A 16 -5.91 -14.00 2.20
CA ALA A 16 -6.47 -14.60 1.00
C ALA A 16 -7.87 -14.05 0.75
N ALA A 17 -8.64 -13.92 1.83
CA ALA A 17 -9.97 -13.36 1.76
C ALA A 17 -9.90 -11.90 1.38
N LEU A 18 -8.88 -11.23 1.89
CA LEU A 18 -8.68 -9.80 1.70
C LEU A 18 -8.61 -9.46 0.21
N ASP A 19 -7.91 -10.28 -0.55
CA ASP A 19 -7.79 -10.10 -2.00
C ASP A 19 -9.17 -10.23 -2.67
N SER A 20 -9.89 -11.27 -2.28
CA SER A 20 -11.21 -11.57 -2.85
C SER A 20 -12.29 -10.56 -2.42
N VAL A 21 -12.31 -10.22 -1.15
CA VAL A 21 -13.34 -9.36 -0.56
C VAL A 21 -13.28 -7.91 -1.10
N PRO A 22 -14.45 -7.26 -1.27
CA PRO A 22 -14.52 -5.84 -1.68
C PRO A 22 -13.81 -4.92 -0.68
N PRO A 23 -13.18 -3.84 -1.17
CA PRO A 23 -12.42 -2.90 -0.33
C PRO A 23 -13.28 -2.22 0.73
N THR A 24 -14.58 -2.14 0.48
CA THR A 24 -15.51 -1.51 1.41
C THR A 24 -15.68 -2.36 2.67
N GLU A 25 -15.39 -3.65 2.55
CA GLU A 25 -15.62 -4.58 3.65
C GLU A 25 -14.35 -4.80 4.45
N TYR A 26 -13.33 -4.00 4.16
CA TYR A 26 -12.03 -4.10 4.85
C TYR A 26 -12.16 -3.80 6.33
N ALA A 27 -13.20 -3.06 6.69
CA ALA A 27 -13.44 -2.71 8.08
C ALA A 27 -13.58 -3.96 8.94
N THR A 28 -14.22 -4.99 8.39
CA THR A 28 -14.43 -6.24 9.10
C THR A 28 -13.10 -6.91 9.39
N LEU A 29 -12.25 -6.90 8.37
CA LEU A 29 -10.97 -7.54 8.42
C LEU A 29 -9.96 -6.78 9.27
N ALA A 30 -10.05 -5.45 9.22
CA ALA A 30 -9.15 -4.60 9.98
C ALA A 30 -9.27 -4.89 11.46
N ALA A 31 -10.50 -5.13 11.90
CA ALA A 31 -10.74 -5.47 13.29
C ALA A 31 -10.01 -6.76 13.64
N ASP A 32 -10.09 -7.76 12.77
CA ASP A 32 -9.42 -9.05 13.00
C ASP A 32 -7.93 -8.92 13.07
N PHE A 33 -7.35 -8.14 12.18
CA PHE A 33 -5.92 -7.95 12.19
C PHE A 33 -5.48 -7.24 13.48
N SER A 34 -6.26 -6.27 13.91
CA SER A 34 -6.00 -5.57 15.16
C SER A 34 -6.11 -6.54 16.34
N ARG A 35 -7.11 -7.43 16.28
CA ARG A 35 -7.33 -8.42 17.33
C ARG A 35 -6.12 -9.35 17.43
N ILE A 36 -5.58 -9.72 16.27
CA ILE A 36 -4.40 -10.57 16.22
C ILE A 36 -3.21 -9.84 16.85
N ALA A 37 -3.07 -8.57 16.47
CA ALA A 37 -1.99 -7.72 16.98
C ALA A 37 -2.09 -7.57 18.49
N ALA A 38 -3.32 -7.48 18.99
CA ALA A 38 -3.58 -7.39 20.42
C ALA A 38 -3.04 -8.60 21.14
N VAL A 39 -3.15 -9.76 20.50
CA VAL A 39 -2.64 -10.98 21.07
C VAL A 39 -1.13 -10.95 21.03
N GLU A 40 -0.55 -11.39 22.08
CA GLU A 40 0.89 -11.38 22.23
C GLU A 40 1.51 -12.43 21.32
N GLY A 41 2.62 -12.07 20.71
CA GLY A 41 3.30 -12.99 19.83
C GLY A 41 3.03 -12.72 18.37
N SER A 42 2.13 -11.78 18.10
CA SER A 42 1.84 -11.39 16.74
C SER A 42 3.01 -10.60 16.15
N ASP A 43 3.04 -10.51 14.85
CA ASP A 43 4.09 -9.79 14.16
C ASP A 43 3.59 -8.45 13.66
N TRP A 44 4.51 -7.64 13.21
CA TRP A 44 4.23 -6.30 12.70
C TRP A 44 3.28 -6.35 11.51
N MET A 45 3.19 -7.53 10.91
CA MET A 45 2.37 -7.76 9.73
C MET A 45 0.92 -7.48 10.07
N ALA A 46 0.51 -7.88 11.28
CA ALA A 46 -0.85 -7.64 11.75
C ALA A 46 -1.13 -6.15 11.79
N ALA A 47 -0.17 -5.38 12.31
CA ALA A 47 -0.28 -3.92 12.36
C ALA A 47 -0.31 -3.34 10.95
N TYR A 48 0.51 -3.91 10.07
CA TYR A 48 0.60 -3.47 8.69
C TYR A 48 -0.76 -3.58 8.02
N TYR A 49 -1.37 -4.74 8.14
CA TYR A 49 -2.68 -4.96 7.54
C TYR A 49 -3.79 -4.18 8.21
N THR A 50 -3.70 -3.99 9.52
CA THR A 50 -4.72 -3.22 10.21
C THR A 50 -4.75 -1.78 9.67
N ALA A 51 -3.57 -1.19 9.55
CA ALA A 51 -3.43 0.16 9.01
C ALA A 51 -3.88 0.18 7.56
N TYR A 52 -3.48 -0.85 6.83
CA TYR A 52 -3.80 -0.99 5.40
C TYR A 52 -5.29 -0.99 5.15
N CYS A 53 -6.00 -1.80 5.91
CA CYS A 53 -7.42 -1.97 5.74
C CYS A 53 -8.15 -0.65 5.97
N ARG A 54 -7.70 0.13 6.95
CA ARG A 54 -8.28 1.44 7.22
C ARG A 54 -8.01 2.43 6.08
N ILE A 55 -6.80 2.37 5.57
CA ILE A 55 -6.34 3.29 4.52
C ILE A 55 -7.07 3.13 3.17
N ILE A 56 -7.33 1.91 2.75
CA ILE A 56 -7.93 1.67 1.42
C ILE A 56 -9.30 2.39 1.21
N PRO A 57 -10.29 2.20 2.11
CA PRO A 57 -11.59 2.88 2.00
C PRO A 57 -11.47 4.39 2.21
N ALA A 58 -10.37 4.81 2.81
CA ALA A 58 -10.10 6.22 3.07
C ALA A 58 -10.05 7.02 1.79
N PHE A 59 -9.49 6.43 0.74
CA PHE A 59 -9.40 7.10 -0.56
C PHE A 59 -10.80 7.43 -1.08
N GLY A 60 -11.74 6.52 -0.85
CA GLY A 60 -13.10 6.73 -1.28
C GLY A 60 -13.95 7.36 -0.19
N ASN A 61 -13.33 7.68 0.93
CA ASN A 61 -14.03 8.26 2.06
C ASN A 61 -13.17 9.35 2.69
N PRO A 62 -12.95 10.44 1.94
CA PRO A 62 -12.08 11.53 2.35
C PRO A 62 -12.65 12.37 3.49
N SER A 63 -13.96 12.32 3.64
CA SER A 63 -14.67 13.10 4.63
C SER A 63 -14.25 12.78 6.07
N GLU A 64 -13.97 11.53 6.34
CA GLU A 64 -13.54 11.12 7.67
C GLU A 64 -12.28 10.30 7.58
N ALA A 65 -11.57 10.48 6.48
CA ALA A 65 -10.36 9.72 6.22
C ALA A 65 -9.33 9.96 7.29
N ASP A 66 -9.22 11.19 7.74
CA ASP A 66 -8.23 11.55 8.77
C ASP A 66 -8.58 10.89 10.08
N ARG A 67 -9.86 10.79 10.36
CA ARG A 67 -10.34 10.21 11.60
C ARG A 67 -10.07 8.72 11.65
N LEU A 68 -10.23 8.04 10.52
CA LEU A 68 -9.97 6.61 10.44
C LEU A 68 -8.47 6.33 10.28
N CYS A 69 -7.74 7.32 9.80
CA CYS A 69 -6.29 7.22 9.67
C CYS A 69 -5.65 7.25 11.05
N GLU A 70 -6.40 7.71 12.05
CA GLU A 70 -5.92 7.75 13.41
C GLU A 70 -5.56 6.35 13.87
N GLU A 71 -6.42 5.39 13.54
CA GLU A 71 -6.17 4.00 13.86
C GLU A 71 -4.97 3.49 13.09
N ALA A 72 -4.90 3.87 11.82
CA ALA A 72 -3.83 3.47 10.93
C ALA A 72 -2.48 3.99 11.42
N GLU A 73 -2.45 5.24 11.85
CA GLU A 73 -1.23 5.87 12.33
C GLU A 73 -0.69 5.12 13.54
N SER A 74 -1.58 4.78 14.43
CA SER A 74 -1.22 4.04 15.63
C SER A 74 -0.63 2.68 15.25
N MET A 75 -1.29 1.98 14.34
CA MET A 75 -0.86 0.66 13.93
C MET A 75 0.47 0.72 13.16
N LEU A 76 0.62 1.74 12.32
CA LEU A 76 1.85 1.92 11.55
C LEU A 76 3.03 2.15 12.47
N SER A 77 2.81 2.89 13.53
CA SER A 77 3.86 3.19 14.48
C SER A 77 4.30 1.90 15.18
N LYS A 78 3.32 1.07 15.48
CA LYS A 78 3.55 -0.22 16.11
C LYS A 78 4.38 -1.12 15.21
N ALA A 79 4.07 -1.11 13.91
CA ALA A 79 4.80 -1.88 12.92
C ALA A 79 6.25 -1.46 12.89
N GLU A 80 6.47 -0.15 12.96
CA GLU A 80 7.79 0.43 12.94
C GLU A 80 8.56 0.04 14.22
N SER A 81 7.86 0.13 15.34
CA SER A 81 8.42 -0.21 16.65
C SER A 81 8.77 -1.70 16.77
N LEU A 82 7.94 -2.55 16.16
CA LEU A 82 8.16 -4.00 16.21
C LEU A 82 9.39 -4.40 15.41
N GLY A 83 9.94 -3.48 14.63
CA GLY A 83 11.11 -3.81 13.85
C GLY A 83 10.74 -4.39 12.52
N GLY A 84 9.57 -4.02 12.03
CA GLY A 84 9.13 -4.49 10.76
C GLY A 84 9.79 -3.73 9.64
N ASP A 85 9.35 -3.97 8.43
CA ASP A 85 9.94 -3.32 7.28
C ASP A 85 9.43 -1.88 7.18
N LEU A 86 10.34 -0.93 7.37
CA LEU A 86 10.01 0.50 7.36
C LEU A 86 9.42 0.93 6.02
N SER A 87 10.00 0.43 4.97
CA SER A 87 9.59 0.79 3.62
C SER A 87 8.14 0.40 3.35
N GLU A 88 7.77 -0.80 3.76
CA GLU A 88 6.41 -1.28 3.54
C GLU A 88 5.38 -0.42 4.25
N ILE A 89 5.67 0.00 5.47
CA ILE A 89 4.74 0.83 6.21
C ILE A 89 4.85 2.29 5.80
N ALA A 90 6.02 2.67 5.30
CA ALA A 90 6.22 4.01 4.77
C ALA A 90 5.28 4.23 3.60
N CYS A 91 5.13 3.19 2.80
CA CYS A 91 4.22 3.22 1.66
C CYS A 91 2.79 3.47 2.14
N LEU A 92 2.39 2.77 3.19
CA LEU A 92 1.06 2.95 3.77
C LEU A 92 0.92 4.35 4.34
N ARG A 93 2.00 4.82 4.96
CA ARG A 93 2.01 6.15 5.57
C ARG A 93 1.72 7.21 4.49
N SER A 94 2.36 7.07 3.33
CA SER A 94 2.15 8.00 2.23
C SER A 94 0.72 7.90 1.70
N MET A 95 0.18 6.68 1.68
CA MET A 95 -1.16 6.42 1.22
C MET A 95 -2.18 7.16 2.06
N ALA A 96 -1.93 7.20 3.37
CA ALA A 96 -2.82 7.89 4.28
C ALA A 96 -2.91 9.38 3.94
N ALA A 97 -1.75 9.99 3.63
CA ALA A 97 -1.72 11.39 3.25
C ALA A 97 -2.47 11.59 1.93
N SER A 98 -2.25 10.67 1.01
CA SER A 98 -2.91 10.71 -0.29
C SER A 98 -4.43 10.57 -0.15
N ALA A 99 -4.86 9.67 0.72
CA ALA A 99 -6.29 9.46 0.95
C ALA A 99 -6.93 10.72 1.50
N ARG A 100 -6.25 11.37 2.42
CA ARG A 100 -6.70 12.61 3.02
C ARG A 100 -6.75 13.72 1.99
N LEU A 101 -5.80 13.68 1.07
CA LEU A 101 -5.67 14.64 -0.02
C LEU A 101 -6.95 14.68 -0.87
N LEU A 102 -7.54 13.50 -1.07
CA LEU A 102 -8.75 13.34 -1.89
C LEU A 102 -9.91 14.23 -1.42
N VAL A 103 -9.86 14.68 -0.17
CA VAL A 103 -10.90 15.52 0.38
C VAL A 103 -11.05 16.81 -0.46
N ASN A 104 -9.93 17.28 -0.98
CA ASN A 104 -9.90 18.44 -1.86
C ASN A 104 -8.67 18.38 -2.76
N PRO A 105 -8.79 17.67 -3.90
CA PRO A 105 -7.66 17.45 -4.82
C PRO A 105 -7.28 18.71 -5.63
N GLN A 106 -7.36 19.86 -5.00
CA GLN A 106 -6.98 21.09 -5.65
C GLN A 106 -5.73 21.67 -5.01
N GLU A 107 -5.75 21.80 -3.69
CA GLU A 107 -4.63 22.40 -2.99
C GLU A 107 -4.05 21.48 -1.92
N ARG A 108 -4.68 20.33 -1.72
CA ARG A 108 -4.17 19.37 -0.73
C ARG A 108 -2.85 18.77 -1.20
N TRP A 109 -2.55 18.98 -2.47
CA TRP A 109 -1.30 18.54 -3.07
C TRP A 109 -0.14 19.23 -2.39
N GLN A 110 -0.35 20.48 -2.04
CA GLN A 110 0.65 21.33 -1.41
C GLN A 110 1.11 20.76 -0.07
N THR A 111 0.17 20.23 0.69
CA THR A 111 0.48 19.70 2.00
C THR A 111 0.63 18.17 1.98
N TYR A 112 -0.46 17.48 1.67
CA TYR A 112 -0.52 16.03 1.70
C TYR A 112 0.29 15.39 0.60
N GLY A 113 0.34 16.05 -0.57
CA GLY A 113 1.13 15.53 -1.66
C GLY A 113 2.60 15.45 -1.28
N ALA A 114 3.06 16.51 -0.61
CA ALA A 114 4.43 16.54 -0.12
C ALA A 114 4.68 15.46 0.92
N GLU A 115 3.71 15.27 1.81
CA GLU A 115 3.85 14.26 2.86
C GLU A 115 3.92 12.87 2.25
N SER A 116 3.09 12.63 1.23
CA SER A 116 3.08 11.37 0.52
C SER A 116 4.44 11.13 -0.15
N SER A 117 4.98 12.15 -0.80
CA SER A 117 6.25 12.03 -1.51
C SER A 117 7.41 11.84 -0.53
N ARG A 118 7.34 12.52 0.61
CA ARG A 118 8.38 12.40 1.64
C ARG A 118 8.46 10.98 2.16
N GLN A 119 7.31 10.36 2.40
CA GLN A 119 7.26 8.99 2.87
C GLN A 119 7.71 8.03 1.79
N LEU A 120 7.35 8.31 0.54
CA LEU A 120 7.77 7.48 -0.58
C LEU A 120 9.27 7.49 -0.73
N ALA A 121 9.86 8.63 -0.52
CA ALA A 121 11.30 8.76 -0.55
C ALA A 121 11.89 7.89 0.54
N VAL A 122 11.24 7.87 1.71
CA VAL A 122 11.63 7.03 2.82
C VAL A 122 11.50 5.55 2.42
N ALA A 123 10.39 5.22 1.74
CA ALA A 123 10.15 3.86 1.29
C ALA A 123 11.25 3.39 0.36
N LEU A 124 11.63 4.23 -0.59
CA LEU A 124 12.69 3.89 -1.52
C LEU A 124 14.01 3.77 -0.79
N GLU A 125 14.24 4.67 0.17
CA GLU A 125 15.45 4.64 0.96
C GLU A 125 15.52 3.35 1.79
N ALA A 126 14.43 3.04 2.48
CA ALA A 126 14.36 1.87 3.35
C ALA A 126 14.47 0.55 2.56
N ASN A 127 13.68 0.41 1.49
CA ASN A 127 13.78 -0.77 0.65
C ASN A 127 13.81 -0.37 -0.82
N PRO A 128 14.99 -0.40 -1.44
CA PRO A 128 15.18 -0.01 -2.85
C PRO A 128 14.51 -0.99 -3.83
N ALA A 129 14.14 -2.15 -3.34
CA ALA A 129 13.51 -3.14 -4.19
C ALA A 129 12.03 -3.27 -3.90
N ASN A 130 11.49 -2.36 -3.11
CA ASN A 130 10.08 -2.40 -2.73
C ASN A 130 9.19 -2.08 -3.93
N PRO A 131 8.33 -3.03 -4.35
CA PRO A 131 7.46 -2.83 -5.51
C PRO A 131 6.39 -1.78 -5.25
N ARG A 132 5.87 -1.78 -4.04
CA ARG A 132 4.85 -0.85 -3.63
C ARG A 132 5.37 0.58 -3.59
N ALA A 133 6.61 0.75 -3.17
CA ALA A 133 7.22 2.07 -3.12
C ALA A 133 7.29 2.67 -4.53
N TYR A 134 7.70 1.85 -5.50
CA TYR A 134 7.75 2.30 -6.89
C TYR A 134 6.36 2.48 -7.46
N PHE A 135 5.43 1.62 -7.05
CA PHE A 135 4.05 1.71 -7.50
C PHE A 135 3.44 3.04 -7.13
N LEU A 136 3.58 3.40 -5.87
CA LEU A 136 3.05 4.66 -5.39
C LEU A 136 3.75 5.82 -6.07
N GLN A 137 5.06 5.66 -6.26
CA GLN A 137 5.85 6.66 -6.95
C GLN A 137 5.37 6.84 -8.38
N ALA A 138 5.19 5.74 -9.08
CA ALA A 138 4.75 5.79 -10.46
C ALA A 138 3.36 6.41 -10.55
N GLN A 139 2.47 6.01 -9.64
CA GLN A 139 1.13 6.56 -9.60
C GLN A 139 1.16 8.06 -9.33
N SER A 140 1.93 8.44 -8.34
CA SER A 140 2.05 9.84 -7.98
C SER A 140 2.64 10.64 -9.14
N LEU A 141 3.68 10.10 -9.74
CA LEU A 141 4.36 10.75 -10.87
C LEU A 141 3.43 10.89 -12.06
N LEU A 142 2.67 9.85 -12.35
CA LEU A 142 1.74 9.84 -13.47
C LEU A 142 0.65 10.91 -13.32
N TYR A 143 0.14 11.03 -12.12
CA TYR A 143 -0.96 11.94 -11.85
C TYR A 143 -0.48 13.24 -11.22
N THR A 144 0.80 13.54 -11.39
CA THR A 144 1.38 14.76 -10.86
C THR A 144 0.79 16.00 -11.55
N PRO A 145 0.32 16.99 -10.76
CA PRO A 145 -0.21 18.23 -11.29
C PRO A 145 0.91 19.25 -11.59
N ALA A 146 1.95 18.79 -12.31
CA ALA A 146 3.10 19.62 -12.73
C ALA A 146 4.00 20.08 -11.57
N GLN A 147 3.44 20.20 -10.38
CA GLN A 147 4.18 20.69 -9.21
C GLN A 147 5.38 19.83 -8.85
N PHE A 148 5.21 18.52 -8.94
CA PHE A 148 6.24 17.60 -8.50
C PHE A 148 7.12 17.15 -9.66
N GLY A 149 6.91 17.73 -10.85
CA GLY A 149 7.73 17.39 -12.00
C GLY A 149 7.59 15.93 -12.42
N GLY A 150 6.38 15.44 -12.43
CA GLY A 150 6.13 14.06 -12.78
C GLY A 150 5.86 13.86 -14.26
N GLY A 151 5.05 12.87 -14.56
CA GLY A 151 4.72 12.52 -15.92
C GLY A 151 4.89 11.04 -16.15
N LYS A 152 4.29 10.52 -17.22
CA LYS A 152 4.40 9.09 -17.55
C LYS A 152 5.85 8.71 -17.80
N ASP A 153 6.60 9.67 -18.32
CA ASP A 153 8.04 9.52 -18.53
C ASP A 153 8.76 9.26 -17.22
N LYS A 154 8.42 10.04 -16.22
CA LYS A 154 9.05 9.92 -14.91
C LYS A 154 8.60 8.65 -14.21
N ALA A 155 7.33 8.32 -14.38
CA ALA A 155 6.74 7.14 -13.76
C ALA A 155 7.12 5.87 -14.50
N LEU A 156 7.63 6.03 -15.71
CA LEU A 156 7.97 4.91 -16.58
C LEU A 156 8.91 3.88 -15.91
N PRO A 157 10.09 4.29 -15.37
CA PRO A 157 11.00 3.37 -14.72
C PRO A 157 10.41 2.81 -13.42
N PHE A 158 9.62 3.64 -12.74
CA PHE A 158 8.98 3.25 -11.49
C PHE A 158 7.95 2.16 -11.71
N ALA A 159 7.15 2.33 -12.75
CA ALA A 159 6.11 1.38 -13.07
C ALA A 159 6.70 0.02 -13.44
N GLU A 160 7.76 0.03 -14.26
CA GLU A 160 8.40 -1.21 -14.68
C GLU A 160 9.06 -1.91 -13.51
N LYS A 161 9.70 -1.14 -12.64
CA LYS A 161 10.42 -1.70 -11.51
C LYS A 161 9.44 -2.37 -10.56
N SER A 162 8.32 -1.72 -10.32
CA SER A 162 7.30 -2.27 -9.46
C SER A 162 6.77 -3.60 -10.01
N VAL A 163 6.41 -3.62 -11.29
CA VAL A 163 5.86 -4.82 -11.91
C VAL A 163 6.88 -5.95 -11.94
N SER A 164 8.11 -5.62 -12.32
CA SER A 164 9.17 -6.59 -12.41
C SER A 164 9.44 -7.20 -11.03
N CYS A 165 9.39 -6.35 -10.01
CA CYS A 165 9.60 -6.75 -8.65
C CYS A 165 8.55 -7.74 -8.17
N TYR A 166 7.28 -7.52 -8.54
CA TYR A 166 6.22 -8.44 -8.11
C TYR A 166 6.51 -9.84 -8.60
N ALA A 167 6.98 -9.93 -9.84
CA ALA A 167 7.33 -11.20 -10.42
C ALA A 167 8.48 -11.84 -9.66
N ALA A 168 9.47 -11.02 -9.31
CA ALA A 168 10.63 -11.47 -8.55
C ALA A 168 10.25 -11.90 -7.13
N ALA A 169 9.38 -11.12 -6.49
CA ALA A 169 8.97 -11.38 -5.11
C ALA A 169 8.27 -12.70 -4.97
N THR A 170 7.39 -12.98 -5.91
CA THR A 170 6.61 -14.23 -5.93
C THR A 170 5.64 -14.34 -4.73
N VAL A 171 5.65 -13.32 -3.88
CA VAL A 171 4.82 -13.27 -2.67
C VAL A 171 5.23 -14.35 -1.66
N SER A 172 5.96 -13.93 -0.63
CA SER A 172 6.43 -14.82 0.40
C SER A 172 6.30 -14.12 1.76
N PRO A 173 6.02 -14.85 2.85
CA PRO A 173 5.84 -16.32 2.84
C PRO A 173 4.56 -16.79 2.13
N ALA A 174 3.49 -16.04 2.30
CA ALA A 174 2.20 -16.39 1.72
C ALA A 174 1.21 -15.28 1.94
N TYR A 175 1.19 -14.77 3.16
CA TYR A 175 0.30 -13.68 3.52
C TYR A 175 0.91 -12.33 3.20
N ALA A 176 1.99 -12.34 2.42
CA ALA A 176 2.64 -11.12 1.99
C ALA A 176 1.66 -10.33 1.12
N PRO A 177 1.73 -8.98 1.16
CA PRO A 177 0.77 -8.12 0.44
C PRO A 177 0.66 -8.45 -1.05
N HIS A 178 -0.56 -8.69 -1.50
CA HIS A 178 -0.83 -9.01 -2.90
C HIS A 178 -1.34 -7.80 -3.62
N TRP A 179 -1.67 -6.77 -2.86
CA TRP A 179 -2.27 -5.59 -3.42
C TRP A 179 -1.28 -4.75 -4.22
N GLY A 180 -1.79 -4.10 -5.24
CA GLY A 180 -0.97 -3.25 -6.07
C GLY A 180 -0.39 -3.97 -7.27
N GLU A 181 -0.46 -5.30 -7.28
CA GLU A 181 0.11 -6.08 -8.39
C GLU A 181 -0.61 -5.79 -9.71
N GLN A 182 -1.94 -5.87 -9.70
CA GLN A 182 -2.72 -5.62 -10.90
C GLN A 182 -2.69 -4.15 -11.27
N GLN A 183 -2.74 -3.29 -10.26
CA GLN A 183 -2.73 -1.86 -10.48
C GLN A 183 -1.39 -1.40 -11.08
N ALA A 184 -0.29 -1.97 -10.59
CA ALA A 184 1.03 -1.64 -11.12
C ALA A 184 1.13 -2.06 -12.58
N ARG A 185 0.57 -3.22 -12.88
CA ARG A 185 0.59 -3.77 -14.22
C ARG A 185 -0.11 -2.83 -15.20
N GLN A 186 -1.30 -2.34 -14.82
CA GLN A 186 -2.04 -1.41 -15.67
C GLN A 186 -1.38 -0.04 -15.66
N LEU A 187 -0.77 0.30 -14.53
CA LEU A 187 -0.12 1.59 -14.37
C LEU A 187 1.01 1.71 -15.38
N LEU A 188 1.76 0.64 -15.55
CA LEU A 188 2.84 0.60 -16.52
C LEU A 188 2.34 0.82 -17.95
N MET A 189 1.25 0.15 -18.33
CA MET A 189 0.73 0.33 -19.68
C MET A 189 0.18 1.73 -19.86
N LEU A 190 -0.21 2.36 -18.76
CA LEU A 190 -0.58 3.75 -18.81
C LEU A 190 0.67 4.62 -18.99
N CYS A 191 1.74 4.26 -18.27
CA CYS A 191 3.00 5.00 -18.30
C CYS A 191 3.77 4.85 -19.62
N LYS A 192 3.85 3.63 -20.16
CA LYS A 192 4.56 3.44 -21.42
C LYS A 192 3.62 3.48 -22.59
N ALA A 193 2.37 3.10 -22.34
CA ALA A 193 1.33 3.10 -23.37
C ALA A 193 1.70 2.21 -24.55
N GLU A 194 2.49 1.19 -24.29
CA GLU A 194 2.93 0.29 -25.33
C GLU A 194 2.27 -1.07 -25.21
N THR A 195 1.74 -1.53 -26.32
CA THR A 195 1.20 -2.86 -26.41
C THR A 195 1.99 -3.60 -27.48
N GLN A 196 2.55 -4.73 -27.11
CA GLN A 196 3.42 -5.45 -28.01
C GLN A 196 2.94 -6.88 -28.23
N GLU A 197 3.05 -7.35 -29.45
CA GLU A 197 2.67 -8.70 -29.80
C GLU A 197 3.77 -9.67 -29.38
N LEU A 198 3.39 -10.80 -28.85
CA LEU A 198 4.36 -11.81 -28.47
C LEU A 198 4.75 -12.63 -29.69
N VAL A 199 5.93 -13.21 -29.64
CA VAL A 199 6.44 -13.97 -30.77
C VAL A 199 5.67 -15.29 -30.95
N PRO A 200 5.08 -15.50 -32.14
CA PRO A 200 4.41 -16.75 -32.48
C PRO A 200 5.39 -17.92 -32.46
N ARG A 201 4.91 -19.10 -32.10
CA ARG A 201 5.76 -20.26 -32.04
C ARG A 201 5.97 -20.83 -33.45
N MET A 1 -6.21 -21.43 8.40
CA MET A 1 -6.78 -22.58 7.69
C MET A 1 -6.05 -23.84 8.10
N GLY A 2 -6.79 -24.85 8.52
CA GLY A 2 -6.18 -26.08 8.95
C GLY A 2 -6.79 -26.57 10.23
N GLN A 3 -6.02 -27.29 11.02
CA GLN A 3 -6.51 -27.82 12.27
C GLN A 3 -6.24 -26.82 13.40
N GLY A 4 -7.31 -26.37 14.05
CA GLY A 4 -7.18 -25.42 15.13
C GLY A 4 -7.00 -24.00 14.63
N THR A 5 -6.59 -23.11 15.51
CA THR A 5 -6.39 -21.73 15.15
C THR A 5 -4.97 -21.28 15.48
N ALA A 6 -4.48 -20.30 14.74
CA ALA A 6 -3.13 -19.79 14.91
C ALA A 6 -3.01 -18.41 14.31
N TYR A 7 -2.02 -17.68 14.74
CA TYR A 7 -1.78 -16.32 14.25
C TYR A 7 -1.59 -16.31 12.74
N ALA A 8 -0.73 -17.17 12.26
CA ALA A 8 -0.48 -17.26 10.82
C ALA A 8 -1.75 -17.67 10.08
N GLU A 9 -2.43 -18.66 10.64
CA GLU A 9 -3.66 -19.18 10.05
C GLU A 9 -4.77 -18.14 10.02
N VAL A 10 -4.91 -17.37 11.09
CA VAL A 10 -5.91 -16.33 11.16
C VAL A 10 -5.65 -15.25 10.11
N MET A 11 -4.39 -14.85 9.98
CA MET A 11 -4.02 -13.84 9.00
C MET A 11 -4.22 -14.35 7.59
N ASN A 12 -3.91 -15.62 7.37
CA ASN A 12 -4.07 -16.20 6.04
C ASN A 12 -5.52 -16.10 5.59
N ARG A 13 -6.44 -16.38 6.51
CA ARG A 13 -7.87 -16.28 6.20
C ARG A 13 -8.26 -14.82 5.92
N LYS A 14 -7.82 -13.91 6.79
CA LYS A 14 -8.12 -12.50 6.64
C LYS A 14 -7.57 -11.93 5.35
N VAL A 15 -6.34 -12.28 5.03
CA VAL A 15 -5.71 -11.80 3.83
C VAL A 15 -6.40 -12.36 2.58
N ALA A 16 -6.80 -13.64 2.64
CA ALA A 16 -7.52 -14.25 1.53
C ALA A 16 -8.84 -13.52 1.32
N ALA A 17 -9.51 -13.21 2.43
CA ALA A 17 -10.76 -12.46 2.39
C ALA A 17 -10.51 -11.08 1.89
N LEU A 18 -9.38 -10.53 2.28
CA LEU A 18 -8.97 -9.17 1.95
C LEU A 18 -8.94 -8.99 0.43
N ASP A 19 -8.41 -9.99 -0.25
CA ASP A 19 -8.35 -9.98 -1.70
C ASP A 19 -9.77 -10.00 -2.30
N SER A 20 -10.60 -10.89 -1.78
CA SER A 20 -11.97 -11.08 -2.26
C SER A 20 -12.92 -9.90 -1.89
N VAL A 21 -12.78 -9.40 -0.68
CA VAL A 21 -13.66 -8.35 -0.16
C VAL A 21 -13.41 -7.00 -0.87
N PRO A 22 -14.47 -6.20 -1.06
CA PRO A 22 -14.34 -4.86 -1.62
C PRO A 22 -13.66 -3.91 -0.63
N PRO A 23 -13.03 -2.83 -1.13
CA PRO A 23 -12.29 -1.87 -0.30
C PRO A 23 -13.18 -1.18 0.75
N THR A 24 -14.47 -1.14 0.48
CA THR A 24 -15.43 -0.50 1.36
C THR A 24 -15.60 -1.28 2.68
N GLU A 25 -15.31 -2.57 2.66
CA GLU A 25 -15.46 -3.40 3.84
C GLU A 25 -14.11 -3.65 4.53
N TYR A 26 -13.10 -2.90 4.13
CA TYR A 26 -11.77 -3.02 4.74
C TYR A 26 -11.78 -2.55 6.19
N ALA A 27 -12.71 -1.65 6.50
CA ALA A 27 -12.79 -1.06 7.84
C ALA A 27 -13.01 -2.13 8.90
N THR A 28 -13.86 -3.10 8.62
CA THR A 28 -14.13 -4.16 9.56
C THR A 28 -12.92 -5.07 9.71
N LEU A 29 -12.20 -5.28 8.60
CA LEU A 29 -11.04 -6.15 8.64
C LEU A 29 -9.95 -5.53 9.50
N ALA A 30 -9.78 -4.21 9.36
CA ALA A 30 -8.77 -3.48 10.12
C ALA A 30 -9.03 -3.61 11.61
N ALA A 31 -10.30 -3.55 11.98
CA ALA A 31 -10.69 -3.67 13.36
C ALA A 31 -10.33 -5.04 13.92
N ASP A 32 -10.53 -6.08 13.14
CA ASP A 32 -10.22 -7.44 13.59
C ASP A 32 -8.71 -7.65 13.66
N PHE A 33 -7.98 -7.08 12.68
CA PHE A 33 -6.51 -7.14 12.70
C PHE A 33 -5.97 -6.47 13.97
N SER A 34 -6.65 -5.40 14.40
CA SER A 34 -6.29 -4.70 15.62
C SER A 34 -6.39 -5.65 16.82
N ARG A 35 -7.41 -6.50 16.80
CA ARG A 35 -7.61 -7.49 17.85
C ARG A 35 -6.43 -8.43 17.91
N ILE A 36 -5.96 -8.82 16.73
CA ILE A 36 -4.84 -9.73 16.61
C ILE A 36 -3.57 -9.10 17.19
N ALA A 37 -3.35 -7.84 16.83
CA ALA A 37 -2.18 -7.09 17.29
C ALA A 37 -2.16 -6.97 18.81
N ALA A 38 -3.34 -6.78 19.39
CA ALA A 38 -3.48 -6.66 20.83
C ALA A 38 -3.02 -7.92 21.53
N VAL A 39 -3.31 -9.06 20.93
CA VAL A 39 -2.91 -10.33 21.49
C VAL A 39 -1.44 -10.57 21.22
N GLU A 40 -0.81 -11.17 22.17
CA GLU A 40 0.61 -11.48 22.08
C GLU A 40 0.85 -12.55 21.02
N GLY A 41 2.07 -12.57 20.52
CA GLY A 41 2.43 -13.53 19.48
C GLY A 41 2.24 -12.94 18.11
N SER A 42 1.54 -11.82 18.04
CA SER A 42 1.32 -11.13 16.81
C SER A 42 2.58 -10.38 16.38
N ASP A 43 2.67 -10.10 15.10
CA ASP A 43 3.80 -9.40 14.56
C ASP A 43 3.39 -8.05 14.01
N TRP A 44 4.37 -7.31 13.54
CA TRP A 44 4.17 -5.99 12.98
C TRP A 44 3.24 -6.08 11.77
N MET A 45 3.16 -7.28 11.20
CA MET A 45 2.36 -7.54 10.03
C MET A 45 0.89 -7.25 10.32
N ALA A 46 0.44 -7.62 11.53
CA ALA A 46 -0.92 -7.36 11.94
C ALA A 46 -1.18 -5.85 11.97
N ALA A 47 -0.22 -5.11 12.52
CA ALA A 47 -0.30 -3.66 12.58
C ALA A 47 -0.29 -3.07 11.17
N TYR A 48 0.55 -3.65 10.31
CA TYR A 48 0.67 -3.22 8.92
C TYR A 48 -0.68 -3.31 8.23
N TYR A 49 -1.31 -4.46 8.35
CA TYR A 49 -2.62 -4.67 7.74
C TYR A 49 -3.70 -3.82 8.35
N THR A 50 -3.62 -3.59 9.65
CA THR A 50 -4.61 -2.77 10.31
C THR A 50 -4.62 -1.36 9.70
N ALA A 51 -3.43 -0.78 9.57
CA ALA A 51 -3.29 0.53 8.99
C ALA A 51 -3.71 0.52 7.52
N TYR A 52 -3.27 -0.53 6.80
CA TYR A 52 -3.58 -0.67 5.38
C TYR A 52 -5.08 -0.73 5.12
N CYS A 53 -5.75 -1.57 5.87
CA CYS A 53 -7.17 -1.76 5.70
C CYS A 53 -7.92 -0.48 6.00
N ARG A 54 -7.47 0.26 6.99
CA ARG A 54 -8.11 1.52 7.35
C ARG A 54 -7.86 2.59 6.28
N ILE A 55 -6.64 2.63 5.76
CA ILE A 55 -6.21 3.62 4.76
C ILE A 55 -6.94 3.50 3.41
N ILE A 56 -7.13 2.29 2.92
CA ILE A 56 -7.72 2.08 1.57
C ILE A 56 -9.11 2.76 1.38
N PRO A 57 -10.10 2.53 2.28
CA PRO A 57 -11.42 3.17 2.18
C PRO A 57 -11.36 4.69 2.35
N ALA A 58 -10.27 5.17 2.95
CA ALA A 58 -10.06 6.60 3.19
C ALA A 58 -10.04 7.38 1.89
N PHE A 59 -9.45 6.78 0.85
CA PHE A 59 -9.37 7.41 -0.46
C PHE A 59 -10.78 7.69 -0.98
N GLY A 60 -11.68 6.75 -0.73
CA GLY A 60 -13.05 6.91 -1.14
C GLY A 60 -13.92 7.51 -0.04
N ASN A 61 -13.30 7.86 1.09
CA ASN A 61 -14.03 8.40 2.22
C ASN A 61 -13.27 9.58 2.84
N PRO A 62 -13.20 10.71 2.13
CA PRO A 62 -12.53 11.91 2.63
C PRO A 62 -13.30 12.57 3.76
N SER A 63 -14.56 12.17 3.92
CA SER A 63 -15.44 12.76 4.91
C SER A 63 -14.93 12.56 6.34
N GLU A 64 -14.41 11.37 6.64
CA GLU A 64 -13.89 11.10 7.97
C GLU A 64 -12.51 10.49 7.88
N ALA A 65 -11.85 10.77 6.77
CA ALA A 65 -10.53 10.24 6.48
C ALA A 65 -9.54 10.67 7.55
N ASP A 66 -9.73 11.87 8.06
CA ASP A 66 -8.84 12.43 9.08
C ASP A 66 -8.80 11.57 10.34
N ARG A 67 -9.97 11.22 10.86
CA ARG A 67 -10.05 10.41 12.07
C ARG A 67 -9.57 8.99 11.87
N LEU A 68 -9.90 8.40 10.73
CA LEU A 68 -9.49 7.03 10.47
C LEU A 68 -7.99 6.96 10.18
N CYS A 69 -7.44 8.05 9.65
CA CYS A 69 -6.01 8.15 9.43
C CYS A 69 -5.27 8.09 10.76
N GLU A 70 -5.86 8.70 11.79
CA GLU A 70 -5.30 8.70 13.14
C GLU A 70 -5.15 7.25 13.61
N GLU A 71 -6.14 6.44 13.27
CA GLU A 71 -6.13 5.01 13.56
C GLU A 71 -4.95 4.35 12.86
N ALA A 72 -4.78 4.68 11.59
CA ALA A 72 -3.73 4.10 10.77
C ALA A 72 -2.32 4.45 11.26
N GLU A 73 -2.10 5.73 11.60
CA GLU A 73 -0.75 6.17 11.99
C GLU A 73 -0.32 5.56 13.30
N SER A 74 -1.26 5.43 14.22
CA SER A 74 -0.97 4.86 15.52
C SER A 74 -0.58 3.39 15.39
N MET A 75 -1.24 2.68 14.50
CA MET A 75 -0.92 1.30 14.24
C MET A 75 0.43 1.17 13.50
N LEU A 76 0.69 2.11 12.61
CA LEU A 76 1.93 2.13 11.84
C LEU A 76 3.16 2.31 12.72
N SER A 77 3.04 3.15 13.74
CA SER A 77 4.17 3.38 14.64
C SER A 77 4.50 2.10 15.40
N LYS A 78 3.48 1.33 15.69
CA LYS A 78 3.61 0.05 16.36
C LYS A 78 4.40 -0.91 15.47
N ALA A 79 4.11 -0.88 14.17
CA ALA A 79 4.80 -1.70 13.19
C ALA A 79 6.28 -1.37 13.16
N GLU A 80 6.59 -0.09 13.19
CA GLU A 80 7.97 0.38 13.17
C GLU A 80 8.68 -0.04 14.47
N SER A 81 7.97 0.09 15.58
CA SER A 81 8.50 -0.23 16.91
C SER A 81 8.88 -1.71 17.01
N LEU A 82 8.05 -2.57 16.42
CA LEU A 82 8.28 -4.02 16.46
C LEU A 82 9.47 -4.43 15.60
N GLY A 83 10.06 -3.48 14.88
CA GLY A 83 11.18 -3.80 14.04
C GLY A 83 10.74 -4.26 12.69
N GLY A 84 9.53 -3.89 12.32
CA GLY A 84 9.00 -4.22 11.05
C GLY A 84 9.68 -3.46 9.95
N ASP A 85 9.41 -3.82 8.72
CA ASP A 85 10.04 -3.20 7.58
C ASP A 85 9.62 -1.73 7.46
N LEU A 86 10.62 -0.85 7.56
CA LEU A 86 10.39 0.59 7.51
C LEU A 86 9.78 0.99 6.18
N SER A 87 10.32 0.42 5.12
CA SER A 87 9.91 0.75 3.76
C SER A 87 8.45 0.36 3.53
N GLU A 88 8.05 -0.82 3.98
CA GLU A 88 6.69 -1.30 3.77
C GLU A 88 5.66 -0.40 4.45
N ILE A 89 5.96 0.05 5.66
CA ILE A 89 5.04 0.94 6.36
C ILE A 89 5.18 2.38 5.89
N ALA A 90 6.35 2.69 5.33
CA ALA A 90 6.58 4.01 4.75
C ALA A 90 5.62 4.22 3.59
N CYS A 91 5.41 3.16 2.83
CA CYS A 91 4.51 3.21 1.70
C CYS A 91 3.09 3.55 2.16
N LEU A 92 2.65 2.91 3.25
CA LEU A 92 1.31 3.16 3.78
C LEU A 92 1.20 4.57 4.31
N ARG A 93 2.26 5.06 4.94
CA ARG A 93 2.30 6.43 5.46
C ARG A 93 2.19 7.43 4.31
N SER A 94 2.82 7.12 3.18
CA SER A 94 2.75 7.98 2.01
C SER A 94 1.30 8.02 1.53
N MET A 95 0.65 6.85 1.56
CA MET A 95 -0.74 6.68 1.18
C MET A 95 -1.65 7.47 2.11
N ALA A 96 -1.31 7.48 3.40
CA ALA A 96 -2.10 8.20 4.38
C ALA A 96 -2.13 9.69 4.05
N ALA A 97 -1.00 10.24 3.62
CA ALA A 97 -0.93 11.64 3.25
C ALA A 97 -1.83 11.92 2.07
N SER A 98 -1.84 11.02 1.09
CA SER A 98 -2.69 11.17 -0.07
C SER A 98 -4.17 11.02 0.28
N ALA A 99 -4.49 10.15 1.24
CA ALA A 99 -5.87 9.99 1.68
C ALA A 99 -6.38 11.28 2.32
N ARG A 100 -5.54 11.89 3.14
CA ARG A 100 -5.85 13.18 3.77
C ARG A 100 -5.87 14.29 2.72
N LEU A 101 -5.04 14.14 1.72
CA LEU A 101 -4.98 15.04 0.58
C LEU A 101 -6.32 15.10 -0.14
N LEU A 102 -6.95 13.94 -0.31
CA LEU A 102 -8.22 13.84 -1.03
C LEU A 102 -9.37 14.53 -0.29
N VAL A 103 -9.15 14.87 0.98
CA VAL A 103 -10.15 15.60 1.74
C VAL A 103 -10.40 16.95 1.05
N ASN A 104 -9.32 17.58 0.66
CA ASN A 104 -9.37 18.82 -0.10
C ASN A 104 -8.30 18.80 -1.18
N PRO A 105 -8.59 18.19 -2.33
CA PRO A 105 -7.62 18.08 -3.42
C PRO A 105 -7.54 19.37 -4.21
N GLN A 106 -7.50 20.47 -3.50
CA GLN A 106 -7.41 21.78 -4.10
C GLN A 106 -6.14 22.47 -3.65
N GLU A 107 -6.03 22.69 -2.35
CA GLU A 107 -4.90 23.39 -1.80
C GLU A 107 -4.13 22.55 -0.78
N ARG A 108 -4.58 21.32 -0.55
CA ARG A 108 -3.88 20.44 0.38
C ARG A 108 -2.68 19.81 -0.31
N TRP A 109 -2.55 20.06 -1.61
CA TRP A 109 -1.44 19.56 -2.42
C TRP A 109 -0.12 20.06 -1.91
N GLN A 110 -0.12 21.30 -1.44
CA GLN A 110 1.07 21.94 -0.90
C GLN A 110 1.62 21.15 0.27
N THR A 111 0.75 20.64 1.11
CA THR A 111 1.17 19.90 2.28
C THR A 111 1.20 18.39 2.02
N TYR A 112 0.03 17.80 1.87
CA TYR A 112 -0.11 16.35 1.78
C TYR A 112 0.46 15.76 0.51
N GLY A 113 0.29 16.44 -0.60
CA GLY A 113 0.84 15.94 -1.85
C GLY A 113 2.33 15.81 -1.77
N ALA A 114 2.96 16.83 -1.22
CA ALA A 114 4.40 16.83 -1.02
C ALA A 114 4.81 15.76 -0.01
N GLU A 115 4.04 15.65 1.06
CA GLU A 115 4.33 14.69 2.13
C GLU A 115 4.26 13.25 1.65
N SER A 116 3.30 12.95 0.80
CA SER A 116 3.17 11.62 0.23
C SER A 116 4.44 11.27 -0.55
N SER A 117 4.91 12.21 -1.37
CA SER A 117 6.13 12.00 -2.14
C SER A 117 7.34 11.85 -1.22
N ARG A 118 7.37 12.68 -0.18
CA ARG A 118 8.47 12.66 0.78
C ARG A 118 8.56 11.35 1.52
N GLN A 119 7.41 10.78 1.88
CA GLN A 119 7.38 9.55 2.60
C GLN A 119 7.86 8.41 1.70
N LEU A 120 7.54 8.52 0.40
CA LEU A 120 7.97 7.53 -0.61
C LEU A 120 9.46 7.49 -0.71
N ALA A 121 10.08 8.63 -0.57
CA ALA A 121 11.53 8.72 -0.60
C ALA A 121 12.10 7.86 0.53
N VAL A 122 11.44 7.88 1.67
CA VAL A 122 11.82 7.03 2.81
C VAL A 122 11.66 5.56 2.43
N ALA A 123 10.57 5.22 1.75
CA ALA A 123 10.35 3.84 1.32
C ALA A 123 11.47 3.39 0.40
N LEU A 124 11.84 4.26 -0.54
CA LEU A 124 12.94 3.96 -1.46
C LEU A 124 14.25 3.87 -0.70
N GLU A 125 14.43 4.75 0.28
CA GLU A 125 15.62 4.75 1.11
C GLU A 125 15.73 3.44 1.88
N ALA A 126 14.64 3.06 2.53
CA ALA A 126 14.62 1.84 3.33
C ALA A 126 14.79 0.58 2.47
N ASN A 127 14.00 0.45 1.40
CA ASN A 127 14.15 -0.71 0.53
C ASN A 127 14.08 -0.32 -0.94
N PRO A 128 15.23 -0.23 -1.60
CA PRO A 128 15.33 0.07 -3.03
C PRO A 128 14.67 -0.98 -3.91
N ALA A 129 14.38 -2.15 -3.35
CA ALA A 129 13.76 -3.22 -4.10
C ALA A 129 12.27 -3.34 -3.77
N ASN A 130 11.74 -2.36 -3.04
CA ASN A 130 10.33 -2.39 -2.64
C ASN A 130 9.44 -2.08 -3.83
N PRO A 131 8.61 -3.04 -4.25
CA PRO A 131 7.73 -2.87 -5.39
C PRO A 131 6.64 -1.82 -5.16
N ARG A 132 6.14 -1.77 -3.95
CA ARG A 132 5.08 -0.85 -3.61
C ARG A 132 5.57 0.59 -3.59
N ALA A 133 6.82 0.78 -3.16
CA ALA A 133 7.41 2.11 -3.14
C ALA A 133 7.49 2.68 -4.55
N TYR A 134 7.92 1.85 -5.50
CA TYR A 134 7.98 2.26 -6.89
C TYR A 134 6.58 2.42 -7.47
N PHE A 135 5.67 1.55 -7.05
CA PHE A 135 4.29 1.60 -7.49
C PHE A 135 3.65 2.93 -7.16
N LEU A 136 3.79 3.33 -5.91
CA LEU A 136 3.25 4.59 -5.47
C LEU A 136 3.92 5.74 -6.20
N GLN A 137 5.22 5.61 -6.42
CA GLN A 137 5.96 6.60 -7.17
C GLN A 137 5.44 6.72 -8.58
N ALA A 138 5.28 5.59 -9.25
CA ALA A 138 4.78 5.56 -10.62
C ALA A 138 3.38 6.11 -10.70
N GLN A 139 2.54 5.72 -9.75
CA GLN A 139 1.18 6.18 -9.69
C GLN A 139 1.13 7.70 -9.46
N SER A 140 1.90 8.16 -8.50
CA SER A 140 1.95 9.58 -8.20
C SER A 140 2.48 10.36 -9.41
N LEU A 141 3.56 9.86 -10.01
CA LEU A 141 4.18 10.51 -11.16
C LEU A 141 3.24 10.57 -12.36
N LEU A 142 2.52 9.48 -12.61
CA LEU A 142 1.58 9.42 -13.72
C LEU A 142 0.43 10.40 -13.54
N TYR A 143 -0.06 10.50 -12.31
CA TYR A 143 -1.21 11.34 -12.03
C TYR A 143 -0.79 12.67 -11.39
N THR A 144 0.46 13.05 -11.59
CA THR A 144 0.97 14.31 -11.04
C THR A 144 0.25 15.50 -11.68
N PRO A 145 -0.33 16.39 -10.85
CA PRO A 145 -1.01 17.59 -11.33
C PRO A 145 -0.02 18.72 -11.66
N ALA A 146 1.02 18.37 -12.44
CA ALA A 146 2.05 19.31 -12.93
C ALA A 146 2.98 19.87 -11.83
N GLN A 147 2.46 20.00 -10.63
CA GLN A 147 3.20 20.62 -9.51
C GLN A 147 4.50 19.88 -9.17
N PHE A 148 4.44 18.56 -9.18
CA PHE A 148 5.57 17.77 -8.75
C PHE A 148 6.51 17.45 -9.90
N GLY A 149 6.22 17.99 -11.08
CA GLY A 149 7.09 17.78 -12.23
C GLY A 149 7.09 16.35 -12.72
N GLY A 150 5.97 15.68 -12.54
CA GLY A 150 5.87 14.31 -12.93
C GLY A 150 5.39 14.14 -14.34
N GLY A 151 4.94 12.97 -14.65
CA GLY A 151 4.48 12.63 -15.97
C GLY A 151 4.63 11.16 -16.21
N LYS A 152 4.01 10.66 -17.27
CA LYS A 152 4.07 9.24 -17.58
C LYS A 152 5.51 8.80 -17.87
N ASP A 153 6.28 9.70 -18.47
CA ASP A 153 7.67 9.43 -18.80
C ASP A 153 8.50 9.19 -17.55
N LYS A 154 8.22 9.96 -16.51
CA LYS A 154 8.89 9.83 -15.24
C LYS A 154 8.48 8.52 -14.56
N ALA A 155 7.22 8.16 -14.71
CA ALA A 155 6.65 6.97 -14.09
C ALA A 155 7.12 5.68 -14.77
N LEU A 156 7.65 5.80 -16.00
CA LEU A 156 8.05 4.63 -16.79
C LEU A 156 9.00 3.66 -16.04
N PRO A 157 10.15 4.13 -15.48
CA PRO A 157 11.08 3.25 -14.77
C PRO A 157 10.49 2.72 -13.47
N PHE A 158 9.63 3.53 -12.84
CA PHE A 158 9.01 3.15 -11.60
C PHE A 158 7.98 2.05 -11.80
N ALA A 159 7.21 2.15 -12.88
CA ALA A 159 6.23 1.14 -13.21
C ALA A 159 6.89 -0.19 -13.52
N GLU A 160 7.97 -0.14 -14.29
CA GLU A 160 8.72 -1.34 -14.65
C GLU A 160 9.38 -1.98 -13.45
N LYS A 161 9.94 -1.15 -12.59
CA LYS A 161 10.65 -1.61 -11.41
C LYS A 161 9.71 -2.35 -10.48
N SER A 162 8.57 -1.74 -10.19
CA SER A 162 7.62 -2.31 -9.27
C SER A 162 7.10 -3.65 -9.76
N VAL A 163 6.78 -3.74 -11.04
CA VAL A 163 6.26 -4.98 -11.60
C VAL A 163 7.29 -6.10 -11.48
N SER A 164 8.55 -5.78 -11.78
CA SER A 164 9.59 -6.77 -11.73
C SER A 164 9.77 -7.23 -10.30
N CYS A 165 9.69 -6.26 -9.40
CA CYS A 165 9.84 -6.49 -8.00
C CYS A 165 8.74 -7.40 -7.45
N TYR A 166 7.49 -7.23 -7.91
CA TYR A 166 6.40 -8.11 -7.45
C TYR A 166 6.65 -9.53 -7.90
N ALA A 167 7.11 -9.67 -9.14
CA ALA A 167 7.41 -10.98 -9.68
C ALA A 167 8.54 -11.63 -8.90
N ALA A 168 9.56 -10.84 -8.60
CA ALA A 168 10.72 -11.30 -7.84
C ALA A 168 10.31 -11.75 -6.44
N ALA A 169 9.43 -10.97 -5.81
CA ALA A 169 8.94 -11.30 -4.47
C ALA A 169 8.21 -12.62 -4.46
N THR A 170 7.40 -12.82 -5.49
CA THR A 170 6.62 -14.05 -5.69
C THR A 170 5.59 -14.28 -4.55
N VAL A 171 5.49 -13.31 -3.65
CA VAL A 171 4.55 -13.34 -2.53
C VAL A 171 4.84 -14.48 -1.53
N SER A 172 5.44 -14.13 -0.42
CA SER A 172 5.75 -15.07 0.65
C SER A 172 5.60 -14.37 1.99
N PRO A 173 5.30 -15.10 3.09
CA PRO A 173 5.08 -16.56 3.08
C PRO A 173 3.76 -16.99 2.42
N ALA A 174 2.69 -16.26 2.71
CA ALA A 174 1.37 -16.58 2.17
C ALA A 174 0.44 -15.41 2.36
N TYR A 175 0.39 -14.91 3.58
CA TYR A 175 -0.46 -13.77 3.91
C TYR A 175 0.23 -12.46 3.60
N ALA A 176 1.30 -12.53 2.81
CA ALA A 176 2.02 -11.34 2.39
C ALA A 176 1.11 -10.51 1.50
N PRO A 177 1.28 -9.18 1.46
CA PRO A 177 0.40 -8.29 0.70
C PRO A 177 0.29 -8.69 -0.77
N HIS A 178 -0.93 -8.88 -1.24
CA HIS A 178 -1.18 -9.25 -2.62
C HIS A 178 -1.61 -8.03 -3.40
N TRP A 179 -1.66 -6.90 -2.72
CA TRP A 179 -2.11 -5.68 -3.34
C TRP A 179 -0.94 -4.94 -3.96
N GLY A 180 -1.25 -4.19 -4.98
CA GLY A 180 -0.25 -3.39 -5.63
C GLY A 180 0.27 -4.03 -6.89
N GLU A 181 0.36 -5.36 -6.90
CA GLU A 181 0.85 -6.07 -8.08
C GLU A 181 -0.07 -5.87 -9.27
N GLN A 182 -1.35 -6.05 -9.02
CA GLN A 182 -2.37 -5.97 -10.05
C GLN A 182 -2.41 -4.57 -10.62
N GLN A 183 -2.36 -3.61 -9.73
CA GLN A 183 -2.41 -2.22 -10.07
C GLN A 183 -1.13 -1.78 -10.77
N ALA A 184 0.01 -2.26 -10.31
CA ALA A 184 1.30 -1.91 -10.90
C ALA A 184 1.42 -2.43 -12.32
N ARG A 185 0.97 -3.66 -12.54
CA ARG A 185 1.06 -4.26 -13.87
C ARG A 185 0.25 -3.48 -14.88
N GLN A 186 -0.96 -3.08 -14.49
CA GLN A 186 -1.79 -2.30 -15.39
C GLN A 186 -1.26 -0.88 -15.50
N LEU A 187 -0.61 -0.42 -14.43
CA LEU A 187 -0.05 0.93 -14.39
C LEU A 187 1.02 1.08 -15.46
N LEU A 188 1.88 0.06 -15.59
CA LEU A 188 2.91 0.06 -16.61
C LEU A 188 2.25 0.01 -17.99
N MET A 189 1.23 -0.83 -18.10
CA MET A 189 0.51 -1.00 -19.36
C MET A 189 -0.11 0.31 -19.77
N LEU A 190 -0.60 1.00 -18.80
CA LEU A 190 -1.16 2.30 -19.04
C LEU A 190 -0.05 3.30 -19.45
N CYS A 191 1.10 3.21 -18.79
CA CYS A 191 2.21 4.10 -19.08
C CYS A 191 2.85 3.83 -20.43
N LYS A 192 3.03 2.55 -20.78
CA LYS A 192 3.69 2.20 -22.03
C LYS A 192 2.82 1.34 -22.92
N ALA A 193 2.11 0.42 -22.31
CA ALA A 193 1.40 -0.64 -23.02
C ALA A 193 2.38 -1.52 -23.80
N GLU A 194 2.85 -0.99 -24.94
CA GLU A 194 3.84 -1.66 -25.79
C GLU A 194 3.53 -3.11 -26.04
N THR A 195 2.61 -3.32 -26.93
CA THR A 195 2.17 -4.64 -27.28
C THR A 195 3.32 -5.46 -27.91
N GLN A 196 3.27 -6.75 -27.68
CA GLN A 196 4.24 -7.66 -28.23
C GLN A 196 3.49 -8.78 -28.90
N GLU A 197 3.94 -9.20 -30.05
CA GLU A 197 3.28 -10.28 -30.72
C GLU A 197 3.85 -11.61 -30.24
N LEU A 198 3.14 -12.23 -29.33
CA LEU A 198 3.58 -13.48 -28.74
C LEU A 198 3.44 -14.62 -29.73
N VAL A 199 4.45 -15.45 -29.80
CA VAL A 199 4.46 -16.60 -30.66
C VAL A 199 3.39 -17.60 -30.18
N PRO A 200 2.75 -18.37 -31.10
CA PRO A 200 1.74 -19.37 -30.72
C PRO A 200 2.26 -20.33 -29.64
N ARG A 201 1.43 -20.55 -28.63
CA ARG A 201 1.79 -21.40 -27.51
C ARG A 201 1.85 -22.87 -27.93
N MET A 1 -2.98 -25.71 8.88
CA MET A 1 -4.06 -24.89 8.30
C MET A 1 -5.18 -24.67 9.30
N GLY A 2 -5.02 -25.16 10.53
CA GLY A 2 -6.07 -25.01 11.51
C GLY A 2 -5.91 -25.95 12.67
N GLN A 3 -7.04 -26.30 13.30
CA GLN A 3 -7.07 -27.19 14.47
C GLN A 3 -6.30 -26.58 15.64
N GLY A 4 -6.35 -25.27 15.74
CA GLY A 4 -5.67 -24.57 16.80
C GLY A 4 -5.53 -23.11 16.51
N THR A 5 -4.90 -22.38 17.40
CA THR A 5 -4.71 -20.97 17.20
C THR A 5 -3.22 -20.65 17.03
N ALA A 6 -2.90 -20.00 15.94
CA ALA A 6 -1.54 -19.59 15.64
C ALA A 6 -1.57 -18.32 14.83
N TYR A 7 -0.63 -17.45 15.08
CA TYR A 7 -0.60 -16.15 14.41
C TYR A 7 -0.51 -16.29 12.90
N ALA A 8 0.42 -17.10 12.45
CA ALA A 8 0.61 -17.33 11.03
C ALA A 8 -0.62 -17.98 10.41
N GLU A 9 -1.17 -18.95 11.12
CA GLU A 9 -2.33 -19.70 10.65
C GLU A 9 -3.56 -18.80 10.52
N VAL A 10 -3.77 -17.96 11.53
CA VAL A 10 -4.89 -17.04 11.54
C VAL A 10 -4.77 -16.04 10.41
N MET A 11 -3.60 -15.44 10.29
CA MET A 11 -3.34 -14.44 9.29
C MET A 11 -3.43 -15.00 7.88
N ASN A 12 -2.92 -16.20 7.70
CA ASN A 12 -2.87 -16.83 6.38
C ASN A 12 -4.27 -16.92 5.77
N ARG A 13 -5.23 -17.40 6.54
CA ARG A 13 -6.58 -17.55 6.07
C ARG A 13 -7.27 -16.18 5.90
N LYS A 14 -7.07 -15.30 6.87
CA LYS A 14 -7.69 -13.97 6.86
C LYS A 14 -7.19 -13.08 5.72
N VAL A 15 -5.90 -13.15 5.45
CA VAL A 15 -5.32 -12.42 4.32
C VAL A 15 -5.92 -12.93 3.00
N ALA A 16 -6.11 -14.24 2.90
CA ALA A 16 -6.72 -14.82 1.72
C ALA A 16 -8.14 -14.26 1.51
N ALA A 17 -8.87 -14.08 2.61
CA ALA A 17 -10.21 -13.49 2.56
C ALA A 17 -10.13 -12.05 2.11
N LEU A 18 -9.07 -11.39 2.50
CA LEU A 18 -8.85 -9.98 2.24
C LEU A 18 -8.93 -9.67 0.74
N ASP A 19 -8.37 -10.55 -0.09
CA ASP A 19 -8.43 -10.37 -1.55
C ASP A 19 -9.87 -10.41 -2.04
N SER A 20 -10.60 -11.39 -1.55
CA SER A 20 -11.97 -11.65 -1.96
C SER A 20 -12.95 -10.58 -1.47
N VAL A 21 -12.82 -10.21 -0.21
CA VAL A 21 -13.74 -9.30 0.43
C VAL A 21 -13.64 -7.86 -0.14
N PRO A 22 -14.78 -7.17 -0.31
CA PRO A 22 -14.83 -5.77 -0.76
C PRO A 22 -14.09 -4.83 0.19
N PRO A 23 -13.48 -3.76 -0.34
CA PRO A 23 -12.71 -2.78 0.46
C PRO A 23 -13.56 -2.08 1.51
N THR A 24 -14.87 -2.07 1.31
CA THR A 24 -15.79 -1.44 2.23
C THR A 24 -15.91 -2.23 3.54
N GLU A 25 -15.64 -3.53 3.47
CA GLU A 25 -15.74 -4.39 4.64
C GLU A 25 -14.39 -4.54 5.34
N TYR A 26 -13.42 -3.74 4.89
CA TYR A 26 -12.09 -3.75 5.48
C TYR A 26 -12.12 -3.27 6.93
N ALA A 27 -13.16 -2.51 7.27
CA ALA A 27 -13.32 -2.00 8.62
C ALA A 27 -13.42 -3.13 9.57
N THR A 28 -14.19 -4.09 9.13
CA THR A 28 -14.47 -5.26 9.85
C THR A 28 -13.19 -6.06 10.09
N LEU A 29 -12.40 -6.23 9.05
CA LEU A 29 -11.15 -6.95 9.16
C LEU A 29 -10.13 -6.18 9.97
N ALA A 30 -10.10 -4.85 9.82
CA ALA A 30 -9.15 -4.02 10.55
C ALA A 30 -9.35 -4.16 12.04
N ALA A 31 -10.60 -4.15 12.46
CA ALA A 31 -10.94 -4.33 13.85
C ALA A 31 -10.51 -5.72 14.30
N ASP A 32 -10.74 -6.69 13.44
CA ASP A 32 -10.40 -8.07 13.74
C ASP A 32 -8.89 -8.29 13.86
N PHE A 33 -8.13 -7.69 12.93
CA PHE A 33 -6.67 -7.79 12.96
C PHE A 33 -6.11 -7.12 14.20
N SER A 34 -6.70 -5.98 14.58
CA SER A 34 -6.25 -5.27 15.77
C SER A 34 -6.48 -6.10 17.02
N ARG A 35 -7.47 -7.00 16.95
CA ARG A 35 -7.75 -7.92 18.06
C ARG A 35 -6.55 -8.81 18.28
N ILE A 36 -5.96 -9.25 17.18
CA ILE A 36 -4.82 -10.16 17.20
C ILE A 36 -3.64 -9.47 17.87
N ALA A 37 -3.40 -8.22 17.47
CA ALA A 37 -2.29 -7.42 18.00
C ALA A 37 -2.50 -7.11 19.48
N ALA A 38 -3.75 -7.14 19.94
CA ALA A 38 -4.06 -6.86 21.32
C ALA A 38 -4.04 -8.13 22.18
N VAL A 39 -4.73 -9.17 21.73
CA VAL A 39 -4.84 -10.44 22.47
C VAL A 39 -3.52 -11.15 22.57
N GLU A 40 -2.86 -11.20 21.48
CA GLU A 40 -1.60 -11.91 21.35
C GLU A 40 -0.48 -10.92 21.18
N GLY A 41 0.74 -11.36 21.49
CA GLY A 41 1.88 -10.52 21.29
C GLY A 41 2.00 -10.13 19.84
N SER A 42 1.66 -11.10 18.97
CA SER A 42 1.66 -10.94 17.53
C SER A 42 2.95 -10.29 17.00
N ASP A 43 2.89 -9.87 15.74
CA ASP A 43 4.00 -9.19 15.12
C ASP A 43 3.56 -7.84 14.60
N TRP A 44 4.53 -7.06 14.18
CA TRP A 44 4.30 -5.72 13.63
C TRP A 44 3.38 -5.80 12.42
N MET A 45 3.38 -6.94 11.78
CA MET A 45 2.62 -7.17 10.58
C MET A 45 1.13 -7.08 10.86
N ALA A 46 0.71 -7.51 12.05
CA ALA A 46 -0.70 -7.41 12.43
C ALA A 46 -1.13 -5.95 12.43
N ALA A 47 -0.25 -5.11 12.95
CA ALA A 47 -0.46 -3.68 12.95
C ALA A 47 -0.50 -3.14 11.53
N TYR A 48 0.39 -3.68 10.70
CA TYR A 48 0.50 -3.30 9.29
C TYR A 48 -0.84 -3.50 8.58
N TYR A 49 -1.42 -4.69 8.74
CA TYR A 49 -2.68 -5.00 8.07
C TYR A 49 -3.85 -4.22 8.66
N THR A 50 -3.81 -3.94 9.95
CA THR A 50 -4.87 -3.17 10.59
C THR A 50 -4.94 -1.77 9.97
N ALA A 51 -3.78 -1.13 9.83
CA ALA A 51 -3.69 0.20 9.24
C ALA A 51 -4.11 0.17 7.77
N TYR A 52 -3.67 -0.87 7.07
CA TYR A 52 -3.99 -1.06 5.65
C TYR A 52 -5.47 -1.07 5.40
N CYS A 53 -6.17 -1.82 6.21
CA CYS A 53 -7.59 -1.98 6.07
C CYS A 53 -8.32 -0.64 6.20
N ARG A 54 -7.87 0.20 7.12
CA ARG A 54 -8.49 1.52 7.31
C ARG A 54 -8.22 2.45 6.13
N ILE A 55 -7.00 2.38 5.62
CA ILE A 55 -6.53 3.25 4.55
C ILE A 55 -7.27 3.05 3.21
N ILE A 56 -7.51 1.82 2.84
CA ILE A 56 -8.12 1.50 1.54
C ILE A 56 -9.50 2.19 1.31
N PRO A 57 -10.47 2.05 2.23
CA PRO A 57 -11.79 2.72 2.09
C PRO A 57 -11.69 4.23 2.19
N ALA A 58 -10.58 4.73 2.74
CA ALA A 58 -10.35 6.16 2.90
C ALA A 58 -10.37 6.87 1.56
N PHE A 59 -9.80 6.21 0.55
CA PHE A 59 -9.75 6.77 -0.80
C PHE A 59 -11.15 7.05 -1.33
N GLY A 60 -12.08 6.17 -1.01
CA GLY A 60 -13.45 6.34 -1.45
C GLY A 60 -14.35 6.94 -0.38
N ASN A 61 -13.76 7.38 0.72
CA ASN A 61 -14.52 7.93 1.82
C ASN A 61 -13.88 9.22 2.32
N PRO A 62 -14.03 10.31 1.57
CA PRO A 62 -13.46 11.60 1.94
C PRO A 62 -14.19 12.23 3.13
N SER A 63 -15.35 11.68 3.45
CA SER A 63 -16.18 12.18 4.53
C SER A 63 -15.47 12.12 5.89
N GLU A 64 -14.75 11.03 6.15
CA GLU A 64 -14.03 10.90 7.41
C GLU A 64 -12.72 10.18 7.22
N ALA A 65 -12.13 10.36 6.05
CA ALA A 65 -10.87 9.71 5.72
C ALA A 65 -9.80 10.13 6.71
N ASP A 66 -9.83 11.39 7.07
CA ASP A 66 -8.86 11.95 8.00
C ASP A 66 -8.95 11.26 9.36
N ARG A 67 -10.18 11.05 9.84
CA ARG A 67 -10.41 10.45 11.16
C ARG A 67 -9.88 9.03 11.23
N LEU A 68 -10.13 8.26 10.19
CA LEU A 68 -9.71 6.87 10.17
C LEU A 68 -8.22 6.75 9.85
N CYS A 69 -7.70 7.71 9.10
CA CYS A 69 -6.26 7.75 8.82
C CYS A 69 -5.49 7.99 10.10
N GLU A 70 -6.04 8.81 10.99
CA GLU A 70 -5.42 9.07 12.28
C GLU A 70 -5.32 7.78 13.07
N GLU A 71 -6.36 6.97 12.98
CA GLU A 71 -6.37 5.66 13.61
C GLU A 71 -5.32 4.76 12.98
N ALA A 72 -5.20 4.83 11.67
CA ALA A 72 -4.24 4.04 10.92
C ALA A 72 -2.79 4.44 11.22
N GLU A 73 -2.53 5.75 11.34
CA GLU A 73 -1.17 6.24 11.52
C GLU A 73 -0.60 5.85 12.88
N SER A 74 -1.47 5.78 13.88
CA SER A 74 -1.03 5.39 15.20
C SER A 74 -0.62 3.93 15.19
N MET A 75 -1.39 3.11 14.47
CA MET A 75 -1.08 1.72 14.31
C MET A 75 0.20 1.52 13.50
N LEU A 76 0.35 2.33 12.47
CA LEU A 76 1.56 2.32 11.64
C LEU A 76 2.77 2.68 12.48
N SER A 77 2.58 3.59 13.41
CA SER A 77 3.64 4.02 14.30
C SER A 77 4.10 2.84 15.16
N LYS A 78 3.13 2.01 15.55
CA LYS A 78 3.41 0.82 16.36
C LYS A 78 4.28 -0.14 15.59
N ALA A 79 3.97 -0.31 14.30
CA ALA A 79 4.75 -1.17 13.42
C ALA A 79 6.17 -0.67 13.31
N GLU A 80 6.31 0.64 13.20
CA GLU A 80 7.60 1.30 13.12
C GLU A 80 8.36 1.13 14.44
N SER A 81 7.63 1.26 15.53
CA SER A 81 8.19 1.12 16.87
C SER A 81 8.77 -0.28 17.09
N LEU A 82 8.08 -1.29 16.56
CA LEU A 82 8.52 -2.68 16.70
C LEU A 82 9.75 -2.97 15.85
N GLY A 83 10.15 -2.03 15.02
CA GLY A 83 11.31 -2.24 14.19
C GLY A 83 10.95 -2.92 12.92
N GLY A 84 9.68 -2.85 12.55
CA GLY A 84 9.23 -3.45 11.34
C GLY A 84 9.74 -2.69 10.14
N ASP A 85 9.63 -3.31 8.99
CA ASP A 85 10.13 -2.72 7.76
C ASP A 85 9.46 -1.40 7.45
N LEU A 86 10.27 -0.39 7.25
CA LEU A 86 9.79 0.95 6.94
C LEU A 86 9.06 0.96 5.62
N SER A 87 9.59 0.22 4.66
CA SER A 87 9.04 0.20 3.32
C SER A 87 7.61 -0.31 3.29
N GLU A 88 7.34 -1.33 4.08
CA GLU A 88 6.03 -1.91 4.10
C GLU A 88 5.01 -0.90 4.60
N ILE A 89 5.35 -0.17 5.64
CA ILE A 89 4.41 0.78 6.22
C ILE A 89 4.51 2.17 5.57
N ALA A 90 5.65 2.48 4.96
CA ALA A 90 5.84 3.76 4.29
C ALA A 90 4.87 3.92 3.14
N CYS A 91 4.66 2.84 2.38
CA CYS A 91 3.74 2.91 1.26
C CYS A 91 2.33 3.19 1.75
N LEU A 92 1.94 2.55 2.86
CA LEU A 92 0.63 2.77 3.45
C LEU A 92 0.49 4.21 3.95
N ARG A 93 1.55 4.73 4.56
CA ARG A 93 1.54 6.10 5.04
C ARG A 93 1.41 7.08 3.87
N SER A 94 2.07 6.76 2.76
CA SER A 94 1.95 7.53 1.54
C SER A 94 0.50 7.50 1.06
N MET A 95 -0.08 6.30 1.08
CA MET A 95 -1.45 6.09 0.68
C MET A 95 -2.41 6.86 1.58
N ALA A 96 -2.14 6.85 2.88
CA ALA A 96 -2.97 7.55 3.86
C ALA A 96 -2.99 9.04 3.57
N ALA A 97 -1.82 9.62 3.30
CA ALA A 97 -1.72 11.03 2.98
C ALA A 97 -2.48 11.31 1.68
N SER A 98 -2.33 10.41 0.72
CA SER A 98 -2.98 10.54 -0.57
C SER A 98 -4.52 10.46 -0.44
N ALA A 99 -4.99 9.54 0.41
CA ALA A 99 -6.42 9.38 0.64
C ALA A 99 -7.01 10.65 1.26
N ARG A 100 -6.29 11.20 2.22
CA ARG A 100 -6.69 12.44 2.88
C ARG A 100 -6.64 13.59 1.89
N LEU A 101 -5.65 13.53 1.02
CA LEU A 101 -5.46 14.51 -0.03
C LEU A 101 -6.69 14.56 -0.93
N LEU A 102 -7.29 13.39 -1.17
CA LEU A 102 -8.47 13.28 -2.03
C LEU A 102 -9.68 14.02 -1.45
N VAL A 103 -9.66 14.28 -0.15
CA VAL A 103 -10.76 15.02 0.49
C VAL A 103 -10.87 16.40 -0.14
N ASN A 104 -9.72 17.05 -0.29
CA ASN A 104 -9.66 18.34 -0.96
C ASN A 104 -8.50 18.32 -1.95
N PRO A 105 -8.73 17.79 -3.16
CA PRO A 105 -7.69 17.63 -4.18
C PRO A 105 -7.34 18.96 -4.87
N GLN A 106 -7.41 20.02 -4.11
CA GLN A 106 -7.03 21.33 -4.59
C GLN A 106 -6.04 21.98 -3.65
N GLU A 107 -6.19 21.69 -2.36
CA GLU A 107 -5.36 22.31 -1.34
C GLU A 107 -4.46 21.31 -0.61
N ARG A 108 -4.85 20.04 -0.60
CA ARG A 108 -4.11 19.05 0.18
C ARG A 108 -2.76 18.73 -0.43
N TRP A 109 -2.54 19.17 -1.66
CA TRP A 109 -1.28 18.93 -2.36
C TRP A 109 -0.11 19.55 -1.59
N GLN A 110 -0.34 20.73 -1.03
CA GLN A 110 0.67 21.49 -0.33
C GLN A 110 1.20 20.76 0.91
N THR A 111 0.30 20.13 1.65
CA THR A 111 0.67 19.44 2.88
C THR A 111 0.77 17.92 2.67
N TYR A 112 -0.36 17.30 2.35
CA TYR A 112 -0.45 15.86 2.22
C TYR A 112 0.32 15.33 1.03
N GLY A 113 0.32 16.09 -0.06
CA GLY A 113 1.06 15.67 -1.25
C GLY A 113 2.54 15.53 -0.95
N ALA A 114 3.06 16.49 -0.20
CA ALA A 114 4.45 16.46 0.21
C ALA A 114 4.73 15.27 1.12
N GLU A 115 3.81 15.03 2.07
CA GLU A 115 3.96 13.92 3.02
C GLU A 115 3.94 12.57 2.32
N SER A 116 3.03 12.43 1.36
CA SER A 116 2.94 11.20 0.58
C SER A 116 4.25 10.98 -0.17
N SER A 117 4.78 12.03 -0.76
CA SER A 117 6.02 11.97 -1.51
C SER A 117 7.18 11.57 -0.58
N ARG A 118 7.16 12.11 0.63
CA ARG A 118 8.18 11.81 1.64
C ARG A 118 8.17 10.33 1.98
N GLN A 119 6.98 9.76 2.11
CA GLN A 119 6.83 8.36 2.43
C GLN A 119 7.37 7.47 1.33
N LEU A 120 7.15 7.88 0.09
CA LEU A 120 7.69 7.15 -1.04
C LEU A 120 9.20 7.16 -1.01
N ALA A 121 9.74 8.30 -0.63
CA ALA A 121 11.17 8.43 -0.46
C ALA A 121 11.66 7.47 0.62
N VAL A 122 10.86 7.36 1.69
CA VAL A 122 11.15 6.43 2.78
C VAL A 122 11.08 4.98 2.29
N ALA A 123 10.04 4.66 1.49
CA ALA A 123 9.86 3.32 0.97
C ALA A 123 11.04 2.91 0.09
N LEU A 124 11.48 3.82 -0.77
CA LEU A 124 12.63 3.58 -1.62
C LEU A 124 13.90 3.47 -0.79
N GLU A 125 14.02 4.30 0.22
CA GLU A 125 15.19 4.32 1.07
C GLU A 125 15.31 3.04 1.89
N ALA A 126 14.20 2.62 2.52
CA ALA A 126 14.21 1.41 3.33
C ALA A 126 14.41 0.17 2.46
N ASN A 127 13.75 0.13 1.30
CA ASN A 127 13.94 -0.96 0.35
C ASN A 127 14.01 -0.40 -1.07
N PRO A 128 15.21 -0.34 -1.64
CA PRO A 128 15.44 0.19 -3.00
C PRO A 128 14.61 -0.55 -4.06
N ALA A 129 14.37 -1.83 -3.83
CA ALA A 129 13.66 -2.67 -4.78
C ALA A 129 12.18 -2.84 -4.40
N ASN A 130 11.67 -1.94 -3.56
CA ASN A 130 10.27 -1.99 -3.11
C ASN A 130 9.31 -1.84 -4.31
N PRO A 131 8.47 -2.87 -4.57
CA PRO A 131 7.53 -2.86 -5.69
C PRO A 131 6.46 -1.78 -5.54
N ARG A 132 5.96 -1.62 -4.33
CA ARG A 132 4.93 -0.64 -4.04
C ARG A 132 5.46 0.77 -4.14
N ALA A 133 6.71 0.98 -3.74
CA ALA A 133 7.31 2.29 -3.82
C ALA A 133 7.36 2.76 -5.27
N TYR A 134 7.75 1.86 -6.16
CA TYR A 134 7.78 2.18 -7.58
C TYR A 134 6.37 2.37 -8.12
N PHE A 135 5.45 1.54 -7.65
CA PHE A 135 4.05 1.61 -8.06
C PHE A 135 3.45 2.96 -7.73
N LEU A 136 3.61 3.37 -6.49
CA LEU A 136 3.08 4.63 -6.04
C LEU A 136 3.75 5.79 -6.76
N GLN A 137 5.06 5.68 -6.99
CA GLN A 137 5.77 6.70 -7.75
C GLN A 137 5.21 6.80 -9.15
N ALA A 138 4.99 5.65 -9.78
CA ALA A 138 4.44 5.61 -11.12
C ALA A 138 3.05 6.22 -11.14
N GLN A 139 2.24 5.87 -10.15
CA GLN A 139 0.89 6.40 -10.04
C GLN A 139 0.94 7.92 -9.85
N SER A 140 1.78 8.38 -8.94
CA SER A 140 1.92 9.78 -8.67
C SER A 140 2.42 10.52 -9.92
N LEU A 141 3.43 9.95 -10.57
CA LEU A 141 4.04 10.55 -11.77
C LEU A 141 3.05 10.63 -12.93
N LEU A 142 2.27 9.57 -13.11
CA LEU A 142 1.28 9.54 -14.18
C LEU A 142 0.16 10.56 -13.98
N TYR A 143 -0.28 10.70 -12.75
CA TYR A 143 -1.41 11.57 -12.45
C TYR A 143 -0.93 12.90 -11.83
N THR A 144 0.31 13.27 -12.11
CA THR A 144 0.89 14.50 -11.57
C THR A 144 0.14 15.75 -12.08
N PRO A 145 -0.34 16.59 -11.15
CA PRO A 145 -1.00 17.86 -11.48
C PRO A 145 0.02 18.99 -11.57
N ALA A 146 1.04 18.80 -12.42
CA ALA A 146 2.16 19.74 -12.57
C ALA A 146 2.96 19.82 -11.28
N GLN A 147 3.91 20.76 -11.21
CA GLN A 147 4.73 21.01 -10.01
C GLN A 147 5.80 19.93 -9.78
N PHE A 148 5.38 18.67 -9.82
CA PHE A 148 6.26 17.56 -9.49
C PHE A 148 7.06 17.07 -10.70
N GLY A 149 6.69 17.55 -11.89
CA GLY A 149 7.41 17.14 -13.08
C GLY A 149 7.15 15.69 -13.46
N GLY A 150 5.90 15.31 -13.48
CA GLY A 150 5.54 13.96 -13.79
C GLY A 150 5.35 13.73 -15.27
N GLY A 151 4.61 12.71 -15.61
CA GLY A 151 4.37 12.34 -16.98
C GLY A 151 4.38 10.84 -17.16
N LYS A 152 3.80 10.35 -18.25
CA LYS A 152 3.73 8.91 -18.51
C LYS A 152 5.13 8.30 -18.62
N ASP A 153 6.03 9.03 -19.24
CA ASP A 153 7.40 8.59 -19.40
C ASP A 153 8.11 8.44 -18.07
N LYS A 154 7.83 9.35 -17.15
CA LYS A 154 8.40 9.26 -15.81
C LYS A 154 7.84 8.04 -15.08
N ALA A 155 6.54 7.83 -15.22
CA ALA A 155 5.84 6.71 -14.59
C ALA A 155 6.27 5.35 -15.14
N LEU A 156 6.49 5.33 -16.46
CA LEU A 156 6.78 4.10 -17.21
C LEU A 156 7.88 3.20 -16.56
N PRO A 157 9.10 3.73 -16.27
CA PRO A 157 10.16 2.90 -15.66
C PRO A 157 9.79 2.43 -14.27
N PHE A 158 9.07 3.28 -13.54
CA PHE A 158 8.62 2.92 -12.20
C PHE A 158 7.60 1.80 -12.25
N ALA A 159 6.70 1.88 -13.22
CA ALA A 159 5.70 0.86 -13.40
C ALA A 159 6.34 -0.48 -13.75
N GLU A 160 7.36 -0.47 -14.64
CA GLU A 160 8.06 -1.71 -15.00
C GLU A 160 8.78 -2.29 -13.80
N LYS A 161 9.38 -1.42 -13.00
CA LYS A 161 10.07 -1.83 -11.79
C LYS A 161 9.12 -2.48 -10.82
N SER A 162 7.98 -1.87 -10.63
CA SER A 162 6.98 -2.36 -9.71
C SER A 162 6.54 -3.77 -10.10
N VAL A 163 6.22 -3.94 -11.39
CA VAL A 163 5.76 -5.21 -11.89
C VAL A 163 6.84 -6.29 -11.75
N SER A 164 8.08 -5.94 -12.07
CA SER A 164 9.18 -6.89 -12.03
C SER A 164 9.39 -7.35 -10.61
N CYS A 165 9.29 -6.41 -9.71
CA CYS A 165 9.46 -6.65 -8.32
C CYS A 165 8.39 -7.61 -7.78
N TYR A 166 7.13 -7.47 -8.22
CA TYR A 166 6.07 -8.37 -7.75
C TYR A 166 6.33 -9.79 -8.23
N ALA A 167 6.75 -9.91 -9.49
CA ALA A 167 7.05 -11.21 -10.05
C ALA A 167 8.21 -11.86 -9.31
N ALA A 168 9.23 -11.07 -9.06
CA ALA A 168 10.42 -11.52 -8.35
C ALA A 168 10.09 -11.91 -6.90
N ALA A 169 9.22 -11.13 -6.26
CA ALA A 169 8.86 -11.36 -4.86
C ALA A 169 8.16 -12.69 -4.66
N THR A 170 7.29 -13.02 -5.58
CA THR A 170 6.50 -14.26 -5.52
C THR A 170 5.52 -14.25 -4.30
N VAL A 171 5.49 -13.11 -3.61
CA VAL A 171 4.65 -12.92 -2.41
C VAL A 171 4.92 -13.98 -1.34
N SER A 172 5.85 -13.69 -0.45
CA SER A 172 6.22 -14.60 0.60
C SER A 172 6.18 -13.90 1.96
N PRO A 173 6.05 -14.66 3.08
CA PRO A 173 5.96 -16.14 3.05
C PRO A 173 4.67 -16.66 2.40
N ALA A 174 3.55 -16.06 2.73
CA ALA A 174 2.26 -16.45 2.16
C ALA A 174 1.21 -15.42 2.47
N TYR A 175 1.17 -14.96 3.71
CA TYR A 175 0.19 -13.95 4.11
C TYR A 175 0.67 -12.54 3.76
N ALA A 176 1.73 -12.46 2.95
CA ALA A 176 2.25 -11.18 2.51
C ALA A 176 1.22 -10.49 1.61
N PRO A 177 1.25 -9.16 1.52
CA PRO A 177 0.26 -8.40 0.74
C PRO A 177 0.22 -8.82 -0.73
N HIS A 178 -0.98 -9.11 -1.21
CA HIS A 178 -1.18 -9.53 -2.59
C HIS A 178 -1.73 -8.38 -3.41
N TRP A 179 -1.82 -7.21 -2.79
CA TRP A 179 -2.39 -6.05 -3.46
C TRP A 179 -1.33 -5.22 -4.14
N GLY A 180 -1.74 -4.55 -5.21
CA GLY A 180 -0.85 -3.69 -5.94
C GLY A 180 -0.21 -4.37 -7.12
N GLU A 181 -0.19 -5.70 -7.08
CA GLU A 181 0.41 -6.50 -8.14
C GLU A 181 -0.35 -6.33 -9.46
N GLN A 182 -1.67 -6.47 -9.40
CA GLN A 182 -2.48 -6.33 -10.60
C GLN A 182 -2.52 -4.89 -11.07
N GLN A 183 -2.61 -3.99 -10.10
CA GLN A 183 -2.70 -2.57 -10.36
C GLN A 183 -1.43 -2.07 -11.05
N ALA A 184 -0.29 -2.57 -10.61
CA ALA A 184 0.99 -2.18 -11.20
C ALA A 184 1.06 -2.57 -12.66
N ARG A 185 0.59 -3.78 -12.97
CA ARG A 185 0.61 -4.26 -14.34
C ARG A 185 -0.27 -3.41 -15.26
N GLN A 186 -1.44 -3.03 -14.79
CA GLN A 186 -2.32 -2.20 -15.60
C GLN A 186 -1.78 -0.78 -15.71
N LEU A 187 -1.12 -0.34 -14.64
CA LEU A 187 -0.53 0.98 -14.60
C LEU A 187 0.54 1.08 -15.67
N LEU A 188 1.33 0.02 -15.79
CA LEU A 188 2.38 -0.03 -16.78
C LEU A 188 1.86 0.08 -18.20
N MET A 189 0.81 -0.67 -18.52
CA MET A 189 0.25 -0.61 -19.89
C MET A 189 -0.39 0.73 -20.14
N LEU A 190 -0.83 1.40 -19.08
CA LEU A 190 -1.35 2.73 -19.22
C LEU A 190 -0.24 3.69 -19.63
N CYS A 191 0.95 3.49 -19.06
CA CYS A 191 2.08 4.34 -19.35
C CYS A 191 2.75 3.96 -20.68
N LYS A 192 3.07 2.67 -20.84
CA LYS A 192 3.71 2.17 -22.06
C LYS A 192 2.78 2.32 -23.23
N ALA A 193 1.56 1.87 -22.99
CA ALA A 193 0.48 1.85 -23.96
C ALA A 193 0.84 1.04 -25.20
N GLU A 194 -0.13 0.92 -26.11
CA GLU A 194 0.02 0.20 -27.36
C GLU A 194 0.21 -1.30 -27.16
N THR A 195 -0.42 -2.07 -28.01
CA THR A 195 -0.24 -3.49 -27.98
C THR A 195 1.02 -3.82 -28.76
N GLN A 196 2.08 -4.09 -28.04
CA GLN A 196 3.37 -4.34 -28.64
C GLN A 196 4.12 -5.41 -27.86
N GLU A 197 4.89 -6.20 -28.57
CA GLU A 197 5.58 -7.32 -27.97
C GLU A 197 7.08 -7.28 -28.27
N LEU A 198 7.88 -7.55 -27.25
CA LEU A 198 9.32 -7.60 -27.43
C LEU A 198 9.72 -8.99 -27.90
N VAL A 199 10.69 -9.03 -28.78
CA VAL A 199 11.17 -10.29 -29.31
C VAL A 199 12.34 -10.80 -28.48
N PRO A 200 12.16 -11.95 -27.80
CA PRO A 200 13.21 -12.52 -26.96
C PRO A 200 14.38 -13.04 -27.80
N ARG A 201 15.56 -12.98 -27.24
CA ARG A 201 16.75 -13.41 -27.93
C ARG A 201 17.66 -14.17 -26.97
N MET A 1 -14.71 -16.30 16.39
CA MET A 1 -14.91 -17.67 15.91
C MET A 1 -13.60 -18.44 15.93
N GLY A 2 -13.61 -19.60 16.55
CA GLY A 2 -12.41 -20.39 16.63
C GLY A 2 -11.49 -19.91 17.72
N GLN A 3 -10.24 -20.27 17.65
CA GLN A 3 -9.26 -19.86 18.64
C GLN A 3 -8.07 -19.20 17.98
N GLY A 4 -7.64 -18.08 18.53
CA GLY A 4 -6.49 -17.39 18.01
C GLY A 4 -5.21 -18.08 18.42
N THR A 5 -4.80 -19.04 17.61
CA THR A 5 -3.62 -19.82 17.86
C THR A 5 -2.87 -19.99 16.54
N ALA A 6 -1.54 -20.09 16.61
CA ALA A 6 -0.69 -20.14 15.41
C ALA A 6 -0.84 -18.85 14.64
N TYR A 7 0.00 -17.88 14.97
CA TYR A 7 -0.09 -16.54 14.41
C TYR A 7 0.02 -16.56 12.88
N ALA A 8 1.01 -17.26 12.37
CA ALA A 8 1.23 -17.33 10.94
C ALA A 8 0.04 -17.98 10.25
N GLU A 9 -0.48 -19.04 10.84
CA GLU A 9 -1.60 -19.76 10.27
C GLU A 9 -2.88 -18.92 10.29
N VAL A 10 -3.09 -18.18 11.39
CA VAL A 10 -4.24 -17.30 11.49
C VAL A 10 -4.18 -16.21 10.43
N MET A 11 -3.00 -15.60 10.29
CA MET A 11 -2.82 -14.53 9.31
C MET A 11 -2.98 -15.05 7.90
N ASN A 12 -2.46 -16.24 7.64
CA ASN A 12 -2.55 -16.83 6.31
C ASN A 12 -4.03 -16.96 5.92
N ARG A 13 -4.83 -17.42 6.87
CA ARG A 13 -6.26 -17.57 6.68
C ARG A 13 -6.92 -16.21 6.45
N LYS A 14 -6.56 -15.24 7.29
CA LYS A 14 -7.12 -13.89 7.21
C LYS A 14 -6.72 -13.17 5.91
N VAL A 15 -5.46 -13.30 5.53
CA VAL A 15 -4.94 -12.68 4.31
C VAL A 15 -5.62 -13.25 3.07
N ALA A 16 -5.82 -14.56 3.06
CA ALA A 16 -6.47 -15.22 1.93
C ALA A 16 -7.87 -14.65 1.74
N ALA A 17 -8.57 -14.47 2.86
CA ALA A 17 -9.89 -13.88 2.83
C ALA A 17 -9.81 -12.44 2.41
N LEU A 18 -8.78 -11.77 2.90
CA LEU A 18 -8.55 -10.35 2.66
C LEU A 18 -8.43 -10.07 1.17
N ASP A 19 -7.71 -10.93 0.49
CA ASP A 19 -7.49 -10.79 -0.94
C ASP A 19 -8.79 -10.95 -1.72
N SER A 20 -9.60 -11.91 -1.30
CA SER A 20 -10.82 -12.24 -2.01
C SER A 20 -12.03 -11.36 -1.60
N VAL A 21 -12.06 -10.93 -0.35
CA VAL A 21 -13.17 -10.15 0.19
C VAL A 21 -13.19 -8.72 -0.41
N PRO A 22 -14.39 -8.15 -0.66
CA PRO A 22 -14.54 -6.76 -1.10
C PRO A 22 -13.92 -5.78 -0.09
N PRO A 23 -13.32 -4.68 -0.57
CA PRO A 23 -12.65 -3.70 0.28
C PRO A 23 -13.57 -3.05 1.33
N THR A 24 -14.87 -3.05 1.06
CA THR A 24 -15.83 -2.47 1.99
C THR A 24 -15.98 -3.34 3.25
N GLU A 25 -15.51 -4.58 3.18
CA GLU A 25 -15.59 -5.50 4.31
C GLU A 25 -14.26 -5.59 5.05
N TYR A 26 -13.31 -4.74 4.66
CA TYR A 26 -12.00 -4.72 5.30
C TYR A 26 -12.11 -4.30 6.75
N ALA A 27 -13.18 -3.59 7.06
CA ALA A 27 -13.42 -3.12 8.42
C ALA A 27 -13.50 -4.29 9.40
N THR A 28 -14.14 -5.39 8.98
CA THR A 28 -14.29 -6.54 9.84
C THR A 28 -12.93 -7.17 10.10
N LEU A 29 -12.16 -7.26 9.03
CA LEU A 29 -10.87 -7.88 9.06
C LEU A 29 -9.86 -7.02 9.81
N ALA A 30 -9.96 -5.71 9.65
CA ALA A 30 -9.07 -4.78 10.35
C ALA A 30 -9.25 -4.95 11.84
N ALA A 31 -10.48 -5.14 12.26
CA ALA A 31 -10.77 -5.38 13.66
C ALA A 31 -10.09 -6.67 14.11
N ASP A 32 -10.17 -7.70 13.29
CA ASP A 32 -9.54 -8.99 13.61
C ASP A 32 -8.04 -8.87 13.72
N PHE A 33 -7.43 -8.14 12.80
CA PHE A 33 -5.98 -7.95 12.84
C PHE A 33 -5.60 -7.15 14.07
N SER A 34 -6.39 -6.14 14.40
CA SER A 34 -6.14 -5.32 15.57
C SER A 34 -6.30 -6.15 16.86
N ARG A 35 -7.25 -7.10 16.83
CA ARG A 35 -7.47 -8.00 17.96
C ARG A 35 -6.24 -8.85 18.18
N ILE A 36 -5.67 -9.32 17.07
CA ILE A 36 -4.46 -10.12 17.11
C ILE A 36 -3.31 -9.29 17.65
N ALA A 37 -3.20 -8.05 17.15
CA ALA A 37 -2.15 -7.13 17.56
C ALA A 37 -2.22 -6.82 19.04
N ALA A 38 -3.44 -6.70 19.55
CA ALA A 38 -3.66 -6.43 20.98
C ALA A 38 -3.09 -7.55 21.83
N VAL A 39 -3.26 -8.78 21.38
CA VAL A 39 -2.76 -9.92 22.12
C VAL A 39 -1.26 -10.02 21.96
N GLU A 40 -0.64 -10.34 23.04
CA GLU A 40 0.80 -10.45 23.11
C GLU A 40 1.28 -11.65 22.31
N GLY A 41 2.36 -11.47 21.57
CA GLY A 41 2.90 -12.53 20.75
C GLY A 41 2.69 -12.24 19.28
N SER A 42 1.85 -11.26 19.00
CA SER A 42 1.60 -10.83 17.64
C SER A 42 2.81 -10.08 17.10
N ASP A 43 2.91 -10.00 15.80
CA ASP A 43 4.01 -9.33 15.15
C ASP A 43 3.56 -8.04 14.49
N TRP A 44 4.51 -7.29 13.99
CA TRP A 44 4.26 -6.00 13.34
C TRP A 44 3.36 -6.19 12.12
N MET A 45 3.34 -7.41 11.60
CA MET A 45 2.57 -7.74 10.41
C MET A 45 1.08 -7.49 10.68
N ALA A 46 0.64 -7.82 11.90
CA ALA A 46 -0.75 -7.61 12.28
C ALA A 46 -1.09 -6.13 12.21
N ALA A 47 -0.16 -5.30 12.70
CA ALA A 47 -0.33 -3.85 12.66
C ALA A 47 -0.34 -3.35 11.22
N TYR A 48 0.52 -3.96 10.40
CA TYR A 48 0.63 -3.61 8.99
C TYR A 48 -0.70 -3.82 8.27
N TYR A 49 -1.28 -4.99 8.47
CA TYR A 49 -2.56 -5.31 7.85
C TYR A 49 -3.72 -4.51 8.43
N THR A 50 -3.64 -4.19 9.72
CA THR A 50 -4.68 -3.40 10.34
C THR A 50 -4.75 -2.03 9.66
N ALA A 51 -3.59 -1.40 9.48
CA ALA A 51 -3.49 -0.11 8.82
C ALA A 51 -3.94 -0.22 7.36
N TYR A 52 -3.52 -1.30 6.72
CA TYR A 52 -3.86 -1.58 5.32
C TYR A 52 -5.37 -1.61 5.10
N CYS A 53 -6.04 -2.33 5.94
CA CYS A 53 -7.47 -2.50 5.83
C CYS A 53 -8.20 -1.18 5.94
N ARG A 54 -7.73 -0.30 6.82
CA ARG A 54 -8.35 1.02 6.99
C ARG A 54 -8.07 1.92 5.79
N ILE A 55 -6.85 1.85 5.29
CA ILE A 55 -6.37 2.71 4.20
C ILE A 55 -7.07 2.46 2.85
N ILE A 56 -7.29 1.19 2.50
CA ILE A 56 -7.87 0.87 1.18
C ILE A 56 -9.24 1.56 0.94
N PRO A 57 -10.23 1.43 1.86
CA PRO A 57 -11.52 2.10 1.71
C PRO A 57 -11.43 3.62 1.88
N ALA A 58 -10.31 4.09 2.42
CA ALA A 58 -10.09 5.52 2.65
C ALA A 58 -10.13 6.30 1.35
N PHE A 59 -9.59 5.70 0.30
CA PHE A 59 -9.57 6.34 -1.02
C PHE A 59 -10.99 6.61 -1.50
N GLY A 60 -11.90 5.70 -1.16
CA GLY A 60 -13.29 5.86 -1.54
C GLY A 60 -14.15 6.39 -0.40
N ASN A 61 -13.52 6.86 0.67
CA ASN A 61 -14.24 7.38 1.82
C ASN A 61 -13.62 8.68 2.30
N PRO A 62 -13.82 9.76 1.54
CA PRO A 62 -13.28 11.09 1.88
C PRO A 62 -14.02 11.72 3.06
N SER A 63 -15.17 11.14 3.41
CA SER A 63 -16.00 11.66 4.49
C SER A 63 -15.28 11.64 5.84
N GLU A 64 -14.58 10.54 6.13
CA GLU A 64 -13.90 10.42 7.40
C GLU A 64 -12.51 9.82 7.21
N ALA A 65 -11.92 10.11 6.06
CA ALA A 65 -10.63 9.55 5.71
C ALA A 65 -9.57 9.95 6.73
N ASP A 66 -9.60 11.20 7.18
CA ASP A 66 -8.61 11.68 8.16
C ASP A 66 -8.68 10.90 9.46
N ARG A 67 -9.90 10.64 9.92
CA ARG A 67 -10.11 9.93 11.18
C ARG A 67 -9.55 8.51 11.15
N LEU A 68 -9.78 7.82 10.05
CA LEU A 68 -9.34 6.46 9.91
C LEU A 68 -7.86 6.39 9.55
N CYS A 69 -7.37 7.42 8.88
CA CYS A 69 -5.94 7.50 8.57
C CYS A 69 -5.15 7.62 9.85
N GLU A 70 -5.68 8.37 10.81
CA GLU A 70 -5.03 8.52 12.12
C GLU A 70 -4.93 7.16 12.80
N GLU A 71 -6.00 6.38 12.69
CA GLU A 71 -6.04 5.05 13.25
C GLU A 71 -4.98 4.18 12.58
N ALA A 72 -4.93 4.25 11.26
CA ALA A 72 -3.96 3.51 10.47
C ALA A 72 -2.54 3.95 10.80
N GLU A 73 -2.35 5.26 10.92
CA GLU A 73 -1.06 5.84 11.25
C GLU A 73 -0.58 5.35 12.60
N SER A 74 -1.49 5.29 13.55
CA SER A 74 -1.18 4.80 14.87
C SER A 74 -0.70 3.35 14.78
N MET A 75 -1.41 2.55 14.00
CA MET A 75 -1.04 1.16 13.80
C MET A 75 0.30 1.04 13.07
N LEU A 76 0.51 1.94 12.11
CA LEU A 76 1.75 1.98 11.35
C LEU A 76 2.92 2.30 12.27
N SER A 77 2.70 3.20 13.22
CA SER A 77 3.71 3.58 14.17
C SER A 77 4.08 2.37 15.02
N LYS A 78 3.06 1.62 15.40
CA LYS A 78 3.20 0.40 16.19
C LYS A 78 4.01 -0.63 15.42
N ALA A 79 3.77 -0.70 14.12
CA ALA A 79 4.53 -1.58 13.24
C ALA A 79 6.00 -1.18 13.24
N GLU A 80 6.24 0.13 13.21
CA GLU A 80 7.60 0.67 13.17
C GLU A 80 8.30 0.45 14.51
N SER A 81 7.56 0.66 15.59
CA SER A 81 8.09 0.55 16.93
C SER A 81 8.49 -0.90 17.25
N LEU A 82 7.90 -1.85 16.54
CA LEU A 82 8.24 -3.26 16.72
C LEU A 82 9.49 -3.62 15.96
N GLY A 83 10.02 -2.68 15.18
CA GLY A 83 11.22 -2.93 14.44
C GLY A 83 10.95 -3.66 13.15
N GLY A 84 9.73 -3.51 12.66
CA GLY A 84 9.34 -4.16 11.44
C GLY A 84 9.88 -3.43 10.23
N ASP A 85 9.49 -3.88 9.06
CA ASP A 85 9.96 -3.28 7.83
C ASP A 85 9.29 -1.93 7.63
N LEU A 86 10.07 -0.87 7.79
CA LEU A 86 9.56 0.47 7.68
C LEU A 86 9.20 0.83 6.25
N SER A 87 9.86 0.22 5.31
CA SER A 87 9.61 0.46 3.89
C SER A 87 8.17 0.06 3.55
N GLU A 88 7.77 -1.10 4.03
CA GLU A 88 6.45 -1.63 3.75
C GLU A 88 5.35 -0.75 4.37
N ILE A 89 5.59 -0.26 5.59
CA ILE A 89 4.60 0.59 6.25
C ILE A 89 4.67 2.01 5.73
N ALA A 90 5.84 2.41 5.24
CA ALA A 90 6.00 3.73 4.65
C ALA A 90 5.11 3.87 3.45
N CYS A 91 5.00 2.78 2.69
CA CYS A 91 4.15 2.74 1.52
C CYS A 91 2.70 2.99 1.93
N LEU A 92 2.25 2.30 2.98
CA LEU A 92 0.89 2.48 3.46
C LEU A 92 0.69 3.88 4.01
N ARG A 93 1.71 4.39 4.69
CA ARG A 93 1.65 5.71 5.29
C ARG A 93 1.46 6.77 4.19
N SER A 94 2.18 6.61 3.08
CA SER A 94 2.04 7.53 1.96
C SER A 94 0.66 7.40 1.32
N MET A 95 0.12 6.17 1.31
CA MET A 95 -1.20 5.90 0.77
C MET A 95 -2.26 6.65 1.57
N ALA A 96 -2.08 6.69 2.88
CA ALA A 96 -2.99 7.41 3.74
C ALA A 96 -2.99 8.89 3.37
N ALA A 97 -1.81 9.44 3.09
CA ALA A 97 -1.70 10.83 2.68
C ALA A 97 -2.42 11.05 1.34
N SER A 98 -2.24 10.11 0.41
CA SER A 98 -2.88 10.22 -0.91
C SER A 98 -4.40 10.10 -0.83
N ALA A 99 -4.90 9.27 0.07
CA ALA A 99 -6.34 9.11 0.26
C ALA A 99 -6.94 10.44 0.72
N ARG A 100 -6.22 11.09 1.62
CA ARG A 100 -6.62 12.39 2.15
C ARG A 100 -6.49 13.48 1.08
N LEU A 101 -5.57 13.29 0.15
CA LEU A 101 -5.41 14.19 -0.99
C LEU A 101 -6.62 14.14 -1.89
N LEU A 102 -7.20 12.95 -2.02
CA LEU A 102 -8.38 12.79 -2.84
C LEU A 102 -9.53 13.63 -2.27
N VAL A 103 -9.48 13.85 -0.96
CA VAL A 103 -10.45 14.68 -0.28
C VAL A 103 -10.38 16.11 -0.83
N ASN A 104 -9.16 16.63 -0.98
CA ASN A 104 -8.97 17.98 -1.54
C ASN A 104 -7.63 18.07 -2.27
N PRO A 105 -7.59 17.68 -3.55
CA PRO A 105 -6.35 17.67 -4.33
C PRO A 105 -5.99 19.05 -4.86
N GLN A 106 -6.03 20.03 -3.98
CA GLN A 106 -5.69 21.38 -4.35
C GLN A 106 -4.67 21.97 -3.40
N GLU A 107 -5.03 22.07 -2.13
CA GLU A 107 -4.13 22.65 -1.15
C GLU A 107 -3.64 21.61 -0.14
N ARG A 108 -4.20 20.42 -0.18
CA ARG A 108 -3.78 19.35 0.74
C ARG A 108 -2.39 18.85 0.36
N TRP A 109 -1.94 19.23 -0.84
CA TRP A 109 -0.62 18.83 -1.35
C TRP A 109 0.48 19.34 -0.44
N GLN A 110 0.30 20.54 0.08
CA GLN A 110 1.29 21.18 0.93
C GLN A 110 1.55 20.35 2.18
N THR A 111 0.49 19.79 2.73
CA THR A 111 0.62 19.01 3.93
C THR A 111 0.83 17.51 3.59
N TYR A 112 -0.22 16.89 3.09
CA TYR A 112 -0.22 15.46 2.81
C TYR A 112 0.63 15.08 1.62
N GLY A 113 0.63 15.92 0.59
CA GLY A 113 1.42 15.64 -0.60
C GLY A 113 2.88 15.54 -0.27
N ALA A 114 3.36 16.45 0.55
CA ALA A 114 4.74 16.43 0.99
C ALA A 114 5.03 15.16 1.78
N GLU A 115 4.08 14.78 2.63
CA GLU A 115 4.23 13.59 3.46
C GLU A 115 4.29 12.32 2.62
N SER A 116 3.42 12.23 1.61
CA SER A 116 3.44 11.06 0.73
C SER A 116 4.77 10.96 -0.04
N SER A 117 5.28 12.11 -0.47
CA SER A 117 6.56 12.14 -1.19
C SER A 117 7.68 11.70 -0.26
N ARG A 118 7.67 12.24 0.96
CA ARG A 118 8.67 11.91 1.95
C ARG A 118 8.62 10.44 2.33
N GLN A 119 7.42 9.92 2.50
CA GLN A 119 7.23 8.52 2.86
C GLN A 119 7.69 7.60 1.76
N LEU A 120 7.45 7.96 0.52
CA LEU A 120 7.92 7.19 -0.60
C LEU A 120 9.42 7.16 -0.65
N ALA A 121 10.02 8.29 -0.36
CA ALA A 121 11.47 8.37 -0.27
C ALA A 121 11.95 7.45 0.83
N VAL A 122 11.22 7.44 1.95
CA VAL A 122 11.52 6.57 3.07
C VAL A 122 11.39 5.11 2.65
N ALA A 123 10.32 4.79 1.91
CA ALA A 123 10.12 3.43 1.43
C ALA A 123 11.27 3.01 0.52
N LEU A 124 11.66 3.91 -0.38
CA LEU A 124 12.76 3.64 -1.30
C LEU A 124 14.08 3.50 -0.55
N GLU A 125 14.28 4.35 0.45
CA GLU A 125 15.48 4.29 1.27
C GLU A 125 15.54 3.03 2.12
N ALA A 126 14.41 2.66 2.72
CA ALA A 126 14.37 1.47 3.55
C ALA A 126 14.58 0.21 2.71
N ASN A 127 13.81 0.08 1.63
CA ASN A 127 14.02 -1.02 0.69
C ASN A 127 13.96 -0.51 -0.75
N PRO A 128 15.13 -0.42 -1.40
CA PRO A 128 15.24 0.10 -2.76
C PRO A 128 14.66 -0.85 -3.81
N ALA A 129 14.34 -2.07 -3.40
CA ALA A 129 13.75 -3.04 -4.30
C ALA A 129 12.27 -3.24 -4.03
N ASN A 130 11.72 -2.40 -3.16
CA ASN A 130 10.31 -2.49 -2.79
C ASN A 130 9.41 -2.09 -3.97
N PRO A 131 8.60 -3.04 -4.48
CA PRO A 131 7.74 -2.79 -5.64
C PRO A 131 6.63 -1.80 -5.35
N ARG A 132 6.11 -1.84 -4.15
CA ARG A 132 5.02 -0.97 -3.75
C ARG A 132 5.48 0.47 -3.70
N ALA A 133 6.72 0.67 -3.25
CA ALA A 133 7.29 2.01 -3.17
C ALA A 133 7.37 2.63 -4.56
N TYR A 134 7.80 1.83 -5.54
CA TYR A 134 7.88 2.30 -6.92
C TYR A 134 6.49 2.51 -7.50
N PHE A 135 5.58 1.61 -7.16
CA PHE A 135 4.20 1.71 -7.63
C PHE A 135 3.57 3.01 -7.20
N LEU A 136 3.69 3.31 -5.93
CA LEU A 136 3.15 4.53 -5.39
C LEU A 136 3.84 5.73 -6.00
N GLN A 137 5.15 5.63 -6.20
CA GLN A 137 5.89 6.71 -6.81
C GLN A 137 5.39 6.95 -8.23
N ALA A 138 5.20 5.88 -8.98
CA ALA A 138 4.68 5.97 -10.33
C ALA A 138 3.28 6.59 -10.34
N GLN A 139 2.44 6.14 -9.42
CA GLN A 139 1.09 6.68 -9.28
C GLN A 139 1.14 8.16 -8.91
N SER A 140 1.99 8.48 -7.94
CA SER A 140 2.14 9.84 -7.49
C SER A 140 2.60 10.70 -8.64
N LEU A 141 3.61 10.22 -9.37
CA LEU A 141 4.13 10.93 -10.53
C LEU A 141 3.10 11.12 -11.62
N LEU A 142 2.38 10.06 -11.93
CA LEU A 142 1.41 10.11 -13.02
C LEU A 142 0.37 11.17 -12.76
N TYR A 143 -0.03 11.28 -11.53
CA TYR A 143 -1.04 12.24 -11.16
C TYR A 143 -0.41 13.47 -10.50
N THR A 144 0.91 13.65 -10.71
CA THR A 144 1.63 14.80 -10.14
C THR A 144 1.16 16.12 -10.75
N PRO A 145 0.94 17.13 -9.88
CA PRO A 145 0.58 18.47 -10.31
C PRO A 145 1.81 19.25 -10.82
N ALA A 146 2.53 18.65 -11.78
CA ALA A 146 3.70 19.24 -12.45
C ALA A 146 4.95 19.39 -11.54
N GLN A 147 4.75 19.64 -10.26
CA GLN A 147 5.87 19.90 -9.32
C GLN A 147 6.86 18.74 -9.22
N PHE A 148 6.35 17.53 -9.16
CA PHE A 148 7.22 16.37 -8.96
C PHE A 148 7.63 15.71 -10.28
N GLY A 149 7.21 16.30 -11.40
CA GLY A 149 7.60 15.75 -12.69
C GLY A 149 6.44 15.52 -13.65
N GLY A 150 5.29 15.13 -13.13
CA GLY A 150 4.12 14.93 -13.98
C GLY A 150 3.99 13.51 -14.52
N GLY A 151 4.84 12.63 -14.02
CA GLY A 151 4.82 11.24 -14.39
C GLY A 151 4.94 10.92 -15.85
N LYS A 152 4.10 9.97 -16.29
CA LYS A 152 4.15 9.40 -17.63
C LYS A 152 5.53 8.87 -17.89
N ASP A 153 6.36 9.68 -18.51
CA ASP A 153 7.75 9.33 -18.74
C ASP A 153 8.49 9.20 -17.41
N LYS A 154 8.16 10.07 -16.46
CA LYS A 154 8.78 10.03 -15.14
C LYS A 154 8.32 8.83 -14.35
N ALA A 155 7.05 8.49 -14.50
CA ALA A 155 6.45 7.39 -13.76
C ALA A 155 6.73 6.05 -14.41
N LEU A 156 7.11 6.09 -15.67
CA LEU A 156 7.37 4.89 -16.46
C LEU A 156 8.42 3.97 -15.81
N PRO A 157 9.63 4.52 -15.45
CA PRO A 157 10.68 3.72 -14.79
C PRO A 157 10.17 3.09 -13.52
N PHE A 158 9.44 3.90 -12.77
CA PHE A 158 8.86 3.45 -11.50
C PHE A 158 7.87 2.33 -11.71
N ALA A 159 7.05 2.46 -12.74
CA ALA A 159 6.12 1.42 -13.10
C ALA A 159 6.87 0.15 -13.50
N GLU A 160 7.95 0.32 -14.25
CA GLU A 160 8.78 -0.81 -14.66
C GLU A 160 9.44 -1.48 -13.47
N LYS A 161 9.90 -0.67 -12.52
CA LYS A 161 10.55 -1.17 -11.31
C LYS A 161 9.63 -2.06 -10.51
N SER A 162 8.41 -1.57 -10.30
CA SER A 162 7.45 -2.32 -9.53
C SER A 162 7.06 -3.59 -10.26
N VAL A 163 6.80 -3.48 -11.56
CA VAL A 163 6.40 -4.61 -12.37
C VAL A 163 7.51 -5.64 -12.47
N SER A 164 8.75 -5.17 -12.63
CA SER A 164 9.88 -6.08 -12.75
C SER A 164 10.01 -6.93 -11.49
N CYS A 165 9.82 -6.30 -10.33
CA CYS A 165 9.84 -7.01 -9.07
C CYS A 165 8.72 -8.06 -9.02
N TYR A 166 7.53 -7.67 -9.48
CA TYR A 166 6.37 -8.58 -9.51
C TYR A 166 6.57 -9.73 -10.48
N ALA A 167 7.45 -9.53 -11.46
CA ALA A 167 7.75 -10.59 -12.40
C ALA A 167 8.32 -11.79 -11.67
N ALA A 168 9.17 -11.53 -10.67
CA ALA A 168 9.68 -12.59 -9.81
C ALA A 168 8.54 -13.23 -9.03
N ALA A 169 7.64 -12.37 -8.51
CA ALA A 169 6.44 -12.78 -7.78
C ALA A 169 6.77 -13.73 -6.63
N THR A 170 7.87 -13.48 -5.97
CA THR A 170 8.26 -14.30 -4.85
C THR A 170 7.50 -13.86 -3.59
N VAL A 171 6.44 -14.59 -3.29
CA VAL A 171 5.62 -14.32 -2.11
C VAL A 171 6.00 -15.26 -0.98
N SER A 172 6.44 -14.70 0.13
CA SER A 172 6.84 -15.48 1.29
C SER A 172 6.58 -14.64 2.55
N PRO A 173 6.26 -15.28 3.69
CA PRO A 173 6.14 -16.75 3.82
C PRO A 173 4.95 -17.34 3.08
N ALA A 174 3.85 -16.59 3.06
CA ALA A 174 2.61 -17.03 2.43
C ALA A 174 1.56 -15.95 2.56
N TYR A 175 1.47 -15.39 3.77
CA TYR A 175 0.51 -14.36 4.06
C TYR A 175 1.05 -12.99 3.70
N ALA A 176 2.16 -12.95 2.97
CA ALA A 176 2.73 -11.70 2.52
C ALA A 176 1.78 -11.01 1.53
N PRO A 177 1.80 -9.66 1.45
CA PRO A 177 0.87 -8.90 0.62
C PRO A 177 0.90 -9.34 -0.85
N HIS A 178 -0.28 -9.51 -1.43
CA HIS A 178 -0.39 -9.94 -2.82
C HIS A 178 -0.84 -8.78 -3.70
N TRP A 179 -1.25 -7.70 -3.06
CA TRP A 179 -1.79 -6.55 -3.77
C TRP A 179 -0.70 -5.70 -4.43
N GLY A 180 -1.10 -4.97 -5.45
CA GLY A 180 -0.22 -4.07 -6.15
C GLY A 180 0.32 -4.63 -7.46
N GLU A 181 0.33 -5.95 -7.61
CA GLU A 181 0.86 -6.57 -8.83
C GLU A 181 0.06 -6.17 -10.07
N GLN A 182 -1.25 -6.32 -9.97
CA GLN A 182 -2.13 -6.05 -11.10
C GLN A 182 -2.17 -4.56 -11.38
N GLN A 183 -2.21 -3.78 -10.30
CA GLN A 183 -2.27 -2.34 -10.37
C GLN A 183 -1.02 -1.76 -11.02
N ALA A 184 0.14 -2.28 -10.65
CA ALA A 184 1.40 -1.80 -11.19
C ALA A 184 1.49 -2.05 -12.68
N ARG A 185 1.05 -3.23 -13.10
CA ARG A 185 1.11 -3.60 -14.51
C ARG A 185 0.29 -2.64 -15.37
N GLN A 186 -0.93 -2.34 -14.93
CA GLN A 186 -1.79 -1.45 -15.69
C GLN A 186 -1.28 -0.01 -15.61
N LEU A 187 -0.64 0.32 -14.49
CA LEU A 187 -0.10 1.65 -14.29
C LEU A 187 1.00 1.91 -15.31
N LEU A 188 1.81 0.90 -15.59
CA LEU A 188 2.87 1.00 -16.58
C LEU A 188 2.24 1.30 -17.95
N MET A 189 1.13 0.65 -18.23
CA MET A 189 0.40 0.84 -19.50
C MET A 189 -0.05 2.26 -19.57
N LEU A 190 -0.50 2.77 -18.46
CA LEU A 190 -0.92 4.15 -18.38
C LEU A 190 0.28 5.09 -18.61
N CYS A 191 1.42 4.72 -18.04
CA CYS A 191 2.64 5.54 -18.14
C CYS A 191 3.25 5.51 -19.55
N LYS A 192 3.30 4.32 -20.18
CA LYS A 192 3.88 4.23 -21.52
C LYS A 192 2.84 4.51 -22.59
N ALA A 193 1.65 3.95 -22.39
CA ALA A 193 0.54 4.10 -23.32
C ALA A 193 0.91 3.66 -24.72
N GLU A 194 1.81 2.71 -24.81
CA GLU A 194 2.24 2.18 -26.07
C GLU A 194 1.77 0.76 -26.22
N THR A 195 1.32 0.43 -27.40
CA THR A 195 0.88 -0.92 -27.70
C THR A 195 1.50 -1.38 -29.00
N GLN A 196 1.69 -2.67 -29.12
CA GLN A 196 2.30 -3.25 -30.29
C GLN A 196 1.44 -4.39 -30.80
N GLU A 197 1.19 -4.42 -32.08
CA GLU A 197 0.43 -5.49 -32.67
C GLU A 197 1.35 -6.69 -32.84
N LEU A 198 1.03 -7.77 -32.18
CA LEU A 198 1.86 -8.95 -32.23
C LEU A 198 1.32 -9.93 -33.24
N VAL A 199 2.01 -9.99 -34.35
CA VAL A 199 1.64 -10.87 -35.45
C VAL A 199 2.17 -12.27 -35.20
N PRO A 200 1.28 -13.28 -35.16
CA PRO A 200 1.67 -14.67 -34.98
C PRO A 200 2.64 -15.12 -36.07
N ARG A 201 3.65 -15.87 -35.69
CA ARG A 201 4.65 -16.32 -36.65
C ARG A 201 4.50 -17.79 -36.93
N MET A 1 -13.42 -19.21 15.51
CA MET A 1 -12.04 -19.62 15.77
C MET A 1 -11.72 -19.56 17.25
N GLY A 2 -11.08 -20.60 17.76
CA GLY A 2 -10.73 -20.64 19.15
C GLY A 2 -9.31 -20.20 19.38
N GLN A 3 -8.89 -20.20 20.63
CA GLN A 3 -7.54 -19.83 20.99
C GLN A 3 -6.60 -21.02 20.78
N GLY A 4 -5.33 -20.74 20.67
CA GLY A 4 -4.37 -21.78 20.38
C GLY A 4 -4.09 -21.87 18.90
N THR A 5 -4.79 -21.04 18.14
CA THR A 5 -4.59 -20.96 16.72
C THR A 5 -3.31 -20.22 16.40
N ALA A 6 -2.57 -20.72 15.43
CA ALA A 6 -1.29 -20.14 15.07
C ALA A 6 -1.45 -18.82 14.36
N TYR A 7 -0.47 -17.96 14.52
CA TYR A 7 -0.46 -16.66 13.88
C TYR A 7 -0.52 -16.82 12.36
N ALA A 8 0.31 -17.72 11.84
CA ALA A 8 0.34 -17.99 10.42
C ALA A 8 -1.01 -18.49 9.92
N GLU A 9 -1.64 -19.37 10.70
CA GLU A 9 -2.95 -19.93 10.32
C GLU A 9 -3.98 -18.82 10.20
N VAL A 10 -3.99 -17.95 11.19
CA VAL A 10 -4.96 -16.88 11.25
C VAL A 10 -4.71 -15.84 10.15
N MET A 11 -3.46 -15.44 9.99
CA MET A 11 -3.08 -14.44 9.00
C MET A 11 -3.34 -14.94 7.59
N ASN A 12 -3.02 -16.19 7.34
CA ASN A 12 -3.18 -16.78 6.01
C ASN A 12 -4.65 -16.77 5.60
N ARG A 13 -5.53 -17.10 6.54
CA ARG A 13 -6.96 -17.14 6.26
C ARG A 13 -7.52 -15.74 6.05
N LYS A 14 -7.08 -14.79 6.86
CA LYS A 14 -7.55 -13.41 6.77
C LYS A 14 -7.08 -12.74 5.48
N VAL A 15 -5.83 -12.99 5.11
CA VAL A 15 -5.26 -12.43 3.89
C VAL A 15 -5.96 -12.99 2.65
N ALA A 16 -6.30 -14.28 2.67
CA ALA A 16 -7.01 -14.89 1.55
C ALA A 16 -8.36 -14.21 1.35
N ALA A 17 -9.04 -13.90 2.46
CA ALA A 17 -10.30 -13.20 2.42
C ALA A 17 -10.09 -11.79 1.89
N LEU A 18 -8.96 -11.22 2.27
CA LEU A 18 -8.61 -9.86 1.94
C LEU A 18 -8.59 -9.65 0.42
N ASP A 19 -8.07 -10.63 -0.31
CA ASP A 19 -8.01 -10.57 -1.77
C ASP A 19 -9.41 -10.53 -2.41
N SER A 20 -10.34 -11.30 -1.85
CA SER A 20 -11.66 -11.43 -2.44
C SER A 20 -12.66 -10.39 -1.91
N VAL A 21 -12.46 -9.98 -0.69
CA VAL A 21 -13.35 -9.00 -0.06
C VAL A 21 -13.13 -7.60 -0.71
N PRO A 22 -14.21 -6.80 -0.82
CA PRO A 22 -14.10 -5.44 -1.35
C PRO A 22 -13.35 -4.53 -0.37
N PRO A 23 -12.66 -3.50 -0.89
CA PRO A 23 -11.86 -2.57 -0.07
C PRO A 23 -12.72 -1.80 0.94
N THR A 24 -14.00 -1.71 0.65
CA THR A 24 -14.93 -1.02 1.50
C THR A 24 -15.17 -1.78 2.81
N GLU A 25 -15.03 -3.10 2.75
CA GLU A 25 -15.26 -3.96 3.91
C GLU A 25 -13.97 -4.27 4.66
N TYR A 26 -12.92 -3.54 4.33
CA TYR A 26 -11.63 -3.70 5.02
C TYR A 26 -11.74 -3.25 6.46
N ALA A 27 -12.78 -2.47 6.76
CA ALA A 27 -12.98 -1.92 8.09
C ALA A 27 -13.11 -3.02 9.12
N THR A 28 -13.84 -4.07 8.79
CA THR A 28 -14.03 -5.17 9.70
C THR A 28 -12.75 -6.01 9.83
N LEU A 29 -12.03 -6.17 8.73
CA LEU A 29 -10.81 -6.96 8.73
C LEU A 29 -9.74 -6.30 9.56
N ALA A 30 -9.71 -4.97 9.53
CA ALA A 30 -8.73 -4.21 10.29
C ALA A 30 -8.89 -4.51 11.77
N ALA A 31 -10.14 -4.62 12.21
CA ALA A 31 -10.41 -4.96 13.59
C ALA A 31 -9.83 -6.32 13.93
N ASP A 32 -10.00 -7.29 13.02
CA ASP A 32 -9.46 -8.63 13.22
C ASP A 32 -7.95 -8.63 13.32
N PHE A 33 -7.30 -7.88 12.44
CA PHE A 33 -5.85 -7.79 12.48
C PHE A 33 -5.39 -7.13 13.77
N SER A 34 -6.13 -6.12 14.21
CA SER A 34 -5.86 -5.45 15.47
C SER A 34 -6.01 -6.43 16.63
N ARG A 35 -7.05 -7.27 16.55
CA ARG A 35 -7.31 -8.29 17.56
C ARG A 35 -6.17 -9.28 17.61
N ILE A 36 -5.65 -9.63 16.44
CA ILE A 36 -4.51 -10.52 16.35
C ILE A 36 -3.30 -9.88 17.03
N ALA A 37 -3.06 -8.62 16.68
CA ALA A 37 -1.95 -7.84 17.21
C ALA A 37 -2.05 -7.70 18.73
N ALA A 38 -3.27 -7.62 19.22
CA ALA A 38 -3.52 -7.53 20.66
C ALA A 38 -2.97 -8.74 21.39
N VAL A 39 -3.10 -9.90 20.77
CA VAL A 39 -2.60 -11.13 21.34
C VAL A 39 -1.10 -11.22 21.14
N GLU A 40 -0.44 -11.71 22.13
CA GLU A 40 1.00 -11.83 22.13
C GLU A 40 1.46 -12.95 21.19
N GLY A 41 2.58 -12.71 20.54
CA GLY A 41 3.10 -13.67 19.59
C GLY A 41 2.84 -13.23 18.17
N SER A 42 1.98 -12.24 18.01
CA SER A 42 1.70 -11.67 16.73
C SER A 42 2.81 -10.69 16.36
N ASP A 43 3.04 -10.54 15.08
CA ASP A 43 4.13 -9.70 14.62
C ASP A 43 3.64 -8.39 14.05
N TRP A 44 4.60 -7.60 13.61
CA TRP A 44 4.37 -6.26 13.06
C TRP A 44 3.43 -6.31 11.87
N MET A 45 3.38 -7.47 11.22
CA MET A 45 2.61 -7.65 10.01
C MET A 45 1.13 -7.45 10.30
N ALA A 46 0.69 -7.93 11.47
CA ALA A 46 -0.70 -7.74 11.88
C ALA A 46 -1.00 -6.24 12.00
N ALA A 47 -0.06 -5.51 12.58
CA ALA A 47 -0.17 -4.06 12.71
C ALA A 47 -0.18 -3.41 11.33
N TYR A 48 0.65 -3.94 10.43
CA TYR A 48 0.74 -3.47 9.06
C TYR A 48 -0.60 -3.58 8.37
N TYR A 49 -1.20 -4.75 8.48
CA TYR A 49 -2.50 -5.00 7.88
C TYR A 49 -3.62 -4.20 8.53
N THR A 50 -3.51 -3.97 9.84
CA THR A 50 -4.52 -3.19 10.53
C THR A 50 -4.58 -1.77 9.95
N ALA A 51 -3.39 -1.17 9.77
CA ALA A 51 -3.29 0.16 9.19
C ALA A 51 -3.75 0.12 7.73
N TYR A 52 -3.35 -0.93 7.03
CA TYR A 52 -3.68 -1.13 5.62
C TYR A 52 -5.18 -1.18 5.40
N CYS A 53 -5.85 -1.97 6.19
CA CYS A 53 -7.27 -2.18 6.05
C CYS A 53 -8.09 -0.91 6.37
N ARG A 54 -7.49 0.04 7.05
CA ARG A 54 -8.19 1.29 7.33
C ARG A 54 -7.78 2.39 6.33
N ILE A 55 -6.53 2.38 5.92
CA ILE A 55 -6.02 3.36 4.94
C ILE A 55 -6.64 3.17 3.55
N ILE A 56 -6.77 1.92 3.10
CA ILE A 56 -7.31 1.65 1.76
C ILE A 56 -8.72 2.22 1.55
N PRO A 57 -9.70 1.90 2.44
CA PRO A 57 -11.05 2.44 2.34
C PRO A 57 -11.10 3.94 2.56
N ALA A 58 -10.04 4.49 3.16
CA ALA A 58 -9.94 5.92 3.44
C ALA A 58 -10.01 6.73 2.16
N PHE A 59 -9.41 6.19 1.10
CA PHE A 59 -9.44 6.84 -0.21
C PHE A 59 -10.88 7.04 -0.67
N GLY A 60 -11.72 6.05 -0.39
CA GLY A 60 -13.11 6.13 -0.77
C GLY A 60 -14.02 6.50 0.40
N ASN A 61 -13.42 6.89 1.51
CA ASN A 61 -14.17 7.25 2.71
C ASN A 61 -13.60 8.48 3.36
N PRO A 62 -13.81 9.66 2.74
CA PRO A 62 -13.31 10.94 3.26
C PRO A 62 -14.04 11.37 4.53
N SER A 63 -15.17 10.73 4.80
CA SER A 63 -16.00 11.07 5.95
C SER A 63 -15.24 10.90 7.27
N GLU A 64 -14.54 9.79 7.43
CA GLU A 64 -13.81 9.54 8.66
C GLU A 64 -12.38 9.15 8.37
N ALA A 65 -11.90 9.54 7.18
CA ALA A 65 -10.55 9.22 6.74
C ALA A 65 -9.51 9.77 7.69
N ASP A 66 -9.79 10.96 8.21
CA ASP A 66 -8.88 11.64 9.11
C ASP A 66 -8.71 10.85 10.42
N ARG A 67 -9.81 10.44 11.02
CA ARG A 67 -9.77 9.70 12.28
C ARG A 67 -9.16 8.31 12.13
N LEU A 68 -9.52 7.62 11.05
CA LEU A 68 -9.00 6.27 10.83
C LEU A 68 -7.51 6.31 10.48
N CYS A 69 -7.09 7.42 9.89
CA CYS A 69 -5.68 7.63 9.59
C CYS A 69 -4.86 7.65 10.88
N GLU A 70 -5.39 8.37 11.88
CA GLU A 70 -4.70 8.54 13.15
C GLU A 70 -4.50 7.20 13.85
N GLU A 71 -5.51 6.35 13.83
CA GLU A 71 -5.39 5.05 14.46
C GLU A 71 -4.49 4.13 13.62
N ALA A 72 -4.57 4.30 12.30
CA ALA A 72 -3.76 3.51 11.38
C ALA A 72 -2.27 3.79 11.58
N GLU A 73 -1.92 5.05 11.75
CA GLU A 73 -0.53 5.42 11.95
C GLU A 73 -0.02 4.93 13.30
N SER A 74 -0.94 4.80 14.26
CA SER A 74 -0.58 4.26 15.55
C SER A 74 -0.13 2.82 15.39
N MET A 75 -0.85 2.09 14.54
CA MET A 75 -0.52 0.71 14.24
C MET A 75 0.80 0.65 13.49
N LEU A 76 1.02 1.63 12.61
CA LEU A 76 2.26 1.74 11.85
C LEU A 76 3.43 1.93 12.81
N SER A 77 3.21 2.71 13.86
CA SER A 77 4.23 2.96 14.85
C SER A 77 4.60 1.66 15.56
N LYS A 78 3.57 0.87 15.84
CA LYS A 78 3.71 -0.41 16.50
C LYS A 78 4.54 -1.35 15.62
N ALA A 79 4.27 -1.30 14.31
CA ALA A 79 5.01 -2.08 13.33
C ALA A 79 6.48 -1.71 13.37
N GLU A 80 6.73 -0.40 13.45
CA GLU A 80 8.07 0.13 13.53
C GLU A 80 8.74 -0.31 14.83
N SER A 81 7.97 -0.26 15.91
CA SER A 81 8.43 -0.64 17.24
C SER A 81 8.83 -2.11 17.29
N LEU A 82 8.08 -2.94 16.59
CA LEU A 82 8.35 -4.37 16.56
C LEU A 82 9.54 -4.70 15.65
N GLY A 83 10.07 -3.69 14.96
CA GLY A 83 11.22 -3.94 14.11
C GLY A 83 10.81 -4.31 12.71
N GLY A 84 9.57 -3.99 12.37
CA GLY A 84 9.07 -4.29 11.08
C GLY A 84 9.70 -3.42 10.02
N ASP A 85 9.50 -3.79 8.79
CA ASP A 85 10.10 -3.08 7.69
C ASP A 85 9.50 -1.70 7.49
N LEU A 86 10.36 -0.69 7.60
CA LEU A 86 9.96 0.71 7.49
C LEU A 86 9.38 1.00 6.13
N SER A 87 9.99 0.43 5.12
CA SER A 87 9.62 0.67 3.75
C SER A 87 8.17 0.26 3.50
N GLU A 88 7.79 -0.91 4.00
CA GLU A 88 6.44 -1.40 3.81
C GLU A 88 5.41 -0.53 4.52
N ILE A 89 5.71 -0.09 5.73
CA ILE A 89 4.78 0.73 6.49
C ILE A 89 4.79 2.18 6.00
N ALA A 90 5.92 2.61 5.44
CA ALA A 90 6.02 3.94 4.86
C ALA A 90 5.06 4.07 3.68
N CYS A 91 4.95 2.98 2.92
CA CYS A 91 4.06 2.93 1.76
C CYS A 91 2.61 3.15 2.20
N LEU A 92 2.22 2.57 3.30
CA LEU A 92 0.86 2.73 3.80
C LEU A 92 0.62 4.16 4.27
N ARG A 93 1.61 4.73 4.95
CA ARG A 93 1.50 6.08 5.49
C ARG A 93 1.36 7.12 4.38
N SER A 94 2.11 6.95 3.29
CA SER A 94 2.04 7.88 2.17
C SER A 94 0.64 7.89 1.58
N MET A 95 0.03 6.71 1.51
CA MET A 95 -1.33 6.58 1.02
C MET A 95 -2.28 7.29 1.94
N ALA A 96 -2.03 7.20 3.24
CA ALA A 96 -2.87 7.84 4.24
C ALA A 96 -2.89 9.34 4.03
N ALA A 97 -1.74 9.93 3.72
CA ALA A 97 -1.67 11.34 3.44
C ALA A 97 -2.50 11.67 2.20
N SER A 98 -2.39 10.82 1.20
CA SER A 98 -3.14 10.98 -0.05
C SER A 98 -4.65 10.85 0.20
N ALA A 99 -5.05 9.89 1.03
CA ALA A 99 -6.45 9.68 1.35
C ALA A 99 -7.03 10.91 2.06
N ARG A 100 -6.26 11.46 2.99
CA ARG A 100 -6.66 12.66 3.70
C ARG A 100 -6.68 13.84 2.74
N LEU A 101 -5.75 13.81 1.82
CA LEU A 101 -5.66 14.83 0.77
C LEU A 101 -6.94 14.86 -0.04
N LEU A 102 -7.48 13.69 -0.33
CA LEU A 102 -8.68 13.55 -1.17
C LEU A 102 -9.92 14.21 -0.54
N VAL A 103 -9.90 14.43 0.76
CA VAL A 103 -11.03 15.09 1.43
C VAL A 103 -11.20 16.51 0.87
N ASN A 104 -10.10 17.21 0.71
CA ASN A 104 -10.06 18.54 0.11
C ASN A 104 -8.82 18.63 -0.77
N PRO A 105 -8.80 17.86 -1.87
CA PRO A 105 -7.58 17.62 -2.64
C PRO A 105 -6.94 18.85 -3.21
N GLN A 106 -7.72 19.86 -3.43
CA GLN A 106 -7.26 21.05 -4.13
C GLN A 106 -6.26 21.80 -3.30
N GLU A 107 -6.47 21.80 -2.02
CA GLU A 107 -5.64 22.55 -1.14
C GLU A 107 -4.71 21.66 -0.33
N ARG A 108 -4.96 20.36 -0.37
CA ARG A 108 -4.19 19.42 0.42
C ARG A 108 -2.92 18.99 -0.29
N TRP A 109 -2.73 19.47 -1.51
CA TRP A 109 -1.51 19.16 -2.27
C TRP A 109 -0.28 19.68 -1.54
N GLN A 110 -0.40 20.89 -1.02
CA GLN A 110 0.70 21.57 -0.35
C GLN A 110 1.15 20.82 0.91
N THR A 111 0.20 20.30 1.66
CA THR A 111 0.50 19.60 2.88
C THR A 111 0.66 18.10 2.68
N TYR A 112 -0.47 17.42 2.49
CA TYR A 112 -0.50 15.97 2.38
C TYR A 112 0.19 15.46 1.13
N GLY A 113 0.06 16.17 0.03
CA GLY A 113 0.72 15.74 -1.20
C GLY A 113 2.22 15.69 -1.03
N ALA A 114 2.77 16.71 -0.38
CA ALA A 114 4.19 16.74 -0.09
C ALA A 114 4.58 15.62 0.84
N GLU A 115 3.75 15.38 1.86
CA GLU A 115 4.01 14.33 2.85
C GLU A 115 4.03 12.95 2.20
N SER A 116 3.08 12.70 1.31
CA SER A 116 3.00 11.45 0.60
C SER A 116 4.27 11.24 -0.25
N SER A 117 4.69 12.30 -0.95
CA SER A 117 5.88 12.22 -1.80
C SER A 117 7.12 11.93 -0.97
N ARG A 118 7.24 12.62 0.16
CA ARG A 118 8.35 12.43 1.08
C ARG A 118 8.35 11.02 1.64
N GLN A 119 7.17 10.55 1.99
CA GLN A 119 7.01 9.26 2.57
C GLN A 119 7.36 8.15 1.57
N LEU A 120 6.98 8.35 0.29
CA LEU A 120 7.35 7.41 -0.76
C LEU A 120 8.84 7.35 -0.93
N ALA A 121 9.45 8.50 -0.82
CA ALA A 121 10.89 8.61 -0.86
C ALA A 121 11.49 7.80 0.28
N VAL A 122 10.84 7.86 1.44
CA VAL A 122 11.26 7.07 2.60
C VAL A 122 11.15 5.57 2.28
N ALA A 123 10.04 5.18 1.64
CA ALA A 123 9.85 3.78 1.28
C ALA A 123 10.95 3.31 0.35
N LEU A 124 11.28 4.13 -0.65
CA LEU A 124 12.34 3.80 -1.58
C LEU A 124 13.69 3.73 -0.88
N GLU A 125 13.91 4.66 0.04
CA GLU A 125 15.14 4.70 0.81
C GLU A 125 15.27 3.47 1.70
N ALA A 126 14.18 3.13 2.40
CA ALA A 126 14.18 1.99 3.31
C ALA A 126 14.38 0.67 2.57
N ASN A 127 13.64 0.47 1.47
CA ASN A 127 13.85 -0.71 0.64
C ASN A 127 13.72 -0.32 -0.83
N PRO A 128 14.85 -0.28 -1.56
CA PRO A 128 14.87 0.11 -2.97
C PRO A 128 14.22 -0.92 -3.90
N ALA A 129 13.97 -2.11 -3.38
CA ALA A 129 13.36 -3.17 -4.17
C ALA A 129 11.88 -3.34 -3.83
N ASN A 130 11.36 -2.43 -3.01
CA ASN A 130 9.95 -2.49 -2.60
C ASN A 130 9.04 -2.22 -3.79
N PRO A 131 8.18 -3.21 -4.14
CA PRO A 131 7.28 -3.08 -5.29
C PRO A 131 6.21 -2.01 -5.10
N ARG A 132 5.68 -1.90 -3.89
CA ARG A 132 4.63 -0.94 -3.61
C ARG A 132 5.17 0.48 -3.64
N ALA A 133 6.40 0.67 -3.20
CA ALA A 133 7.01 1.99 -3.19
C ALA A 133 7.08 2.54 -4.62
N TYR A 134 7.49 1.68 -5.56
CA TYR A 134 7.53 2.06 -6.96
C TYR A 134 6.12 2.21 -7.51
N PHE A 135 5.22 1.33 -7.09
CA PHE A 135 3.83 1.35 -7.54
C PHE A 135 3.16 2.67 -7.21
N LEU A 136 3.29 3.09 -5.97
CA LEU A 136 2.68 4.32 -5.54
C LEU A 136 3.29 5.49 -6.30
N GLN A 137 4.59 5.42 -6.51
CA GLN A 137 5.28 6.43 -7.29
C GLN A 137 4.76 6.48 -8.71
N ALA A 138 4.65 5.33 -9.34
CA ALA A 138 4.17 5.25 -10.71
C ALA A 138 2.75 5.76 -10.81
N GLN A 139 1.91 5.36 -9.86
CA GLN A 139 0.53 5.79 -9.84
C GLN A 139 0.43 7.29 -9.63
N SER A 140 1.16 7.80 -8.66
CA SER A 140 1.14 9.22 -8.38
C SER A 140 1.68 10.02 -9.58
N LEU A 141 2.79 9.56 -10.14
CA LEU A 141 3.42 10.23 -11.27
C LEU A 141 2.52 10.22 -12.51
N LEU A 142 1.87 9.10 -12.76
CA LEU A 142 0.99 8.98 -13.91
C LEU A 142 -0.22 9.90 -13.80
N TYR A 143 -0.77 10.00 -12.62
CA TYR A 143 -1.98 10.78 -12.41
C TYR A 143 -1.68 12.14 -11.80
N THR A 144 -0.44 12.58 -11.92
CA THR A 144 -0.03 13.87 -11.37
C THR A 144 -0.80 15.01 -12.04
N PRO A 145 -1.47 15.86 -11.24
CA PRO A 145 -2.22 17.01 -11.76
C PRO A 145 -1.27 18.10 -12.29
N ALA A 146 -0.15 18.31 -11.58
CA ALA A 146 0.85 19.33 -11.96
C ALA A 146 1.96 19.45 -10.91
N GLN A 147 1.58 19.27 -9.65
CA GLN A 147 2.50 19.47 -8.52
C GLN A 147 3.75 18.59 -8.58
N PHE A 148 3.57 17.33 -8.86
CA PHE A 148 4.68 16.38 -8.81
C PHE A 148 5.51 16.41 -10.08
N GLY A 149 4.99 17.06 -11.13
CA GLY A 149 5.71 17.11 -12.38
C GLY A 149 5.84 15.74 -13.00
N GLY A 150 4.77 14.97 -12.92
CA GLY A 150 4.79 13.61 -13.40
C GLY A 150 4.37 13.49 -14.84
N GLY A 151 3.83 12.35 -15.17
CA GLY A 151 3.43 12.05 -16.51
C GLY A 151 3.75 10.62 -16.88
N LYS A 152 3.51 10.25 -18.12
CA LYS A 152 3.78 8.88 -18.59
C LYS A 152 5.24 8.60 -18.47
N ASP A 153 6.00 9.59 -18.86
CA ASP A 153 7.46 9.54 -18.85
C ASP A 153 8.02 9.22 -17.48
N LYS A 154 7.53 9.91 -16.48
CA LYS A 154 8.01 9.73 -15.12
C LYS A 154 7.54 8.40 -14.54
N ALA A 155 6.31 8.01 -14.88
CA ALA A 155 5.72 6.79 -14.38
C ALA A 155 6.35 5.53 -14.99
N LEU A 156 6.98 5.67 -16.16
CA LEU A 156 7.54 4.52 -16.88
C LEU A 156 8.52 3.67 -16.04
N PRO A 157 9.59 4.26 -15.45
CA PRO A 157 10.58 3.48 -14.67
C PRO A 157 9.95 2.82 -13.47
N PHE A 158 9.12 3.59 -12.80
CA PHE A 158 8.47 3.13 -11.57
C PHE A 158 7.48 2.00 -11.82
N ALA A 159 6.72 2.09 -12.91
CA ALA A 159 5.78 1.05 -13.25
C ALA A 159 6.51 -0.25 -13.57
N GLU A 160 7.60 -0.14 -14.32
CA GLU A 160 8.39 -1.30 -14.69
C GLU A 160 9.02 -1.94 -13.46
N LYS A 161 9.50 -1.09 -12.55
CA LYS A 161 10.10 -1.53 -11.31
C LYS A 161 9.14 -2.30 -10.44
N SER A 162 7.97 -1.73 -10.22
CA SER A 162 6.99 -2.33 -9.34
C SER A 162 6.58 -3.71 -9.83
N VAL A 163 6.33 -3.83 -11.12
CA VAL A 163 5.94 -5.10 -11.70
C VAL A 163 7.06 -6.12 -11.55
N SER A 164 8.29 -5.67 -11.80
CA SER A 164 9.45 -6.54 -11.72
C SER A 164 9.62 -7.00 -10.30
N CYS A 165 9.44 -6.06 -9.39
CA CYS A 165 9.57 -6.29 -7.99
C CYS A 165 8.55 -7.31 -7.46
N TYR A 166 7.30 -7.25 -7.96
CA TYR A 166 6.31 -8.24 -7.51
C TYR A 166 6.75 -9.63 -7.92
N ALA A 167 7.27 -9.76 -9.13
CA ALA A 167 7.76 -11.03 -9.62
C ALA A 167 8.95 -11.48 -8.79
N ALA A 168 9.84 -10.55 -8.49
CA ALA A 168 11.03 -10.81 -7.70
C ALA A 168 10.66 -11.25 -6.28
N ALA A 169 9.66 -10.58 -5.70
CA ALA A 169 9.22 -10.89 -4.34
C ALA A 169 8.69 -12.31 -4.25
N THR A 170 7.95 -12.69 -5.29
CA THR A 170 7.35 -14.03 -5.40
C THR A 170 6.23 -14.24 -4.35
N VAL A 171 5.96 -13.18 -3.59
CA VAL A 171 4.95 -13.18 -2.53
C VAL A 171 5.13 -14.35 -1.56
N SER A 172 5.96 -14.15 -0.56
CA SER A 172 6.23 -15.16 0.43
C SER A 172 6.14 -14.56 1.84
N PRO A 173 5.85 -15.37 2.88
CA PRO A 173 5.63 -16.83 2.74
C PRO A 173 4.33 -17.20 2.00
N ALA A 174 3.27 -16.43 2.23
CA ALA A 174 1.97 -16.70 1.62
C ALA A 174 1.01 -15.58 1.92
N TYR A 175 1.00 -15.16 3.17
CA TYR A 175 0.12 -14.10 3.62
C TYR A 175 0.76 -12.74 3.41
N ALA A 176 1.86 -12.71 2.67
CA ALA A 176 2.53 -11.45 2.36
C ALA A 176 1.62 -10.61 1.46
N PRO A 177 1.74 -9.27 1.51
CA PRO A 177 0.84 -8.36 0.77
C PRO A 177 0.76 -8.69 -0.73
N HIS A 178 -0.47 -8.84 -1.21
CA HIS A 178 -0.72 -9.14 -2.62
C HIS A 178 -1.24 -7.91 -3.33
N TRP A 179 -1.60 -6.92 -2.54
CA TRP A 179 -2.21 -5.73 -3.08
C TRP A 179 -1.25 -4.93 -3.94
N GLY A 180 -1.80 -4.34 -4.97
CA GLY A 180 -1.02 -3.56 -5.89
C GLY A 180 -0.44 -4.39 -7.02
N GLU A 181 -0.49 -5.73 -6.90
CA GLU A 181 0.08 -6.61 -7.92
C GLU A 181 -0.63 -6.44 -9.27
N GLN A 182 -1.95 -6.54 -9.24
CA GLN A 182 -2.74 -6.41 -10.45
C GLN A 182 -2.70 -4.99 -10.98
N GLN A 183 -2.77 -4.05 -10.04
CA GLN A 183 -2.80 -2.64 -10.37
C GLN A 183 -1.50 -2.19 -11.04
N ALA A 184 -0.37 -2.65 -10.52
CA ALA A 184 0.93 -2.29 -11.09
C ALA A 184 1.09 -2.85 -12.50
N ARG A 185 0.62 -4.07 -12.69
CA ARG A 185 0.73 -4.75 -13.96
C ARG A 185 -0.01 -3.97 -15.06
N GLN A 186 -1.23 -3.53 -14.76
CA GLN A 186 -1.99 -2.75 -15.72
C GLN A 186 -1.44 -1.32 -15.80
N LEU A 187 -0.89 -0.85 -14.69
CA LEU A 187 -0.35 0.50 -14.60
C LEU A 187 0.79 0.68 -15.59
N LEU A 188 1.64 -0.33 -15.70
CA LEU A 188 2.77 -0.30 -16.61
C LEU A 188 2.30 -0.15 -18.07
N MET A 189 1.33 -0.95 -18.47
CA MET A 189 0.84 -0.86 -19.84
C MET A 189 0.13 0.46 -20.07
N LEU A 190 -0.46 1.00 -19.01
CA LEU A 190 -1.09 2.30 -19.08
C LEU A 190 -0.05 3.41 -19.26
N CYS A 191 1.08 3.31 -18.55
CA CYS A 191 2.10 4.33 -18.65
C CYS A 191 2.82 4.25 -19.99
N LYS A 192 2.99 3.03 -20.51
CA LYS A 192 3.65 2.88 -21.80
C LYS A 192 2.66 3.13 -22.91
N ALA A 193 1.69 2.21 -23.00
CA ALA A 193 0.67 2.21 -24.04
C ALA A 193 1.30 2.29 -25.43
N GLU A 194 2.53 1.82 -25.51
CA GLU A 194 3.28 1.81 -26.75
C GLU A 194 3.75 0.38 -27.02
N THR A 195 3.21 -0.23 -28.05
CA THR A 195 3.62 -1.57 -28.40
C THR A 195 3.62 -1.76 -29.91
N GLN A 196 4.73 -2.21 -30.45
CA GLN A 196 4.82 -2.48 -31.86
C GLN A 196 4.88 -3.97 -32.09
N GLU A 197 4.05 -4.44 -32.98
CA GLU A 197 4.04 -5.82 -33.34
C GLU A 197 5.04 -6.03 -34.47
N LEU A 198 6.06 -6.82 -34.21
CA LEU A 198 7.09 -7.03 -35.19
C LEU A 198 6.97 -8.41 -35.80
N VAL A 199 7.29 -8.49 -37.07
CA VAL A 199 7.23 -9.76 -37.77
C VAL A 199 8.61 -10.15 -38.27
N PRO A 200 9.08 -11.35 -37.91
CA PRO A 200 10.36 -11.87 -38.35
C PRO A 200 10.33 -12.24 -39.82
N ARG A 201 11.45 -11.98 -40.51
CA ARG A 201 11.57 -12.28 -41.93
C ARG A 201 10.54 -11.49 -42.75
N MET A 1 -16.19 -15.73 11.95
CA MET A 1 -15.86 -15.31 13.32
C MET A 1 -15.29 -16.49 14.11
N GLY A 2 -13.99 -16.51 14.33
CA GLY A 2 -13.39 -17.61 15.04
C GLY A 2 -11.93 -17.39 15.35
N GLN A 3 -11.32 -18.39 15.94
CA GLN A 3 -9.92 -18.33 16.33
C GLN A 3 -9.12 -19.41 15.61
N GLY A 4 -7.84 -19.15 15.39
CA GLY A 4 -6.99 -20.13 14.74
C GLY A 4 -5.95 -20.68 15.68
N THR A 5 -5.43 -21.85 15.37
CA THR A 5 -4.45 -22.52 16.21
C THR A 5 -3.07 -21.86 16.22
N ALA A 6 -2.66 -21.32 15.10
CA ALA A 6 -1.33 -20.73 14.98
C ALA A 6 -1.40 -19.36 14.38
N TYR A 7 -0.50 -18.48 14.81
CA TYR A 7 -0.46 -17.10 14.34
C TYR A 7 -0.30 -17.03 12.83
N ALA A 8 0.66 -17.78 12.30
CA ALA A 8 0.88 -17.80 10.87
C ALA A 8 -0.35 -18.31 10.15
N GLU A 9 -0.96 -19.36 10.69
CA GLU A 9 -2.16 -19.94 10.10
C GLU A 9 -3.33 -18.96 10.14
N VAL A 10 -3.45 -18.26 11.26
CA VAL A 10 -4.49 -17.26 11.44
C VAL A 10 -4.31 -16.15 10.41
N MET A 11 -3.08 -15.67 10.29
CA MET A 11 -2.75 -14.60 9.36
C MET A 11 -2.98 -15.05 7.92
N ASN A 12 -2.59 -16.29 7.62
CA ASN A 12 -2.78 -16.85 6.28
C ASN A 12 -4.25 -16.90 5.89
N ARG A 13 -5.09 -17.27 6.85
CA ARG A 13 -6.51 -17.35 6.59
C ARG A 13 -7.10 -15.94 6.45
N LYS A 14 -6.65 -15.02 7.31
CA LYS A 14 -7.15 -13.64 7.28
C LYS A 14 -6.77 -12.95 5.98
N VAL A 15 -5.54 -13.16 5.54
CA VAL A 15 -5.06 -12.56 4.29
C VAL A 15 -5.78 -13.14 3.08
N ALA A 16 -6.04 -14.45 3.11
CA ALA A 16 -6.75 -15.09 2.02
C ALA A 16 -8.15 -14.49 1.87
N ALA A 17 -8.79 -14.22 3.01
CA ALA A 17 -10.09 -13.56 3.02
C ALA A 17 -9.93 -12.15 2.52
N LEU A 18 -8.83 -11.54 2.89
CA LEU A 18 -8.52 -10.16 2.55
C LEU A 18 -8.50 -9.98 1.04
N ASP A 19 -7.88 -10.92 0.34
CA ASP A 19 -7.83 -10.89 -1.11
C ASP A 19 -9.23 -10.99 -1.70
N SER A 20 -10.01 -11.90 -1.14
CA SER A 20 -11.34 -12.21 -1.62
C SER A 20 -12.36 -11.10 -1.32
N VAL A 21 -12.30 -10.56 -0.12
CA VAL A 21 -13.26 -9.58 0.35
C VAL A 21 -13.04 -8.20 -0.30
N PRO A 22 -14.14 -7.48 -0.62
CA PRO A 22 -14.07 -6.11 -1.14
C PRO A 22 -13.36 -5.16 -0.17
N PRO A 23 -12.64 -4.17 -0.69
CA PRO A 23 -11.85 -3.22 0.13
C PRO A 23 -12.70 -2.43 1.14
N THR A 24 -13.97 -2.27 0.84
CA THR A 24 -14.88 -1.58 1.71
C THR A 24 -15.06 -2.32 3.05
N GLU A 25 -15.13 -3.65 2.97
CA GLU A 25 -15.37 -4.48 4.14
C GLU A 25 -14.09 -4.78 4.92
N TYR A 26 -13.01 -4.08 4.59
CA TYR A 26 -11.73 -4.25 5.27
C TYR A 26 -11.83 -3.85 6.75
N ALA A 27 -12.88 -3.11 7.09
CA ALA A 27 -13.07 -2.63 8.45
C ALA A 27 -13.13 -3.78 9.44
N THR A 28 -13.81 -4.86 9.07
CA THR A 28 -13.89 -6.02 9.95
C THR A 28 -12.53 -6.71 10.06
N LEU A 29 -11.81 -6.80 8.95
CA LEU A 29 -10.53 -7.44 8.96
C LEU A 29 -9.53 -6.64 9.76
N ALA A 30 -9.63 -5.31 9.66
CA ALA A 30 -8.76 -4.43 10.43
C ALA A 30 -8.97 -4.69 11.90
N ALA A 31 -10.22 -4.89 12.28
CA ALA A 31 -10.55 -5.21 13.65
C ALA A 31 -9.92 -6.54 14.03
N ASP A 32 -9.99 -7.51 13.14
CA ASP A 32 -9.42 -8.84 13.40
C ASP A 32 -7.92 -8.78 13.58
N PHE A 33 -7.24 -8.01 12.73
CA PHE A 33 -5.80 -7.88 12.83
C PHE A 33 -5.42 -7.17 14.11
N SER A 34 -6.19 -6.15 14.47
CA SER A 34 -5.94 -5.42 15.70
C SER A 34 -6.19 -6.33 16.90
N ARG A 35 -7.18 -7.22 16.78
CA ARG A 35 -7.49 -8.18 17.82
C ARG A 35 -6.32 -9.12 18.03
N ILE A 36 -5.73 -9.56 16.93
CA ILE A 36 -4.60 -10.46 16.99
C ILE A 36 -3.44 -9.79 17.70
N ALA A 37 -3.14 -8.56 17.30
CA ALA A 37 -2.06 -7.79 17.90
C ALA A 37 -2.34 -7.51 19.37
N ALA A 38 -3.59 -7.21 19.71
CA ALA A 38 -3.96 -6.94 21.09
C ALA A 38 -3.90 -8.21 21.96
N VAL A 39 -4.43 -9.32 21.45
CA VAL A 39 -4.46 -10.58 22.19
C VAL A 39 -3.08 -11.20 22.32
N GLU A 40 -2.43 -11.24 21.24
CA GLU A 40 -1.12 -11.85 21.12
C GLU A 40 -0.10 -10.86 20.66
N GLY A 41 1.11 -10.97 21.20
CA GLY A 41 2.16 -10.06 20.85
C GLY A 41 2.40 -10.03 19.37
N SER A 42 2.22 -11.19 18.74
CA SER A 42 2.37 -11.34 17.32
C SER A 42 3.67 -10.69 16.83
N ASP A 43 3.63 -10.13 15.64
CA ASP A 43 4.75 -9.38 15.11
C ASP A 43 4.24 -8.19 14.32
N TRP A 44 5.15 -7.54 13.62
CA TRP A 44 4.85 -6.30 12.91
C TRP A 44 3.76 -6.49 11.84
N MET A 45 3.63 -7.72 11.32
CA MET A 45 2.70 -8.00 10.23
C MET A 45 1.27 -7.71 10.64
N ALA A 46 0.92 -8.07 11.87
CA ALA A 46 -0.42 -7.83 12.39
C ALA A 46 -0.70 -6.33 12.41
N ALA A 47 0.28 -5.56 12.89
CA ALA A 47 0.18 -4.11 12.92
C ALA A 47 0.12 -3.53 11.51
N TYR A 48 0.92 -4.11 10.62
CA TYR A 48 0.99 -3.68 9.22
C TYR A 48 -0.37 -3.82 8.56
N TYR A 49 -0.98 -4.98 8.72
CA TYR A 49 -2.28 -5.22 8.12
C TYR A 49 -3.39 -4.42 8.78
N THR A 50 -3.27 -4.16 10.08
CA THR A 50 -4.28 -3.36 10.75
C THR A 50 -4.34 -1.96 10.13
N ALA A 51 -3.17 -1.36 9.94
CA ALA A 51 -3.06 -0.05 9.31
C ALA A 51 -3.55 -0.11 7.87
N TYR A 52 -3.16 -1.17 7.19
CA TYR A 52 -3.52 -1.41 5.79
C TYR A 52 -5.03 -1.46 5.58
N CYS A 53 -5.70 -2.24 6.40
CA CYS A 53 -7.13 -2.45 6.27
C CYS A 53 -7.93 -1.18 6.60
N ARG A 54 -7.30 -0.22 7.26
CA ARG A 54 -7.95 1.06 7.52
C ARG A 54 -7.71 2.05 6.38
N ILE A 55 -6.49 2.06 5.88
CA ILE A 55 -6.08 2.98 4.82
C ILE A 55 -6.76 2.71 3.48
N ILE A 56 -6.90 1.44 3.12
CA ILE A 56 -7.53 1.09 1.83
C ILE A 56 -8.98 1.64 1.70
N PRO A 57 -9.88 1.37 2.69
CA PRO A 57 -11.24 1.92 2.68
C PRO A 57 -11.25 3.43 2.93
N ALA A 58 -10.13 3.97 3.42
CA ALA A 58 -9.99 5.41 3.67
C ALA A 58 -10.18 6.18 2.39
N PHE A 59 -9.67 5.61 1.30
CA PHE A 59 -9.83 6.21 -0.02
C PHE A 59 -11.31 6.37 -0.35
N GLY A 60 -12.11 5.43 0.11
CA GLY A 60 -13.53 5.48 -0.11
C GLY A 60 -14.29 6.00 1.10
N ASN A 61 -13.57 6.52 2.09
CA ASN A 61 -14.20 7.01 3.30
C ASN A 61 -13.56 8.31 3.78
N PRO A 62 -13.81 9.42 3.07
CA PRO A 62 -13.29 10.74 3.45
C PRO A 62 -14.00 11.28 4.69
N SER A 63 -15.07 10.62 5.09
CA SER A 63 -15.87 11.03 6.22
C SER A 63 -15.05 11.04 7.53
N GLU A 64 -14.22 10.01 7.72
CA GLU A 64 -13.41 9.92 8.92
C GLU A 64 -12.05 9.37 8.59
N ALA A 65 -11.56 9.70 7.41
CA ALA A 65 -10.27 9.21 6.94
C ALA A 65 -9.15 9.62 7.89
N ASP A 66 -9.24 10.83 8.41
CA ASP A 66 -8.23 11.33 9.34
C ASP A 66 -8.20 10.51 10.63
N ARG A 67 -9.38 10.17 11.14
CA ARG A 67 -9.49 9.40 12.39
C ARG A 67 -8.97 7.99 12.23
N LEU A 68 -9.22 7.39 11.10
CA LEU A 68 -8.73 6.05 10.85
C LEU A 68 -7.25 6.11 10.46
N CYS A 69 -6.83 7.24 9.89
CA CYS A 69 -5.44 7.47 9.55
C CYS A 69 -4.58 7.47 10.79
N GLU A 70 -5.02 8.20 11.81
CA GLU A 70 -4.28 8.27 13.07
C GLU A 70 -4.24 6.89 13.74
N GLU A 71 -5.33 6.14 13.60
CA GLU A 71 -5.39 4.78 14.10
C GLU A 71 -4.35 3.92 13.38
N ALA A 72 -4.33 4.05 12.07
CA ALA A 72 -3.41 3.31 11.24
C ALA A 72 -1.97 3.68 11.55
N GLU A 73 -1.73 4.97 11.77
CA GLU A 73 -0.41 5.47 12.05
C GLU A 73 0.15 4.90 13.33
N SER A 74 -0.68 4.80 14.35
CA SER A 74 -0.24 4.25 15.61
C SER A 74 0.15 2.77 15.41
N MET A 75 -0.59 2.09 14.54
CA MET A 75 -0.30 0.69 14.21
C MET A 75 1.01 0.61 13.41
N LEU A 76 1.21 1.59 12.52
CA LEU A 76 2.43 1.68 11.72
C LEU A 76 3.63 1.81 12.64
N SER A 77 3.44 2.56 13.72
CA SER A 77 4.47 2.79 14.70
C SER A 77 4.88 1.46 15.34
N LYS A 78 3.91 0.58 15.55
CA LYS A 78 4.18 -0.73 16.13
C LYS A 78 5.09 -1.53 15.20
N ALA A 79 4.81 -1.44 13.90
CA ALA A 79 5.63 -2.11 12.90
C ALA A 79 7.05 -1.58 12.93
N GLU A 80 7.17 -0.25 13.06
CA GLU A 80 8.46 0.42 13.16
C GLU A 80 9.17 -0.04 14.45
N SER A 81 8.42 -0.10 15.53
CA SER A 81 8.94 -0.49 16.83
C SER A 81 9.52 -1.90 16.81
N LEU A 82 8.85 -2.80 16.13
CA LEU A 82 9.26 -4.20 16.07
C LEU A 82 10.38 -4.42 15.05
N GLY A 83 10.72 -3.37 14.31
CA GLY A 83 11.80 -3.47 13.37
C GLY A 83 11.37 -4.11 12.08
N GLY A 84 10.11 -3.90 11.73
CA GLY A 84 9.58 -4.43 10.52
C GLY A 84 10.02 -3.60 9.33
N ASP A 85 9.65 -4.03 8.14
CA ASP A 85 10.04 -3.31 6.93
C ASP A 85 9.43 -1.93 6.90
N LEU A 86 10.29 -0.94 6.90
CA LEU A 86 9.87 0.44 6.91
C LEU A 86 9.16 0.81 5.60
N SER A 87 9.66 0.28 4.50
CA SER A 87 9.12 0.62 3.18
C SER A 87 7.65 0.25 3.08
N GLU A 88 7.31 -0.91 3.56
CA GLU A 88 5.95 -1.39 3.49
C GLU A 88 5.00 -0.52 4.30
N ILE A 89 5.45 -0.06 5.47
CA ILE A 89 4.60 0.78 6.30
C ILE A 89 4.66 2.23 5.83
N ALA A 90 5.78 2.62 5.24
CA ALA A 90 5.93 3.95 4.66
C ALA A 90 4.95 4.13 3.52
N CYS A 91 4.81 3.08 2.73
CA CYS A 91 3.89 3.05 1.60
C CYS A 91 2.44 3.20 2.08
N LEU A 92 2.11 2.54 3.17
CA LEU A 92 0.77 2.64 3.70
C LEU A 92 0.48 4.06 4.15
N ARG A 93 1.44 4.68 4.81
CA ARG A 93 1.28 6.04 5.31
C ARG A 93 1.13 7.05 4.18
N SER A 94 1.89 6.86 3.10
CA SER A 94 1.79 7.76 1.96
C SER A 94 0.39 7.70 1.35
N MET A 95 -0.19 6.50 1.33
CA MET A 95 -1.55 6.32 0.84
C MET A 95 -2.53 7.08 1.72
N ALA A 96 -2.27 7.05 3.02
CA ALA A 96 -3.13 7.74 3.98
C ALA A 96 -3.17 9.23 3.68
N ALA A 97 -2.01 9.81 3.35
CA ALA A 97 -1.96 11.21 2.97
C ALA A 97 -2.75 11.42 1.68
N SER A 98 -2.62 10.48 0.76
CA SER A 98 -3.33 10.52 -0.51
C SER A 98 -4.85 10.42 -0.31
N ALA A 99 -5.26 9.56 0.63
CA ALA A 99 -6.68 9.40 0.95
C ALA A 99 -7.26 10.71 1.47
N ARG A 100 -6.48 11.42 2.27
CA ARG A 100 -6.90 12.70 2.81
C ARG A 100 -6.97 13.77 1.72
N LEU A 101 -6.22 13.57 0.64
CA LEU A 101 -6.28 14.45 -0.52
C LEU A 101 -7.61 14.34 -1.22
N LEU A 102 -8.22 13.19 -1.13
CA LEU A 102 -9.51 12.98 -1.74
C LEU A 102 -10.55 13.89 -1.10
N VAL A 103 -10.28 14.25 0.15
CA VAL A 103 -11.13 15.19 0.87
C VAL A 103 -11.09 16.56 0.16
N ASN A 104 -9.89 17.00 -0.21
CA ASN A 104 -9.73 18.25 -0.97
C ASN A 104 -8.57 18.16 -1.94
N PRO A 105 -8.82 17.67 -3.15
CA PRO A 105 -7.78 17.52 -4.16
C PRO A 105 -7.59 18.81 -4.93
N GLN A 106 -7.51 19.91 -4.21
CA GLN A 106 -7.36 21.20 -4.83
C GLN A 106 -6.14 21.94 -4.30
N GLU A 107 -6.04 22.07 -2.99
CA GLU A 107 -4.93 22.79 -2.40
C GLU A 107 -4.18 21.95 -1.39
N ARG A 108 -4.76 20.83 -0.99
CA ARG A 108 -4.17 19.99 0.03
C ARG A 108 -2.96 19.24 -0.51
N TRP A 109 -2.76 19.34 -1.82
CA TRP A 109 -1.62 18.72 -2.51
C TRP A 109 -0.32 19.26 -1.92
N GLN A 110 -0.37 20.52 -1.53
CA GLN A 110 0.79 21.23 -1.00
C GLN A 110 1.33 20.55 0.25
N THR A 111 0.43 20.08 1.11
CA THR A 111 0.83 19.46 2.35
C THR A 111 0.75 17.93 2.28
N TYR A 112 -0.46 17.40 2.07
CA TYR A 112 -0.71 15.96 2.05
C TYR A 112 -0.03 15.29 0.88
N GLY A 113 -0.04 15.95 -0.27
CA GLY A 113 0.65 15.40 -1.42
C GLY A 113 2.12 15.29 -1.16
N ALA A 114 2.66 16.32 -0.51
CA ALA A 114 4.06 16.33 -0.11
C ALA A 114 4.32 15.23 0.89
N GLU A 115 3.38 15.02 1.81
CA GLU A 115 3.52 13.96 2.80
C GLU A 115 3.60 12.61 2.13
N SER A 116 2.79 12.44 1.08
CA SER A 116 2.80 11.22 0.30
C SER A 116 4.18 11.00 -0.33
N SER A 117 4.76 12.06 -0.90
CA SER A 117 6.07 11.96 -1.54
C SER A 117 7.18 11.75 -0.50
N ARG A 118 7.02 12.39 0.67
CA ARG A 118 7.99 12.24 1.75
C ARG A 118 8.07 10.79 2.18
N GLN A 119 6.91 10.19 2.37
CA GLN A 119 6.80 8.80 2.76
C GLN A 119 7.34 7.87 1.67
N LEU A 120 7.02 8.19 0.43
CA LEU A 120 7.49 7.40 -0.70
C LEU A 120 8.99 7.44 -0.84
N ALA A 121 9.56 8.58 -0.60
CA ALA A 121 11.01 8.72 -0.62
C ALA A 121 11.59 7.83 0.44
N VAL A 122 10.94 7.82 1.59
CA VAL A 122 11.34 6.97 2.70
C VAL A 122 11.22 5.49 2.31
N ALA A 123 10.12 5.13 1.63
CA ALA A 123 9.92 3.76 1.20
C ALA A 123 11.02 3.30 0.24
N LEU A 124 11.37 4.17 -0.70
CA LEU A 124 12.44 3.86 -1.64
C LEU A 124 13.77 3.76 -0.91
N GLU A 125 14.00 4.64 0.03
CA GLU A 125 15.22 4.65 0.78
C GLU A 125 15.34 3.46 1.74
N ALA A 126 14.24 3.08 2.40
CA ALA A 126 14.27 1.93 3.31
C ALA A 126 14.63 0.65 2.55
N ASN A 127 13.92 0.40 1.45
CA ASN A 127 14.30 -0.66 0.53
C ASN A 127 13.66 -0.41 -0.81
N PRO A 128 14.45 -0.01 -1.81
CA PRO A 128 13.93 0.33 -3.13
C PRO A 128 13.32 -0.86 -3.83
N ALA A 129 13.81 -2.05 -3.50
CA ALA A 129 13.35 -3.28 -4.11
C ALA A 129 11.88 -3.54 -3.81
N ASN A 130 11.36 -2.88 -2.78
CA ASN A 130 9.97 -3.02 -2.40
C ASN A 130 9.06 -2.52 -3.54
N PRO A 131 8.17 -3.41 -4.03
CA PRO A 131 7.32 -3.13 -5.19
C PRO A 131 6.31 -2.03 -4.95
N ARG A 132 5.86 -1.90 -3.71
CA ARG A 132 4.91 -0.85 -3.36
C ARG A 132 5.54 0.53 -3.49
N ALA A 133 6.81 0.63 -3.13
CA ALA A 133 7.51 1.91 -3.19
C ALA A 133 7.56 2.42 -4.62
N TYR A 134 7.87 1.55 -5.56
CA TYR A 134 7.89 1.92 -6.98
C TYR A 134 6.48 2.16 -7.51
N PHE A 135 5.54 1.31 -7.08
CA PHE A 135 4.15 1.38 -7.54
C PHE A 135 3.51 2.72 -7.21
N LEU A 136 3.63 3.13 -5.97
CA LEU A 136 3.04 4.37 -5.53
C LEU A 136 3.65 5.56 -6.24
N GLN A 137 4.96 5.52 -6.45
CA GLN A 137 5.62 6.57 -7.20
C GLN A 137 5.09 6.62 -8.62
N ALA A 138 4.90 5.47 -9.23
CA ALA A 138 4.38 5.40 -10.58
C ALA A 138 2.97 5.99 -10.65
N GLN A 139 2.14 5.62 -9.68
CA GLN A 139 0.79 6.14 -9.61
C GLN A 139 0.80 7.64 -9.39
N SER A 140 1.60 8.09 -8.44
CA SER A 140 1.68 9.50 -8.13
C SER A 140 2.19 10.29 -9.33
N LEU A 141 3.26 9.80 -9.95
CA LEU A 141 3.86 10.46 -11.10
C LEU A 141 2.91 10.52 -12.27
N LEU A 142 2.17 9.45 -12.48
CA LEU A 142 1.19 9.40 -13.57
C LEU A 142 0.08 10.44 -13.39
N TYR A 143 -0.41 10.58 -12.16
CA TYR A 143 -1.54 11.46 -11.89
C TYR A 143 -1.12 12.77 -11.22
N THR A 144 0.17 13.13 -11.33
CA THR A 144 0.69 14.32 -10.68
C THR A 144 0.06 15.62 -11.18
N PRO A 145 -0.41 16.45 -10.25
CA PRO A 145 -0.78 17.82 -10.54
C PRO A 145 0.46 18.62 -10.97
N ALA A 146 0.24 19.81 -11.49
CA ALA A 146 1.34 20.67 -11.97
C ALA A 146 2.35 20.98 -10.86
N GLN A 147 1.90 20.86 -9.62
CA GLN A 147 2.71 21.15 -8.45
C GLN A 147 3.95 20.24 -8.36
N PHE A 148 3.78 18.97 -8.71
CA PHE A 148 4.86 18.00 -8.58
C PHE A 148 5.68 17.91 -9.86
N GLY A 149 5.07 18.28 -10.98
CA GLY A 149 5.78 18.27 -12.25
C GLY A 149 6.16 16.87 -12.71
N GLY A 150 5.27 15.91 -12.53
CA GLY A 150 5.55 14.56 -12.91
C GLY A 150 5.19 14.27 -14.36
N GLY A 151 4.46 13.19 -14.58
CA GLY A 151 4.07 12.80 -15.91
C GLY A 151 4.18 11.31 -16.09
N LYS A 152 3.50 10.77 -17.09
CA LYS A 152 3.55 9.33 -17.34
C LYS A 152 4.95 8.89 -17.71
N ASP A 153 5.71 9.79 -18.33
CA ASP A 153 7.09 9.51 -18.70
C ASP A 153 7.92 9.27 -17.46
N LYS A 154 7.63 10.02 -16.41
CA LYS A 154 8.30 9.86 -15.13
C LYS A 154 7.91 8.53 -14.49
N ALA A 155 6.66 8.16 -14.66
CA ALA A 155 6.12 6.95 -14.08
C ALA A 155 6.55 5.67 -14.83
N LEU A 156 7.07 5.84 -16.03
CA LEU A 156 7.45 4.70 -16.88
C LEU A 156 8.44 3.74 -16.18
N PRO A 157 9.60 4.25 -15.65
CA PRO A 157 10.56 3.38 -14.99
C PRO A 157 10.03 2.80 -13.68
N PHE A 158 9.23 3.59 -12.98
CA PHE A 158 8.65 3.16 -11.70
C PHE A 158 7.64 2.05 -11.90
N ALA A 159 6.80 2.20 -12.92
CA ALA A 159 5.80 1.20 -13.20
C ALA A 159 6.47 -0.12 -13.57
N GLU A 160 7.50 -0.05 -14.40
CA GLU A 160 8.24 -1.24 -14.80
C GLU A 160 8.98 -1.85 -13.61
N LYS A 161 9.55 -1.01 -12.75
CA LYS A 161 10.24 -1.47 -11.57
C LYS A 161 9.33 -2.27 -10.65
N SER A 162 8.15 -1.72 -10.39
CA SER A 162 7.19 -2.40 -9.53
C SER A 162 6.79 -3.75 -10.14
N VAL A 163 6.49 -3.74 -11.44
CA VAL A 163 6.11 -4.96 -12.14
C VAL A 163 7.27 -5.95 -12.17
N SER A 164 8.47 -5.44 -12.39
CA SER A 164 9.67 -6.27 -12.42
C SER A 164 9.86 -6.98 -11.09
N CYS A 165 9.62 -6.25 -10.00
CA CYS A 165 9.70 -6.83 -8.68
C CYS A 165 8.68 -7.95 -8.54
N TYR A 166 7.47 -7.73 -9.04
CA TYR A 166 6.42 -8.75 -9.00
C TYR A 166 6.77 -9.93 -9.91
N ALA A 167 7.53 -9.66 -10.97
CA ALA A 167 8.02 -10.73 -11.84
C ALA A 167 8.92 -11.67 -11.04
N ALA A 168 9.75 -11.08 -10.16
CA ALA A 168 10.57 -11.86 -9.25
C ALA A 168 9.67 -12.63 -8.29
N ALA A 169 8.60 -11.94 -7.84
CA ALA A 169 7.56 -12.52 -6.98
C ALA A 169 8.12 -13.14 -5.73
N THR A 170 8.82 -12.35 -4.96
CA THR A 170 9.35 -12.82 -3.71
C THR A 170 8.36 -12.50 -2.59
N VAL A 171 7.58 -13.50 -2.23
CA VAL A 171 6.61 -13.36 -1.16
C VAL A 171 6.98 -14.28 -0.01
N SER A 172 7.21 -13.70 1.16
CA SER A 172 7.56 -14.46 2.34
C SER A 172 6.90 -13.84 3.57
N PRO A 173 6.17 -14.64 4.37
CA PRO A 173 5.99 -16.06 4.12
C PRO A 173 4.86 -16.35 3.11
N ALA A 174 3.69 -16.73 3.61
CA ALA A 174 2.56 -17.01 2.74
C ALA A 174 1.53 -15.90 2.79
N TYR A 175 1.45 -15.24 3.93
CA TYR A 175 0.47 -14.17 4.11
C TYR A 175 1.10 -12.81 3.88
N ALA A 176 2.27 -12.79 3.26
CA ALA A 176 2.95 -11.54 2.99
C ALA A 176 2.14 -10.74 1.97
N PRO A 177 2.19 -9.39 2.04
CA PRO A 177 1.37 -8.51 1.20
C PRO A 177 1.40 -8.85 -0.29
N HIS A 178 0.26 -9.29 -0.81
CA HIS A 178 0.13 -9.65 -2.22
C HIS A 178 -0.59 -8.53 -2.96
N TRP A 179 -0.87 -7.46 -2.24
CA TRP A 179 -1.64 -6.38 -2.81
C TRP A 179 -0.79 -5.48 -3.70
N GLY A 180 -1.43 -4.94 -4.71
CA GLY A 180 -0.75 -4.07 -5.64
C GLY A 180 -0.21 -4.82 -6.85
N GLU A 181 -0.21 -6.16 -6.78
CA GLU A 181 0.30 -6.96 -7.89
C GLU A 181 -0.52 -6.75 -9.16
N GLN A 182 -1.84 -6.73 -9.00
CA GLN A 182 -2.74 -6.55 -10.12
C GLN A 182 -2.67 -5.12 -10.63
N GLN A 183 -2.63 -4.18 -9.68
CA GLN A 183 -2.64 -2.76 -9.99
C GLN A 183 -1.37 -2.31 -10.70
N ALA A 184 -0.22 -2.79 -10.24
CA ALA A 184 1.05 -2.39 -10.83
C ALA A 184 1.16 -2.82 -12.28
N ARG A 185 0.72 -4.04 -12.57
CA ARG A 185 0.80 -4.57 -13.91
C ARG A 185 -0.03 -3.71 -14.87
N GLN A 186 -1.25 -3.40 -14.46
CA GLN A 186 -2.13 -2.58 -15.29
C GLN A 186 -1.68 -1.13 -15.31
N LEU A 187 -1.06 -0.68 -14.21
CA LEU A 187 -0.57 0.69 -14.12
C LEU A 187 0.48 0.93 -15.19
N LEU A 188 1.38 -0.03 -15.35
CA LEU A 188 2.39 0.03 -16.38
C LEU A 188 1.77 0.08 -17.76
N MET A 189 0.76 -0.75 -17.98
CA MET A 189 0.08 -0.78 -19.26
C MET A 189 -0.55 0.54 -19.52
N LEU A 190 -1.08 1.11 -18.49
CA LEU A 190 -1.67 2.43 -18.60
C LEU A 190 -0.59 3.49 -18.88
N CYS A 191 0.55 3.37 -18.20
CA CYS A 191 1.66 4.31 -18.36
C CYS A 191 2.30 4.23 -19.75
N LYS A 192 2.54 3.01 -20.23
CA LYS A 192 3.16 2.84 -21.54
C LYS A 192 2.13 2.86 -22.62
N ALA A 193 1.11 2.03 -22.42
CA ALA A 193 -0.03 1.86 -23.34
C ALA A 193 0.35 1.32 -24.73
N GLU A 194 1.48 1.75 -25.25
CA GLU A 194 1.93 1.31 -26.55
C GLU A 194 2.26 -0.18 -26.54
N THR A 195 1.89 -0.85 -27.60
CA THR A 195 2.17 -2.25 -27.74
C THR A 195 2.40 -2.57 -29.21
N GLN A 196 3.38 -3.40 -29.48
CA GLN A 196 3.71 -3.75 -30.85
C GLN A 196 4.48 -5.06 -30.90
N GLU A 197 4.03 -5.95 -31.77
CA GLU A 197 4.64 -7.26 -31.93
C GLU A 197 6.02 -7.15 -32.57
N LEU A 198 6.16 -6.27 -33.56
CA LEU A 198 7.44 -6.02 -34.25
C LEU A 198 8.00 -7.29 -34.91
N VAL A 199 7.13 -8.20 -35.29
CA VAL A 199 7.56 -9.44 -35.91
C VAL A 199 7.16 -9.48 -37.39
N PRO A 200 8.11 -9.24 -38.28
CA PRO A 200 7.90 -9.31 -39.72
C PRO A 200 7.89 -10.75 -40.23
N ARG A 201 7.30 -10.97 -41.38
CA ARG A 201 7.28 -12.28 -41.97
C ARG A 201 8.27 -12.33 -43.13
N MET A 1 -13.62 -22.91 14.65
CA MET A 1 -12.52 -22.43 15.52
C MET A 1 -11.47 -23.50 15.74
N GLY A 2 -11.90 -24.70 16.09
CA GLY A 2 -10.97 -25.76 16.39
C GLY A 2 -10.44 -25.61 17.79
N GLN A 3 -9.35 -26.29 18.11
CA GLN A 3 -8.75 -26.17 19.43
C GLN A 3 -8.25 -24.76 19.65
N GLY A 4 -7.67 -24.20 18.61
CA GLY A 4 -7.17 -22.85 18.65
C GLY A 4 -6.63 -22.43 17.31
N THR A 5 -6.35 -21.17 17.14
CA THR A 5 -5.82 -20.69 15.89
C THR A 5 -4.46 -20.00 16.08
N ALA A 6 -3.56 -20.26 15.16
CA ALA A 6 -2.24 -19.66 15.21
C ALA A 6 -2.24 -18.31 14.55
N TYR A 7 -1.29 -17.48 14.94
CA TYR A 7 -1.15 -16.14 14.37
C TYR A 7 -0.98 -16.20 12.85
N ALA A 8 -0.08 -17.05 12.39
CA ALA A 8 0.15 -17.19 10.97
C ALA A 8 -1.10 -17.70 10.26
N GLU A 9 -1.76 -18.67 10.88
CA GLU A 9 -2.96 -19.28 10.30
C GLU A 9 -4.07 -18.25 10.13
N VAL A 10 -4.26 -17.43 11.16
CA VAL A 10 -5.32 -16.45 11.16
C VAL A 10 -5.09 -15.40 10.07
N MET A 11 -3.88 -14.87 10.00
CA MET A 11 -3.57 -13.86 8.99
C MET A 11 -3.58 -14.44 7.60
N ASN A 12 -3.10 -15.66 7.45
CA ASN A 12 -3.12 -16.30 6.14
C ASN A 12 -4.54 -16.40 5.61
N ARG A 13 -5.47 -16.75 6.49
CA ARG A 13 -6.87 -16.83 6.12
C ARG A 13 -7.42 -15.44 5.81
N LYS A 14 -7.09 -14.48 6.66
CA LYS A 14 -7.57 -13.10 6.50
C LYS A 14 -7.04 -12.46 5.22
N VAL A 15 -5.77 -12.70 4.93
CA VAL A 15 -5.16 -12.18 3.71
C VAL A 15 -5.77 -12.83 2.47
N ALA A 16 -6.03 -14.14 2.56
CA ALA A 16 -6.67 -14.85 1.46
C ALA A 16 -8.05 -14.25 1.21
N ALA A 17 -8.73 -13.93 2.30
CA ALA A 17 -10.01 -13.27 2.23
C ALA A 17 -9.87 -11.89 1.69
N LEU A 18 -8.77 -11.24 2.05
CA LEU A 18 -8.48 -9.88 1.67
C LEU A 18 -8.45 -9.73 0.15
N ASP A 19 -7.80 -10.68 -0.52
CA ASP A 19 -7.75 -10.68 -1.97
C ASP A 19 -9.13 -10.93 -2.55
N SER A 20 -9.84 -11.84 -1.91
CA SER A 20 -11.16 -12.26 -2.34
C SER A 20 -12.24 -11.18 -2.12
N VAL A 21 -12.17 -10.53 -0.97
CA VAL A 21 -13.18 -9.55 -0.54
C VAL A 21 -13.03 -8.21 -1.29
N PRO A 22 -14.15 -7.57 -1.63
CA PRO A 22 -14.14 -6.21 -2.18
C PRO A 22 -13.60 -5.21 -1.15
N PRO A 23 -13.03 -4.08 -1.60
CA PRO A 23 -12.41 -3.07 -0.72
C PRO A 23 -13.39 -2.46 0.30
N THR A 24 -14.68 -2.61 0.03
CA THR A 24 -15.72 -2.09 0.89
C THR A 24 -15.64 -2.71 2.30
N GLU A 25 -15.40 -4.00 2.37
CA GLU A 25 -15.37 -4.71 3.63
C GLU A 25 -13.98 -4.79 4.25
N TYR A 26 -13.06 -3.97 3.75
CA TYR A 26 -11.72 -3.91 4.34
C TYR A 26 -11.78 -3.42 5.77
N ALA A 27 -12.82 -2.63 6.05
CA ALA A 27 -13.04 -2.08 7.37
C ALA A 27 -13.19 -3.20 8.41
N THR A 28 -13.88 -4.27 8.03
CA THR A 28 -14.11 -5.38 8.95
C THR A 28 -12.78 -6.06 9.23
N LEU A 29 -12.00 -6.21 8.19
CA LEU A 29 -10.73 -6.88 8.24
C LEU A 29 -9.71 -6.08 9.02
N ALA A 30 -9.72 -4.76 8.84
CA ALA A 30 -8.80 -3.89 9.55
C ALA A 30 -9.02 -4.03 11.04
N ALA A 31 -10.29 -4.09 11.42
CA ALA A 31 -10.66 -4.30 12.79
C ALA A 31 -10.16 -5.67 13.28
N ASP A 32 -10.29 -6.67 12.43
CA ASP A 32 -9.85 -8.03 12.79
C ASP A 32 -8.36 -8.08 13.03
N PHE A 33 -7.60 -7.37 12.21
CA PHE A 33 -6.15 -7.35 12.35
C PHE A 33 -5.74 -6.67 13.64
N SER A 34 -6.49 -5.65 14.06
CA SER A 34 -6.16 -4.95 15.29
C SER A 34 -6.29 -5.89 16.50
N ARG A 35 -7.30 -6.77 16.48
CA ARG A 35 -7.44 -7.78 17.53
C ARG A 35 -6.29 -8.75 17.49
N ILE A 36 -5.85 -9.10 16.28
CA ILE A 36 -4.75 -10.02 16.12
C ILE A 36 -3.49 -9.45 16.75
N ALA A 37 -3.24 -8.17 16.51
CA ALA A 37 -2.07 -7.51 17.08
C ALA A 37 -2.13 -7.52 18.62
N ALA A 38 -3.32 -7.32 19.16
CA ALA A 38 -3.52 -7.31 20.61
C ALA A 38 -3.24 -8.67 21.25
N VAL A 39 -3.66 -9.73 20.58
CA VAL A 39 -3.56 -11.06 21.13
C VAL A 39 -2.40 -11.83 20.51
N GLU A 40 -1.93 -12.80 21.25
CA GLU A 40 -0.86 -13.71 20.82
C GLU A 40 0.46 -13.01 20.61
N GLY A 41 1.42 -13.78 20.16
CA GLY A 41 2.71 -13.25 19.84
C GLY A 41 2.72 -12.75 18.44
N SER A 42 1.69 -12.00 18.09
CA SER A 42 1.56 -11.43 16.77
C SER A 42 2.72 -10.47 16.45
N ASP A 43 2.96 -10.28 15.17
CA ASP A 43 4.05 -9.44 14.70
C ASP A 43 3.54 -8.14 14.13
N TRP A 44 4.47 -7.32 13.66
CA TRP A 44 4.19 -6.00 13.09
C TRP A 44 3.26 -6.12 11.88
N MET A 45 3.22 -7.30 11.30
CA MET A 45 2.45 -7.56 10.10
C MET A 45 0.97 -7.28 10.35
N ALA A 46 0.51 -7.64 11.54
CA ALA A 46 -0.88 -7.39 11.92
C ALA A 46 -1.16 -5.89 11.93
N ALA A 47 -0.21 -5.14 12.48
CA ALA A 47 -0.30 -3.69 12.52
C ALA A 47 -0.29 -3.11 11.11
N TYR A 48 0.56 -3.70 10.26
CA TYR A 48 0.69 -3.28 8.87
C TYR A 48 -0.64 -3.41 8.16
N TYR A 49 -1.26 -4.57 8.29
CA TYR A 49 -2.55 -4.81 7.67
C TYR A 49 -3.67 -4.00 8.29
N THR A 50 -3.61 -3.77 9.59
CA THR A 50 -4.64 -2.98 10.24
C THR A 50 -4.69 -1.58 9.63
N ALA A 51 -3.52 -0.98 9.49
CA ALA A 51 -3.40 0.32 8.87
C ALA A 51 -3.80 0.25 7.40
N TYR A 52 -3.29 -0.76 6.71
CA TYR A 52 -3.54 -0.92 5.27
C TYR A 52 -5.02 -1.06 4.92
N CYS A 53 -5.70 -1.96 5.61
CA CYS A 53 -7.09 -2.22 5.32
C CYS A 53 -7.94 -0.99 5.58
N ARG A 54 -7.61 -0.26 6.62
CA ARG A 54 -8.32 0.96 6.98
C ARG A 54 -8.02 2.09 5.99
N ILE A 55 -6.78 2.18 5.55
CA ILE A 55 -6.34 3.21 4.60
C ILE A 55 -7.01 3.09 3.21
N ILE A 56 -7.17 1.87 2.73
CA ILE A 56 -7.71 1.66 1.36
C ILE A 56 -9.11 2.33 1.15
N PRO A 57 -10.12 2.10 2.02
CA PRO A 57 -11.43 2.73 1.88
C PRO A 57 -11.38 4.24 2.13
N ALA A 58 -10.30 4.71 2.75
CA ALA A 58 -10.09 6.13 3.01
C ALA A 58 -10.05 6.92 1.72
N PHE A 59 -9.48 6.32 0.69
CA PHE A 59 -9.40 6.94 -0.62
C PHE A 59 -10.81 7.20 -1.16
N GLY A 60 -11.71 6.28 -0.88
CA GLY A 60 -13.08 6.44 -1.30
C GLY A 60 -13.96 7.05 -0.22
N ASN A 61 -13.34 7.43 0.91
CA ASN A 61 -14.07 7.97 2.03
C ASN A 61 -13.27 9.09 2.65
N PRO A 62 -13.13 10.20 1.95
CA PRO A 62 -12.30 11.31 2.38
C PRO A 62 -12.80 11.95 3.68
N SER A 63 -14.11 11.92 3.87
CA SER A 63 -14.73 12.55 5.04
C SER A 63 -14.29 11.92 6.37
N GLU A 64 -14.13 10.61 6.40
CA GLU A 64 -13.72 9.93 7.63
C GLU A 64 -12.30 9.55 7.56
N ALA A 65 -11.71 9.86 6.43
CA ALA A 65 -10.36 9.46 6.16
C ALA A 65 -9.42 10.00 7.20
N ASP A 66 -9.67 11.20 7.66
CA ASP A 66 -8.81 11.82 8.68
C ASP A 66 -8.86 11.05 9.99
N ARG A 67 -10.07 10.74 10.46
CA ARG A 67 -10.26 10.03 11.72
C ARG A 67 -9.72 8.61 11.67
N LEU A 68 -9.95 7.93 10.55
CA LEU A 68 -9.49 6.56 10.42
C LEU A 68 -7.98 6.51 10.16
N CYS A 69 -7.47 7.59 9.58
CA CYS A 69 -6.03 7.74 9.36
C CYS A 69 -5.30 7.74 10.68
N GLU A 70 -5.89 8.43 11.67
CA GLU A 70 -5.30 8.52 12.99
C GLU A 70 -5.18 7.14 13.63
N GLU A 71 -6.21 6.31 13.45
CA GLU A 71 -6.17 4.93 13.93
C GLU A 71 -5.07 4.15 13.23
N ALA A 72 -4.97 4.36 11.92
CA ALA A 72 -3.94 3.72 11.12
C ALA A 72 -2.56 4.18 11.55
N GLU A 73 -2.46 5.45 11.88
CA GLU A 73 -1.22 6.08 12.31
C GLU A 73 -0.69 5.42 13.57
N SER A 74 -1.59 5.17 14.52
CA SER A 74 -1.22 4.52 15.76
C SER A 74 -0.67 3.12 15.47
N MET A 75 -1.35 2.41 14.59
CA MET A 75 -0.95 1.05 14.22
C MET A 75 0.39 1.07 13.48
N LEU A 76 0.58 2.08 12.64
CA LEU A 76 1.82 2.25 11.88
C LEU A 76 2.99 2.47 12.83
N SER A 77 2.74 3.20 13.90
CA SER A 77 3.76 3.48 14.90
C SER A 77 4.25 2.17 15.50
N LYS A 78 3.30 1.29 15.76
CA LYS A 78 3.57 -0.02 16.35
C LYS A 78 4.45 -0.86 15.41
N ALA A 79 4.14 -0.81 14.12
CA ALA A 79 4.88 -1.57 13.13
C ALA A 79 6.34 -1.11 13.07
N GLU A 80 6.53 0.20 13.10
CA GLU A 80 7.86 0.79 13.06
C GLU A 80 8.62 0.50 14.35
N SER A 81 7.90 0.58 15.47
CA SER A 81 8.46 0.33 16.79
C SER A 81 8.93 -1.12 16.93
N LEU A 82 8.15 -2.05 16.38
CA LEU A 82 8.48 -3.46 16.46
C LEU A 82 9.73 -3.81 15.65
N GLY A 83 10.06 -2.98 14.69
CA GLY A 83 11.23 -3.23 13.89
C GLY A 83 10.89 -3.91 12.58
N GLY A 84 9.67 -3.68 12.11
CA GLY A 84 9.25 -4.26 10.86
C GLY A 84 9.77 -3.47 9.69
N ASP A 85 9.33 -3.81 8.49
CA ASP A 85 9.78 -3.09 7.31
C ASP A 85 9.25 -1.69 7.31
N LEU A 86 10.14 -0.75 7.55
CA LEU A 86 9.81 0.66 7.58
C LEU A 86 9.31 1.10 6.20
N SER A 87 9.91 0.52 5.17
CA SER A 87 9.59 0.84 3.80
C SER A 87 8.12 0.48 3.49
N GLU A 88 7.69 -0.67 3.97
CA GLU A 88 6.33 -1.14 3.69
C GLU A 88 5.30 -0.22 4.32
N ILE A 89 5.57 0.22 5.54
CA ILE A 89 4.65 1.11 6.22
C ILE A 89 4.81 2.54 5.73
N ALA A 90 5.98 2.84 5.16
CA ALA A 90 6.21 4.13 4.54
C ALA A 90 5.26 4.30 3.37
N CYS A 91 5.07 3.21 2.63
CA CYS A 91 4.15 3.17 1.50
C CYS A 91 2.72 3.44 1.97
N LEU A 92 2.36 2.86 3.10
CA LEU A 92 1.04 3.09 3.66
C LEU A 92 0.88 4.54 4.09
N ARG A 93 1.95 5.10 4.67
CA ARG A 93 1.95 6.49 5.11
C ARG A 93 1.78 7.48 3.96
N SER A 94 2.40 7.21 2.82
CA SER A 94 2.24 8.09 1.67
C SER A 94 0.78 8.06 1.21
N MET A 95 0.17 6.88 1.25
CA MET A 95 -1.22 6.74 0.88
C MET A 95 -2.10 7.50 1.87
N ALA A 96 -1.72 7.44 3.14
CA ALA A 96 -2.46 8.14 4.17
C ALA A 96 -2.46 9.64 3.91
N ALA A 97 -1.32 10.19 3.51
CA ALA A 97 -1.22 11.61 3.22
C ALA A 97 -2.11 11.99 2.04
N SER A 98 -2.10 11.16 1.01
CA SER A 98 -2.92 11.40 -0.16
C SER A 98 -4.41 11.21 0.13
N ALA A 99 -4.75 10.25 0.98
CA ALA A 99 -6.13 10.03 1.39
C ALA A 99 -6.68 11.26 2.12
N ARG A 100 -5.85 11.82 3.00
CA ARG A 100 -6.20 13.03 3.73
C ARG A 100 -6.30 14.20 2.76
N LEU A 101 -5.43 14.18 1.78
CA LEU A 101 -5.39 15.17 0.72
C LEU A 101 -6.71 15.17 -0.05
N LEU A 102 -7.28 13.98 -0.25
CA LEU A 102 -8.51 13.82 -1.01
C LEU A 102 -9.72 14.52 -0.37
N VAL A 103 -9.58 14.93 0.89
CA VAL A 103 -10.64 15.69 1.54
C VAL A 103 -10.85 16.98 0.75
N ASN A 104 -9.74 17.60 0.39
CA ASN A 104 -9.74 18.78 -0.45
C ASN A 104 -8.61 18.66 -1.47
N PRO A 105 -8.84 17.93 -2.57
CA PRO A 105 -7.83 17.67 -3.58
C PRO A 105 -7.61 18.85 -4.51
N GLN A 106 -7.53 20.03 -3.93
CA GLN A 106 -7.27 21.23 -4.69
C GLN A 106 -6.08 22.00 -4.14
N GLU A 107 -6.05 22.22 -2.83
CA GLU A 107 -4.94 22.94 -2.23
C GLU A 107 -4.13 22.06 -1.29
N ARG A 108 -4.64 20.87 -0.98
CA ARG A 108 -3.96 19.98 -0.04
C ARG A 108 -2.74 19.32 -0.69
N TRP A 109 -2.60 19.54 -1.99
CA TRP A 109 -1.46 19.04 -2.75
C TRP A 109 -0.17 19.64 -2.21
N GLN A 110 -0.25 20.88 -1.78
CA GLN A 110 0.90 21.62 -1.27
C GLN A 110 1.50 20.93 -0.05
N THR A 111 0.65 20.51 0.86
CA THR A 111 1.11 19.90 2.09
C THR A 111 1.19 18.37 1.99
N TYR A 112 0.05 17.75 1.81
CA TYR A 112 -0.07 16.30 1.81
C TYR A 112 0.62 15.67 0.62
N GLY A 113 0.52 16.31 -0.55
CA GLY A 113 1.17 15.78 -1.73
C GLY A 113 2.66 15.68 -1.53
N ALA A 114 3.24 16.72 -0.93
CA ALA A 114 4.65 16.75 -0.63
C ALA A 114 4.99 15.65 0.39
N GLU A 115 4.14 15.49 1.39
CA GLU A 115 4.36 14.49 2.43
C GLU A 115 4.32 13.08 1.86
N SER A 116 3.39 12.84 0.95
CA SER A 116 3.29 11.55 0.28
C SER A 116 4.57 11.26 -0.48
N SER A 117 5.08 12.27 -1.19
CA SER A 117 6.30 12.13 -1.95
C SER A 117 7.48 11.80 -1.01
N ARG A 118 7.51 12.50 0.12
CA ARG A 118 8.54 12.30 1.13
C ARG A 118 8.47 10.90 1.73
N GLN A 119 7.25 10.43 1.99
CA GLN A 119 7.06 9.09 2.54
C GLN A 119 7.53 8.04 1.55
N LEU A 120 7.26 8.28 0.28
CA LEU A 120 7.71 7.39 -0.80
C LEU A 120 9.20 7.36 -0.89
N ALA A 121 9.82 8.51 -0.71
CA ALA A 121 11.27 8.59 -0.69
C ALA A 121 11.79 7.73 0.44
N VAL A 122 11.10 7.79 1.57
CA VAL A 122 11.43 6.99 2.72
C VAL A 122 11.31 5.49 2.38
N ALA A 123 10.25 5.14 1.63
CA ALA A 123 10.06 3.75 1.21
C ALA A 123 11.23 3.29 0.36
N LEU A 124 11.64 4.14 -0.57
CA LEU A 124 12.77 3.84 -1.42
C LEU A 124 14.07 3.76 -0.62
N GLU A 125 14.20 4.67 0.34
CA GLU A 125 15.36 4.68 1.23
C GLU A 125 15.44 3.43 2.11
N ALA A 126 14.31 3.04 2.68
CA ALA A 126 14.27 1.87 3.56
C ALA A 126 14.45 0.56 2.79
N ASN A 127 13.72 0.40 1.68
CA ASN A 127 13.87 -0.78 0.84
C ASN A 127 13.90 -0.39 -0.62
N PRO A 128 15.10 -0.22 -1.18
CA PRO A 128 15.29 0.21 -2.59
C PRO A 128 14.57 -0.68 -3.60
N ALA A 129 14.49 -1.97 -3.34
CA ALA A 129 13.88 -2.92 -4.27
C ALA A 129 12.37 -3.10 -4.03
N ASN A 130 11.80 -2.29 -3.14
CA ASN A 130 10.38 -2.40 -2.79
C ASN A 130 9.50 -2.14 -4.01
N PRO A 131 8.66 -3.14 -4.40
CA PRO A 131 7.78 -3.02 -5.57
C PRO A 131 6.69 -1.99 -5.36
N ARG A 132 6.19 -1.93 -4.14
CA ARG A 132 5.15 -1.00 -3.78
C ARG A 132 5.65 0.43 -3.79
N ALA A 133 6.89 0.63 -3.38
CA ALA A 133 7.49 1.97 -3.38
C ALA A 133 7.53 2.55 -4.79
N TYR A 134 7.93 1.73 -5.77
CA TYR A 134 7.96 2.17 -7.14
C TYR A 134 6.55 2.34 -7.69
N PHE A 135 5.65 1.47 -7.27
CA PHE A 135 4.26 1.51 -7.70
C PHE A 135 3.61 2.83 -7.35
N LEU A 136 3.75 3.23 -6.12
CA LEU A 136 3.16 4.46 -5.65
C LEU A 136 3.75 5.66 -6.38
N GLN A 137 5.06 5.61 -6.61
CA GLN A 137 5.72 6.66 -7.37
C GLN A 137 5.18 6.72 -8.78
N ALA A 138 5.02 5.56 -9.41
CA ALA A 138 4.52 5.49 -10.77
C ALA A 138 3.11 6.05 -10.84
N GLN A 139 2.27 5.65 -9.90
CA GLN A 139 0.91 6.13 -9.85
C GLN A 139 0.87 7.62 -9.61
N SER A 140 1.66 8.09 -8.65
CA SER A 140 1.69 9.50 -8.34
C SER A 140 2.17 10.31 -9.55
N LEU A 141 3.26 9.87 -10.17
CA LEU A 141 3.87 10.55 -11.31
C LEU A 141 2.93 10.61 -12.52
N LEU A 142 2.23 9.51 -12.77
CA LEU A 142 1.29 9.44 -13.90
C LEU A 142 0.14 10.42 -13.71
N TYR A 143 -0.36 10.52 -12.50
CA TYR A 143 -1.52 11.36 -12.20
C TYR A 143 -1.09 12.67 -11.54
N THR A 144 0.15 13.07 -11.76
CA THR A 144 0.70 14.29 -11.18
C THR A 144 0.11 15.56 -11.82
N PRO A 145 -0.44 16.47 -10.99
CA PRO A 145 -0.84 17.80 -11.44
C PRO A 145 0.39 18.54 -11.95
N ALA A 146 0.21 19.51 -12.82
CA ALA A 146 1.33 20.25 -13.44
C ALA A 146 2.10 21.13 -12.45
N GLN A 147 2.38 20.60 -11.27
CA GLN A 147 3.11 21.30 -10.23
C GLN A 147 4.35 20.52 -9.79
N PHE A 148 4.26 19.19 -9.77
CA PHE A 148 5.36 18.38 -9.27
C PHE A 148 6.29 17.92 -10.38
N GLY A 149 5.96 18.26 -11.62
CA GLY A 149 6.81 17.88 -12.74
C GLY A 149 6.76 16.39 -13.04
N GLY A 150 5.59 15.78 -12.93
CA GLY A 150 5.44 14.38 -13.21
C GLY A 150 5.12 14.12 -14.67
N GLY A 151 4.47 13.01 -14.91
CA GLY A 151 4.13 12.62 -16.27
C GLY A 151 4.34 11.14 -16.47
N LYS A 152 3.82 10.61 -17.57
CA LYS A 152 3.95 9.18 -17.87
C LYS A 152 5.41 8.79 -18.08
N ASP A 153 6.20 9.72 -18.61
CA ASP A 153 7.62 9.48 -18.85
C ASP A 153 8.35 9.32 -17.52
N LYS A 154 7.90 10.06 -16.52
CA LYS A 154 8.49 10.00 -15.19
C LYS A 154 8.15 8.66 -14.54
N ALA A 155 6.93 8.22 -14.77
CA ALA A 155 6.43 6.97 -14.19
C ALA A 155 6.89 5.76 -14.99
N LEU A 156 7.48 6.02 -16.15
CA LEU A 156 7.91 4.98 -17.08
C LEU A 156 8.81 3.92 -16.37
N PRO A 157 9.95 4.34 -15.74
CA PRO A 157 10.85 3.38 -15.08
C PRO A 157 10.25 2.79 -13.81
N PHE A 158 9.44 3.59 -13.12
CA PHE A 158 8.82 3.17 -11.87
C PHE A 158 7.81 2.06 -12.08
N ALA A 159 6.98 2.22 -13.10
CA ALA A 159 5.97 1.22 -13.41
C ALA A 159 6.60 -0.11 -13.81
N GLU A 160 7.63 -0.05 -14.64
CA GLU A 160 8.31 -1.26 -15.07
C GLU A 160 9.01 -1.94 -13.90
N LYS A 161 9.64 -1.13 -13.05
CA LYS A 161 10.37 -1.65 -11.91
C LYS A 161 9.44 -2.40 -10.95
N SER A 162 8.32 -1.77 -10.65
CA SER A 162 7.36 -2.35 -9.76
C SER A 162 6.85 -3.70 -10.30
N VAL A 163 6.46 -3.73 -11.57
CA VAL A 163 5.96 -4.94 -12.20
C VAL A 163 7.04 -6.03 -12.23
N SER A 164 8.25 -5.62 -12.58
CA SER A 164 9.38 -6.53 -12.63
C SER A 164 9.63 -7.16 -11.27
N CYS A 165 9.55 -6.34 -10.23
CA CYS A 165 9.73 -6.81 -8.87
C CYS A 165 8.64 -7.82 -8.48
N TYR A 166 7.38 -7.55 -8.89
CA TYR A 166 6.26 -8.46 -8.57
C TYR A 166 6.46 -9.82 -9.21
N ALA A 167 7.08 -9.82 -10.38
CA ALA A 167 7.36 -11.06 -11.09
C ALA A 167 8.27 -11.97 -10.26
N ALA A 168 9.21 -11.37 -9.55
CA ALA A 168 10.15 -12.11 -8.73
C ALA A 168 9.62 -12.22 -7.31
N ALA A 169 8.50 -11.57 -7.05
CA ALA A 169 7.91 -11.56 -5.73
C ALA A 169 7.12 -12.82 -5.50
N THR A 170 7.76 -13.79 -4.91
CA THR A 170 7.13 -15.05 -4.56
C THR A 170 6.10 -14.87 -3.47
N VAL A 171 6.28 -13.81 -2.69
CA VAL A 171 5.41 -13.45 -1.58
C VAL A 171 5.54 -14.46 -0.43
N SER A 172 6.33 -14.11 0.56
CA SER A 172 6.56 -14.96 1.71
C SER A 172 6.34 -14.17 3.00
N PRO A 173 6.00 -14.83 4.14
CA PRO A 173 5.84 -16.29 4.21
C PRO A 173 4.64 -16.80 3.42
N ALA A 174 3.57 -16.04 3.42
CA ALA A 174 2.35 -16.42 2.73
C ALA A 174 1.34 -15.31 2.79
N TYR A 175 1.17 -14.74 3.98
CA TYR A 175 0.21 -13.65 4.17
C TYR A 175 0.85 -12.31 3.87
N ALA A 176 2.01 -12.33 3.24
CA ALA A 176 2.69 -11.10 2.85
C ALA A 176 1.84 -10.35 1.82
N PRO A 177 1.94 -9.02 1.77
CA PRO A 177 1.10 -8.18 0.89
C PRO A 177 1.14 -8.59 -0.58
N HIS A 178 -0.02 -9.00 -1.10
CA HIS A 178 -0.17 -9.39 -2.51
C HIS A 178 -0.68 -8.20 -3.31
N TRP A 179 -1.10 -7.17 -2.60
CA TRP A 179 -1.72 -6.02 -3.23
C TRP A 179 -0.72 -5.18 -4.00
N GLY A 180 -1.23 -4.52 -5.02
CA GLY A 180 -0.43 -3.64 -5.82
C GLY A 180 0.02 -4.27 -7.12
N GLU A 181 0.04 -5.61 -7.18
CA GLU A 181 0.47 -6.29 -8.40
C GLU A 181 -0.44 -5.99 -9.58
N GLN A 182 -1.75 -6.13 -9.36
CA GLN A 182 -2.72 -5.91 -10.41
C GLN A 182 -2.72 -4.48 -10.87
N GLN A 183 -2.69 -3.56 -9.92
CA GLN A 183 -2.69 -2.15 -10.23
C GLN A 183 -1.40 -1.71 -10.91
N ALA A 184 -0.26 -2.23 -10.45
CA ALA A 184 1.02 -1.87 -11.04
C ALA A 184 1.11 -2.36 -12.48
N ARG A 185 0.64 -3.59 -12.70
CA ARG A 185 0.69 -4.20 -14.01
C ARG A 185 -0.13 -3.39 -15.01
N GLN A 186 -1.34 -3.00 -14.61
CA GLN A 186 -2.19 -2.20 -15.48
C GLN A 186 -1.66 -0.77 -15.57
N LEU A 187 -1.00 -0.31 -14.51
CA LEU A 187 -0.44 1.02 -14.46
C LEU A 187 0.61 1.19 -15.54
N LEU A 188 1.46 0.18 -15.68
CA LEU A 188 2.50 0.19 -16.70
C LEU A 188 1.92 0.28 -18.10
N MET A 189 0.89 -0.50 -18.39
CA MET A 189 0.29 -0.45 -19.71
C MET A 189 -0.44 0.86 -19.90
N LEU A 190 -0.87 1.48 -18.81
CA LEU A 190 -1.49 2.79 -18.89
C LEU A 190 -0.46 3.87 -19.21
N CYS A 191 0.73 3.79 -18.61
CA CYS A 191 1.74 4.81 -18.82
C CYS A 191 2.51 4.59 -20.13
N LYS A 192 3.02 3.38 -20.34
CA LYS A 192 3.74 3.09 -21.57
C LYS A 192 2.80 3.02 -22.73
N ALA A 193 1.65 2.41 -22.48
CA ALA A 193 0.64 2.17 -23.50
C ALA A 193 1.26 1.38 -24.65
N GLU A 194 2.22 0.55 -24.31
CA GLU A 194 2.99 -0.19 -25.26
C GLU A 194 2.39 -1.57 -25.48
N THR A 195 2.06 -1.87 -26.72
CA THR A 195 1.50 -3.15 -27.08
C THR A 195 2.61 -4.20 -27.22
N GLN A 196 2.43 -5.34 -26.57
CA GLN A 196 3.41 -6.42 -26.60
C GLN A 196 3.39 -7.17 -27.92
N GLU A 197 4.52 -7.73 -28.29
CA GLU A 197 4.64 -8.54 -29.49
C GLU A 197 4.20 -9.96 -29.18
N LEU A 198 3.95 -10.73 -30.22
CA LEU A 198 3.56 -12.10 -30.04
C LEU A 198 4.79 -13.01 -30.01
N VAL A 199 5.19 -13.39 -28.79
CA VAL A 199 6.32 -14.31 -28.54
C VAL A 199 7.54 -14.13 -29.46
N PRO A 200 8.24 -12.98 -29.38
CA PRO A 200 9.45 -12.77 -30.18
C PRO A 200 10.51 -13.81 -29.82
N ARG A 201 11.04 -14.48 -30.82
CA ARG A 201 12.04 -15.51 -30.60
C ARG A 201 12.81 -15.81 -31.87
N MET A 1 -2.53 -24.97 10.01
CA MET A 1 -3.73 -24.49 9.31
C MET A 1 -4.98 -24.85 10.10
N GLY A 2 -4.82 -25.12 11.38
CA GLY A 2 -5.92 -25.52 12.20
C GLY A 2 -5.43 -26.15 13.47
N GLN A 3 -6.26 -27.00 14.08
CA GLN A 3 -5.90 -27.68 15.34
C GLN A 3 -5.65 -26.63 16.42
N GLY A 4 -6.35 -25.53 16.30
CA GLY A 4 -6.17 -24.40 17.19
C GLY A 4 -6.20 -23.12 16.41
N THR A 5 -5.75 -22.03 17.02
CA THR A 5 -5.70 -20.76 16.32
C THR A 5 -4.36 -20.05 16.56
N ALA A 6 -3.41 -20.31 15.70
CA ALA A 6 -2.10 -19.67 15.77
C ALA A 6 -2.17 -18.28 15.14
N TYR A 7 -1.23 -17.43 15.51
CA TYR A 7 -1.16 -16.07 14.99
C TYR A 7 -1.08 -16.11 13.46
N ALA A 8 -0.17 -16.91 12.96
CA ALA A 8 0.03 -17.06 11.53
C ALA A 8 -1.23 -17.61 10.87
N GLU A 9 -1.85 -18.59 11.50
CA GLU A 9 -3.05 -19.23 10.97
C GLU A 9 -4.22 -18.25 10.91
N VAL A 10 -4.38 -17.47 11.97
CA VAL A 10 -5.48 -16.52 12.05
C VAL A 10 -5.35 -15.47 10.96
N MET A 11 -4.15 -14.91 10.81
CA MET A 11 -3.90 -13.89 9.80
C MET A 11 -4.11 -14.45 8.41
N ASN A 12 -3.69 -15.69 8.22
CA ASN A 12 -3.79 -16.35 6.92
C ASN A 12 -5.26 -16.42 6.51
N ARG A 13 -6.15 -16.70 7.47
CA ARG A 13 -7.57 -16.81 7.19
C ARG A 13 -8.13 -15.47 6.72
N LYS A 14 -7.78 -14.40 7.43
CA LYS A 14 -8.22 -13.06 7.06
C LYS A 14 -7.61 -12.63 5.74
N VAL A 15 -6.33 -12.94 5.53
CA VAL A 15 -5.63 -12.59 4.30
C VAL A 15 -6.23 -13.32 3.10
N ALA A 16 -6.59 -14.59 3.29
CA ALA A 16 -7.20 -15.36 2.22
C ALA A 16 -8.50 -14.69 1.79
N ALA A 17 -9.26 -14.21 2.76
CA ALA A 17 -10.50 -13.50 2.49
C ALA A 17 -10.21 -12.08 2.02
N LEU A 18 -9.04 -11.58 2.39
CA LEU A 18 -8.63 -10.22 2.07
C LEU A 18 -8.60 -10.02 0.56
N ASP A 19 -8.09 -11.02 -0.14
CA ASP A 19 -8.05 -10.98 -1.60
C ASP A 19 -9.47 -11.01 -2.17
N SER A 20 -10.32 -11.83 -1.59
CA SER A 20 -11.70 -11.99 -2.06
C SER A 20 -12.58 -10.77 -1.75
N VAL A 21 -12.42 -10.23 -0.55
CA VAL A 21 -13.25 -9.14 -0.07
C VAL A 21 -12.92 -7.81 -0.80
N PRO A 22 -13.94 -6.98 -1.09
CA PRO A 22 -13.74 -5.66 -1.69
C PRO A 22 -12.87 -4.76 -0.82
N PRO A 23 -12.05 -3.89 -1.44
CA PRO A 23 -11.13 -3.00 -0.71
C PRO A 23 -11.84 -2.05 0.26
N THR A 24 -13.09 -1.75 -0.04
CA THR A 24 -13.88 -0.86 0.81
C THR A 24 -14.34 -1.58 2.10
N GLU A 25 -14.36 -2.91 2.06
CA GLU A 25 -14.83 -3.70 3.19
C GLU A 25 -13.69 -4.13 4.10
N TYR A 26 -12.54 -3.54 3.89
CA TYR A 26 -11.34 -3.82 4.68
C TYR A 26 -11.51 -3.42 6.14
N ALA A 27 -12.49 -2.56 6.40
CA ALA A 27 -12.75 -2.10 7.74
C ALA A 27 -13.05 -3.27 8.67
N THR A 28 -13.72 -4.29 8.14
CA THR A 28 -14.06 -5.48 8.90
C THR A 28 -12.80 -6.18 9.40
N LEU A 29 -11.82 -6.21 8.54
CA LEU A 29 -10.59 -6.90 8.79
C LEU A 29 -9.62 -6.04 9.57
N ALA A 30 -9.70 -4.72 9.37
CA ALA A 30 -8.81 -3.80 10.10
C ALA A 30 -9.06 -3.91 11.59
N ALA A 31 -10.32 -3.98 11.97
CA ALA A 31 -10.67 -4.15 13.36
C ALA A 31 -10.21 -5.51 13.86
N ASP A 32 -10.36 -6.53 13.01
CA ASP A 32 -10.00 -7.90 13.35
C ASP A 32 -8.50 -8.03 13.61
N PHE A 33 -7.67 -7.53 12.68
CA PHE A 33 -6.23 -7.54 12.85
C PHE A 33 -5.83 -6.73 14.10
N SER A 34 -6.56 -5.65 14.35
CA SER A 34 -6.31 -4.83 15.52
C SER A 34 -6.51 -5.65 16.80
N ARG A 35 -7.54 -6.49 16.80
CA ARG A 35 -7.82 -7.36 17.94
C ARG A 35 -6.66 -8.32 18.16
N ILE A 36 -6.11 -8.82 17.05
CA ILE A 36 -4.98 -9.72 17.09
C ILE A 36 -3.78 -8.99 17.70
N ALA A 37 -3.57 -7.76 17.22
CA ALA A 37 -2.48 -6.91 17.68
C ALA A 37 -2.61 -6.60 19.18
N ALA A 38 -3.85 -6.43 19.63
CA ALA A 38 -4.12 -6.11 21.02
C ALA A 38 -3.60 -7.21 21.94
N VAL A 39 -3.74 -8.45 21.52
CA VAL A 39 -3.24 -9.56 22.29
C VAL A 39 -1.77 -9.71 22.02
N GLU A 40 -1.02 -9.89 23.05
CA GLU A 40 0.41 -10.00 22.92
C GLU A 40 0.81 -11.30 22.26
N GLY A 41 1.96 -11.30 21.64
CA GLY A 41 2.40 -12.41 20.84
C GLY A 41 2.20 -12.08 19.39
N SER A 42 1.40 -11.04 19.15
CA SER A 42 1.17 -10.53 17.82
C SER A 42 2.42 -9.82 17.32
N ASP A 43 2.60 -9.88 16.04
CA ASP A 43 3.76 -9.29 15.40
C ASP A 43 3.42 -7.98 14.73
N TRP A 44 4.44 -7.31 14.22
CA TRP A 44 4.30 -6.02 13.56
C TRP A 44 3.36 -6.13 12.36
N MET A 45 3.28 -7.32 11.80
CA MET A 45 2.51 -7.58 10.60
C MET A 45 1.03 -7.33 10.85
N ALA A 46 0.55 -7.69 12.04
CA ALA A 46 -0.84 -7.46 12.39
C ALA A 46 -1.14 -5.96 12.38
N ALA A 47 -0.19 -5.19 12.92
CA ALA A 47 -0.29 -3.74 12.94
C ALA A 47 -0.28 -3.20 11.51
N TYR A 48 0.57 -3.79 10.66
CA TYR A 48 0.67 -3.42 9.26
C TYR A 48 -0.67 -3.59 8.57
N TYR A 49 -1.26 -4.76 8.74
CA TYR A 49 -2.55 -5.05 8.13
C TYR A 49 -3.67 -4.21 8.71
N THR A 50 -3.61 -3.91 9.99
CA THR A 50 -4.63 -3.08 10.60
C THR A 50 -4.67 -1.72 9.91
N ALA A 51 -3.49 -1.14 9.77
CA ALA A 51 -3.35 0.14 9.09
C ALA A 51 -3.72 0.04 7.63
N TYR A 52 -3.26 -1.03 6.99
CA TYR A 52 -3.52 -1.26 5.57
C TYR A 52 -5.00 -1.34 5.27
N CYS A 53 -5.69 -2.15 6.04
CA CYS A 53 -7.09 -2.34 5.86
C CYS A 53 -7.87 -1.05 6.09
N ARG A 54 -7.45 -0.25 7.07
CA ARG A 54 -8.12 1.01 7.35
C ARG A 54 -7.86 2.05 6.24
N ILE A 55 -6.60 2.10 5.80
CA ILE A 55 -6.15 3.07 4.79
C ILE A 55 -6.80 2.89 3.40
N ILE A 56 -6.92 1.66 2.94
CA ILE A 56 -7.43 1.41 1.58
C ILE A 56 -8.85 2.03 1.33
N PRO A 57 -9.84 1.78 2.21
CA PRO A 57 -11.18 2.38 2.06
C PRO A 57 -11.16 3.89 2.25
N ALA A 58 -10.10 4.42 2.85
CA ALA A 58 -9.94 5.86 3.08
C ALA A 58 -9.92 6.61 1.76
N PHE A 59 -9.31 5.99 0.75
CA PHE A 59 -9.26 6.59 -0.59
C PHE A 59 -10.68 6.82 -1.12
N GLY A 60 -11.57 5.90 -0.82
CA GLY A 60 -12.95 6.02 -1.25
C GLY A 60 -13.82 6.63 -0.16
N ASN A 61 -13.19 7.15 0.89
CA ASN A 61 -13.91 7.73 2.01
C ASN A 61 -13.16 8.95 2.53
N PRO A 62 -13.07 9.99 1.70
CA PRO A 62 -12.31 11.20 2.03
C PRO A 62 -12.93 12.04 3.14
N SER A 63 -14.23 11.92 3.30
CA SER A 63 -14.97 12.73 4.26
C SER A 63 -14.49 12.53 5.71
N GLU A 64 -14.14 11.32 6.06
CA GLU A 64 -13.69 11.02 7.41
C GLU A 64 -12.32 10.37 7.39
N ALA A 65 -11.67 10.48 6.25
CA ALA A 65 -10.39 9.83 6.02
C ALA A 65 -9.33 10.31 7.01
N ASP A 66 -9.36 11.59 7.32
CA ASP A 66 -8.34 12.18 8.20
C ASP A 66 -8.36 11.54 9.58
N ARG A 67 -9.55 11.40 10.14
CA ARG A 67 -9.71 10.82 11.47
C ARG A 67 -9.42 9.33 11.51
N LEU A 68 -9.79 8.61 10.47
CA LEU A 68 -9.56 7.17 10.44
C LEU A 68 -8.11 6.82 10.09
N CYS A 69 -7.46 7.68 9.33
CA CYS A 69 -6.06 7.48 8.97
C CYS A 69 -5.15 7.52 10.19
N GLU A 70 -5.45 8.41 11.13
CA GLU A 70 -4.61 8.53 12.33
C GLU A 70 -4.59 7.21 13.12
N GLU A 71 -5.69 6.44 13.03
CA GLU A 71 -5.76 5.13 13.67
C GLU A 71 -4.70 4.24 13.04
N ALA A 72 -4.65 4.25 11.73
CA ALA A 72 -3.70 3.48 10.97
C ALA A 72 -2.27 3.97 11.22
N GLU A 73 -2.10 5.28 11.31
CA GLU A 73 -0.81 5.89 11.48
C GLU A 73 -0.17 5.45 12.80
N SER A 74 -0.96 5.44 13.85
CA SER A 74 -0.47 5.04 15.14
C SER A 74 -0.09 3.55 15.15
N MET A 75 -0.90 2.74 14.44
CA MET A 75 -0.63 1.31 14.31
C MET A 75 0.67 1.08 13.54
N LEU A 76 0.89 1.88 12.50
CA LEU A 76 2.09 1.81 11.70
C LEU A 76 3.30 2.17 12.52
N SER A 77 3.12 3.11 13.44
CA SER A 77 4.20 3.53 14.33
C SER A 77 4.62 2.34 15.19
N LYS A 78 3.64 1.54 15.58
CA LYS A 78 3.87 0.34 16.35
C LYS A 78 4.67 -0.68 15.55
N ALA A 79 4.39 -0.76 14.25
CA ALA A 79 5.09 -1.67 13.35
C ALA A 79 6.60 -1.37 13.31
N GLU A 80 6.95 -0.09 13.21
CA GLU A 80 8.35 0.29 13.22
C GLU A 80 8.93 0.20 14.62
N SER A 81 8.07 0.35 15.62
CA SER A 81 8.48 0.26 17.01
C SER A 81 9.01 -1.15 17.33
N LEU A 82 8.28 -2.15 16.85
CA LEU A 82 8.69 -3.53 17.03
C LEU A 82 9.96 -3.84 16.25
N GLY A 83 10.07 -3.26 15.08
CA GLY A 83 11.23 -3.49 14.25
C GLY A 83 10.89 -4.19 12.96
N GLY A 84 9.71 -3.90 12.44
CA GLY A 84 9.30 -4.49 11.19
C GLY A 84 9.90 -3.77 10.01
N ASP A 85 9.42 -4.07 8.81
CA ASP A 85 9.95 -3.43 7.62
C ASP A 85 9.43 -2.00 7.50
N LEU A 86 10.36 -1.06 7.60
CA LEU A 86 10.05 0.35 7.52
C LEU A 86 9.46 0.72 6.16
N SER A 87 10.00 0.14 5.11
CA SER A 87 9.60 0.48 3.75
C SER A 87 8.12 0.16 3.50
N GLU A 88 7.68 -1.02 3.91
CA GLU A 88 6.31 -1.45 3.68
C GLU A 88 5.31 -0.55 4.42
N ILE A 89 5.65 -0.18 5.65
CA ILE A 89 4.77 0.66 6.44
C ILE A 89 4.90 2.12 6.03
N ALA A 90 6.06 2.48 5.47
CA ALA A 90 6.25 3.82 4.94
C ALA A 90 5.30 4.05 3.78
N CYS A 91 5.14 3.01 2.97
CA CYS A 91 4.25 3.04 1.83
C CYS A 91 2.82 3.29 2.27
N LEU A 92 2.41 2.61 3.35
CA LEU A 92 1.06 2.78 3.88
C LEU A 92 0.86 4.21 4.38
N ARG A 93 1.88 4.75 5.06
CA ARG A 93 1.83 6.13 5.54
C ARG A 93 1.73 7.11 4.38
N SER A 94 2.45 6.83 3.30
CA SER A 94 2.39 7.67 2.12
C SER A 94 0.97 7.69 1.57
N MET A 95 0.33 6.51 1.53
CA MET A 95 -1.05 6.40 1.05
C MET A 95 -1.99 7.13 1.98
N ALA A 96 -1.73 7.07 3.28
CA ALA A 96 -2.56 7.75 4.24
C ALA A 96 -2.55 9.25 3.98
N ALA A 97 -1.37 9.78 3.65
CA ALA A 97 -1.25 11.18 3.32
C ALA A 97 -2.02 11.52 2.04
N SER A 98 -1.91 10.66 1.02
CA SER A 98 -2.57 10.88 -0.25
C SER A 98 -4.10 10.70 -0.13
N ALA A 99 -4.53 9.74 0.68
CA ALA A 99 -5.95 9.51 0.90
C ALA A 99 -6.57 10.73 1.57
N ARG A 100 -5.84 11.30 2.52
CA ARG A 100 -6.28 12.51 3.20
C ARG A 100 -6.16 13.72 2.29
N LEU A 101 -5.28 13.62 1.30
CA LEU A 101 -5.14 14.64 0.28
C LEU A 101 -6.42 14.73 -0.54
N LEU A 102 -7.04 13.58 -0.76
CA LEU A 102 -8.25 13.48 -1.58
C LEU A 102 -9.45 14.24 -1.01
N VAL A 103 -9.35 14.67 0.26
CA VAL A 103 -10.45 15.44 0.89
C VAL A 103 -10.68 16.71 0.07
N ASN A 104 -9.59 17.37 -0.27
CA ASN A 104 -9.58 18.52 -1.15
C ASN A 104 -8.21 18.57 -1.79
N PRO A 105 -8.01 17.77 -2.83
CA PRO A 105 -6.69 17.53 -3.43
C PRO A 105 -5.94 18.80 -3.76
N GLN A 106 -6.65 19.82 -4.12
CA GLN A 106 -6.05 21.01 -4.66
C GLN A 106 -5.52 21.91 -3.58
N GLU A 107 -5.93 21.63 -2.39
CA GLU A 107 -5.51 22.40 -1.26
C GLU A 107 -4.65 21.55 -0.33
N ARG A 108 -4.60 20.28 -0.61
CA ARG A 108 -3.91 19.34 0.25
C ARG A 108 -2.53 18.98 -0.29
N TRP A 109 -2.19 19.49 -1.46
CA TRP A 109 -0.87 19.22 -2.06
C TRP A 109 0.25 19.72 -1.16
N GLN A 110 0.02 20.89 -0.57
CA GLN A 110 1.02 21.56 0.25
C GLN A 110 1.45 20.72 1.45
N THR A 111 0.49 20.16 2.15
CA THR A 111 0.79 19.41 3.34
C THR A 111 0.89 17.90 3.07
N TYR A 112 -0.21 17.33 2.61
CA TYR A 112 -0.29 15.89 2.42
C TYR A 112 0.57 15.41 1.26
N GLY A 113 0.65 16.21 0.21
CA GLY A 113 1.48 15.82 -0.92
C GLY A 113 2.92 15.69 -0.51
N ALA A 114 3.39 16.64 0.30
CA ALA A 114 4.73 16.60 0.82
C ALA A 114 4.95 15.37 1.71
N GLU A 115 3.97 15.07 2.55
CA GLU A 115 4.08 13.94 3.47
C GLU A 115 4.15 12.63 2.70
N SER A 116 3.34 12.53 1.64
CA SER A 116 3.34 11.36 0.79
C SER A 116 4.71 11.19 0.13
N SER A 117 5.27 12.30 -0.35
CA SER A 117 6.57 12.30 -1.00
C SER A 117 7.66 11.88 -0.02
N ARG A 118 7.58 12.40 1.21
CA ARG A 118 8.55 12.11 2.24
C ARG A 118 8.53 10.64 2.61
N GLN A 119 7.35 10.06 2.71
CA GLN A 119 7.21 8.67 3.02
C GLN A 119 7.78 7.80 1.91
N LEU A 120 7.56 8.21 0.68
CA LEU A 120 8.09 7.47 -0.48
C LEU A 120 9.59 7.46 -0.48
N ALA A 121 10.18 8.57 -0.12
CA ALA A 121 11.62 8.67 -0.01
C ALA A 121 12.11 7.69 1.05
N VAL A 122 11.36 7.61 2.15
CA VAL A 122 11.65 6.68 3.22
C VAL A 122 11.48 5.24 2.74
N ALA A 123 10.40 4.97 1.99
CA ALA A 123 10.14 3.63 1.48
C ALA A 123 11.27 3.16 0.58
N LEU A 124 11.72 4.04 -0.31
CA LEU A 124 12.81 3.71 -1.21
C LEU A 124 14.11 3.50 -0.43
N GLU A 125 14.33 4.35 0.57
CA GLU A 125 15.53 4.24 1.39
C GLU A 125 15.54 2.94 2.19
N ALA A 126 14.41 2.62 2.83
CA ALA A 126 14.32 1.41 3.64
C ALA A 126 14.47 0.14 2.80
N ASN A 127 13.73 0.05 1.70
CA ASN A 127 13.88 -1.08 0.78
C ASN A 127 13.92 -0.56 -0.65
N PRO A 128 15.12 -0.47 -1.23
CA PRO A 128 15.32 0.07 -2.57
C PRO A 128 14.73 -0.83 -3.68
N ALA A 129 14.46 -2.08 -3.35
CA ALA A 129 13.93 -3.01 -4.32
C ALA A 129 12.42 -3.16 -4.20
N ASN A 130 11.85 -2.50 -3.20
CA ASN A 130 10.42 -2.63 -2.87
C ASN A 130 9.55 -2.18 -4.03
N PRO A 131 8.68 -3.09 -4.54
CA PRO A 131 7.78 -2.78 -5.65
C PRO A 131 6.74 -1.74 -5.28
N ARG A 132 6.25 -1.83 -4.05
CA ARG A 132 5.26 -0.91 -3.55
C ARG A 132 5.79 0.51 -3.46
N ALA A 133 7.05 0.64 -3.08
CA ALA A 133 7.68 1.95 -3.00
C ALA A 133 7.72 2.61 -4.37
N TYR A 134 8.06 1.83 -5.41
CA TYR A 134 8.09 2.36 -6.75
C TYR A 134 6.67 2.54 -7.30
N PHE A 135 5.77 1.68 -6.87
CA PHE A 135 4.37 1.74 -7.30
C PHE A 135 3.75 3.08 -6.95
N LEU A 136 3.92 3.48 -5.71
CA LEU A 136 3.37 4.74 -5.25
C LEU A 136 4.03 5.89 -5.99
N GLN A 137 5.33 5.76 -6.23
CA GLN A 137 6.06 6.75 -6.99
C GLN A 137 5.51 6.88 -8.39
N ALA A 138 5.32 5.74 -9.05
CA ALA A 138 4.76 5.73 -10.38
C ALA A 138 3.36 6.30 -10.38
N GLN A 139 2.58 5.93 -9.37
CA GLN A 139 1.23 6.43 -9.21
C GLN A 139 1.23 7.94 -9.07
N SER A 140 2.07 8.44 -8.18
CA SER A 140 2.16 9.86 -7.95
C SER A 140 2.64 10.58 -9.22
N LEU A 141 3.67 10.05 -9.85
CA LEU A 141 4.24 10.64 -11.05
C LEU A 141 3.25 10.66 -12.21
N LEU A 142 2.52 9.58 -12.40
CA LEU A 142 1.53 9.48 -13.47
C LEU A 142 0.39 10.46 -13.27
N TYR A 143 -0.07 10.58 -12.03
CA TYR A 143 -1.21 11.41 -11.74
C TYR A 143 -0.80 12.80 -11.29
N THR A 144 0.47 13.15 -11.49
CA THR A 144 0.94 14.48 -11.16
C THR A 144 0.24 15.50 -12.06
N PRO A 145 -0.44 16.49 -11.47
CA PRO A 145 -1.13 17.51 -12.25
C PRO A 145 -0.16 18.37 -13.05
N ALA A 146 0.98 18.68 -12.40
CA ALA A 146 2.06 19.51 -12.98
C ALA A 146 2.98 19.99 -11.86
N GLN A 147 2.44 19.97 -10.64
CA GLN A 147 3.11 20.50 -9.45
C GLN A 147 4.46 19.81 -9.16
N PHE A 148 4.49 18.49 -9.32
CA PHE A 148 5.68 17.73 -8.96
C PHE A 148 6.58 17.46 -10.15
N GLY A 149 6.20 17.98 -11.32
CA GLY A 149 7.02 17.77 -12.51
C GLY A 149 7.03 16.33 -12.97
N GLY A 150 5.92 15.65 -12.79
CA GLY A 150 5.83 14.26 -13.16
C GLY A 150 5.37 14.08 -14.58
N GLY A 151 4.84 12.92 -14.87
CA GLY A 151 4.39 12.60 -16.20
C GLY A 151 4.46 11.12 -16.47
N LYS A 152 4.01 10.71 -17.66
CA LYS A 152 4.01 9.29 -18.04
C LYS A 152 5.42 8.77 -18.10
N ASP A 153 6.25 9.59 -18.69
CA ASP A 153 7.67 9.30 -18.86
C ASP A 153 8.37 9.07 -17.53
N LYS A 154 8.04 9.89 -16.54
CA LYS A 154 8.62 9.75 -15.21
C LYS A 154 8.07 8.52 -14.49
N ALA A 155 6.77 8.31 -14.60
CA ALA A 155 6.09 7.19 -13.96
C ALA A 155 6.51 5.83 -14.53
N LEU A 156 6.70 5.82 -15.85
CA LEU A 156 6.97 4.60 -16.61
C LEU A 156 8.10 3.71 -16.02
N PRO A 157 9.32 4.26 -15.74
CA PRO A 157 10.42 3.45 -15.18
C PRO A 157 10.08 2.91 -13.79
N PHE A 158 9.34 3.69 -13.02
CA PHE A 158 8.91 3.29 -11.69
C PHE A 158 7.91 2.15 -11.78
N ALA A 159 7.04 2.24 -12.76
CA ALA A 159 6.04 1.20 -13.02
C ALA A 159 6.72 -0.11 -13.41
N GLU A 160 7.77 -0.01 -14.21
CA GLU A 160 8.49 -1.20 -14.67
C GLU A 160 9.10 -1.98 -13.51
N LYS A 161 9.74 -1.26 -12.59
CA LYS A 161 10.38 -1.87 -11.44
C LYS A 161 9.40 -2.59 -10.55
N SER A 162 8.31 -1.92 -10.23
CA SER A 162 7.30 -2.48 -9.36
C SER A 162 6.71 -3.77 -9.96
N VAL A 163 6.33 -3.72 -11.23
CA VAL A 163 5.75 -4.89 -11.90
C VAL A 163 6.74 -6.05 -11.98
N SER A 164 7.97 -5.75 -12.37
CA SER A 164 8.99 -6.77 -12.52
C SER A 164 9.27 -7.44 -11.18
N CYS A 165 9.30 -6.66 -10.13
CA CYS A 165 9.54 -7.15 -8.81
C CYS A 165 8.44 -8.12 -8.35
N TYR A 166 7.17 -7.83 -8.70
CA TYR A 166 6.06 -8.71 -8.29
C TYR A 166 6.20 -10.10 -8.89
N ALA A 167 6.83 -10.16 -10.05
CA ALA A 167 7.09 -11.44 -10.70
C ALA A 167 7.96 -12.34 -9.80
N ALA A 168 8.89 -11.70 -9.10
CA ALA A 168 9.80 -12.41 -8.20
C ALA A 168 9.21 -12.51 -6.80
N ALA A 169 8.07 -11.85 -6.61
CA ALA A 169 7.42 -11.86 -5.32
C ALA A 169 6.64 -13.15 -5.13
N THR A 170 7.31 -14.12 -4.58
CA THR A 170 6.74 -15.44 -4.32
C THR A 170 5.66 -15.38 -3.24
N VAL A 171 5.78 -14.39 -2.38
CA VAL A 171 4.85 -14.18 -1.27
C VAL A 171 4.98 -15.30 -0.23
N SER A 172 5.73 -15.00 0.81
CA SER A 172 5.97 -15.94 1.89
C SER A 172 5.82 -15.22 3.22
N PRO A 173 5.37 -15.92 4.28
CA PRO A 173 5.02 -17.35 4.24
C PRO A 173 3.76 -17.66 3.43
N ALA A 174 2.80 -16.76 3.48
CA ALA A 174 1.53 -16.97 2.78
C ALA A 174 0.66 -15.75 2.92
N TYR A 175 0.58 -15.26 4.15
CA TYR A 175 -0.24 -14.11 4.45
C TYR A 175 0.51 -12.81 4.19
N ALA A 176 1.66 -12.92 3.52
CA ALA A 176 2.43 -11.74 3.15
C ALA A 176 1.63 -10.91 2.14
N PRO A 177 1.80 -9.57 2.12
CA PRO A 177 1.00 -8.67 1.26
C PRO A 177 1.01 -9.07 -0.22
N HIS A 178 -0.19 -9.19 -0.78
CA HIS A 178 -0.36 -9.56 -2.20
C HIS A 178 -0.73 -8.33 -3.01
N TRP A 179 -1.09 -7.28 -2.31
CA TRP A 179 -1.60 -6.08 -2.94
C TRP A 179 -0.52 -5.28 -3.65
N GLY A 180 -0.96 -4.55 -4.66
CA GLY A 180 -0.09 -3.68 -5.41
C GLY A 180 0.22 -4.22 -6.79
N GLU A 181 0.24 -5.54 -6.92
CA GLU A 181 0.57 -6.18 -8.20
C GLU A 181 -0.41 -5.79 -9.30
N GLN A 182 -1.69 -5.93 -9.01
CA GLN A 182 -2.74 -5.68 -9.96
C GLN A 182 -2.75 -4.23 -10.40
N GLN A 183 -2.59 -3.35 -9.42
CA GLN A 183 -2.59 -1.93 -9.69
C GLN A 183 -1.34 -1.50 -10.44
N ALA A 184 -0.19 -2.05 -10.06
CA ALA A 184 1.08 -1.72 -10.70
C ALA A 184 1.07 -2.12 -12.16
N ARG A 185 0.54 -3.30 -12.44
CA ARG A 185 0.52 -3.82 -13.81
C ARG A 185 -0.27 -2.90 -14.72
N GLN A 186 -1.46 -2.49 -14.28
CA GLN A 186 -2.28 -1.59 -15.07
C GLN A 186 -1.70 -0.20 -15.08
N LEU A 187 -0.98 0.14 -14.01
CA LEU A 187 -0.35 1.43 -13.90
C LEU A 187 0.68 1.60 -15.02
N LEU A 188 1.46 0.55 -15.25
CA LEU A 188 2.44 0.54 -16.32
C LEU A 188 1.72 0.60 -17.69
N MET A 189 0.64 -0.16 -17.82
CA MET A 189 -0.12 -0.18 -19.09
C MET A 189 -0.66 1.17 -19.36
N LEU A 190 -1.13 1.82 -18.34
CA LEU A 190 -1.60 3.19 -18.47
C LEU A 190 -0.46 4.12 -18.85
N CYS A 191 0.71 3.91 -18.26
CA CYS A 191 1.88 4.73 -18.53
C CYS A 191 2.38 4.57 -19.98
N LYS A 192 2.42 3.32 -20.45
CA LYS A 192 2.89 3.07 -21.81
C LYS A 192 1.77 3.20 -22.83
N ALA A 193 0.68 2.46 -22.59
CA ALA A 193 -0.47 2.42 -23.48
C ALA A 193 -0.10 2.10 -24.93
N GLU A 194 1.04 1.46 -25.11
CA GLU A 194 1.51 1.09 -26.43
C GLU A 194 1.40 -0.41 -26.61
N THR A 195 0.59 -0.82 -27.55
CA THR A 195 0.45 -2.23 -27.84
C THR A 195 0.31 -2.49 -29.34
N GLN A 196 1.18 -3.32 -29.86
CA GLN A 196 1.10 -3.73 -31.25
C GLN A 196 1.40 -5.19 -31.35
N GLU A 197 0.60 -5.91 -32.09
CA GLU A 197 0.78 -7.32 -32.25
C GLU A 197 1.41 -7.63 -33.59
N LEU A 198 2.54 -8.29 -33.56
CA LEU A 198 3.23 -8.65 -34.78
C LEU A 198 2.97 -10.09 -35.09
N VAL A 199 2.69 -10.37 -36.33
CA VAL A 199 2.42 -11.72 -36.78
C VAL A 199 3.48 -12.21 -37.77
N PRO A 200 4.42 -13.03 -37.29
CA PRO A 200 5.46 -13.60 -38.14
C PRO A 200 4.87 -14.44 -39.25
N ARG A 201 5.31 -14.21 -40.46
CA ARG A 201 4.83 -14.97 -41.60
C ARG A 201 6.01 -15.55 -42.35
N MET A 1 -9.43 -24.08 7.47
CA MET A 1 -8.17 -24.06 8.22
C MET A 1 -8.37 -23.38 9.55
N GLY A 2 -7.29 -23.19 10.30
CA GLY A 2 -7.42 -22.60 11.61
C GLY A 2 -7.84 -23.61 12.64
N GLN A 3 -7.40 -24.86 12.45
CA GLN A 3 -7.70 -25.94 13.38
C GLN A 3 -7.14 -25.64 14.76
N GLY A 4 -5.97 -25.05 14.79
CA GLY A 4 -5.37 -24.65 16.02
C GLY A 4 -5.18 -23.16 16.05
N THR A 5 -5.00 -22.58 17.21
CA THR A 5 -4.80 -21.16 17.28
C THR A 5 -3.37 -20.83 16.95
N ALA A 6 -3.17 -20.29 15.77
CA ALA A 6 -1.86 -19.92 15.31
C ALA A 6 -1.94 -18.60 14.59
N TYR A 7 -0.93 -17.78 14.79
CA TYR A 7 -0.87 -16.47 14.16
C TYR A 7 -0.90 -16.61 12.64
N ALA A 8 -0.08 -17.51 12.12
CA ALA A 8 -0.02 -17.72 10.68
C ALA A 8 -1.35 -18.18 10.13
N GLU A 9 -2.00 -19.13 10.82
CA GLU A 9 -3.30 -19.64 10.36
C GLU A 9 -4.37 -18.56 10.38
N VAL A 10 -4.37 -17.76 11.43
CA VAL A 10 -5.34 -16.68 11.55
C VAL A 10 -5.08 -15.62 10.46
N MET A 11 -3.82 -15.23 10.33
CA MET A 11 -3.43 -14.21 9.35
C MET A 11 -3.70 -14.69 7.93
N ASN A 12 -3.39 -15.95 7.64
CA ASN A 12 -3.58 -16.52 6.30
C ASN A 12 -5.04 -16.44 5.88
N ARG A 13 -5.94 -16.76 6.80
CA ARG A 13 -7.36 -16.73 6.51
C ARG A 13 -7.86 -15.31 6.28
N LYS A 14 -7.37 -14.39 7.10
CA LYS A 14 -7.79 -13.00 7.00
C LYS A 14 -7.24 -12.33 5.75
N VAL A 15 -5.97 -12.59 5.44
CA VAL A 15 -5.34 -12.02 4.25
C VAL A 15 -5.99 -12.55 2.97
N ALA A 16 -6.30 -13.84 2.96
CA ALA A 16 -6.93 -14.45 1.79
C ALA A 16 -8.28 -13.80 1.52
N ALA A 17 -9.03 -13.53 2.59
CA ALA A 17 -10.30 -12.85 2.47
C ALA A 17 -10.11 -11.41 2.04
N LEU A 18 -9.07 -10.80 2.60
CA LEU A 18 -8.73 -9.41 2.35
C LEU A 18 -8.52 -9.16 0.87
N ASP A 19 -7.87 -10.11 0.23
CA ASP A 19 -7.59 -10.05 -1.19
C ASP A 19 -8.87 -9.99 -2.04
N SER A 20 -9.86 -10.79 -1.68
CA SER A 20 -11.08 -10.90 -2.47
C SER A 20 -12.21 -9.95 -2.00
N VAL A 21 -12.21 -9.61 -0.72
CA VAL A 21 -13.26 -8.74 -0.17
C VAL A 21 -13.13 -7.31 -0.73
N PRO A 22 -14.28 -6.63 -0.96
CA PRO A 22 -14.29 -5.24 -1.40
C PRO A 22 -13.59 -4.31 -0.40
N PRO A 23 -12.91 -3.27 -0.89
CA PRO A 23 -12.18 -2.32 -0.03
C PRO A 23 -13.12 -1.57 0.92
N THR A 24 -14.38 -1.53 0.55
CA THR A 24 -15.40 -0.88 1.33
C THR A 24 -15.71 -1.64 2.62
N GLU A 25 -15.43 -2.94 2.63
CA GLU A 25 -15.71 -3.78 3.79
C GLU A 25 -14.45 -4.10 4.58
N TYR A 26 -13.39 -3.36 4.33
CA TYR A 26 -12.12 -3.56 5.06
C TYR A 26 -12.27 -3.24 6.55
N ALA A 27 -13.32 -2.51 6.88
CA ALA A 27 -13.57 -2.08 8.26
C ALA A 27 -13.70 -3.28 9.20
N THR A 28 -14.38 -4.32 8.75
CA THR A 28 -14.55 -5.51 9.57
C THR A 28 -13.23 -6.25 9.75
N LEU A 29 -12.42 -6.28 8.68
CA LEU A 29 -11.15 -6.97 8.73
C LEU A 29 -10.14 -6.22 9.57
N ALA A 30 -10.19 -4.89 9.51
CA ALA A 30 -9.27 -4.05 10.27
C ALA A 30 -9.44 -4.32 11.75
N ALA A 31 -10.68 -4.50 12.18
CA ALA A 31 -10.95 -4.82 13.55
C ALA A 31 -10.31 -6.15 13.93
N ASP A 32 -10.40 -7.14 13.02
CA ASP A 32 -9.79 -8.46 13.26
C ASP A 32 -8.30 -8.35 13.39
N PHE A 33 -7.67 -7.57 12.52
CA PHE A 33 -6.23 -7.40 12.57
C PHE A 33 -5.80 -6.71 13.84
N SER A 34 -6.60 -5.75 14.26
CA SER A 34 -6.35 -5.03 15.51
C SER A 34 -6.42 -6.02 16.69
N ARG A 35 -7.40 -6.94 16.64
CA ARG A 35 -7.55 -7.94 17.68
C ARG A 35 -6.35 -8.87 17.69
N ILE A 36 -5.87 -9.20 16.50
CA ILE A 36 -4.71 -10.05 16.32
C ILE A 36 -3.49 -9.38 16.94
N ALA A 37 -3.34 -8.09 16.67
CA ALA A 37 -2.22 -7.30 17.17
C ALA A 37 -2.16 -7.31 18.70
N ALA A 38 -3.33 -7.31 19.32
CA ALA A 38 -3.43 -7.37 20.77
C ALA A 38 -2.82 -8.65 21.32
N VAL A 39 -3.01 -9.75 20.59
CA VAL A 39 -2.50 -11.04 20.98
C VAL A 39 -0.98 -11.04 20.90
N GLU A 40 -0.38 -11.69 21.83
CA GLU A 40 1.08 -11.74 21.99
C GLU A 40 1.79 -12.47 20.83
N GLY A 41 1.05 -13.27 20.09
CA GLY A 41 1.63 -14.01 18.99
C GLY A 41 1.64 -13.21 17.70
N SER A 42 1.17 -11.98 17.78
CA SER A 42 1.09 -11.13 16.61
C SER A 42 2.45 -10.59 16.20
N ASP A 43 2.50 -10.05 14.99
CA ASP A 43 3.69 -9.45 14.44
C ASP A 43 3.32 -8.06 13.94
N TRP A 44 4.29 -7.34 13.45
CA TRP A 44 4.11 -5.97 12.94
C TRP A 44 3.09 -5.98 11.81
N MET A 45 2.97 -7.11 11.15
CA MET A 45 2.12 -7.27 10.00
C MET A 45 0.66 -7.05 10.38
N ALA A 46 0.28 -7.49 11.58
CA ALA A 46 -1.08 -7.29 12.07
C ALA A 46 -1.38 -5.79 12.17
N ALA A 47 -0.41 -5.04 12.69
CA ALA A 47 -0.53 -3.58 12.78
C ALA A 47 -0.58 -2.97 11.39
N TYR A 48 0.25 -3.54 10.50
CA TYR A 48 0.32 -3.11 9.12
C TYR A 48 -1.04 -3.24 8.44
N TYR A 49 -1.65 -4.39 8.59
CA TYR A 49 -2.94 -4.66 7.97
C TYR A 49 -4.05 -3.84 8.58
N THR A 50 -3.97 -3.58 9.88
CA THR A 50 -4.99 -2.77 10.53
C THR A 50 -5.02 -1.38 9.91
N ALA A 51 -3.85 -0.78 9.76
CA ALA A 51 -3.72 0.53 9.14
C ALA A 51 -4.12 0.48 7.68
N TYR A 52 -3.69 -0.58 7.00
CA TYR A 52 -3.99 -0.79 5.58
C TYR A 52 -5.48 -0.83 5.32
N CYS A 53 -6.17 -1.61 6.11
CA CYS A 53 -7.58 -1.79 5.94
C CYS A 53 -8.33 -0.48 6.15
N ARG A 54 -7.89 0.31 7.11
CA ARG A 54 -8.55 1.58 7.39
C ARG A 54 -8.24 2.62 6.29
N ILE A 55 -6.99 2.64 5.84
CA ILE A 55 -6.50 3.61 4.85
C ILE A 55 -7.16 3.47 3.47
N ILE A 56 -7.32 2.24 2.99
CA ILE A 56 -7.83 2.03 1.63
C ILE A 56 -9.23 2.68 1.39
N PRO A 57 -10.25 2.43 2.25
CA PRO A 57 -11.58 3.04 2.11
C PRO A 57 -11.55 4.56 2.32
N ALA A 58 -10.49 5.05 2.94
CA ALA A 58 -10.30 6.49 3.17
C ALA A 58 -10.26 7.23 1.86
N PHE A 59 -9.66 6.61 0.85
CA PHE A 59 -9.60 7.19 -0.49
C PHE A 59 -11.01 7.43 -1.03
N GLY A 60 -11.91 6.53 -0.71
CA GLY A 60 -13.28 6.66 -1.14
C GLY A 60 -14.16 7.32 -0.10
N ASN A 61 -13.56 7.75 1.01
CA ASN A 61 -14.32 8.36 2.08
C ASN A 61 -13.61 9.61 2.60
N PRO A 62 -13.65 10.69 1.83
CA PRO A 62 -13.00 11.96 2.22
C PRO A 62 -13.72 12.66 3.36
N SER A 63 -14.93 12.20 3.66
CA SER A 63 -15.76 12.80 4.71
C SER A 63 -15.10 12.72 6.09
N GLU A 64 -14.55 11.57 6.43
CA GLU A 64 -13.95 11.38 7.74
C GLU A 64 -12.61 10.67 7.62
N ALA A 65 -11.99 10.80 6.45
CA ALA A 65 -10.73 10.13 6.17
C ALA A 65 -9.65 10.55 7.14
N ASP A 66 -9.64 11.82 7.46
CA ASP A 66 -8.65 12.36 8.39
C ASP A 66 -8.78 11.75 9.78
N ARG A 67 -10.02 11.68 10.26
CA ARG A 67 -10.30 11.14 11.59
C ARG A 67 -9.90 9.68 11.69
N LEU A 68 -10.18 8.91 10.65
CA LEU A 68 -9.87 7.49 10.66
C LEU A 68 -8.40 7.24 10.31
N CYS A 69 -7.81 8.18 9.60
CA CYS A 69 -6.42 8.10 9.23
C CYS A 69 -5.54 8.11 10.47
N GLU A 70 -5.94 8.90 11.44
CA GLU A 70 -5.17 9.08 12.66
C GLU A 70 -4.98 7.77 13.42
N GLU A 71 -6.01 6.90 13.46
CA GLU A 71 -5.83 5.62 14.16
C GLU A 71 -4.86 4.74 13.38
N ALA A 72 -4.88 4.88 12.05
CA ALA A 72 -3.98 4.15 11.19
C ALA A 72 -2.54 4.55 11.42
N GLU A 73 -2.32 5.85 11.64
CA GLU A 73 -0.98 6.40 11.86
C GLU A 73 -0.38 5.76 13.10
N SER A 74 -1.23 5.64 14.08
CA SER A 74 -0.89 5.06 15.35
C SER A 74 -0.49 3.58 15.18
N MET A 75 -1.28 2.84 14.41
CA MET A 75 -1.01 1.43 14.15
C MET A 75 0.29 1.27 13.36
N LEU A 76 0.49 2.17 12.42
CA LEU A 76 1.70 2.20 11.59
C LEU A 76 2.93 2.44 12.44
N SER A 77 2.78 3.26 13.47
CA SER A 77 3.86 3.58 14.37
C SER A 77 4.33 2.32 15.09
N LYS A 78 3.37 1.49 15.42
CA LYS A 78 3.62 0.22 16.09
C LYS A 78 4.45 -0.71 15.21
N ALA A 79 4.16 -0.70 13.91
CA ALA A 79 4.84 -1.57 12.94
C ALA A 79 6.35 -1.30 12.91
N GLU A 80 6.74 -0.02 12.88
CA GLU A 80 8.15 0.32 12.89
C GLU A 80 8.76 0.13 14.28
N SER A 81 7.93 0.31 15.31
CA SER A 81 8.37 0.13 16.67
C SER A 81 8.80 -1.31 16.91
N LEU A 82 7.99 -2.24 16.39
CA LEU A 82 8.30 -3.66 16.45
C LEU A 82 9.56 -3.97 15.66
N GLY A 83 9.72 -3.28 14.55
CA GLY A 83 10.90 -3.51 13.72
C GLY A 83 10.54 -4.13 12.39
N GLY A 84 9.31 -3.91 11.95
CA GLY A 84 8.89 -4.46 10.69
C GLY A 84 9.41 -3.66 9.53
N ASP A 85 9.05 -4.06 8.34
CA ASP A 85 9.53 -3.39 7.13
C ASP A 85 8.97 -1.98 7.03
N LEU A 86 9.88 -1.03 7.11
CA LEU A 86 9.54 0.38 7.09
C LEU A 86 8.93 0.78 5.75
N SER A 87 9.43 0.19 4.68
CA SER A 87 8.95 0.49 3.33
C SER A 87 7.47 0.19 3.18
N GLU A 88 7.06 -0.93 3.72
CA GLU A 88 5.69 -1.38 3.58
C GLU A 88 4.73 -0.41 4.27
N ILE A 89 5.14 0.07 5.43
CA ILE A 89 4.30 1.01 6.17
C ILE A 89 4.49 2.43 5.66
N ALA A 90 5.65 2.69 5.05
CA ALA A 90 5.89 3.99 4.43
C ALA A 90 4.92 4.18 3.28
N CYS A 91 4.67 3.11 2.54
CA CYS A 91 3.72 3.11 1.44
C CYS A 91 2.31 3.42 1.96
N LEU A 92 1.96 2.85 3.10
CA LEU A 92 0.67 3.12 3.69
C LEU A 92 0.57 4.58 4.15
N ARG A 93 1.67 5.07 4.73
CA ARG A 93 1.73 6.45 5.20
C ARG A 93 1.61 7.44 4.06
N SER A 94 2.24 7.15 2.93
CA SER A 94 2.15 8.02 1.78
C SER A 94 0.72 8.05 1.23
N MET A 95 0.07 6.88 1.24
CA MET A 95 -1.32 6.79 0.81
C MET A 95 -2.22 7.58 1.73
N ALA A 96 -1.91 7.54 3.01
CA ALA A 96 -2.70 8.26 4.00
C ALA A 96 -2.71 9.76 3.68
N ALA A 97 -1.56 10.29 3.30
CA ALA A 97 -1.46 11.68 2.91
C ALA A 97 -2.31 11.96 1.67
N SER A 98 -2.22 11.05 0.69
CA SER A 98 -2.98 11.20 -0.55
C SER A 98 -4.48 11.05 -0.34
N ALA A 99 -4.88 10.16 0.58
CA ALA A 99 -6.29 9.96 0.89
C ALA A 99 -6.89 11.25 1.44
N ARG A 100 -6.14 11.90 2.32
CA ARG A 100 -6.55 13.17 2.89
C ARG A 100 -6.44 14.29 1.87
N LEU A 101 -5.59 14.09 0.88
CA LEU A 101 -5.42 15.03 -0.23
C LEU A 101 -6.74 15.11 -1.00
N LEU A 102 -7.38 13.96 -1.17
CA LEU A 102 -8.63 13.86 -1.94
C LEU A 102 -9.78 14.63 -1.30
N VAL A 103 -9.62 15.01 -0.03
CA VAL A 103 -10.63 15.83 0.63
C VAL A 103 -10.76 17.15 -0.12
N ASN A 104 -9.62 17.72 -0.47
CA ASN A 104 -9.55 18.92 -1.27
C ASN A 104 -8.45 18.75 -2.32
N PRO A 105 -8.76 18.05 -3.42
CA PRO A 105 -7.78 17.72 -4.47
C PRO A 105 -7.48 18.90 -5.38
N GLN A 106 -7.61 20.08 -4.85
CA GLN A 106 -7.34 21.29 -5.60
C GLN A 106 -6.03 21.91 -5.14
N GLU A 107 -5.81 21.92 -3.83
CA GLU A 107 -4.65 22.58 -3.28
C GLU A 107 -3.86 21.71 -2.32
N ARG A 108 -4.40 20.56 -1.95
CA ARG A 108 -3.73 19.71 -0.96
C ARG A 108 -2.54 18.98 -1.57
N TRP A 109 -2.37 19.16 -2.87
CA TRP A 109 -1.23 18.61 -3.59
C TRP A 109 0.07 19.17 -3.02
N GLN A 110 0.04 20.46 -2.71
CA GLN A 110 1.20 21.18 -2.18
C GLN A 110 1.65 20.62 -0.83
N THR A 111 0.68 20.31 0.02
CA THR A 111 0.99 19.83 1.36
C THR A 111 0.98 18.31 1.44
N TYR A 112 -0.19 17.72 1.29
CA TYR A 112 -0.36 16.28 1.43
C TYR A 112 0.36 15.52 0.34
N GLY A 113 0.30 16.05 -0.88
CA GLY A 113 0.98 15.40 -1.99
C GLY A 113 2.47 15.37 -1.77
N ALA A 114 3.02 16.47 -1.29
CA ALA A 114 4.44 16.55 -1.02
C ALA A 114 4.84 15.57 0.08
N GLU A 115 4.00 15.46 1.11
CA GLU A 115 4.27 14.53 2.19
C GLU A 115 4.22 13.10 1.67
N SER A 116 3.23 12.82 0.82
CA SER A 116 3.09 11.51 0.23
C SER A 116 4.31 11.15 -0.62
N SER A 117 4.76 12.09 -1.45
CA SER A 117 5.89 11.85 -2.32
C SER A 117 7.18 11.68 -1.51
N ARG A 118 7.32 12.49 -0.47
CA ARG A 118 8.46 12.38 0.43
C ARG A 118 8.44 11.05 1.18
N GLN A 119 7.26 10.64 1.60
CA GLN A 119 7.08 9.39 2.27
C GLN A 119 7.47 8.23 1.37
N LEU A 120 7.14 8.35 0.08
CA LEU A 120 7.51 7.36 -0.91
C LEU A 120 9.00 7.23 -1.04
N ALA A 121 9.69 8.34 -0.96
CA ALA A 121 11.14 8.35 -1.00
C ALA A 121 11.65 7.52 0.16
N VAL A 122 10.99 7.64 1.30
CA VAL A 122 11.35 6.87 2.49
C VAL A 122 11.15 5.37 2.23
N ALA A 123 10.06 5.01 1.54
CA ALA A 123 9.82 3.62 1.20
C ALA A 123 10.94 3.08 0.34
N LEU A 124 11.38 3.90 -0.62
CA LEU A 124 12.49 3.56 -1.48
C LEU A 124 13.80 3.48 -0.67
N GLU A 125 13.96 4.40 0.27
CA GLU A 125 15.14 4.42 1.11
C GLU A 125 15.21 3.20 2.04
N ALA A 126 14.06 2.82 2.61
CA ALA A 126 14.02 1.65 3.48
C ALA A 126 14.33 0.37 2.70
N ASN A 127 13.71 0.22 1.54
CA ASN A 127 14.04 -0.88 0.63
C ASN A 127 14.06 -0.35 -0.79
N PRO A 128 15.27 -0.17 -1.34
CA PRO A 128 15.46 0.39 -2.70
C PRO A 128 14.73 -0.41 -3.78
N ALA A 129 14.58 -1.70 -3.55
CA ALA A 129 13.96 -2.58 -4.52
C ALA A 129 12.46 -2.74 -4.29
N ASN A 130 11.91 -2.00 -3.35
CA ASN A 130 10.51 -2.14 -2.95
C ASN A 130 9.55 -1.90 -4.13
N PRO A 131 8.71 -2.90 -4.47
CA PRO A 131 7.79 -2.81 -5.60
C PRO A 131 6.65 -1.82 -5.39
N ARG A 132 6.08 -1.83 -4.20
CA ARG A 132 4.98 -0.94 -3.87
C ARG A 132 5.41 0.52 -3.85
N ALA A 133 6.62 0.77 -3.40
CA ALA A 133 7.17 2.10 -3.39
C ALA A 133 7.24 2.66 -4.81
N TYR A 134 7.69 1.83 -5.75
CA TYR A 134 7.75 2.24 -7.15
C TYR A 134 6.36 2.39 -7.73
N PHE A 135 5.44 1.51 -7.33
CA PHE A 135 4.07 1.58 -7.80
C PHE A 135 3.41 2.91 -7.43
N LEU A 136 3.52 3.27 -6.18
CA LEU A 136 2.93 4.51 -5.72
C LEU A 136 3.60 5.68 -6.40
N GLN A 137 4.91 5.58 -6.56
CA GLN A 137 5.66 6.59 -7.27
C GLN A 137 5.18 6.73 -8.69
N ALA A 138 5.01 5.61 -9.37
CA ALA A 138 4.58 5.63 -10.74
C ALA A 138 3.20 6.26 -10.86
N GLN A 139 2.29 5.88 -9.98
CA GLN A 139 0.96 6.44 -9.98
C GLN A 139 0.98 7.94 -9.70
N SER A 140 1.75 8.32 -8.69
CA SER A 140 1.86 9.73 -8.33
C SER A 140 2.48 10.53 -9.47
N LEU A 141 3.57 10.00 -10.04
CA LEU A 141 4.29 10.66 -11.13
C LEU A 141 3.42 10.79 -12.38
N LEU A 142 2.66 9.74 -12.68
CA LEU A 142 1.78 9.71 -13.84
C LEU A 142 0.70 10.78 -13.75
N TYR A 143 0.13 10.93 -12.58
CA TYR A 143 -0.96 11.85 -12.39
C TYR A 143 -0.50 13.16 -11.76
N THR A 144 0.81 13.43 -11.84
CA THR A 144 1.38 14.65 -11.30
C THR A 144 0.89 15.88 -12.08
N PRO A 145 0.29 16.85 -11.38
CA PRO A 145 -0.16 18.10 -11.99
C PRO A 145 0.99 19.13 -12.06
N ALA A 146 2.16 18.67 -12.55
CA ALA A 146 3.39 19.50 -12.67
C ALA A 146 3.96 19.93 -11.29
N GLN A 147 3.19 19.69 -10.24
CA GLN A 147 3.57 20.07 -8.88
C GLN A 147 4.83 19.33 -8.41
N PHE A 148 4.92 18.05 -8.73
CA PHE A 148 6.04 17.24 -8.27
C PHE A 148 7.11 17.10 -9.35
N GLY A 149 6.86 17.72 -10.50
CA GLY A 149 7.79 17.62 -11.61
C GLY A 149 7.83 16.22 -12.22
N GLY A 150 6.71 15.54 -12.14
CA GLY A 150 6.62 14.18 -12.64
C GLY A 150 6.21 14.11 -14.10
N GLY A 151 5.50 13.07 -14.45
CA GLY A 151 5.05 12.89 -15.81
C GLY A 151 4.97 11.41 -16.16
N LYS A 152 4.51 11.12 -17.36
CA LYS A 152 4.39 9.74 -17.83
C LYS A 152 5.75 9.11 -17.91
N ASP A 153 6.66 9.90 -18.42
CA ASP A 153 8.04 9.48 -18.59
C ASP A 153 8.67 9.14 -17.26
N LYS A 154 8.37 9.92 -16.23
CA LYS A 154 8.89 9.66 -14.90
C LYS A 154 8.24 8.41 -14.30
N ALA A 155 6.95 8.28 -14.49
CA ALA A 155 6.17 7.16 -13.98
C ALA A 155 6.59 5.84 -14.62
N LEU A 156 6.87 5.89 -15.90
CA LEU A 156 7.15 4.74 -16.73
C LEU A 156 8.22 3.77 -16.11
N PRO A 157 9.46 4.26 -15.77
CA PRO A 157 10.49 3.39 -15.19
C PRO A 157 10.09 2.85 -13.82
N PHE A 158 9.33 3.65 -13.08
CA PHE A 158 8.85 3.24 -11.77
C PHE A 158 7.86 2.11 -11.90
N ALA A 159 6.99 2.22 -12.89
CA ALA A 159 6.00 1.20 -13.17
C ALA A 159 6.67 -0.11 -13.57
N GLU A 160 7.71 0.00 -14.41
CA GLU A 160 8.44 -1.19 -14.86
C GLU A 160 9.16 -1.86 -13.70
N LYS A 161 9.76 -1.05 -12.84
CA LYS A 161 10.52 -1.59 -11.72
C LYS A 161 9.58 -2.32 -10.76
N SER A 162 8.42 -1.72 -10.51
CA SER A 162 7.43 -2.32 -9.63
C SER A 162 6.99 -3.68 -10.19
N VAL A 163 6.64 -3.72 -11.48
CA VAL A 163 6.19 -4.96 -12.11
C VAL A 163 7.32 -5.99 -12.15
N SER A 164 8.53 -5.53 -12.49
CA SER A 164 9.69 -6.40 -12.54
C SER A 164 9.94 -7.04 -11.18
N CYS A 165 9.83 -6.23 -10.14
CA CYS A 165 10.02 -6.70 -8.78
C CYS A 165 8.97 -7.74 -8.40
N TYR A 166 7.71 -7.53 -8.83
CA TYR A 166 6.63 -8.48 -8.52
C TYR A 166 6.91 -9.84 -9.13
N ALA A 167 7.58 -9.85 -10.27
CA ALA A 167 7.96 -11.09 -10.93
C ALA A 167 8.89 -11.93 -10.03
N ALA A 168 9.64 -11.24 -9.17
CA ALA A 168 10.56 -11.87 -8.26
C ALA A 168 9.89 -12.07 -6.91
N ALA A 169 8.73 -11.45 -6.74
CA ALA A 169 7.98 -11.55 -5.53
C ALA A 169 6.94 -12.65 -5.63
N THR A 170 7.30 -13.80 -5.16
CA THR A 170 6.41 -14.96 -5.16
C THR A 170 5.38 -14.87 -4.04
N VAL A 171 5.52 -13.84 -3.23
CA VAL A 171 4.65 -13.57 -2.09
C VAL A 171 4.84 -14.63 -1.01
N SER A 172 5.76 -14.36 -0.12
CA SER A 172 6.06 -15.26 0.97
C SER A 172 5.99 -14.50 2.29
N PRO A 173 5.73 -15.18 3.42
CA PRO A 173 5.52 -16.64 3.48
C PRO A 173 4.23 -17.11 2.79
N ALA A 174 3.19 -16.31 2.90
CA ALA A 174 1.89 -16.64 2.32
C ALA A 174 0.92 -15.51 2.54
N TYR A 175 0.86 -15.05 3.77
CA TYR A 175 -0.03 -13.97 4.14
C TYR A 175 0.59 -12.61 3.87
N ALA A 176 1.67 -12.60 3.11
CA ALA A 176 2.31 -11.35 2.72
C ALA A 176 1.35 -10.56 1.84
N PRO A 177 1.42 -9.21 1.85
CA PRO A 177 0.47 -8.36 1.10
C PRO A 177 0.46 -8.66 -0.40
N HIS A 178 -0.72 -8.89 -0.94
CA HIS A 178 -0.88 -9.20 -2.37
C HIS A 178 -1.33 -7.98 -3.14
N TRP A 179 -1.54 -6.89 -2.44
CA TRP A 179 -2.08 -5.70 -3.07
C TRP A 179 -1.01 -4.93 -3.84
N GLY A 180 -1.44 -4.29 -4.90
CA GLY A 180 -0.57 -3.49 -5.72
C GLY A 180 -0.03 -4.24 -6.92
N GLU A 181 -0.09 -5.57 -6.87
CA GLU A 181 0.41 -6.39 -7.99
C GLU A 181 -0.41 -6.16 -9.25
N GLN A 182 -1.73 -6.18 -9.09
CA GLN A 182 -2.65 -5.98 -10.20
C GLN A 182 -2.58 -4.55 -10.70
N GLN A 183 -2.51 -3.64 -9.74
CA GLN A 183 -2.50 -2.23 -10.03
C GLN A 183 -1.24 -1.81 -10.80
N ALA A 184 -0.09 -2.34 -10.40
CA ALA A 184 1.16 -2.01 -11.04
C ALA A 184 1.21 -2.46 -12.48
N ARG A 185 0.70 -3.67 -12.74
CA ARG A 185 0.72 -4.23 -14.08
C ARG A 185 -0.09 -3.35 -15.04
N GLN A 186 -1.28 -2.94 -14.60
CA GLN A 186 -2.13 -2.10 -15.43
C GLN A 186 -1.56 -0.69 -15.53
N LEU A 187 -0.93 -0.22 -14.45
CA LEU A 187 -0.35 1.09 -14.41
C LEU A 187 0.76 1.21 -15.44
N LEU A 188 1.58 0.17 -15.53
CA LEU A 188 2.65 0.14 -16.50
C LEU A 188 2.14 0.19 -17.93
N MET A 189 1.11 -0.59 -18.24
CA MET A 189 0.58 -0.57 -19.60
C MET A 189 -0.05 0.77 -19.92
N LEU A 190 -0.51 1.47 -18.89
CA LEU A 190 -1.02 2.82 -19.09
C LEU A 190 0.15 3.77 -19.37
N CYS A 191 1.24 3.60 -18.63
CA CYS A 191 2.42 4.46 -18.76
C CYS A 191 3.17 4.23 -20.08
N LYS A 192 3.34 2.97 -20.47
CA LYS A 192 4.06 2.66 -21.71
C LYS A 192 3.12 2.61 -22.88
N ALA A 193 2.00 1.94 -22.66
CA ALA A 193 0.98 1.73 -23.70
C ALA A 193 1.59 1.13 -24.95
N GLU A 194 2.67 0.38 -24.77
CA GLU A 194 3.36 -0.24 -25.86
C GLU A 194 3.35 -1.74 -25.72
N THR A 195 2.82 -2.41 -26.70
CA THR A 195 2.75 -3.84 -26.70
C THR A 195 4.04 -4.45 -27.23
N GLN A 196 4.31 -5.69 -26.86
CA GLN A 196 5.49 -6.38 -27.30
C GLN A 196 5.16 -7.84 -27.55
N GLU A 197 5.64 -8.37 -28.67
CA GLU A 197 5.42 -9.76 -28.98
C GLU A 197 6.21 -10.66 -28.03
N LEU A 198 5.49 -11.47 -27.27
CA LEU A 198 6.10 -12.36 -26.32
C LEU A 198 5.98 -13.80 -26.78
N VAL A 199 7.06 -14.54 -26.62
CA VAL A 199 7.08 -15.95 -26.96
C VAL A 199 6.20 -16.74 -25.98
N PRO A 200 5.60 -17.85 -26.44
CA PRO A 200 4.70 -18.67 -25.61
C PRO A 200 5.44 -19.35 -24.46
N ARG A 201 4.72 -19.61 -23.38
CA ARG A 201 5.28 -20.23 -22.17
C ARG A 201 6.22 -19.25 -21.48
N MET A 1 -11.72 -14.09 13.45
CA MET A 1 -11.87 -13.29 14.68
C MET A 1 -12.13 -14.20 15.87
N GLY A 2 -11.34 -14.05 16.90
CA GLY A 2 -11.48 -14.88 18.07
C GLY A 2 -10.14 -15.44 18.47
N GLN A 3 -10.15 -16.37 19.42
CA GLN A 3 -8.91 -17.00 19.85
C GLN A 3 -8.33 -17.78 18.67
N GLY A 4 -7.08 -17.51 18.34
CA GLY A 4 -6.49 -18.15 17.19
C GLY A 4 -5.23 -18.92 17.53
N THR A 5 -4.91 -19.89 16.71
CA THR A 5 -3.74 -20.71 16.88
C THR A 5 -2.86 -20.64 15.63
N ALA A 6 -1.54 -20.64 15.84
CA ALA A 6 -0.57 -20.55 14.74
C ALA A 6 -0.71 -19.22 14.00
N TYR A 7 0.14 -18.27 14.35
CA TYR A 7 0.08 -16.92 13.78
C TYR A 7 0.20 -16.95 12.26
N ALA A 8 1.16 -17.71 11.76
CA ALA A 8 1.37 -17.81 10.32
C ALA A 8 0.14 -18.37 9.62
N GLU A 9 -0.48 -19.39 10.22
CA GLU A 9 -1.69 -19.99 9.65
C GLU A 9 -2.84 -19.00 9.67
N VAL A 10 -2.97 -18.28 10.79
CA VAL A 10 -4.02 -17.29 10.95
C VAL A 10 -3.88 -16.18 9.91
N MET A 11 -2.67 -15.67 9.75
CA MET A 11 -2.41 -14.62 8.78
C MET A 11 -2.64 -15.13 7.37
N ASN A 12 -2.19 -16.35 7.10
CA ASN A 12 -2.31 -16.96 5.77
C ASN A 12 -3.76 -17.04 5.34
N ARG A 13 -4.61 -17.56 6.22
CA ARG A 13 -6.02 -17.71 5.92
C ARG A 13 -6.71 -16.35 5.72
N LYS A 14 -6.43 -15.44 6.62
CA LYS A 14 -7.05 -14.13 6.62
C LYS A 14 -6.58 -13.23 5.48
N VAL A 15 -5.28 -13.26 5.17
CA VAL A 15 -4.74 -12.49 4.06
C VAL A 15 -5.31 -12.98 2.74
N ALA A 16 -5.44 -14.30 2.60
CA ALA A 16 -6.02 -14.87 1.40
C ALA A 16 -7.46 -14.35 1.22
N ALA A 17 -8.19 -14.25 2.34
CA ALA A 17 -9.53 -13.72 2.34
C ALA A 17 -9.51 -12.26 1.97
N LEU A 18 -8.49 -11.57 2.45
CA LEU A 18 -8.31 -10.14 2.26
C LEU A 18 -8.26 -9.83 0.76
N ASP A 19 -7.59 -10.67 0.00
CA ASP A 19 -7.51 -10.49 -1.45
C ASP A 19 -8.89 -10.64 -2.11
N SER A 20 -9.61 -11.68 -1.69
CA SER A 20 -10.93 -11.97 -2.25
C SER A 20 -12.02 -10.96 -1.79
N VAL A 21 -11.97 -10.59 -0.53
CA VAL A 21 -13.01 -9.74 0.08
C VAL A 21 -12.97 -8.29 -0.47
N PRO A 22 -14.16 -7.66 -0.65
CA PRO A 22 -14.27 -6.25 -1.08
C PRO A 22 -13.61 -5.30 -0.07
N PRO A 23 -13.08 -4.17 -0.56
CA PRO A 23 -12.38 -3.18 0.30
C PRO A 23 -13.28 -2.58 1.38
N THR A 24 -14.57 -2.57 1.14
CA THR A 24 -15.53 -2.01 2.09
C THR A 24 -15.65 -2.89 3.34
N GLU A 25 -15.35 -4.17 3.17
CA GLU A 25 -15.53 -5.15 4.22
C GLU A 25 -14.26 -5.28 5.06
N TYR A 26 -13.28 -4.43 4.76
CA TYR A 26 -11.99 -4.44 5.45
C TYR A 26 -12.12 -4.10 6.92
N ALA A 27 -13.21 -3.44 7.27
CA ALA A 27 -13.45 -3.06 8.66
C ALA A 27 -13.49 -4.29 9.56
N THR A 28 -14.08 -5.38 9.06
CA THR A 28 -14.18 -6.62 9.82
C THR A 28 -12.79 -7.16 10.10
N LEU A 29 -11.98 -7.12 9.06
CA LEU A 29 -10.65 -7.67 9.10
C LEU A 29 -9.72 -6.80 9.93
N ALA A 30 -9.88 -5.48 9.84
CA ALA A 30 -9.03 -4.57 10.61
C ALA A 30 -9.21 -4.81 12.10
N ALA A 31 -10.45 -5.01 12.52
CA ALA A 31 -10.75 -5.32 13.91
C ALA A 31 -10.15 -6.66 14.28
N ASP A 32 -10.26 -7.62 13.36
CA ASP A 32 -9.76 -8.97 13.55
C ASP A 32 -8.23 -8.97 13.71
N PHE A 33 -7.54 -8.26 12.80
CA PHE A 33 -6.09 -8.17 12.84
C PHE A 33 -5.62 -7.39 14.07
N SER A 34 -6.40 -6.40 14.47
CA SER A 34 -6.07 -5.56 15.61
C SER A 34 -6.01 -6.41 16.87
N ARG A 35 -6.97 -7.31 17.01
CA ARG A 35 -7.04 -8.19 18.16
C ARG A 35 -5.81 -9.10 18.18
N ILE A 36 -5.40 -9.55 16.99
CA ILE A 36 -4.24 -10.41 16.85
C ILE A 36 -2.99 -9.67 17.33
N ALA A 37 -2.86 -8.41 16.91
CA ALA A 37 -1.72 -7.57 17.28
C ALA A 37 -1.65 -7.38 18.79
N ALA A 38 -2.80 -7.25 19.43
CA ALA A 38 -2.90 -7.09 20.87
C ALA A 38 -2.29 -8.28 21.60
N VAL A 39 -2.52 -9.47 21.06
CA VAL A 39 -2.03 -10.69 21.64
C VAL A 39 -0.56 -10.87 21.29
N GLU A 40 0.16 -11.37 22.23
CA GLU A 40 1.59 -11.60 22.09
C GLU A 40 1.85 -12.75 21.12
N GLY A 41 2.94 -12.64 20.39
CA GLY A 41 3.28 -13.64 19.42
C GLY A 41 2.98 -13.17 18.03
N SER A 42 2.18 -12.13 17.95
CA SER A 42 1.88 -11.50 16.70
C SER A 42 3.06 -10.67 16.25
N ASP A 43 3.14 -10.41 14.98
CA ASP A 43 4.23 -9.65 14.43
C ASP A 43 3.76 -8.31 13.93
N TRP A 44 4.70 -7.50 13.48
CA TRP A 44 4.44 -6.16 12.96
C TRP A 44 3.45 -6.22 11.80
N MET A 45 3.41 -7.36 11.14
CA MET A 45 2.58 -7.55 9.98
C MET A 45 1.10 -7.42 10.34
N ALA A 46 0.72 -7.90 11.52
CA ALA A 46 -0.66 -7.76 11.97
C ALA A 46 -1.04 -6.30 12.08
N ALA A 47 -0.11 -5.50 12.61
CA ALA A 47 -0.29 -4.06 12.71
C ALA A 47 -0.37 -3.44 11.32
N TYR A 48 0.48 -3.95 10.43
CA TYR A 48 0.54 -3.50 9.04
C TYR A 48 -0.82 -3.67 8.36
N TYR A 49 -1.37 -4.87 8.49
CA TYR A 49 -2.64 -5.18 7.88
C TYR A 49 -3.80 -4.42 8.51
N THR A 50 -3.71 -4.19 9.83
CA THR A 50 -4.75 -3.44 10.51
C THR A 50 -4.82 -2.02 9.93
N ALA A 51 -3.65 -1.40 9.78
CA ALA A 51 -3.56 -0.06 9.20
C ALA A 51 -4.01 -0.08 7.74
N TYR A 52 -3.61 -1.12 7.03
CA TYR A 52 -3.95 -1.32 5.62
C TYR A 52 -5.46 -1.35 5.42
N CYS A 53 -6.12 -2.11 6.26
CA CYS A 53 -7.54 -2.29 6.18
C CYS A 53 -8.27 -0.96 6.34
N ARG A 54 -7.78 -0.09 7.22
CA ARG A 54 -8.40 1.21 7.41
C ARG A 54 -8.16 2.12 6.19
N ILE A 55 -6.95 2.08 5.69
CA ILE A 55 -6.49 2.96 4.61
C ILE A 55 -7.19 2.74 3.25
N ILE A 56 -7.35 1.49 2.85
CA ILE A 56 -7.91 1.19 1.52
C ILE A 56 -9.33 1.77 1.30
N PRO A 57 -10.31 1.50 2.19
CA PRO A 57 -11.65 2.06 2.07
C PRO A 57 -11.67 3.58 2.28
N ALA A 58 -10.61 4.10 2.88
CA ALA A 58 -10.48 5.52 3.16
C ALA A 58 -10.51 6.35 1.90
N PHE A 59 -9.88 5.81 0.86
CA PHE A 59 -9.87 6.49 -0.44
C PHE A 59 -11.29 6.67 -0.95
N GLY A 60 -12.12 5.68 -0.68
CA GLY A 60 -13.50 5.75 -1.08
C GLY A 60 -14.41 6.25 0.03
N ASN A 61 -13.82 6.66 1.15
CA ASN A 61 -14.57 7.14 2.29
C ASN A 61 -13.93 8.39 2.88
N PRO A 62 -14.09 9.52 2.20
CA PRO A 62 -13.51 10.80 2.64
C PRO A 62 -14.21 11.36 3.88
N SER A 63 -15.39 10.81 4.17
CA SER A 63 -16.20 11.28 5.28
C SER A 63 -15.48 11.14 6.63
N GLU A 64 -14.77 10.04 6.83
CA GLU A 64 -14.06 9.83 8.08
C GLU A 64 -12.68 9.27 7.84
N ALA A 65 -12.15 9.50 6.64
CA ALA A 65 -10.84 9.00 6.26
C ALA A 65 -9.79 9.53 7.21
N ASP A 66 -9.93 10.78 7.59
CA ASP A 66 -8.99 11.43 8.49
C ASP A 66 -8.93 10.71 9.84
N ARG A 67 -10.10 10.38 10.38
CA ARG A 67 -10.20 9.70 11.67
C ARG A 67 -9.60 8.30 11.64
N LEU A 68 -9.86 7.57 10.57
CA LEU A 68 -9.39 6.19 10.46
C LEU A 68 -7.90 6.15 10.11
N CYS A 69 -7.41 7.18 9.44
CA CYS A 69 -5.98 7.29 9.15
C CYS A 69 -5.21 7.38 10.45
N GLU A 70 -5.75 8.12 11.41
CA GLU A 70 -5.12 8.26 12.72
C GLU A 70 -5.04 6.90 13.40
N GLU A 71 -6.10 6.11 13.25
CA GLU A 71 -6.13 4.77 13.81
C GLU A 71 -5.07 3.91 13.15
N ALA A 72 -4.95 4.06 11.84
CA ALA A 72 -3.96 3.35 11.06
C ALA A 72 -2.55 3.76 11.46
N GLU A 73 -2.37 5.06 11.70
CA GLU A 73 -1.09 5.62 12.06
C GLU A 73 -0.55 5.01 13.34
N SER A 74 -1.42 4.84 14.32
CA SER A 74 -1.04 4.22 15.58
C SER A 74 -0.55 2.80 15.35
N MET A 75 -1.28 2.05 14.53
CA MET A 75 -0.92 0.67 14.23
C MET A 75 0.40 0.61 13.45
N LEU A 76 0.57 1.56 12.54
CA LEU A 76 1.78 1.67 11.74
C LEU A 76 2.99 1.95 12.63
N SER A 77 2.78 2.74 13.67
CA SER A 77 3.82 3.07 14.61
C SER A 77 4.30 1.81 15.31
N LYS A 78 3.36 0.92 15.60
CA LYS A 78 3.67 -0.34 16.26
C LYS A 78 4.56 -1.19 15.37
N ALA A 79 4.25 -1.17 14.07
CA ALA A 79 4.99 -1.94 13.08
C ALA A 79 6.45 -1.47 13.01
N GLU A 80 6.64 -0.16 13.01
CA GLU A 80 7.98 0.41 12.96
C GLU A 80 8.74 0.11 14.25
N SER A 81 8.05 0.25 15.37
CA SER A 81 8.63 0.03 16.69
C SER A 81 9.11 -1.41 16.89
N LEU A 82 8.33 -2.37 16.38
CA LEU A 82 8.69 -3.79 16.49
C LEU A 82 9.94 -4.11 15.69
N GLY A 83 10.25 -3.28 14.72
CA GLY A 83 11.41 -3.53 13.90
C GLY A 83 11.03 -4.12 12.57
N GLY A 84 9.80 -3.92 12.15
CA GLY A 84 9.35 -4.43 10.89
C GLY A 84 9.86 -3.59 9.75
N ASP A 85 9.45 -3.92 8.54
CA ASP A 85 9.91 -3.20 7.37
C ASP A 85 9.28 -1.81 7.33
N LEU A 86 10.13 -0.81 7.46
CA LEU A 86 9.71 0.59 7.48
C LEU A 86 9.15 0.98 6.13
N SER A 87 9.73 0.45 5.07
CA SER A 87 9.33 0.78 3.72
C SER A 87 7.88 0.40 3.44
N GLU A 88 7.50 -0.80 3.88
CA GLU A 88 6.15 -1.29 3.66
C GLU A 88 5.12 -0.42 4.37
N ILE A 89 5.44 -0.01 5.59
CA ILE A 89 4.53 0.84 6.34
C ILE A 89 4.63 2.28 5.87
N ALA A 90 5.77 2.65 5.30
CA ALA A 90 5.95 3.96 4.71
C ALA A 90 4.99 4.10 3.55
N CYS A 91 4.84 3.03 2.79
CA CYS A 91 3.93 3.02 1.67
C CYS A 91 2.51 3.29 2.15
N LEU A 92 2.12 2.63 3.24
CA LEU A 92 0.80 2.84 3.82
C LEU A 92 0.63 4.27 4.33
N ARG A 93 1.68 4.81 4.95
CA ARG A 93 1.64 6.19 5.43
C ARG A 93 1.47 7.18 4.29
N SER A 94 2.13 6.92 3.17
CA SER A 94 1.97 7.74 1.98
C SER A 94 0.52 7.65 1.50
N MET A 95 -0.02 6.44 1.52
CA MET A 95 -1.39 6.18 1.15
C MET A 95 -2.35 6.92 2.07
N ALA A 96 -2.02 6.96 3.35
CA ALA A 96 -2.84 7.64 4.34
C ALA A 96 -2.98 9.12 4.02
N ALA A 97 -1.87 9.75 3.59
CA ALA A 97 -1.92 11.14 3.20
C ALA A 97 -2.82 11.31 1.98
N SER A 98 -2.69 10.37 1.05
CA SER A 98 -3.50 10.38 -0.16
C SER A 98 -4.98 10.18 0.16
N ALA A 99 -5.26 9.30 1.11
CA ALA A 99 -6.64 9.03 1.52
C ALA A 99 -7.30 10.30 2.07
N ARG A 100 -6.55 11.05 2.85
CA ARG A 100 -7.05 12.31 3.39
C ARG A 100 -7.18 13.35 2.27
N LEU A 101 -6.32 13.21 1.26
CA LEU A 101 -6.35 14.08 0.08
C LEU A 101 -7.66 13.93 -0.67
N LEU A 102 -8.15 12.68 -0.75
CA LEU A 102 -9.40 12.34 -1.45
C LEU A 102 -10.60 13.13 -0.92
N VAL A 103 -10.47 13.72 0.25
CA VAL A 103 -11.54 14.56 0.79
C VAL A 103 -11.79 15.73 -0.17
N ASN A 104 -10.72 16.31 -0.66
CA ASN A 104 -10.80 17.39 -1.62
C ASN A 104 -9.61 17.31 -2.59
N PRO A 105 -9.73 16.45 -3.62
CA PRO A 105 -8.67 16.25 -4.62
C PRO A 105 -8.51 17.43 -5.58
N GLN A 106 -8.80 18.63 -5.11
CA GLN A 106 -8.61 19.81 -5.93
C GLN A 106 -7.58 20.73 -5.32
N GLU A 107 -7.58 20.82 -3.99
CA GLU A 107 -6.68 21.75 -3.31
C GLU A 107 -5.75 21.05 -2.31
N ARG A 108 -6.04 19.80 -2.00
CA ARG A 108 -5.27 19.09 -0.98
C ARG A 108 -3.96 18.53 -1.53
N TRP A 109 -3.74 18.71 -2.82
CA TRP A 109 -2.53 18.23 -3.49
C TRP A 109 -1.27 18.85 -2.91
N GLN A 110 -1.33 20.13 -2.59
CA GLN A 110 -0.18 20.88 -2.12
C GLN A 110 0.35 20.32 -0.80
N THR A 111 -0.57 19.97 0.09
CA THR A 111 -0.20 19.50 1.42
C THR A 111 -0.04 17.97 1.45
N TYR A 112 -1.12 17.27 1.19
CA TYR A 112 -1.17 15.82 1.28
C TYR A 112 -0.33 15.16 0.20
N GLY A 113 -0.32 15.75 -0.98
CA GLY A 113 0.48 15.22 -2.05
C GLY A 113 1.95 15.26 -1.68
N ALA A 114 2.36 16.34 -1.03
CA ALA A 114 3.72 16.48 -0.57
C ALA A 114 4.07 15.40 0.44
N GLU A 115 3.14 15.13 1.36
CA GLU A 115 3.35 14.10 2.39
C GLU A 115 3.51 12.73 1.73
N SER A 116 2.66 12.46 0.75
CA SER A 116 2.71 11.21 0.02
C SER A 116 4.07 11.07 -0.70
N SER A 117 4.50 12.15 -1.35
CA SER A 117 5.76 12.15 -2.08
C SER A 117 6.94 11.93 -1.12
N ARG A 118 6.91 12.65 0.00
CA ARG A 118 7.97 12.56 1.00
C ARG A 118 8.04 11.16 1.60
N GLN A 119 6.88 10.61 1.89
CA GLN A 119 6.80 9.31 2.49
C GLN A 119 7.28 8.22 1.51
N LEU A 120 6.97 8.40 0.22
CA LEU A 120 7.40 7.46 -0.82
C LEU A 120 8.91 7.45 -0.95
N ALA A 121 9.50 8.61 -0.81
CA ALA A 121 10.94 8.72 -0.84
C ALA A 121 11.54 7.89 0.28
N VAL A 122 10.87 7.92 1.43
CA VAL A 122 11.26 7.11 2.57
C VAL A 122 11.12 5.62 2.23
N ALA A 123 10.01 5.24 1.57
CA ALA A 123 9.77 3.84 1.21
C ALA A 123 10.88 3.32 0.30
N LEU A 124 11.24 4.10 -0.70
CA LEU A 124 12.31 3.70 -1.62
C LEU A 124 13.63 3.60 -0.87
N GLU A 125 13.85 4.53 0.02
CA GLU A 125 15.06 4.56 0.83
C GLU A 125 15.13 3.33 1.76
N ALA A 126 14.02 3.03 2.42
CA ALA A 126 13.97 1.89 3.32
C ALA A 126 14.11 0.55 2.58
N ASN A 127 13.38 0.37 1.48
CA ASN A 127 13.53 -0.83 0.67
C ASN A 127 13.52 -0.46 -0.82
N PRO A 128 14.70 -0.49 -1.46
CA PRO A 128 14.85 -0.12 -2.88
C PRO A 128 14.23 -1.12 -3.85
N ALA A 129 13.90 -2.31 -3.37
CA ALA A 129 13.31 -3.34 -4.20
C ALA A 129 11.81 -3.46 -3.97
N ASN A 130 11.29 -2.61 -3.10
CA ASN A 130 9.88 -2.66 -2.71
C ASN A 130 8.97 -2.39 -3.91
N PRO A 131 8.11 -3.35 -4.29
CA PRO A 131 7.21 -3.20 -5.44
C PRO A 131 6.13 -2.16 -5.18
N ARG A 132 5.64 -2.15 -3.95
CA ARG A 132 4.60 -1.24 -3.53
C ARG A 132 5.08 0.21 -3.53
N ALA A 133 6.33 0.41 -3.14
CA ALA A 133 6.91 1.74 -3.13
C ALA A 133 6.94 2.33 -4.54
N TYR A 134 7.34 1.52 -5.52
CA TYR A 134 7.36 1.94 -6.91
C TYR A 134 5.94 2.09 -7.44
N PHE A 135 5.04 1.22 -7.00
CA PHE A 135 3.65 1.27 -7.41
C PHE A 135 3.01 2.60 -7.06
N LEU A 136 3.17 3.01 -5.82
CA LEU A 136 2.62 4.26 -5.38
C LEU A 136 3.24 5.41 -6.14
N GLN A 137 4.54 5.31 -6.37
CA GLN A 137 5.25 6.30 -7.15
C GLN A 137 4.71 6.38 -8.56
N ALA A 138 4.53 5.23 -9.18
CA ALA A 138 4.03 5.18 -10.53
C ALA A 138 2.63 5.77 -10.63
N GLN A 139 1.77 5.41 -9.69
CA GLN A 139 0.42 5.94 -9.67
C GLN A 139 0.43 7.44 -9.40
N SER A 140 1.23 7.85 -8.45
CA SER A 140 1.33 9.24 -8.11
C SER A 140 1.85 10.04 -9.29
N LEU A 141 2.94 9.56 -9.90
CA LEU A 141 3.59 10.24 -11.03
C LEU A 141 2.66 10.38 -12.24
N LEU A 142 1.90 9.33 -12.53
CA LEU A 142 0.97 9.35 -13.66
C LEU A 142 -0.10 10.41 -13.45
N TYR A 143 -0.60 10.51 -12.24
CA TYR A 143 -1.68 11.40 -11.94
C TYR A 143 -1.16 12.69 -11.27
N THR A 144 0.13 12.95 -11.42
CA THR A 144 0.77 14.12 -10.84
C THR A 144 0.37 15.43 -11.54
N PRO A 145 -0.09 16.43 -10.76
CA PRO A 145 -0.30 17.78 -11.25
C PRO A 145 1.05 18.45 -11.60
N ALA A 146 1.00 19.63 -12.20
CA ALA A 146 2.23 20.33 -12.61
C ALA A 146 3.15 20.64 -11.41
N GLN A 147 2.56 20.59 -10.21
CA GLN A 147 3.27 20.90 -8.96
C GLN A 147 4.50 20.01 -8.71
N PHE A 148 4.36 18.70 -8.92
CA PHE A 148 5.44 17.78 -8.58
C PHE A 148 6.28 17.39 -9.79
N GLY A 149 5.90 17.87 -10.96
CA GLY A 149 6.68 17.60 -12.17
C GLY A 149 6.66 16.14 -12.62
N GLY A 150 5.54 15.47 -12.45
CA GLY A 150 5.44 14.09 -12.85
C GLY A 150 5.02 13.92 -14.30
N GLY A 151 4.35 12.83 -14.59
CA GLY A 151 3.92 12.54 -15.94
C GLY A 151 3.90 11.05 -16.21
N LYS A 152 3.35 10.66 -17.37
CA LYS A 152 3.26 9.24 -17.73
C LYS A 152 4.65 8.62 -17.88
N ASP A 153 5.55 9.36 -18.50
CA ASP A 153 6.92 8.93 -18.71
C ASP A 153 7.64 8.73 -17.38
N LYS A 154 7.37 9.60 -16.42
CA LYS A 154 7.98 9.50 -15.12
C LYS A 154 7.49 8.23 -14.41
N ALA A 155 6.22 7.93 -14.57
CA ALA A 155 5.60 6.76 -13.96
C ALA A 155 6.00 5.47 -14.67
N LEU A 156 6.46 5.60 -15.91
CA LEU A 156 6.78 4.46 -16.76
C LEU A 156 7.80 3.48 -16.11
N PRO A 157 9.00 3.96 -15.67
CA PRO A 157 10.01 3.08 -15.06
C PRO A 157 9.54 2.51 -13.71
N PHE A 158 8.76 3.30 -12.98
CA PHE A 158 8.23 2.88 -11.70
C PHE A 158 7.20 1.78 -11.85
N ALA A 159 6.36 1.92 -12.87
CA ALA A 159 5.33 0.93 -13.15
C ALA A 159 5.94 -0.41 -13.54
N GLU A 160 6.98 -0.39 -14.37
CA GLU A 160 7.63 -1.63 -14.79
C GLU A 160 8.27 -2.32 -13.60
N LYS A 161 8.93 -1.54 -12.75
CA LYS A 161 9.62 -2.06 -11.59
C LYS A 161 8.66 -2.74 -10.64
N SER A 162 7.58 -2.06 -10.31
CA SER A 162 6.60 -2.59 -9.38
C SER A 162 5.98 -3.90 -9.90
N VAL A 163 5.53 -3.90 -11.15
CA VAL A 163 4.90 -5.07 -11.73
C VAL A 163 5.86 -6.25 -11.82
N SER A 164 7.06 -5.98 -12.32
CA SER A 164 8.06 -7.02 -12.47
C SER A 164 8.46 -7.57 -11.12
N CYS A 165 8.58 -6.67 -10.15
CA CYS A 165 8.97 -7.03 -8.81
C CYS A 165 7.97 -8.00 -8.18
N TYR A 166 6.66 -7.79 -8.40
CA TYR A 166 5.67 -8.71 -7.82
C TYR A 166 5.91 -10.11 -8.34
N ALA A 167 6.16 -10.21 -9.63
CA ALA A 167 6.44 -11.49 -10.27
C ALA A 167 7.72 -12.09 -9.73
N ALA A 168 8.74 -11.25 -9.57
CA ALA A 168 10.03 -11.67 -9.06
C ALA A 168 9.92 -12.15 -7.62
N ALA A 169 9.11 -11.44 -6.83
CA ALA A 169 8.90 -11.77 -5.43
C ALA A 169 8.27 -13.13 -5.28
N THR A 170 7.35 -13.43 -6.18
CA THR A 170 6.61 -14.69 -6.20
C THR A 170 5.58 -14.73 -5.05
N VAL A 171 5.47 -13.59 -4.38
CA VAL A 171 4.62 -13.44 -3.20
C VAL A 171 5.01 -14.44 -2.13
N SER A 172 5.98 -14.07 -1.34
CA SER A 172 6.48 -14.92 -0.29
C SER A 172 6.47 -14.17 1.03
N PRO A 173 6.36 -14.88 2.17
CA PRO A 173 6.27 -16.35 2.21
C PRO A 173 4.98 -16.91 1.61
N ALA A 174 3.89 -16.18 1.78
CA ALA A 174 2.57 -16.59 1.26
C ALA A 174 1.54 -15.57 1.66
N TYR A 175 1.55 -15.23 2.93
CA TYR A 175 0.60 -14.28 3.50
C TYR A 175 1.10 -12.85 3.34
N ALA A 176 2.12 -12.68 2.53
CA ALA A 176 2.65 -11.35 2.26
C ALA A 176 1.64 -10.56 1.40
N PRO A 177 1.69 -9.21 1.43
CA PRO A 177 0.73 -8.38 0.69
C PRO A 177 0.65 -8.72 -0.80
N HIS A 178 -0.57 -8.93 -1.28
CA HIS A 178 -0.80 -9.26 -2.70
C HIS A 178 -1.29 -8.03 -3.43
N TRP A 179 -1.61 -7.00 -2.69
CA TRP A 179 -2.23 -5.80 -3.23
C TRP A 179 -1.24 -4.94 -4.00
N GLY A 180 -1.79 -4.16 -4.92
CA GLY A 180 -1.02 -3.24 -5.71
C GLY A 180 -0.69 -3.77 -7.08
N GLU A 181 -0.64 -5.09 -7.21
CA GLU A 181 -0.29 -5.71 -8.49
C GLU A 181 -1.34 -5.45 -9.55
N GLN A 182 -2.62 -5.57 -9.18
CA GLN A 182 -3.71 -5.41 -10.15
C GLN A 182 -3.71 -4.00 -10.70
N GLN A 183 -3.55 -3.04 -9.83
CA GLN A 183 -3.53 -1.64 -10.22
C GLN A 183 -2.25 -1.31 -10.99
N ALA A 184 -1.13 -1.85 -10.53
CA ALA A 184 0.17 -1.58 -11.16
C ALA A 184 0.23 -2.10 -12.59
N ARG A 185 -0.33 -3.26 -12.82
CA ARG A 185 -0.30 -3.89 -14.12
C ARG A 185 -1.00 -3.03 -15.18
N GLN A 186 -2.19 -2.53 -14.87
CA GLN A 186 -2.89 -1.63 -15.79
C GLN A 186 -2.22 -0.27 -15.81
N LEU A 187 -1.61 0.08 -14.69
CA LEU A 187 -0.93 1.35 -14.53
C LEU A 187 0.21 1.45 -15.55
N LEU A 188 0.96 0.37 -15.69
CA LEU A 188 2.06 0.33 -16.64
C LEU A 188 1.58 0.54 -18.08
N MET A 189 0.53 -0.15 -18.48
CA MET A 189 0.04 0.01 -19.85
C MET A 189 -0.50 1.41 -20.06
N LEU A 190 -0.95 2.04 -19.00
CA LEU A 190 -1.40 3.42 -19.09
C LEU A 190 -0.22 4.38 -19.29
N CYS A 191 0.89 4.13 -18.59
CA CYS A 191 2.04 5.01 -18.70
C CYS A 191 2.89 4.73 -19.94
N LYS A 192 3.27 3.48 -20.17
CA LYS A 192 4.06 3.15 -21.35
C LYS A 192 3.19 3.18 -22.59
N ALA A 193 1.93 2.75 -22.42
CA ALA A 193 0.97 2.65 -23.51
C ALA A 193 1.44 1.70 -24.60
N GLU A 194 2.31 2.18 -25.47
CA GLU A 194 2.85 1.38 -26.55
C GLU A 194 3.71 0.27 -25.99
N THR A 195 3.52 -0.93 -26.48
CA THR A 195 4.29 -2.06 -26.04
C THR A 195 5.31 -2.45 -27.11
N GLN A 196 6.58 -2.45 -26.73
CA GLN A 196 7.64 -2.77 -27.67
C GLN A 196 7.85 -4.28 -27.77
N GLU A 197 7.98 -4.77 -28.97
CA GLU A 197 8.13 -6.19 -29.23
C GLU A 197 9.60 -6.56 -29.32
N LEU A 198 10.44 -5.55 -29.61
CA LEU A 198 11.87 -5.75 -29.81
C LEU A 198 12.13 -6.49 -31.13
N VAL A 199 13.36 -6.88 -31.35
CA VAL A 199 13.74 -7.59 -32.54
C VAL A 199 14.00 -9.06 -32.23
N PRO A 200 13.79 -9.95 -33.21
CA PRO A 200 14.02 -11.39 -33.04
C PRO A 200 15.52 -11.69 -32.91
N ARG A 201 15.83 -12.77 -32.24
CA ARG A 201 17.21 -13.16 -32.04
C ARG A 201 17.51 -14.48 -32.71
N MET A 1 -11.59 -29.89 13.24
CA MET A 1 -10.36 -29.08 13.38
C MET A 1 -10.66 -27.62 13.22
N GLY A 2 -10.08 -26.81 14.09
CA GLY A 2 -10.22 -25.39 13.97
C GLY A 2 -8.98 -24.79 13.36
N GLN A 3 -9.00 -23.51 13.10
CA GLN A 3 -7.84 -22.84 12.53
C GLN A 3 -6.67 -22.88 13.50
N GLY A 4 -6.97 -22.69 14.76
CA GLY A 4 -5.95 -22.74 15.78
C GLY A 4 -5.71 -21.37 16.41
N THR A 5 -4.80 -21.33 17.36
CA THR A 5 -4.46 -20.10 18.04
C THR A 5 -3.17 -19.51 17.49
N ALA A 6 -2.63 -20.16 16.47
CA ALA A 6 -1.41 -19.71 15.84
C ALA A 6 -1.62 -18.41 15.11
N TYR A 7 -0.79 -17.42 15.42
CA TYR A 7 -0.88 -16.11 14.80
C TYR A 7 -0.71 -16.19 13.30
N ALA A 8 0.34 -16.89 12.86
CA ALA A 8 0.64 -17.00 11.45
C ALA A 8 -0.49 -17.67 10.69
N GLU A 9 -1.05 -18.73 11.28
CA GLU A 9 -2.14 -19.44 10.64
C GLU A 9 -3.39 -18.57 10.54
N VAL A 10 -3.67 -17.82 11.60
CA VAL A 10 -4.81 -16.91 11.59
C VAL A 10 -4.61 -15.85 10.51
N MET A 11 -3.41 -15.31 10.45
CA MET A 11 -3.07 -14.28 9.47
C MET A 11 -3.19 -14.81 8.05
N ASN A 12 -2.79 -16.07 7.85
CA ASN A 12 -2.85 -16.67 6.53
C ASN A 12 -4.27 -16.69 6.01
N ARG A 13 -5.23 -17.03 6.86
CA ARG A 13 -6.63 -17.06 6.47
C ARG A 13 -7.17 -15.67 6.24
N LYS A 14 -6.80 -14.75 7.13
CA LYS A 14 -7.27 -13.37 7.05
C LYS A 14 -6.78 -12.70 5.79
N VAL A 15 -5.51 -12.90 5.48
CA VAL A 15 -4.92 -12.34 4.27
C VAL A 15 -5.52 -12.99 3.03
N ALA A 16 -5.76 -14.30 3.09
CA ALA A 16 -6.37 -15.01 1.97
C ALA A 16 -7.77 -14.44 1.69
N ALA A 17 -8.51 -14.18 2.77
CA ALA A 17 -9.83 -13.58 2.64
C ALA A 17 -9.70 -12.18 2.10
N LEU A 18 -8.69 -11.49 2.59
CA LEU A 18 -8.40 -10.11 2.22
C LEU A 18 -8.15 -10.01 0.72
N ASP A 19 -7.45 -11.00 0.20
CA ASP A 19 -7.12 -11.08 -1.23
C ASP A 19 -8.39 -11.16 -2.08
N SER A 20 -9.37 -11.91 -1.61
CA SER A 20 -10.58 -12.16 -2.38
C SER A 20 -11.73 -11.19 -2.05
N VAL A 21 -11.75 -10.69 -0.83
CA VAL A 21 -12.83 -9.81 -0.35
C VAL A 21 -12.78 -8.42 -1.03
N PRO A 22 -13.96 -7.81 -1.29
CA PRO A 22 -14.07 -6.44 -1.83
C PRO A 22 -13.43 -5.40 -0.90
N PRO A 23 -12.86 -4.33 -1.48
CA PRO A 23 -12.19 -3.27 -0.70
C PRO A 23 -13.15 -2.55 0.25
N THR A 24 -14.43 -2.60 -0.05
CA THR A 24 -15.45 -1.97 0.77
C THR A 24 -15.61 -2.68 2.12
N GLU A 25 -15.31 -3.98 2.12
CA GLU A 25 -15.47 -4.80 3.32
C GLU A 25 -14.20 -4.82 4.15
N TYR A 26 -13.20 -4.04 3.73
CA TYR A 26 -11.92 -3.97 4.44
C TYR A 26 -12.09 -3.44 5.85
N ALA A 27 -13.14 -2.67 6.06
CA ALA A 27 -13.41 -2.09 7.37
C ALA A 27 -13.60 -3.18 8.41
N THR A 28 -14.24 -4.27 8.02
CA THR A 28 -14.47 -5.39 8.94
C THR A 28 -13.15 -6.02 9.32
N LEU A 29 -12.31 -6.19 8.32
CA LEU A 29 -11.04 -6.84 8.47
C LEU A 29 -10.05 -5.99 9.22
N ALA A 30 -10.08 -4.68 8.98
CA ALA A 30 -9.16 -3.77 9.67
C ALA A 30 -9.39 -3.84 11.16
N ALA A 31 -10.66 -3.86 11.55
CA ALA A 31 -11.01 -3.99 12.95
C ALA A 31 -10.55 -5.34 13.49
N ASP A 32 -10.74 -6.37 12.68
CA ASP A 32 -10.37 -7.74 13.05
C ASP A 32 -8.86 -7.85 13.27
N PHE A 33 -8.08 -7.30 12.33
CA PHE A 33 -6.61 -7.29 12.46
C PHE A 33 -6.19 -6.49 13.68
N SER A 34 -6.90 -5.37 13.92
CA SER A 34 -6.62 -4.53 15.07
C SER A 34 -6.83 -5.31 16.35
N ARG A 35 -7.88 -6.14 16.38
CA ARG A 35 -8.17 -6.97 17.54
C ARG A 35 -7.01 -7.93 17.79
N ILE A 36 -6.47 -8.46 16.70
CA ILE A 36 -5.32 -9.34 16.77
C ILE A 36 -4.11 -8.58 17.30
N ALA A 37 -3.93 -7.36 16.78
CA ALA A 37 -2.83 -6.48 17.18
C ALA A 37 -2.89 -6.17 18.66
N ALA A 38 -4.11 -6.08 19.20
CA ALA A 38 -4.32 -5.83 20.61
C ALA A 38 -3.68 -6.94 21.44
N VAL A 39 -3.74 -8.17 20.95
CA VAL A 39 -3.15 -9.30 21.63
C VAL A 39 -1.63 -9.15 21.59
N GLU A 40 -1.02 -9.50 22.67
CA GLU A 40 0.43 -9.34 22.86
C GLU A 40 1.25 -10.27 21.97
N GLY A 41 0.64 -11.36 21.53
CA GLY A 41 1.34 -12.34 20.72
C GLY A 41 1.35 -12.01 19.24
N SER A 42 0.71 -10.91 18.88
CA SER A 42 0.65 -10.49 17.50
C SER A 42 1.96 -9.87 17.02
N ASP A 43 2.11 -9.77 15.72
CA ASP A 43 3.28 -9.18 15.11
C ASP A 43 2.91 -7.88 14.44
N TRP A 44 3.93 -7.19 13.93
CA TRP A 44 3.77 -5.91 13.26
C TRP A 44 2.87 -6.06 12.05
N MET A 45 2.78 -7.29 11.55
CA MET A 45 2.02 -7.60 10.35
C MET A 45 0.55 -7.26 10.56
N ALA A 46 0.03 -7.54 11.76
CA ALA A 46 -1.34 -7.22 12.09
C ALA A 46 -1.57 -5.72 12.01
N ALA A 47 -0.62 -4.96 12.55
CA ALA A 47 -0.67 -3.51 12.51
C ALA A 47 -0.60 -3.01 11.07
N TYR A 48 0.26 -3.65 10.28
CA TYR A 48 0.43 -3.31 8.87
C TYR A 48 -0.88 -3.49 8.13
N TYR A 49 -1.50 -4.63 8.32
CA TYR A 49 -2.76 -4.92 7.66
C TYR A 49 -3.92 -4.09 8.18
N THR A 50 -3.90 -3.76 9.46
CA THR A 50 -4.95 -2.92 10.02
C THR A 50 -4.94 -1.56 9.31
N ALA A 51 -3.76 -0.97 9.20
CA ALA A 51 -3.60 0.28 8.51
C ALA A 51 -3.91 0.15 7.03
N TYR A 52 -3.45 -0.95 6.43
CA TYR A 52 -3.69 -1.22 5.01
C TYR A 52 -5.18 -1.25 4.70
N CYS A 53 -5.90 -2.00 5.49
CA CYS A 53 -7.32 -2.17 5.30
C CYS A 53 -8.05 -0.85 5.51
N ARG A 54 -7.58 -0.07 6.46
CA ARG A 54 -8.18 1.22 6.77
C ARG A 54 -7.90 2.24 5.66
N ILE A 55 -6.67 2.23 5.17
CA ILE A 55 -6.20 3.16 4.14
C ILE A 55 -6.84 2.95 2.74
N ILE A 56 -6.98 1.70 2.33
CA ILE A 56 -7.48 1.40 0.97
C ILE A 56 -8.84 2.09 0.64
N PRO A 57 -9.88 1.94 1.49
CA PRO A 57 -11.18 2.59 1.25
C PRO A 57 -11.12 4.11 1.33
N ALA A 58 -10.06 4.64 1.95
CA ALA A 58 -9.87 6.09 2.09
C ALA A 58 -9.80 6.76 0.72
N PHE A 59 -9.16 6.08 -0.22
CA PHE A 59 -9.05 6.58 -1.58
C PHE A 59 -10.43 6.78 -2.20
N GLY A 60 -11.35 5.89 -1.87
CA GLY A 60 -12.71 6.01 -2.36
C GLY A 60 -13.63 6.68 -1.34
N ASN A 61 -13.06 7.15 -0.24
CA ASN A 61 -13.85 7.77 0.81
C ASN A 61 -13.12 9.01 1.38
N PRO A 62 -12.99 10.07 0.58
CA PRO A 62 -12.30 11.30 1.00
C PRO A 62 -13.07 12.09 2.07
N SER A 63 -14.34 11.79 2.21
CA SER A 63 -15.22 12.51 3.11
C SER A 63 -14.75 12.43 4.57
N GLU A 64 -14.30 11.25 5.00
CA GLU A 64 -13.83 11.05 6.36
C GLU A 64 -12.43 10.46 6.35
N ALA A 65 -11.78 10.57 5.20
CA ALA A 65 -10.47 9.98 4.98
C ALA A 65 -9.44 10.49 5.95
N ASP A 66 -9.51 11.77 6.27
CA ASP A 66 -8.51 12.40 7.11
C ASP A 66 -8.45 11.74 8.47
N ARG A 67 -9.61 11.59 9.06
CA ARG A 67 -9.76 11.03 10.39
C ARG A 67 -9.38 9.56 10.44
N LEU A 68 -9.71 8.81 9.41
CA LEU A 68 -9.37 7.41 9.39
C LEU A 68 -7.90 7.19 9.04
N CYS A 69 -7.34 8.10 8.23
CA CYS A 69 -5.92 8.03 7.87
C CYS A 69 -5.04 8.25 9.09
N GLU A 70 -5.41 9.18 9.96
CA GLU A 70 -4.63 9.45 11.15
C GLU A 70 -4.66 8.24 12.08
N GLU A 71 -5.79 7.55 12.07
CA GLU A 71 -5.93 6.33 12.83
C GLU A 71 -5.04 5.25 12.24
N ALA A 72 -5.03 5.17 10.91
CA ALA A 72 -4.21 4.20 10.20
C ALA A 72 -2.72 4.44 10.42
N GLU A 73 -2.30 5.71 10.39
CA GLU A 73 -0.88 6.03 10.58
C GLU A 73 -0.44 5.66 11.99
N SER A 74 -1.38 5.72 12.93
CA SER A 74 -1.10 5.32 14.29
C SER A 74 -0.77 3.83 14.34
N MET A 75 -1.54 3.04 13.60
CA MET A 75 -1.30 1.60 13.52
C MET A 75 0.02 1.32 12.84
N LEU A 76 0.33 2.11 11.82
CA LEU A 76 1.59 2.01 11.10
C LEU A 76 2.75 2.30 12.02
N SER A 77 2.55 3.24 12.93
CA SER A 77 3.57 3.60 13.90
C SER A 77 3.86 2.39 14.79
N LYS A 78 2.80 1.69 15.14
CA LYS A 78 2.88 0.48 15.95
C LYS A 78 3.69 -0.60 15.22
N ALA A 79 3.47 -0.69 13.91
CA ALA A 79 4.22 -1.61 13.06
C ALA A 79 5.70 -1.27 13.09
N GLU A 80 5.99 0.02 13.03
CA GLU A 80 7.34 0.55 13.10
C GLU A 80 7.94 0.27 14.48
N SER A 81 7.10 0.41 15.49
CA SER A 81 7.47 0.20 16.88
C SER A 81 7.95 -1.23 17.11
N LEU A 82 7.29 -2.19 16.48
CA LEU A 82 7.64 -3.60 16.62
C LEU A 82 8.88 -3.97 15.79
N GLY A 83 9.39 -3.02 15.03
CA GLY A 83 10.58 -3.28 14.25
C GLY A 83 10.29 -3.96 12.95
N GLY A 84 9.09 -3.73 12.44
CA GLY A 84 8.70 -4.31 11.19
C GLY A 84 9.35 -3.61 10.03
N ASP A 85 9.10 -4.09 8.82
CA ASP A 85 9.70 -3.50 7.63
C ASP A 85 9.29 -2.06 7.45
N LEU A 86 10.29 -1.20 7.52
CA LEU A 86 10.10 0.23 7.41
C LEU A 86 9.55 0.61 6.04
N SER A 87 10.09 -0.01 5.01
CA SER A 87 9.72 0.27 3.65
C SER A 87 8.25 -0.05 3.39
N GLU A 88 7.81 -1.19 3.90
CA GLU A 88 6.45 -1.65 3.66
C GLU A 88 5.43 -0.71 4.28
N ILE A 89 5.71 -0.24 5.49
CA ILE A 89 4.78 0.66 6.16
C ILE A 89 4.95 2.09 5.65
N ALA A 90 6.12 2.40 5.12
CA ALA A 90 6.36 3.70 4.53
C ALA A 90 5.43 3.90 3.34
N CYS A 91 5.25 2.83 2.57
CA CYS A 91 4.38 2.83 1.41
C CYS A 91 2.92 3.09 1.83
N LEU A 92 2.50 2.48 2.93
CA LEU A 92 1.16 2.69 3.44
C LEU A 92 1.01 4.13 3.95
N ARG A 93 2.05 4.63 4.61
CA ARG A 93 2.04 5.99 5.15
C ARG A 93 1.93 7.02 4.04
N SER A 94 2.62 6.80 2.93
CA SER A 94 2.52 7.70 1.80
C SER A 94 1.12 7.70 1.20
N MET A 95 0.48 6.52 1.16
CA MET A 95 -0.89 6.42 0.66
C MET A 95 -1.85 7.17 1.55
N ALA A 96 -1.61 7.13 2.85
CA ALA A 96 -2.46 7.83 3.78
C ALA A 96 -2.43 9.34 3.50
N ALA A 97 -1.23 9.85 3.20
CA ALA A 97 -1.07 11.25 2.86
C ALA A 97 -1.80 11.59 1.56
N SER A 98 -1.68 10.72 0.55
CA SER A 98 -2.32 10.93 -0.72
C SER A 98 -3.85 10.84 -0.61
N ALA A 99 -4.32 9.92 0.22
CA ALA A 99 -5.76 9.77 0.45
C ALA A 99 -6.33 11.04 1.05
N ARG A 100 -5.59 11.63 1.99
CA ARG A 100 -5.99 12.89 2.61
C ARG A 100 -5.93 14.01 1.57
N LEU A 101 -4.96 13.92 0.69
CA LEU A 101 -4.78 14.86 -0.40
C LEU A 101 -6.01 14.83 -1.31
N LEU A 102 -6.54 13.63 -1.54
CA LEU A 102 -7.68 13.43 -2.43
C LEU A 102 -8.97 14.05 -1.89
N VAL A 103 -8.95 14.53 -0.64
CA VAL A 103 -10.11 15.21 -0.09
C VAL A 103 -10.41 16.43 -0.95
N ASN A 104 -9.36 17.14 -1.29
CA ASN A 104 -9.45 18.24 -2.23
C ASN A 104 -8.12 18.40 -2.94
N PRO A 105 -7.95 17.72 -4.08
CA PRO A 105 -6.69 17.74 -4.82
C PRO A 105 -6.44 19.06 -5.54
N GLN A 106 -6.57 20.15 -4.81
CA GLN A 106 -6.31 21.46 -5.37
C GLN A 106 -5.17 22.14 -4.63
N GLU A 107 -5.21 22.09 -3.30
CA GLU A 107 -4.21 22.77 -2.50
C GLU A 107 -3.54 21.82 -1.51
N ARG A 108 -4.08 20.61 -1.39
CA ARG A 108 -3.55 19.61 -0.45
C ARG A 108 -2.19 19.09 -0.91
N TRP A 109 -1.84 19.41 -2.15
CA TRP A 109 -0.60 18.96 -2.76
C TRP A 109 0.63 19.44 -2.00
N GLN A 110 0.57 20.68 -1.52
CA GLN A 110 1.72 21.29 -0.86
C GLN A 110 2.12 20.56 0.43
N THR A 111 1.15 20.16 1.22
CA THR A 111 1.44 19.52 2.49
C THR A 111 1.38 17.99 2.39
N TYR A 112 0.22 17.48 1.99
CA TYR A 112 0.00 16.04 1.93
C TYR A 112 0.82 15.40 0.83
N GLY A 113 0.97 16.10 -0.29
CA GLY A 113 1.82 15.61 -1.35
C GLY A 113 3.25 15.48 -0.87
N ALA A 114 3.69 16.47 -0.10
CA ALA A 114 5.02 16.45 0.47
C ALA A 114 5.19 15.28 1.42
N GLU A 115 4.15 14.98 2.22
CA GLU A 115 4.21 13.86 3.15
C GLU A 115 4.39 12.58 2.38
N SER A 116 3.69 12.46 1.26
CA SER A 116 3.77 11.30 0.42
C SER A 116 5.21 11.11 -0.10
N SER A 117 5.83 12.21 -0.54
CA SER A 117 7.19 12.15 -1.06
C SER A 117 8.19 11.80 0.04
N ARG A 118 7.94 12.33 1.24
CA ARG A 118 8.82 12.10 2.38
C ARG A 118 8.84 10.61 2.74
N GLN A 119 7.67 10.00 2.73
CA GLN A 119 7.54 8.61 3.06
C GLN A 119 8.13 7.71 1.97
N LEU A 120 7.94 8.12 0.72
CA LEU A 120 8.45 7.35 -0.41
C LEU A 120 9.95 7.27 -0.43
N ALA A 121 10.59 8.36 -0.06
CA ALA A 121 12.04 8.37 0.03
C ALA A 121 12.47 7.34 1.04
N VAL A 122 11.74 7.29 2.16
CA VAL A 122 11.98 6.32 3.21
C VAL A 122 11.77 4.89 2.70
N ALA A 123 10.68 4.68 1.93
CA ALA A 123 10.38 3.37 1.38
C ALA A 123 11.51 2.86 0.50
N LEU A 124 11.99 3.74 -0.38
CA LEU A 124 13.09 3.37 -1.26
C LEU A 124 14.37 3.14 -0.49
N GLU A 125 14.61 3.97 0.52
CA GLU A 125 15.81 3.83 1.34
C GLU A 125 15.79 2.55 2.16
N ALA A 126 14.64 2.23 2.75
CA ALA A 126 14.50 1.03 3.56
C ALA A 126 14.63 -0.25 2.72
N ASN A 127 13.88 -0.32 1.63
CA ASN A 127 14.00 -1.46 0.72
C ASN A 127 13.98 -0.99 -0.73
N PRO A 128 15.16 -0.87 -1.34
CA PRO A 128 15.30 -0.39 -2.72
C PRO A 128 14.78 -1.38 -3.75
N ALA A 129 14.52 -2.60 -3.33
CA ALA A 129 13.99 -3.61 -4.24
C ALA A 129 12.48 -3.77 -4.06
N ASN A 130 11.91 -2.95 -3.19
CA ASN A 130 10.48 -3.00 -2.88
C ASN A 130 9.66 -2.53 -4.09
N PRO A 131 8.77 -3.38 -4.62
CA PRO A 131 7.92 -3.01 -5.76
C PRO A 131 6.93 -1.93 -5.38
N ARG A 132 6.45 -1.98 -4.15
CA ARG A 132 5.50 -1.02 -3.64
C ARG A 132 6.10 0.37 -3.54
N ALA A 133 7.38 0.44 -3.15
CA ALA A 133 8.06 1.71 -3.05
C ALA A 133 8.13 2.38 -4.43
N TYR A 134 8.45 1.59 -5.46
CA TYR A 134 8.50 2.10 -6.81
C TYR A 134 7.09 2.38 -7.33
N PHE A 135 6.14 1.52 -6.93
CA PHE A 135 4.74 1.68 -7.35
C PHE A 135 4.19 3.00 -6.91
N LEU A 136 4.40 3.32 -5.66
CA LEU A 136 3.97 4.58 -5.11
C LEU A 136 4.63 5.72 -5.84
N GLN A 137 5.92 5.57 -6.11
CA GLN A 137 6.67 6.56 -6.85
C GLN A 137 6.11 6.75 -8.24
N ALA A 138 5.87 5.66 -8.93
CA ALA A 138 5.33 5.72 -10.27
C ALA A 138 3.96 6.36 -10.26
N GLN A 139 3.12 5.98 -9.30
CA GLN A 139 1.80 6.56 -9.16
C GLN A 139 1.90 8.05 -8.88
N SER A 140 2.75 8.42 -7.93
CA SER A 140 2.93 9.80 -7.57
C SER A 140 3.45 10.60 -8.76
N LEU A 141 4.46 10.05 -9.43
CA LEU A 141 5.09 10.71 -10.57
C LEU A 141 4.11 10.86 -11.74
N LEU A 142 3.32 9.82 -11.99
CA LEU A 142 2.35 9.83 -13.09
C LEU A 142 1.31 10.92 -12.89
N TYR A 143 0.86 11.06 -11.66
CA TYR A 143 -0.18 12.00 -11.35
C TYR A 143 0.37 13.31 -10.79
N THR A 144 1.69 13.53 -10.94
CA THR A 144 2.32 14.74 -10.46
C THR A 144 1.83 15.96 -11.25
N PRO A 145 1.35 17.01 -10.56
CA PRO A 145 0.93 18.25 -11.20
C PRO A 145 2.12 19.19 -11.41
N ALA A 146 3.21 18.63 -11.96
CA ALA A 146 4.48 19.36 -12.20
C ALA A 146 5.13 19.87 -10.92
N GLN A 147 4.47 19.67 -9.77
CA GLN A 147 4.97 20.15 -8.49
C GLN A 147 6.31 19.49 -8.11
N PHE A 148 6.39 18.19 -8.35
CA PHE A 148 7.58 17.44 -7.98
C PHE A 148 8.46 17.15 -9.20
N GLY A 149 8.11 17.76 -10.33
CA GLY A 149 8.87 17.54 -11.55
C GLY A 149 8.68 16.15 -12.11
N GLY A 150 7.54 15.55 -11.79
CA GLY A 150 7.26 14.22 -12.23
C GLY A 150 6.56 14.19 -13.56
N GLY A 151 6.01 13.06 -13.87
CA GLY A 151 5.31 12.85 -15.11
C GLY A 151 5.34 11.40 -15.49
N LYS A 152 4.65 11.05 -16.56
CA LYS A 152 4.61 9.66 -17.03
C LYS A 152 6.00 9.18 -17.41
N ASP A 153 6.82 10.08 -17.93
CA ASP A 153 8.21 9.76 -18.30
C ASP A 153 9.01 9.37 -17.07
N LYS A 154 8.79 10.09 -15.99
CA LYS A 154 9.47 9.81 -14.72
C LYS A 154 8.98 8.51 -14.13
N ALA A 155 7.68 8.27 -14.30
CA ALA A 155 7.04 7.07 -13.77
C ALA A 155 7.46 5.80 -14.51
N LEU A 156 7.97 5.95 -15.73
CA LEU A 156 8.33 4.79 -16.56
C LEU A 156 9.30 3.81 -15.86
N PRO A 157 10.47 4.27 -15.35
CA PRO A 157 11.42 3.37 -14.68
C PRO A 157 10.85 2.81 -13.38
N PHE A 158 10.05 3.61 -12.69
CA PHE A 158 9.45 3.19 -11.44
C PHE A 158 8.39 2.13 -11.67
N ALA A 159 7.59 2.31 -12.71
CA ALA A 159 6.58 1.33 -13.07
C ALA A 159 7.24 0.01 -13.48
N GLU A 160 8.34 0.12 -14.24
CA GLU A 160 9.10 -1.05 -14.66
C GLU A 160 9.64 -1.81 -13.46
N LYS A 161 10.19 -1.08 -12.51
CA LYS A 161 10.73 -1.67 -11.29
C LYS A 161 9.67 -2.39 -10.50
N SER A 162 8.52 -1.76 -10.38
CA SER A 162 7.41 -2.34 -9.66
C SER A 162 7.00 -3.66 -10.29
N VAL A 163 6.78 -3.63 -11.60
CA VAL A 163 6.32 -4.81 -12.31
C VAL A 163 7.38 -5.91 -12.33
N SER A 164 8.63 -5.53 -12.55
CA SER A 164 9.72 -6.48 -12.65
C SER A 164 9.88 -7.27 -11.34
N CYS A 165 9.75 -6.59 -10.23
CA CYS A 165 9.85 -7.24 -8.93
C CYS A 165 8.70 -8.25 -8.74
N TYR A 166 7.48 -7.88 -9.18
CA TYR A 166 6.32 -8.79 -9.05
C TYR A 166 6.49 -10.00 -9.94
N ALA A 167 7.27 -9.86 -11.00
CA ALA A 167 7.55 -10.97 -11.89
C ALA A 167 8.24 -12.10 -11.12
N ALA A 168 9.18 -11.73 -10.25
CA ALA A 168 9.86 -12.69 -9.38
C ALA A 168 8.88 -13.33 -8.42
N ALA A 169 7.97 -12.49 -7.89
CA ALA A 169 6.90 -12.93 -6.98
C ALA A 169 7.38 -13.82 -5.84
N THR A 170 8.21 -13.26 -4.99
CA THR A 170 8.67 -13.99 -3.85
C THR A 170 7.85 -13.61 -2.63
N VAL A 171 6.89 -14.43 -2.28
CA VAL A 171 6.02 -14.17 -1.15
C VAL A 171 6.39 -15.06 0.04
N SER A 172 6.73 -14.42 1.14
CA SER A 172 7.10 -15.12 2.35
C SER A 172 6.72 -14.25 3.57
N PRO A 173 6.29 -14.86 4.69
CA PRO A 173 6.18 -16.32 4.84
C PRO A 173 5.08 -16.95 3.98
N ALA A 174 3.96 -16.27 3.89
CA ALA A 174 2.83 -16.76 3.12
C ALA A 174 1.75 -15.71 3.06
N TYR A 175 1.48 -15.11 4.21
CA TYR A 175 0.46 -14.09 4.29
C TYR A 175 1.02 -12.72 4.00
N ALA A 176 2.23 -12.67 3.45
CA ALA A 176 2.86 -11.41 3.08
C ALA A 176 2.04 -10.73 1.98
N PRO A 177 2.06 -9.38 1.89
CA PRO A 177 1.21 -8.62 0.96
C PRO A 177 1.30 -9.11 -0.48
N HIS A 178 0.14 -9.41 -1.07
CA HIS A 178 0.06 -9.89 -2.45
C HIS A 178 -0.51 -8.79 -3.34
N TRP A 179 -0.83 -7.67 -2.73
CA TRP A 179 -1.47 -6.59 -3.45
C TRP A 179 -0.47 -5.74 -4.22
N GLY A 180 -0.97 -5.10 -5.26
CA GLY A 180 -0.16 -4.21 -6.05
C GLY A 180 0.32 -4.78 -7.37
N GLU A 181 0.24 -6.11 -7.55
CA GLU A 181 0.72 -6.72 -8.80
C GLU A 181 -0.06 -6.20 -9.99
N GLN A 182 -1.38 -6.24 -9.89
CA GLN A 182 -2.24 -5.81 -10.99
C GLN A 182 -2.16 -4.31 -11.21
N GLN A 183 -2.15 -3.57 -10.10
CA GLN A 183 -2.12 -2.12 -10.18
C GLN A 183 -0.82 -1.60 -10.76
N ALA A 184 0.30 -2.21 -10.39
CA ALA A 184 1.61 -1.80 -10.90
C ALA A 184 1.68 -2.02 -12.39
N ARG A 185 1.18 -3.17 -12.84
CA ARG A 185 1.15 -3.49 -14.26
C ARG A 185 0.24 -2.53 -15.02
N GLN A 186 -0.91 -2.20 -14.41
CA GLN A 186 -1.82 -1.24 -15.00
C GLN A 186 -1.18 0.12 -15.07
N LEU A 187 -0.47 0.47 -14.02
CA LEU A 187 0.21 1.72 -13.92
C LEU A 187 1.28 1.81 -15.01
N LEU A 188 1.99 0.70 -15.20
CA LEU A 188 3.00 0.58 -16.25
C LEU A 188 2.35 0.75 -17.64
N MET A 189 1.19 0.13 -17.85
CA MET A 189 0.45 0.25 -19.13
C MET A 189 0.04 1.66 -19.33
N LEU A 190 -0.38 2.27 -18.27
CA LEU A 190 -0.74 3.67 -18.30
C LEU A 190 0.47 4.54 -18.60
N CYS A 191 1.61 4.22 -18.00
CA CYS A 191 2.83 4.99 -18.19
C CYS A 191 3.42 4.83 -19.61
N LYS A 192 3.49 3.59 -20.11
CA LYS A 192 4.06 3.37 -21.45
C LYS A 192 3.01 3.58 -22.52
N ALA A 193 1.81 3.10 -22.22
CA ALA A 193 0.65 3.22 -23.09
C ALA A 193 0.81 2.49 -24.43
N GLU A 194 1.87 1.73 -24.58
CA GLU A 194 2.05 0.93 -25.76
C GLU A 194 1.96 -0.53 -25.42
N THR A 195 1.08 -1.22 -26.09
CA THR A 195 0.91 -2.62 -25.88
C THR A 195 0.33 -3.28 -27.14
N GLN A 196 0.68 -4.51 -27.37
CA GLN A 196 0.18 -5.27 -28.50
C GLN A 196 -0.96 -6.14 -28.04
N GLU A 197 -2.11 -5.99 -28.69
CA GLU A 197 -3.26 -6.78 -28.34
C GLU A 197 -3.02 -8.24 -28.69
N LEU A 198 -3.08 -9.08 -27.69
CA LEU A 198 -2.84 -10.49 -27.87
C LEU A 198 -4.10 -11.25 -27.53
N VAL A 199 -4.28 -12.39 -28.17
CA VAL A 199 -5.46 -13.18 -27.93
C VAL A 199 -5.11 -14.59 -27.51
N PRO A 200 -5.82 -15.12 -26.50
CA PRO A 200 -5.65 -16.51 -26.07
C PRO A 200 -6.01 -17.46 -27.21
N ARG A 201 -5.36 -18.62 -27.24
CA ARG A 201 -5.57 -19.62 -28.30
C ARG A 201 -5.02 -19.11 -29.63
N MET A 1 -7.58 -29.10 10.82
CA MET A 1 -8.99 -28.98 11.20
C MET A 1 -9.12 -28.34 12.58
N GLY A 2 -10.11 -27.47 12.74
CA GLY A 2 -10.31 -26.81 14.02
C GLY A 2 -9.43 -25.59 14.18
N GLN A 3 -9.34 -25.10 15.40
CA GLN A 3 -8.55 -23.93 15.69
C GLN A 3 -7.13 -24.31 16.08
N GLY A 4 -6.18 -23.79 15.32
CA GLY A 4 -4.80 -24.03 15.62
C GLY A 4 -4.16 -22.82 16.24
N THR A 5 -3.62 -22.98 17.44
CA THR A 5 -3.01 -21.86 18.12
C THR A 5 -1.63 -21.55 17.55
N ALA A 6 -1.60 -20.59 16.64
CA ALA A 6 -0.39 -20.13 16.03
C ALA A 6 -0.64 -18.79 15.39
N TYR A 7 0.26 -17.85 15.60
CA TYR A 7 0.13 -16.52 15.04
C TYR A 7 0.07 -16.59 13.52
N ALA A 8 0.99 -17.34 12.94
CA ALA A 8 1.03 -17.47 11.49
C ALA A 8 -0.25 -18.07 10.93
N GLU A 9 -0.76 -19.11 11.59
CA GLU A 9 -1.99 -19.77 11.14
C GLU A 9 -3.19 -18.85 11.21
N VAL A 10 -3.28 -18.07 12.28
CA VAL A 10 -4.38 -17.13 12.44
C VAL A 10 -4.30 -16.07 11.33
N MET A 11 -3.09 -15.58 11.10
CA MET A 11 -2.84 -14.57 10.09
C MET A 11 -3.16 -15.11 8.70
N ASN A 12 -2.81 -16.39 8.46
CA ASN A 12 -3.06 -17.05 7.17
C ASN A 12 -4.55 -17.07 6.86
N ARG A 13 -5.36 -17.34 7.87
CA ARG A 13 -6.80 -17.44 7.70
C ARG A 13 -7.39 -16.08 7.34
N LYS A 14 -6.94 -15.05 8.02
CA LYS A 14 -7.44 -13.70 7.83
C LYS A 14 -6.99 -13.12 6.49
N VAL A 15 -5.73 -13.35 6.13
CA VAL A 15 -5.19 -12.84 4.88
C VAL A 15 -5.87 -13.46 3.66
N ALA A 16 -6.18 -14.76 3.75
CA ALA A 16 -6.85 -15.43 2.64
C ALA A 16 -8.18 -14.76 2.34
N ALA A 17 -8.90 -14.39 3.40
CA ALA A 17 -10.16 -13.65 3.24
C ALA A 17 -9.90 -12.27 2.69
N LEU A 18 -8.80 -11.68 3.15
CA LEU A 18 -8.39 -10.33 2.81
C LEU A 18 -8.23 -10.17 1.29
N ASP A 19 -7.70 -11.19 0.65
CA ASP A 19 -7.49 -11.18 -0.80
C ASP A 19 -8.81 -11.05 -1.57
N SER A 20 -9.84 -11.73 -1.10
CA SER A 20 -11.12 -11.77 -1.80
C SER A 20 -12.12 -10.72 -1.31
N VAL A 21 -12.06 -10.37 -0.05
CA VAL A 21 -13.01 -9.41 0.53
C VAL A 21 -12.84 -8.00 -0.09
N PRO A 22 -13.96 -7.28 -0.33
CA PRO A 22 -13.92 -5.91 -0.85
C PRO A 22 -13.14 -4.97 0.08
N PRO A 23 -12.44 -3.97 -0.49
CA PRO A 23 -11.60 -3.05 0.27
C PRO A 23 -12.39 -2.24 1.30
N THR A 24 -13.67 -2.02 1.08
CA THR A 24 -14.48 -1.25 2.01
C THR A 24 -14.79 -2.09 3.28
N GLU A 25 -14.73 -3.40 3.15
CA GLU A 25 -15.05 -4.29 4.26
C GLU A 25 -13.81 -4.64 5.06
N TYR A 26 -12.74 -3.92 4.83
CA TYR A 26 -11.50 -4.11 5.57
C TYR A 26 -11.68 -3.71 7.03
N ALA A 27 -12.73 -2.94 7.29
CA ALA A 27 -13.01 -2.43 8.62
C ALA A 27 -13.20 -3.57 9.62
N THR A 28 -13.90 -4.62 9.20
CA THR A 28 -14.13 -5.75 10.07
C THR A 28 -12.84 -6.53 10.30
N LEU A 29 -12.01 -6.62 9.25
CA LEU A 29 -10.77 -7.33 9.34
C LEU A 29 -9.78 -6.59 10.20
N ALA A 30 -9.80 -5.26 10.10
CA ALA A 30 -8.92 -4.41 10.90
C ALA A 30 -9.19 -4.65 12.37
N ALA A 31 -10.46 -4.82 12.71
CA ALA A 31 -10.84 -5.12 14.06
C ALA A 31 -10.22 -6.46 14.50
N ASP A 32 -10.25 -7.44 13.61
CA ASP A 32 -9.66 -8.75 13.91
C ASP A 32 -8.16 -8.66 14.08
N PHE A 33 -7.50 -7.92 13.19
CA PHE A 33 -6.04 -7.78 13.26
C PHE A 33 -5.63 -7.01 14.49
N SER A 34 -6.39 -5.97 14.82
CA SER A 34 -6.12 -5.17 15.99
C SER A 34 -6.30 -6.00 17.27
N ARG A 35 -7.27 -6.91 17.25
CA ARG A 35 -7.49 -7.81 18.39
C ARG A 35 -6.27 -8.68 18.57
N ILE A 36 -5.73 -9.15 17.46
CA ILE A 36 -4.56 -10.00 17.46
C ILE A 36 -3.37 -9.24 18.04
N ALA A 37 -3.20 -8.00 17.58
CA ALA A 37 -2.10 -7.14 18.03
C ALA A 37 -2.19 -6.88 19.54
N ALA A 38 -3.41 -6.67 20.02
CA ALA A 38 -3.64 -6.40 21.43
C ALA A 38 -3.20 -7.58 22.30
N VAL A 39 -3.48 -8.77 21.84
CA VAL A 39 -3.15 -9.97 22.57
C VAL A 39 -1.71 -10.36 22.32
N GLU A 40 -1.13 -10.97 23.30
CA GLU A 40 0.26 -11.41 23.26
C GLU A 40 0.49 -12.44 22.14
N GLY A 41 1.73 -12.58 21.71
CA GLY A 41 2.05 -13.53 20.67
C GLY A 41 2.02 -12.90 19.30
N SER A 42 1.54 -11.68 19.23
CA SER A 42 1.46 -10.94 17.99
C SER A 42 2.81 -10.29 17.66
N ASP A 43 2.94 -9.78 16.45
CA ASP A 43 4.17 -9.11 16.02
C ASP A 43 3.80 -7.85 15.24
N TRP A 44 4.80 -7.18 14.67
CA TRP A 44 4.61 -5.90 13.97
C TRP A 44 3.64 -6.04 12.81
N MET A 45 3.59 -7.24 12.26
CA MET A 45 2.81 -7.51 11.07
C MET A 45 1.32 -7.27 11.33
N ALA A 46 0.86 -7.65 12.52
CA ALA A 46 -0.54 -7.45 12.88
C ALA A 46 -0.88 -5.97 12.82
N ALA A 47 0.02 -5.13 13.32
CA ALA A 47 -0.13 -3.69 13.27
C ALA A 47 -0.16 -3.21 11.83
N TYR A 48 0.71 -3.81 11.00
CA TYR A 48 0.79 -3.46 9.58
C TYR A 48 -0.55 -3.69 8.90
N TYR A 49 -1.11 -4.87 9.11
CA TYR A 49 -2.38 -5.22 8.49
C TYR A 49 -3.53 -4.39 9.04
N THR A 50 -3.47 -4.08 10.33
CA THR A 50 -4.51 -3.27 10.95
C THR A 50 -4.55 -1.88 10.30
N ALA A 51 -3.38 -1.27 10.15
CA ALA A 51 -3.27 0.04 9.52
C ALA A 51 -3.69 -0.04 8.05
N TYR A 52 -3.29 -1.13 7.42
CA TYR A 52 -3.63 -1.41 6.03
C TYR A 52 -5.13 -1.46 5.83
N CYS A 53 -5.80 -2.18 6.69
CA CYS A 53 -7.23 -2.36 6.62
C CYS A 53 -8.00 -1.05 6.86
N ARG A 54 -7.36 -0.07 7.49
CA ARG A 54 -7.99 1.23 7.70
C ARG A 54 -7.67 2.19 6.53
N ILE A 55 -6.42 2.16 6.09
CA ILE A 55 -5.95 3.05 5.03
C ILE A 55 -6.58 2.77 3.66
N ILE A 56 -6.72 1.51 3.30
CA ILE A 56 -7.28 1.15 1.99
C ILE A 56 -8.72 1.69 1.79
N PRO A 57 -9.66 1.42 2.73
CA PRO A 57 -11.02 1.95 2.64
C PRO A 57 -11.06 3.47 2.80
N ALA A 58 -9.97 4.03 3.34
CA ALA A 58 -9.85 5.49 3.50
C ALA A 58 -9.93 6.18 2.16
N PHE A 59 -9.37 5.53 1.14
CA PHE A 59 -9.41 6.06 -0.22
C PHE A 59 -10.87 6.23 -0.66
N GLY A 60 -11.70 5.30 -0.25
CA GLY A 60 -13.11 5.36 -0.59
C GLY A 60 -13.94 5.92 0.54
N ASN A 61 -13.29 6.50 1.54
CA ASN A 61 -13.99 7.05 2.69
C ASN A 61 -13.45 8.43 3.03
N PRO A 62 -13.75 9.44 2.23
CA PRO A 62 -13.36 10.82 2.51
C PRO A 62 -14.16 11.38 3.68
N SER A 63 -15.24 10.66 4.03
CA SER A 63 -16.15 11.05 5.07
C SER A 63 -15.50 11.02 6.47
N GLU A 64 -14.77 9.95 6.77
CA GLU A 64 -14.18 9.80 8.10
C GLU A 64 -12.76 9.25 8.02
N ALA A 65 -12.09 9.58 6.93
CA ALA A 65 -10.72 9.11 6.73
C ALA A 65 -9.83 9.61 7.84
N ASP A 66 -10.10 10.83 8.29
CA ASP A 66 -9.32 11.45 9.37
C ASP A 66 -9.42 10.63 10.65
N ARG A 67 -10.62 10.13 10.92
CA ARG A 67 -10.89 9.38 12.13
C ARG A 67 -10.19 8.03 12.13
N LEU A 68 -10.21 7.36 10.98
CA LEU A 68 -9.64 6.02 10.87
C LEU A 68 -8.12 6.06 10.71
N CYS A 69 -7.61 7.16 10.15
CA CYS A 69 -6.17 7.35 9.98
C CYS A 69 -5.46 7.38 11.31
N GLU A 70 -6.09 8.00 12.31
CA GLU A 70 -5.47 8.11 13.63
C GLU A 70 -5.21 6.73 14.23
N GLU A 71 -6.15 5.81 14.07
CA GLU A 71 -5.93 4.44 14.55
C GLU A 71 -4.79 3.79 13.80
N ALA A 72 -4.78 4.00 12.48
CA ALA A 72 -3.76 3.43 11.62
C ALA A 72 -2.38 3.96 12.00
N GLU A 73 -2.32 5.25 12.29
CA GLU A 73 -1.08 5.90 12.66
C GLU A 73 -0.49 5.27 13.92
N SER A 74 -1.34 5.05 14.91
CA SER A 74 -0.91 4.43 16.15
C SER A 74 -0.37 3.03 15.88
N MET A 75 -1.08 2.28 15.04
CA MET A 75 -0.67 0.91 14.70
C MET A 75 0.64 0.92 13.92
N LEU A 76 0.78 1.89 13.02
CA LEU A 76 1.98 2.06 12.22
C LEU A 76 3.18 2.34 13.11
N SER A 77 2.95 3.10 14.17
CA SER A 77 3.99 3.45 15.11
C SER A 77 4.52 2.18 15.77
N LYS A 78 3.61 1.30 16.11
CA LYS A 78 3.93 0.05 16.77
C LYS A 78 4.84 -0.80 15.89
N ALA A 79 4.48 -0.89 14.61
CA ALA A 79 5.25 -1.66 13.64
C ALA A 79 6.66 -1.11 13.50
N GLU A 80 6.75 0.21 13.46
CA GLU A 80 8.01 0.90 13.31
C GLU A 80 8.85 0.76 14.58
N SER A 81 8.20 0.84 15.73
CA SER A 81 8.86 0.73 17.02
C SER A 81 9.42 -0.67 17.28
N LEU A 82 8.65 -1.70 16.91
CA LEU A 82 9.05 -3.09 17.13
C LEU A 82 10.31 -3.45 16.36
N GLY A 83 10.43 -2.92 15.17
CA GLY A 83 11.57 -3.23 14.36
C GLY A 83 11.20 -3.98 13.11
N GLY A 84 9.99 -3.73 12.62
CA GLY A 84 9.55 -4.37 11.42
C GLY A 84 10.06 -3.62 10.21
N ASP A 85 9.55 -3.94 9.04
CA ASP A 85 10.02 -3.27 7.85
C ASP A 85 9.40 -1.88 7.76
N LEU A 86 10.24 -0.89 7.95
CA LEU A 86 9.82 0.50 7.95
C LEU A 86 9.30 0.90 6.58
N SER A 87 9.91 0.35 5.55
CA SER A 87 9.56 0.67 4.18
C SER A 87 8.11 0.29 3.87
N GLU A 88 7.68 -0.91 4.29
CA GLU A 88 6.33 -1.38 4.03
C GLU A 88 5.30 -0.48 4.70
N ILE A 89 5.56 -0.08 5.94
CA ILE A 89 4.64 0.79 6.65
C ILE A 89 4.74 2.22 6.14
N ALA A 90 5.90 2.56 5.56
CA ALA A 90 6.07 3.85 4.94
C ALA A 90 5.13 3.98 3.76
N CYS A 91 4.99 2.88 3.02
CA CYS A 91 4.09 2.81 1.88
C CYS A 91 2.64 3.02 2.32
N LEU A 92 2.28 2.44 3.45
CA LEU A 92 0.94 2.61 3.98
C LEU A 92 0.71 4.08 4.36
N ARG A 93 1.74 4.70 4.94
CA ARG A 93 1.67 6.10 5.33
C ARG A 93 1.50 7.02 4.14
N SER A 94 2.19 6.73 3.05
CA SER A 94 2.06 7.53 1.85
C SER A 94 0.66 7.43 1.26
N MET A 95 0.07 6.25 1.34
CA MET A 95 -1.28 6.03 0.84
C MET A 95 -2.30 6.82 1.63
N ALA A 96 -2.08 6.95 2.93
CA ALA A 96 -2.99 7.69 3.79
C ALA A 96 -3.11 9.14 3.31
N ALA A 97 -1.96 9.72 2.93
CA ALA A 97 -1.95 11.07 2.39
C ALA A 97 -2.73 11.11 1.08
N SER A 98 -2.57 10.07 0.27
CA SER A 98 -3.26 9.95 -1.01
C SER A 98 -4.77 9.89 -0.83
N ALA A 99 -5.22 9.16 0.19
CA ALA A 99 -6.66 9.06 0.49
C ALA A 99 -7.21 10.44 0.82
N ARG A 100 -6.45 11.18 1.60
CA ARG A 100 -6.78 12.55 1.96
C ARG A 100 -6.75 13.44 0.71
N LEU A 101 -5.81 13.15 -0.17
CA LEU A 101 -5.62 13.87 -1.42
C LEU A 101 -6.86 13.75 -2.30
N LEU A 102 -7.46 12.55 -2.32
CA LEU A 102 -8.61 12.26 -3.17
C LEU A 102 -9.87 13.03 -2.75
N VAL A 103 -9.83 13.64 -1.56
CA VAL A 103 -10.96 14.47 -1.12
C VAL A 103 -11.18 15.62 -2.11
N ASN A 104 -10.07 16.23 -2.51
CA ASN A 104 -10.09 17.27 -3.53
C ASN A 104 -8.78 17.25 -4.30
N PRO A 105 -8.69 16.38 -5.32
CA PRO A 105 -7.47 16.19 -6.10
C PRO A 105 -7.21 17.34 -7.07
N GLN A 106 -7.25 18.54 -6.55
CA GLN A 106 -6.96 19.72 -7.31
C GLN A 106 -6.17 20.71 -6.45
N GLU A 107 -6.58 20.85 -5.21
CA GLU A 107 -5.93 21.79 -4.31
C GLU A 107 -5.17 21.08 -3.18
N ARG A 108 -5.47 19.81 -2.99
CA ARG A 108 -4.86 19.03 -1.92
C ARG A 108 -3.45 18.55 -2.29
N TRP A 109 -3.06 18.78 -3.55
CA TRP A 109 -1.74 18.36 -4.07
C TRP A 109 -0.61 18.98 -3.28
N GLN A 110 -0.75 20.24 -2.95
CA GLN A 110 0.28 20.98 -2.25
C GLN A 110 0.53 20.38 -0.87
N THR A 111 -0.52 19.97 -0.22
CA THR A 111 -0.42 19.42 1.12
C THR A 111 -0.10 17.92 1.09
N TYR A 112 -1.10 17.14 0.73
CA TYR A 112 -1.02 15.68 0.79
C TYR A 112 -0.13 15.10 -0.30
N GLY A 113 -0.13 15.72 -1.46
CA GLY A 113 0.73 15.23 -2.53
C GLY A 113 2.18 15.26 -2.13
N ALA A 114 2.58 16.33 -1.47
CA ALA A 114 3.94 16.45 -0.96
C ALA A 114 4.19 15.41 0.13
N GLU A 115 3.21 15.24 1.03
CA GLU A 115 3.34 14.31 2.17
C GLU A 115 3.48 12.86 1.70
N SER A 116 2.69 12.47 0.73
CA SER A 116 2.77 11.12 0.18
C SER A 116 4.13 10.89 -0.46
N SER A 117 4.64 11.91 -1.13
CA SER A 117 5.93 11.84 -1.77
C SER A 117 7.03 11.69 -0.72
N ARG A 118 6.88 12.41 0.38
CA ARG A 118 7.84 12.36 1.48
C ARG A 118 7.89 10.96 2.08
N GLN A 119 6.72 10.35 2.25
CA GLN A 119 6.63 8.98 2.75
C GLN A 119 7.24 7.99 1.77
N LEU A 120 7.04 8.22 0.48
CA LEU A 120 7.63 7.37 -0.55
C LEU A 120 9.13 7.42 -0.51
N ALA A 121 9.64 8.61 -0.27
CA ALA A 121 11.07 8.80 -0.11
C ALA A 121 11.55 7.97 1.06
N VAL A 122 10.75 7.93 2.13
CA VAL A 122 11.04 7.11 3.30
C VAL A 122 11.01 5.62 2.93
N ALA A 123 10.01 5.20 2.15
CA ALA A 123 9.90 3.80 1.74
C ALA A 123 11.12 3.38 0.94
N LEU A 124 11.52 4.22 0.01
CA LEU A 124 12.70 3.98 -0.79
C LEU A 124 13.96 4.00 0.07
N GLU A 125 13.96 4.89 1.05
CA GLU A 125 15.08 5.01 1.98
C GLU A 125 15.26 3.71 2.77
N ALA A 126 14.16 3.20 3.32
CA ALA A 126 14.19 1.99 4.12
C ALA A 126 14.47 0.73 3.28
N ASN A 127 13.72 0.56 2.20
CA ASN A 127 13.98 -0.55 1.29
C ASN A 127 13.89 -0.06 -0.14
N PRO A 128 15.04 0.22 -0.76
CA PRO A 128 15.11 0.70 -2.14
C PRO A 128 14.44 -0.26 -3.13
N ALA A 129 14.57 -1.55 -2.87
CA ALA A 129 14.04 -2.58 -3.76
C ALA A 129 12.57 -2.88 -3.52
N ASN A 130 11.95 -2.15 -2.60
CA ASN A 130 10.54 -2.39 -2.25
C ASN A 130 9.65 -2.18 -3.49
N PRO A 131 8.89 -3.21 -3.87
CA PRO A 131 8.00 -3.14 -5.05
C PRO A 131 6.88 -2.14 -4.85
N ARG A 132 6.33 -2.11 -3.65
CA ARG A 132 5.27 -1.21 -3.32
C ARG A 132 5.72 0.24 -3.33
N ALA A 133 6.93 0.48 -2.88
CA ALA A 133 7.51 1.83 -2.91
C ALA A 133 7.61 2.33 -4.34
N TYR A 134 8.08 1.46 -5.24
CA TYR A 134 8.17 1.81 -6.65
C TYR A 134 6.78 1.93 -7.28
N PHE A 135 5.88 1.05 -6.86
CA PHE A 135 4.51 1.05 -7.36
C PHE A 135 3.82 2.37 -7.09
N LEU A 136 3.90 2.83 -5.86
CA LEU A 136 3.30 4.08 -5.47
C LEU A 136 3.94 5.22 -6.22
N GLN A 137 5.25 5.13 -6.40
CA GLN A 137 5.99 6.11 -7.18
C GLN A 137 5.51 6.14 -8.61
N ALA A 138 5.38 4.97 -9.22
CA ALA A 138 4.91 4.86 -10.59
C ALA A 138 3.49 5.42 -10.71
N GLN A 139 2.64 5.06 -9.74
CA GLN A 139 1.29 5.55 -9.70
C GLN A 139 1.27 7.06 -9.57
N SER A 140 2.07 7.56 -8.65
CA SER A 140 2.15 8.98 -8.43
C SER A 140 2.60 9.69 -9.69
N LEU A 141 3.69 9.19 -10.30
CA LEU A 141 4.27 9.79 -11.51
C LEU A 141 3.30 9.75 -12.68
N LEU A 142 2.58 8.66 -12.83
CA LEU A 142 1.61 8.52 -13.90
C LEU A 142 0.52 9.57 -13.78
N TYR A 143 0.06 9.79 -12.58
CA TYR A 143 -1.03 10.72 -12.34
C TYR A 143 -0.52 12.08 -11.83
N THR A 144 0.78 12.33 -12.02
CA THR A 144 1.41 13.57 -11.57
C THR A 144 0.99 14.78 -12.41
N PRO A 145 0.59 15.87 -11.74
CA PRO A 145 0.35 17.15 -12.38
C PRO A 145 1.65 17.69 -13.02
N ALA A 146 1.52 18.52 -14.03
CA ALA A 146 2.69 19.02 -14.78
C ALA A 146 3.71 19.74 -13.89
N GLN A 147 3.27 20.19 -12.73
CA GLN A 147 4.11 20.92 -11.78
C GLN A 147 5.32 20.08 -11.32
N PHE A 148 5.10 18.79 -11.09
CA PHE A 148 6.14 17.95 -10.51
C PHE A 148 6.94 17.26 -11.61
N GLY A 149 6.54 17.46 -12.86
CA GLY A 149 7.27 16.90 -13.98
C GLY A 149 7.22 15.38 -14.06
N GLY A 150 6.06 14.80 -13.79
CA GLY A 150 5.92 13.36 -13.89
C GLY A 150 5.43 12.96 -15.27
N GLY A 151 4.66 11.90 -15.32
CA GLY A 151 4.14 11.40 -16.57
C GLY A 151 4.36 9.91 -16.70
N LYS A 152 3.71 9.28 -17.67
CA LYS A 152 3.86 7.84 -17.86
C LYS A 152 5.30 7.48 -18.21
N ASP A 153 5.96 8.41 -18.89
CA ASP A 153 7.37 8.27 -19.25
C ASP A 153 8.23 8.11 -18.00
N LYS A 154 7.98 8.93 -17.02
CA LYS A 154 8.72 8.91 -15.76
C LYS A 154 8.35 7.67 -14.95
N ALA A 155 7.10 7.28 -15.07
CA ALA A 155 6.56 6.14 -14.34
C ALA A 155 7.06 4.80 -14.90
N LEU A 156 7.54 4.80 -16.14
CA LEU A 156 7.98 3.56 -16.81
C LEU A 156 9.03 2.77 -16.00
N PRO A 157 10.17 3.38 -15.58
CA PRO A 157 11.19 2.67 -14.81
C PRO A 157 10.67 2.20 -13.45
N PHE A 158 9.80 3.00 -12.85
CA PHE A 158 9.21 2.66 -11.56
C PHE A 158 8.24 1.49 -11.69
N ALA A 159 7.47 1.50 -12.77
CA ALA A 159 6.55 0.42 -13.03
C ALA A 159 7.31 -0.87 -13.25
N GLU A 160 8.41 -0.79 -13.97
CA GLU A 160 9.24 -1.96 -14.24
C GLU A 160 9.86 -2.50 -12.94
N LYS A 161 10.29 -1.58 -12.08
CA LYS A 161 10.88 -1.95 -10.79
C LYS A 161 9.90 -2.71 -9.91
N SER A 162 8.69 -2.20 -9.79
CA SER A 162 7.69 -2.84 -8.97
C SER A 162 7.29 -4.20 -9.55
N VAL A 163 7.08 -4.22 -10.86
CA VAL A 163 6.69 -5.44 -11.57
C VAL A 163 7.79 -6.50 -11.52
N SER A 164 9.05 -6.07 -11.62
CA SER A 164 10.18 -7.00 -11.60
C SER A 164 10.18 -7.82 -10.31
N CYS A 165 9.92 -7.16 -9.20
CA CYS A 165 9.85 -7.83 -7.92
C CYS A 165 8.72 -8.86 -7.92
N TYR A 166 7.55 -8.46 -8.45
CA TYR A 166 6.40 -9.35 -8.50
C TYR A 166 6.64 -10.51 -9.44
N ALA A 167 7.48 -10.29 -10.44
CA ALA A 167 7.86 -11.36 -11.35
C ALA A 167 8.57 -12.44 -10.56
N ALA A 168 9.48 -12.03 -9.67
CA ALA A 168 10.16 -12.93 -8.77
C ALA A 168 9.15 -13.53 -7.78
N ALA A 169 8.22 -12.67 -7.35
CA ALA A 169 7.14 -13.04 -6.44
C ALA A 169 7.67 -13.51 -5.09
N THR A 170 8.14 -12.57 -4.31
CA THR A 170 8.65 -12.87 -3.00
C THR A 170 7.56 -12.68 -1.95
N VAL A 171 6.84 -13.75 -1.66
CA VAL A 171 5.81 -13.71 -0.64
C VAL A 171 6.09 -14.78 0.40
N SER A 172 6.32 -14.36 1.62
CA SER A 172 6.60 -15.30 2.70
C SER A 172 6.22 -14.68 4.04
N PRO A 173 5.87 -15.50 5.05
CA PRO A 173 5.83 -16.97 4.92
C PRO A 173 4.73 -17.45 3.96
N ALA A 174 3.57 -16.82 4.05
CA ALA A 174 2.43 -17.19 3.20
C ALA A 174 1.38 -16.11 3.23
N TYR A 175 1.13 -15.58 4.42
CA TYR A 175 0.13 -14.54 4.59
C TYR A 175 0.68 -13.17 4.27
N ALA A 176 1.92 -13.11 3.81
CA ALA A 176 2.55 -11.84 3.48
C ALA A 176 1.73 -11.10 2.42
N PRO A 177 1.72 -9.75 2.47
CA PRO A 177 0.86 -8.93 1.59
C PRO A 177 1.02 -9.27 0.12
N HIS A 178 -0.11 -9.56 -0.52
CA HIS A 178 -0.13 -9.88 -1.94
C HIS A 178 -0.61 -8.68 -2.72
N TRP A 179 -1.02 -7.65 -2.00
CA TRP A 179 -1.58 -6.49 -2.63
C TRP A 179 -0.52 -5.69 -3.36
N GLY A 180 -0.93 -5.09 -4.45
CA GLY A 180 -0.05 -4.28 -5.25
C GLY A 180 0.47 -4.99 -6.49
N GLU A 181 0.49 -6.33 -6.47
CA GLU A 181 0.98 -7.08 -7.63
C GLU A 181 0.04 -6.92 -8.82
N GLN A 182 -1.25 -6.99 -8.54
CA GLN A 182 -2.27 -6.86 -9.57
C GLN A 182 -2.23 -5.49 -10.21
N GLN A 183 -2.12 -4.49 -9.36
CA GLN A 183 -2.13 -3.11 -9.80
C GLN A 183 -0.84 -2.71 -10.52
N ALA A 184 0.31 -3.16 -10.01
CA ALA A 184 1.60 -2.80 -10.60
C ALA A 184 1.74 -3.33 -12.01
N ARG A 185 1.33 -4.57 -12.23
CA ARG A 185 1.46 -5.19 -13.53
C ARG A 185 0.63 -4.45 -14.58
N GLN A 186 -0.57 -4.02 -14.20
CA GLN A 186 -1.42 -3.29 -15.13
C GLN A 186 -0.96 -1.83 -15.24
N LEU A 187 -0.31 -1.33 -14.19
CA LEU A 187 0.16 0.04 -14.16
C LEU A 187 1.21 0.27 -15.24
N LEU A 188 2.12 -0.70 -15.39
CA LEU A 188 3.14 -0.62 -16.44
C LEU A 188 2.46 -0.62 -17.80
N MET A 189 1.44 -1.46 -17.93
CA MET A 189 0.71 -1.62 -19.18
C MET A 189 0.08 -0.30 -19.54
N LEU A 190 -0.47 0.34 -18.55
CA LEU A 190 -1.07 1.65 -18.71
C LEU A 190 -0.02 2.69 -19.10
N CYS A 191 1.16 2.59 -18.49
CA CYS A 191 2.24 3.54 -18.75
C CYS A 191 2.82 3.40 -20.16
N LYS A 192 3.00 2.18 -20.62
CA LYS A 192 3.56 1.95 -21.95
C LYS A 192 2.53 2.14 -23.05
N ALA A 193 1.29 2.10 -22.65
CA ALA A 193 0.18 2.20 -23.57
C ALA A 193 0.08 3.54 -24.30
N GLU A 194 -0.51 3.48 -25.48
CA GLU A 194 -0.76 4.62 -26.34
C GLU A 194 0.49 5.34 -26.74
N THR A 195 1.25 4.68 -27.57
CA THR A 195 2.47 5.22 -28.10
C THR A 195 2.75 4.56 -29.46
N GLN A 196 3.81 5.01 -30.14
CA GLN A 196 4.24 4.46 -31.44
C GLN A 196 3.33 4.95 -32.58
N GLU A 197 3.88 4.90 -33.80
CA GLU A 197 3.18 5.33 -35.00
C GLU A 197 1.93 4.47 -35.23
N LEU A 198 2.09 3.15 -35.03
CA LEU A 198 1.00 2.17 -35.15
C LEU A 198 0.46 2.06 -36.56
N VAL A 199 1.15 1.29 -37.36
CA VAL A 199 0.73 1.03 -38.73
C VAL A 199 0.39 -0.46 -38.91
N PRO A 200 -0.72 -0.76 -39.60
CA PRO A 200 -1.14 -2.15 -39.88
C PRO A 200 -0.12 -2.86 -40.77
N ARG A 201 0.00 -4.18 -40.59
CA ARG A 201 0.89 -5.00 -41.40
C ARG A 201 2.35 -4.61 -41.21
N MET A 1 -11.56 -21.05 5.96
CA MET A 1 -10.76 -22.23 6.34
C MET A 1 -9.44 -21.80 6.95
N GLY A 2 -9.13 -22.32 8.12
CA GLY A 2 -7.89 -21.99 8.78
C GLY A 2 -7.75 -22.70 10.11
N GLN A 3 -6.59 -22.57 10.72
CA GLN A 3 -6.32 -23.19 12.01
C GLN A 3 -6.44 -22.19 13.14
N GLY A 4 -6.91 -22.65 14.29
CA GLY A 4 -6.99 -21.81 15.45
C GLY A 4 -5.63 -21.62 16.07
N THR A 5 -5.49 -20.58 16.91
CA THR A 5 -4.22 -20.23 17.56
C THR A 5 -3.09 -20.02 16.54
N ALA A 6 -1.86 -19.81 17.05
CA ALA A 6 -0.69 -19.58 16.20
C ALA A 6 -0.82 -18.27 15.43
N TYR A 7 -0.02 -17.29 15.80
CA TYR A 7 -0.08 -15.95 15.21
C TYR A 7 0.08 -16.02 13.69
N ALA A 8 1.06 -16.76 13.22
CA ALA A 8 1.30 -16.90 11.80
C ALA A 8 0.10 -17.54 11.10
N GLU A 9 -0.45 -18.60 11.70
CA GLU A 9 -1.60 -19.30 11.13
C GLU A 9 -2.84 -18.42 11.12
N VAL A 10 -3.03 -17.66 12.19
CA VAL A 10 -4.16 -16.75 12.29
C VAL A 10 -4.08 -15.74 11.16
N MET A 11 -2.90 -15.17 10.95
CA MET A 11 -2.70 -14.20 9.89
C MET A 11 -2.89 -14.84 8.53
N ASN A 12 -2.42 -16.08 8.37
CA ASN A 12 -2.56 -16.78 7.10
C ASN A 12 -4.03 -16.92 6.72
N ARG A 13 -4.85 -17.26 7.71
CA ARG A 13 -6.28 -17.41 7.50
C ARG A 13 -6.89 -16.05 7.13
N LYS A 14 -6.50 -15.03 7.88
CA LYS A 14 -7.05 -13.68 7.71
C LYS A 14 -6.61 -13.06 6.38
N VAL A 15 -5.35 -13.21 6.07
CA VAL A 15 -4.80 -12.66 4.82
C VAL A 15 -5.41 -13.34 3.62
N ALA A 16 -5.59 -14.67 3.71
CA ALA A 16 -6.21 -15.41 2.62
C ALA A 16 -7.62 -14.89 2.38
N ALA A 17 -8.33 -14.61 3.47
CA ALA A 17 -9.67 -14.04 3.39
C ALA A 17 -9.59 -12.65 2.84
N LEU A 18 -8.56 -11.93 3.26
CA LEU A 18 -8.34 -10.54 2.87
C LEU A 18 -8.23 -10.43 1.36
N ASP A 19 -7.53 -11.36 0.76
CA ASP A 19 -7.38 -11.42 -0.69
C ASP A 19 -8.73 -11.68 -1.37
N SER A 20 -9.44 -12.66 -0.85
CA SER A 20 -10.74 -13.08 -1.40
C SER A 20 -11.84 -12.01 -1.20
N VAL A 21 -11.89 -11.46 0.00
CA VAL A 21 -12.94 -10.51 0.40
C VAL A 21 -12.84 -9.18 -0.38
N PRO A 22 -14.00 -8.57 -0.73
CA PRO A 22 -14.04 -7.24 -1.32
C PRO A 22 -13.45 -6.19 -0.38
N PRO A 23 -12.78 -5.16 -0.92
CA PRO A 23 -12.15 -4.10 -0.13
C PRO A 23 -13.14 -3.33 0.74
N THR A 24 -14.41 -3.38 0.37
CA THR A 24 -15.46 -2.70 1.10
C THR A 24 -15.74 -3.37 2.46
N GLU A 25 -15.33 -4.61 2.58
CA GLU A 25 -15.53 -5.36 3.82
C GLU A 25 -14.28 -5.36 4.68
N TYR A 26 -13.30 -4.55 4.31
CA TYR A 26 -12.04 -4.45 5.06
C TYR A 26 -12.27 -3.91 6.46
N ALA A 27 -13.40 -3.27 6.66
CA ALA A 27 -13.75 -2.72 7.96
C ALA A 27 -13.81 -3.82 9.02
N THR A 28 -14.32 -4.99 8.64
CA THR A 28 -14.42 -6.11 9.56
C THR A 28 -13.05 -6.62 9.92
N LEU A 29 -12.21 -6.72 8.90
CA LEU A 29 -10.89 -7.25 9.03
C LEU A 29 -9.97 -6.29 9.78
N ALA A 30 -10.13 -5.00 9.54
CA ALA A 30 -9.32 -4.01 10.25
C ALA A 30 -9.58 -4.12 11.73
N ALA A 31 -10.86 -4.30 12.09
CA ALA A 31 -11.23 -4.50 13.47
C ALA A 31 -10.64 -5.82 13.98
N ASP A 32 -10.68 -6.82 13.12
CA ASP A 32 -10.16 -8.14 13.46
C ASP A 32 -8.65 -8.10 13.71
N PHE A 33 -7.91 -7.46 12.81
CA PHE A 33 -6.46 -7.35 12.94
C PHE A 33 -6.09 -6.51 14.15
N SER A 34 -6.87 -5.45 14.40
CA SER A 34 -6.62 -4.60 15.55
C SER A 34 -6.81 -5.39 16.85
N ARG A 35 -7.74 -6.36 16.83
CA ARG A 35 -7.94 -7.23 17.97
C ARG A 35 -6.72 -8.10 18.18
N ILE A 36 -6.14 -8.56 17.08
CA ILE A 36 -4.93 -9.36 17.12
C ILE A 36 -3.80 -8.54 17.73
N ALA A 37 -3.69 -7.29 17.28
CA ALA A 37 -2.67 -6.36 17.76
C ALA A 37 -2.80 -6.14 19.26
N ALA A 38 -4.03 -6.09 19.74
CA ALA A 38 -4.30 -5.93 21.16
C ALA A 38 -3.70 -7.09 21.97
N VAL A 39 -3.76 -8.28 21.39
CA VAL A 39 -3.23 -9.47 22.03
C VAL A 39 -1.72 -9.40 22.11
N GLU A 40 -1.21 -9.95 23.17
CA GLU A 40 0.21 -9.95 23.49
C GLU A 40 1.08 -10.70 22.47
N GLY A 41 0.47 -11.61 21.73
CA GLY A 41 1.22 -12.42 20.78
C GLY A 41 1.32 -11.80 19.41
N SER A 42 0.81 -10.60 19.27
CA SER A 42 0.83 -9.89 18.00
C SER A 42 2.21 -9.34 17.66
N ASP A 43 2.37 -8.97 16.41
CA ASP A 43 3.59 -8.37 15.93
C ASP A 43 3.25 -7.12 15.13
N TRP A 44 4.27 -6.44 14.65
CA TRP A 44 4.10 -5.20 13.89
C TRP A 44 3.24 -5.44 12.64
N MET A 45 3.25 -6.67 12.16
CA MET A 45 2.56 -7.02 10.94
C MET A 45 1.05 -6.91 11.13
N ALA A 46 0.57 -7.24 12.32
CA ALA A 46 -0.85 -7.10 12.64
C ALA A 46 -1.25 -5.64 12.53
N ALA A 47 -0.37 -4.77 13.03
CA ALA A 47 -0.55 -3.33 12.93
C ALA A 47 -0.55 -2.89 11.47
N TYR A 48 0.35 -3.50 10.70
CA TYR A 48 0.49 -3.21 9.27
C TYR A 48 -0.83 -3.47 8.56
N TYR A 49 -1.40 -4.64 8.78
CA TYR A 49 -2.67 -4.98 8.15
C TYR A 49 -3.84 -4.18 8.67
N THR A 50 -3.80 -3.83 9.95
CA THR A 50 -4.85 -3.00 10.52
C THR A 50 -4.90 -1.65 9.79
N ALA A 51 -3.73 -1.04 9.63
CA ALA A 51 -3.61 0.23 8.91
C ALA A 51 -4.00 0.06 7.45
N TYR A 52 -3.56 -1.05 6.87
CA TYR A 52 -3.84 -1.38 5.48
C TYR A 52 -5.33 -1.42 5.19
N CYS A 53 -6.04 -2.11 6.04
CA CYS A 53 -7.47 -2.28 5.88
C CYS A 53 -8.19 -0.94 5.93
N ARG A 54 -7.75 -0.04 6.80
CA ARG A 54 -8.33 1.29 6.89
C ARG A 54 -8.03 2.14 5.65
N ILE A 55 -6.80 2.05 5.20
CA ILE A 55 -6.29 2.86 4.10
C ILE A 55 -6.94 2.56 2.73
N ILE A 56 -7.12 1.29 2.41
CA ILE A 56 -7.64 0.92 1.08
C ILE A 56 -9.02 1.56 0.75
N PRO A 57 -10.04 1.42 1.62
CA PRO A 57 -11.36 2.02 1.38
C PRO A 57 -11.32 3.54 1.50
N ALA A 58 -10.28 4.06 2.13
CA ALA A 58 -10.10 5.51 2.33
C ALA A 58 -10.04 6.22 0.99
N PHE A 59 -9.38 5.60 0.03
CA PHE A 59 -9.26 6.15 -1.31
C PHE A 59 -10.64 6.35 -1.94
N GLY A 60 -11.53 5.41 -1.69
CA GLY A 60 -12.86 5.49 -2.24
C GLY A 60 -13.86 6.09 -1.26
N ASN A 61 -13.37 6.55 -0.11
CA ASN A 61 -14.23 7.11 0.93
C ASN A 61 -13.62 8.38 1.50
N PRO A 62 -13.60 9.47 0.73
CA PRO A 62 -13.03 10.75 1.15
C PRO A 62 -13.83 11.42 2.27
N SER A 63 -15.07 10.96 2.45
CA SER A 63 -15.96 11.53 3.45
C SER A 63 -15.38 11.43 4.87
N GLU A 64 -14.83 10.26 5.19
CA GLU A 64 -14.24 10.06 6.51
C GLU A 64 -12.88 9.43 6.40
N ALA A 65 -12.26 9.58 5.23
CA ALA A 65 -10.95 8.99 4.97
C ALA A 65 -9.94 9.51 5.95
N ASP A 66 -10.04 10.78 6.26
CA ASP A 66 -9.11 11.41 7.18
C ASP A 66 -9.26 10.85 8.58
N ARG A 67 -10.51 10.63 9.00
CA ARG A 67 -10.81 10.14 10.34
C ARG A 67 -10.26 8.74 10.56
N LEU A 68 -10.41 7.90 9.54
CA LEU A 68 -9.94 6.52 9.62
C LEU A 68 -8.45 6.42 9.32
N CYS A 69 -7.95 7.37 8.53
CA CYS A 69 -6.55 7.45 8.21
C CYS A 69 -5.74 7.69 9.47
N GLU A 70 -6.25 8.56 10.32
CA GLU A 70 -5.59 8.88 11.57
C GLU A 70 -5.49 7.64 12.44
N GLU A 71 -6.53 6.80 12.39
CA GLU A 71 -6.54 5.54 13.12
C GLU A 71 -5.41 4.65 12.60
N ALA A 72 -5.27 4.64 11.27
CA ALA A 72 -4.22 3.88 10.59
C ALA A 72 -2.83 4.41 10.95
N GLU A 73 -2.73 5.74 11.06
CA GLU A 73 -1.48 6.42 11.35
C GLU A 73 -0.90 5.93 12.68
N SER A 74 -1.76 5.80 13.68
CA SER A 74 -1.35 5.33 14.97
C SER A 74 -0.82 3.90 14.87
N MET A 75 -1.53 3.04 14.13
CA MET A 75 -1.14 1.65 13.96
C MET A 75 0.19 1.56 13.22
N LEU A 76 0.35 2.41 12.21
CA LEU A 76 1.57 2.46 11.41
C LEU A 76 2.76 2.89 12.26
N SER A 77 2.53 3.81 13.18
CA SER A 77 3.58 4.29 14.05
C SER A 77 4.07 3.14 14.95
N LYS A 78 3.12 2.34 15.39
CA LYS A 78 3.40 1.20 16.25
C LYS A 78 4.18 0.12 15.50
N ALA A 79 3.85 -0.05 14.22
CA ALA A 79 4.54 -1.00 13.37
C ALA A 79 6.03 -0.63 13.29
N GLU A 80 6.31 0.66 13.19
CA GLU A 80 7.67 1.15 13.10
C GLU A 80 8.40 0.93 14.41
N SER A 81 7.72 1.22 15.50
CA SER A 81 8.30 1.14 16.83
C SER A 81 8.62 -0.30 17.25
N LEU A 82 7.94 -1.26 16.61
CA LEU A 82 8.16 -2.67 16.90
C LEU A 82 9.37 -3.23 16.16
N GLY A 83 10.01 -2.38 15.37
CA GLY A 83 11.19 -2.81 14.65
C GLY A 83 10.85 -3.54 13.39
N GLY A 84 9.66 -3.28 12.88
CA GLY A 84 9.24 -3.91 11.68
C GLY A 84 9.87 -3.30 10.45
N ASP A 85 9.49 -3.77 9.29
CA ASP A 85 10.05 -3.27 8.05
C ASP A 85 9.51 -1.89 7.75
N LEU A 86 10.40 -0.94 7.75
CA LEU A 86 10.06 0.46 7.54
C LEU A 86 9.46 0.69 6.15
N SER A 87 10.04 0.05 5.15
CA SER A 87 9.65 0.25 3.77
C SER A 87 8.19 -0.15 3.52
N GLU A 88 7.81 -1.31 4.06
CA GLU A 88 6.45 -1.81 3.86
C GLU A 88 5.40 -0.87 4.47
N ILE A 89 5.68 -0.34 5.67
CA ILE A 89 4.74 0.57 6.31
C ILE A 89 4.84 1.96 5.72
N ALA A 90 6.00 2.29 5.17
CA ALA A 90 6.19 3.57 4.50
C ALA A 90 5.24 3.68 3.33
N CYS A 91 5.07 2.57 2.62
CA CYS A 91 4.16 2.50 1.49
C CYS A 91 2.73 2.80 1.93
N LEU A 92 2.33 2.25 3.07
CA LEU A 92 0.99 2.51 3.60
C LEU A 92 0.86 3.97 4.04
N ARG A 93 1.91 4.49 4.68
CA ARG A 93 1.88 5.87 5.18
C ARG A 93 1.75 6.89 4.05
N SER A 94 2.43 6.64 2.94
CA SER A 94 2.33 7.54 1.79
C SER A 94 0.92 7.51 1.21
N MET A 95 0.31 6.31 1.19
CA MET A 95 -1.05 6.17 0.74
C MET A 95 -1.99 6.91 1.65
N ALA A 96 -1.70 6.87 2.93
CA ALA A 96 -2.51 7.56 3.91
C ALA A 96 -2.55 9.07 3.63
N ALA A 97 -1.39 9.65 3.29
CA ALA A 97 -1.34 11.06 2.96
C ALA A 97 -2.13 11.35 1.69
N SER A 98 -1.97 10.51 0.67
CA SER A 98 -2.64 10.70 -0.59
C SER A 98 -4.16 10.48 -0.49
N ALA A 99 -4.59 9.54 0.35
CA ALA A 99 -6.01 9.29 0.56
C ALA A 99 -6.68 10.54 1.13
N ARG A 100 -6.00 11.16 2.10
CA ARG A 100 -6.47 12.40 2.69
C ARG A 100 -6.42 13.54 1.67
N LEU A 101 -5.42 13.48 0.80
CA LEU A 101 -5.24 14.44 -0.27
C LEU A 101 -6.43 14.42 -1.22
N LEU A 102 -6.95 13.22 -1.50
CA LEU A 102 -8.06 13.03 -2.44
C LEU A 102 -9.33 13.73 -1.99
N VAL A 103 -9.42 14.06 -0.70
CA VAL A 103 -10.56 14.80 -0.19
C VAL A 103 -10.65 16.14 -0.93
N ASN A 104 -9.52 16.79 -1.06
CA ASN A 104 -9.40 18.01 -1.82
C ASN A 104 -8.16 17.96 -2.69
N PRO A 105 -8.26 17.31 -3.87
CA PRO A 105 -7.12 17.14 -4.76
C PRO A 105 -6.79 18.41 -5.53
N GLN A 106 -6.75 19.51 -4.82
CA GLN A 106 -6.43 20.77 -5.41
C GLN A 106 -5.41 21.51 -4.56
N GLU A 107 -5.70 21.64 -3.27
CA GLU A 107 -4.82 22.37 -2.37
C GLU A 107 -4.15 21.45 -1.35
N ARG A 108 -4.50 20.18 -1.36
CA ARG A 108 -3.92 19.25 -0.39
C ARG A 108 -2.62 18.67 -0.90
N TRP A 109 -2.28 19.00 -2.14
CA TRP A 109 -1.00 18.59 -2.74
C TRP A 109 0.14 19.21 -1.96
N GLN A 110 -0.07 20.44 -1.52
CA GLN A 110 0.91 21.21 -0.78
C GLN A 110 1.32 20.51 0.52
N THR A 111 0.34 19.95 1.21
CA THR A 111 0.60 19.30 2.48
C THR A 111 0.79 17.79 2.30
N TYR A 112 -0.28 17.12 1.93
CA TYR A 112 -0.30 15.67 1.83
C TYR A 112 0.53 15.16 0.67
N GLY A 113 0.56 15.91 -0.41
CA GLY A 113 1.37 15.51 -1.55
C GLY A 113 2.84 15.45 -1.19
N ALA A 114 3.29 16.45 -0.44
CA ALA A 114 4.66 16.49 0.03
C ALA A 114 4.93 15.31 0.96
N GLU A 115 3.97 15.02 1.82
CA GLU A 115 4.08 13.91 2.77
C GLU A 115 4.20 12.59 2.02
N SER A 116 3.38 12.42 1.00
CA SER A 116 3.40 11.23 0.18
C SER A 116 4.76 11.07 -0.50
N SER A 117 5.28 12.17 -1.04
CA SER A 117 6.57 12.17 -1.72
C SER A 117 7.70 11.80 -0.75
N ARG A 118 7.67 12.43 0.42
CA ARG A 118 8.67 12.18 1.46
C ARG A 118 8.61 10.74 1.95
N GLN A 119 7.41 10.25 2.15
CA GLN A 119 7.19 8.92 2.65
C GLN A 119 7.63 7.87 1.61
N LEU A 120 7.37 8.14 0.34
CA LEU A 120 7.80 7.26 -0.74
C LEU A 120 9.30 7.18 -0.80
N ALA A 121 9.93 8.29 -0.58
CA ALA A 121 11.37 8.35 -0.53
C ALA A 121 11.86 7.43 0.60
N VAL A 122 11.13 7.42 1.71
CA VAL A 122 11.42 6.54 2.83
C VAL A 122 11.28 5.08 2.41
N ALA A 123 10.19 4.76 1.68
CA ALA A 123 9.96 3.39 1.22
C ALA A 123 11.10 2.92 0.33
N LEU A 124 11.51 3.78 -0.59
CA LEU A 124 12.60 3.48 -1.50
C LEU A 124 13.92 3.36 -0.74
N GLU A 125 14.13 4.24 0.23
CA GLU A 125 15.35 4.22 1.00
C GLU A 125 15.44 2.95 1.86
N ALA A 126 14.34 2.61 2.53
CA ALA A 126 14.28 1.45 3.40
C ALA A 126 14.45 0.14 2.61
N ASN A 127 13.72 0.01 1.51
CA ASN A 127 13.90 -1.14 0.64
C ASN A 127 13.86 -0.67 -0.80
N PRO A 128 15.03 -0.49 -1.42
CA PRO A 128 15.12 0.01 -2.80
C PRO A 128 14.52 -0.95 -3.82
N ALA A 129 14.42 -2.22 -3.47
CA ALA A 129 13.89 -3.23 -4.37
C ALA A 129 12.39 -3.47 -4.15
N ASN A 130 11.80 -2.70 -3.25
CA ASN A 130 10.39 -2.85 -2.88
C ASN A 130 9.48 -2.55 -4.08
N PRO A 131 8.64 -3.53 -4.49
CA PRO A 131 7.73 -3.37 -5.65
C PRO A 131 6.66 -2.32 -5.39
N ARG A 132 6.15 -2.31 -4.17
CA ARG A 132 5.13 -1.37 -3.78
C ARG A 132 5.67 0.05 -3.74
N ALA A 133 6.92 0.18 -3.30
CA ALA A 133 7.59 1.47 -3.27
C ALA A 133 7.69 2.04 -4.67
N TYR A 134 8.06 1.18 -5.62
CA TYR A 134 8.16 1.59 -7.01
C TYR A 134 6.78 1.94 -7.57
N PHE A 135 5.78 1.12 -7.20
CA PHE A 135 4.41 1.28 -7.69
C PHE A 135 3.83 2.61 -7.31
N LEU A 136 3.95 2.96 -6.06
CA LEU A 136 3.41 4.20 -5.57
C LEU A 136 4.11 5.37 -6.21
N GLN A 137 5.42 5.24 -6.37
CA GLN A 137 6.21 6.27 -7.00
C GLN A 137 5.78 6.47 -8.44
N ALA A 138 5.57 5.36 -9.16
CA ALA A 138 5.15 5.42 -10.56
C ALA A 138 3.79 6.09 -10.67
N GLN A 139 2.87 5.70 -9.80
CA GLN A 139 1.54 6.28 -9.78
C GLN A 139 1.61 7.75 -9.46
N SER A 140 2.40 8.10 -8.46
CA SER A 140 2.54 9.47 -8.05
C SER A 140 3.09 10.31 -9.20
N LEU A 141 4.12 9.79 -9.87
CA LEU A 141 4.74 10.49 -11.01
C LEU A 141 3.76 10.67 -12.15
N LEU A 142 2.98 9.63 -12.42
CA LEU A 142 1.98 9.66 -13.48
C LEU A 142 0.90 10.71 -13.21
N TYR A 143 0.47 10.78 -11.98
CA TYR A 143 -0.62 11.68 -11.60
C TYR A 143 -0.11 13.00 -11.01
N THR A 144 1.18 13.26 -11.18
CA THR A 144 1.77 14.50 -10.69
C THR A 144 1.17 15.71 -11.43
N PRO A 145 0.74 16.74 -10.68
CA PRO A 145 0.21 17.97 -11.27
C PRO A 145 1.34 18.95 -11.65
N ALA A 146 2.38 18.40 -12.31
CA ALA A 146 3.57 19.16 -12.77
C ALA A 146 4.42 19.73 -11.61
N GLN A 147 3.86 19.73 -10.40
CA GLN A 147 4.54 20.30 -9.23
C GLN A 147 5.81 19.53 -8.87
N PHE A 148 5.75 18.22 -8.97
CA PHE A 148 6.87 17.37 -8.58
C PHE A 148 7.72 16.97 -9.78
N GLY A 149 7.42 17.54 -10.94
CA GLY A 149 8.18 17.22 -12.14
C GLY A 149 8.02 15.79 -12.58
N GLY A 150 6.80 15.28 -12.50
CA GLY A 150 6.54 13.92 -12.86
C GLY A 150 6.28 13.73 -14.34
N GLY A 151 5.41 12.81 -14.65
CA GLY A 151 5.09 12.50 -16.02
C GLY A 151 5.16 11.03 -16.30
N LYS A 152 4.58 10.61 -17.41
CA LYS A 152 4.58 9.19 -17.80
C LYS A 152 6.00 8.67 -17.99
N ASP A 153 6.88 9.53 -18.49
CA ASP A 153 8.29 9.16 -18.71
C ASP A 153 8.96 8.80 -17.41
N LYS A 154 8.66 9.57 -16.38
CA LYS A 154 9.23 9.37 -15.07
C LYS A 154 8.69 8.08 -14.45
N ALA A 155 7.41 7.84 -14.67
CA ALA A 155 6.72 6.68 -14.12
C ALA A 155 7.14 5.36 -14.78
N LEU A 156 7.65 5.43 -16.01
CA LEU A 156 8.00 4.23 -16.77
C LEU A 156 8.98 3.28 -16.05
N PRO A 157 10.16 3.77 -15.57
CA PRO A 157 11.13 2.90 -14.89
C PRO A 157 10.57 2.32 -13.59
N PHE A 158 9.77 3.12 -12.90
CA PHE A 158 9.16 2.69 -11.65
C PHE A 158 8.09 1.63 -11.90
N ALA A 159 7.31 1.82 -12.95
CA ALA A 159 6.27 0.86 -13.30
C ALA A 159 6.88 -0.48 -13.67
N GLU A 160 7.96 -0.46 -14.44
CA GLU A 160 8.64 -1.68 -14.86
C GLU A 160 9.24 -2.42 -13.67
N LYS A 161 9.81 -1.65 -12.75
CA LYS A 161 10.40 -2.21 -11.55
C LYS A 161 9.38 -2.91 -10.69
N SER A 162 8.23 -2.29 -10.54
CA SER A 162 7.16 -2.87 -9.78
C SER A 162 6.74 -4.21 -10.38
N VAL A 163 6.50 -4.20 -11.69
CA VAL A 163 6.05 -5.39 -12.40
C VAL A 163 7.12 -6.48 -12.41
N SER A 164 8.38 -6.09 -12.59
CA SER A 164 9.48 -7.05 -12.64
C SER A 164 9.54 -7.85 -11.34
N CYS A 165 9.37 -7.18 -10.22
CA CYS A 165 9.37 -7.84 -8.93
C CYS A 165 8.22 -8.86 -8.84
N TYR A 166 7.03 -8.44 -9.29
CA TYR A 166 5.86 -9.33 -9.25
C TYR A 166 6.03 -10.48 -10.22
N ALA A 167 6.75 -10.25 -11.30
CA ALA A 167 7.05 -11.30 -12.26
C ALA A 167 7.83 -12.41 -11.58
N ALA A 168 8.78 -12.03 -10.72
CA ALA A 168 9.54 -12.98 -9.92
C ALA A 168 8.60 -13.70 -8.95
N ALA A 169 7.68 -12.93 -8.36
CA ALA A 169 6.66 -13.44 -7.45
C ALA A 169 7.22 -14.27 -6.31
N THR A 170 7.77 -13.59 -5.34
CA THR A 170 8.25 -14.25 -4.15
C THR A 170 7.47 -13.74 -2.94
N VAL A 171 6.58 -14.56 -2.45
CA VAL A 171 5.78 -14.23 -1.28
C VAL A 171 6.11 -15.18 -0.13
N SER A 172 6.59 -14.63 0.97
CA SER A 172 6.92 -15.41 2.14
C SER A 172 6.66 -14.59 3.42
N PRO A 173 6.34 -15.26 4.56
CA PRO A 173 6.22 -16.73 4.62
C PRO A 173 5.01 -17.26 3.85
N ALA A 174 3.91 -16.53 3.92
CA ALA A 174 2.68 -16.92 3.26
C ALA A 174 1.66 -15.80 3.36
N TYR A 175 1.56 -15.23 4.55
CA TYR A 175 0.62 -14.15 4.81
C TYR A 175 1.20 -12.80 4.42
N ALA A 176 2.33 -12.81 3.71
CA ALA A 176 2.94 -11.58 3.25
C ALA A 176 2.02 -10.88 2.25
N PRO A 177 2.03 -9.53 2.19
CA PRO A 177 1.11 -8.77 1.33
C PRO A 177 1.16 -9.19 -0.13
N HIS A 178 -0.02 -9.47 -0.70
CA HIS A 178 -0.13 -9.92 -2.09
C HIS A 178 -0.63 -8.77 -2.95
N TRP A 179 -1.05 -7.69 -2.32
CA TRP A 179 -1.66 -6.58 -3.01
C TRP A 179 -0.64 -5.76 -3.79
N GLY A 180 -1.12 -5.13 -4.85
CA GLY A 180 -0.29 -4.26 -5.65
C GLY A 180 0.23 -4.89 -6.92
N GLU A 181 0.16 -6.22 -7.05
CA GLU A 181 0.68 -6.89 -8.24
C GLU A 181 -0.13 -6.55 -9.49
N GLN A 182 -1.44 -6.68 -9.40
CA GLN A 182 -2.33 -6.42 -10.54
C GLN A 182 -2.28 -4.95 -10.93
N GLN A 183 -2.25 -4.10 -9.91
CA GLN A 183 -2.25 -2.66 -10.10
C GLN A 183 -0.99 -2.17 -10.80
N ALA A 184 0.15 -2.76 -10.44
CA ALA A 184 1.42 -2.35 -11.03
C ALA A 184 1.43 -2.63 -12.53
N ARG A 185 0.90 -3.77 -12.92
CA ARG A 185 0.85 -4.14 -14.33
C ARG A 185 0.04 -3.14 -15.14
N GLN A 186 -1.15 -2.78 -14.64
CA GLN A 186 -2.00 -1.84 -15.36
C GLN A 186 -1.40 -0.45 -15.36
N LEU A 187 -0.67 -0.13 -14.30
CA LEU A 187 -0.05 1.17 -14.19
C LEU A 187 0.99 1.35 -15.28
N LEU A 188 1.75 0.29 -15.56
CA LEU A 188 2.76 0.33 -16.59
C LEU A 188 2.11 0.60 -17.96
N MET A 189 1.00 -0.09 -18.25
CA MET A 189 0.32 0.11 -19.53
C MET A 189 -0.33 1.47 -19.60
N LEU A 190 -0.65 2.04 -18.45
CA LEU A 190 -1.14 3.40 -18.42
C LEU A 190 -0.01 4.37 -18.75
N CYS A 191 1.20 4.05 -18.29
CA CYS A 191 2.36 4.90 -18.52
C CYS A 191 2.92 4.74 -19.93
N LYS A 192 3.18 3.50 -20.36
CA LYS A 192 3.71 3.28 -21.71
C LYS A 192 2.60 3.38 -22.73
N ALA A 193 1.40 3.07 -22.28
CA ALA A 193 0.22 3.07 -23.11
C ALA A 193 0.31 2.03 -24.23
N GLU A 194 -0.65 2.05 -25.12
CA GLU A 194 -0.71 1.10 -26.19
C GLU A 194 -0.28 1.72 -27.51
N THR A 195 0.84 1.27 -28.04
CA THR A 195 1.36 1.78 -29.29
C THR A 195 2.25 0.73 -29.99
N GLN A 196 3.25 0.24 -29.27
CA GLN A 196 4.20 -0.69 -29.86
C GLN A 196 4.15 -2.07 -29.22
N GLU A 197 4.22 -3.09 -30.06
CA GLU A 197 4.29 -4.48 -29.65
C GLU A 197 3.18 -4.87 -28.68
N LEU A 198 1.97 -4.98 -29.22
CA LEU A 198 0.82 -5.37 -28.44
C LEU A 198 0.33 -6.69 -28.93
N VAL A 199 0.85 -7.74 -28.34
CA VAL A 199 0.53 -9.08 -28.74
C VAL A 199 0.11 -9.92 -27.54
N PRO A 200 -0.64 -11.00 -27.77
CA PRO A 200 -1.02 -11.91 -26.70
C PRO A 200 0.20 -12.64 -26.17
N ARG A 201 0.24 -12.87 -24.88
CA ARG A 201 1.37 -13.52 -24.27
C ARG A 201 0.91 -14.70 -23.43
N MET A 1 -11.97 -18.00 15.77
CA MET A 1 -12.24 -19.44 15.96
C MET A 1 -12.24 -20.17 14.63
N GLY A 2 -11.67 -21.36 14.61
CA GLY A 2 -11.70 -22.21 13.42
C GLY A 2 -10.55 -21.97 12.47
N GLN A 3 -10.23 -23.02 11.70
CA GLN A 3 -9.22 -22.99 10.63
C GLN A 3 -7.77 -22.84 11.13
N GLY A 4 -7.59 -22.13 12.22
CA GLY A 4 -6.26 -21.97 12.76
C GLY A 4 -6.27 -21.36 14.14
N THR A 5 -5.29 -21.71 14.94
CA THR A 5 -5.16 -21.20 16.29
C THR A 5 -3.86 -20.45 16.47
N ALA A 6 -2.95 -20.68 15.56
CA ALA A 6 -1.67 -20.03 15.58
C ALA A 6 -1.75 -18.67 14.91
N TYR A 7 -0.83 -17.79 15.27
CA TYR A 7 -0.78 -16.44 14.71
C TYR A 7 -0.67 -16.51 13.19
N ALA A 8 0.24 -17.33 12.71
CA ALA A 8 0.44 -17.50 11.28
C ALA A 8 -0.81 -18.08 10.62
N GLU A 9 -1.43 -19.07 11.27
CA GLU A 9 -2.61 -19.73 10.72
C GLU A 9 -3.77 -18.75 10.62
N VAL A 10 -3.94 -17.94 11.65
CA VAL A 10 -5.01 -16.96 11.70
C VAL A 10 -4.84 -15.94 10.58
N MET A 11 -3.61 -15.43 10.43
CA MET A 11 -3.33 -14.45 9.39
C MET A 11 -3.50 -15.03 8.01
N ASN A 12 -3.11 -16.29 7.82
CA ASN A 12 -3.24 -16.93 6.52
C ASN A 12 -4.70 -16.93 6.07
N ARG A 13 -5.58 -17.22 6.99
CA ARG A 13 -7.01 -17.20 6.72
C ARG A 13 -7.50 -15.79 6.37
N LYS A 14 -7.10 -14.83 7.19
CA LYS A 14 -7.54 -13.46 7.04
C LYS A 14 -7.00 -12.82 5.76
N VAL A 15 -5.73 -13.07 5.48
CA VAL A 15 -5.08 -12.56 4.30
C VAL A 15 -5.67 -13.20 3.04
N ALA A 16 -5.96 -14.49 3.11
CA ALA A 16 -6.56 -15.18 1.97
C ALA A 16 -7.92 -14.56 1.61
N ALA A 17 -8.68 -14.19 2.63
CA ALA A 17 -9.98 -13.56 2.42
C ALA A 17 -9.82 -12.14 1.90
N LEU A 18 -8.65 -11.56 2.14
CA LEU A 18 -8.35 -10.19 1.76
C LEU A 18 -8.49 -10.01 0.24
N ASP A 19 -8.01 -11.00 -0.53
CA ASP A 19 -8.14 -10.96 -1.99
C ASP A 19 -9.60 -10.99 -2.43
N SER A 20 -10.37 -11.87 -1.81
CA SER A 20 -11.77 -12.06 -2.17
C SER A 20 -12.66 -10.90 -1.72
N VAL A 21 -12.42 -10.41 -0.52
CA VAL A 21 -13.24 -9.35 0.05
C VAL A 21 -12.98 -8.01 -0.67
N PRO A 22 -14.03 -7.20 -0.88
CA PRO A 22 -13.89 -5.87 -1.48
C PRO A 22 -13.19 -4.89 -0.52
N PRO A 23 -12.52 -3.85 -1.06
CA PRO A 23 -11.79 -2.87 -0.25
C PRO A 23 -12.71 -2.09 0.69
N THR A 24 -13.99 -2.08 0.38
CA THR A 24 -14.97 -1.39 1.18
C THR A 24 -15.18 -2.09 2.53
N GLU A 25 -14.96 -3.39 2.56
CA GLU A 25 -15.15 -4.17 3.77
C GLU A 25 -13.83 -4.43 4.49
N TYR A 26 -12.81 -3.68 4.13
CA TYR A 26 -11.51 -3.77 4.80
C TYR A 26 -11.62 -3.30 6.25
N ALA A 27 -12.68 -2.55 6.53
CA ALA A 27 -12.91 -2.01 7.86
C ALA A 27 -13.01 -3.11 8.91
N THR A 28 -13.70 -4.19 8.57
CA THR A 28 -13.83 -5.29 9.50
C THR A 28 -12.51 -6.03 9.66
N LEU A 29 -11.75 -6.11 8.58
CA LEU A 29 -10.48 -6.82 8.64
C LEU A 29 -9.47 -6.04 9.46
N ALA A 30 -9.48 -4.72 9.29
CA ALA A 30 -8.58 -3.86 10.07
C ALA A 30 -8.88 -4.03 11.55
N ALA A 31 -10.17 -4.09 11.86
CA ALA A 31 -10.60 -4.31 13.21
C ALA A 31 -10.13 -5.68 13.70
N ASP A 32 -10.23 -6.67 12.83
CA ASP A 32 -9.85 -8.04 13.15
C ASP A 32 -8.35 -8.13 13.44
N PHE A 33 -7.54 -7.51 12.57
CA PHE A 33 -6.10 -7.51 12.73
C PHE A 33 -5.69 -6.76 13.99
N SER A 34 -6.38 -5.65 14.28
CA SER A 34 -6.08 -4.86 15.46
C SER A 34 -6.32 -5.68 16.73
N ARG A 35 -7.31 -6.57 16.67
CA ARG A 35 -7.64 -7.46 17.78
C ARG A 35 -6.45 -8.38 18.03
N ILE A 36 -5.86 -8.87 16.94
CA ILE A 36 -4.70 -9.74 16.99
C ILE A 36 -3.50 -8.98 17.55
N ALA A 37 -3.30 -7.78 17.02
CA ALA A 37 -2.19 -6.91 17.40
C ALA A 37 -2.27 -6.52 18.88
N ALA A 38 -3.48 -6.33 19.38
CA ALA A 38 -3.69 -5.95 20.77
C ALA A 38 -3.13 -7.00 21.71
N VAL A 39 -3.29 -8.25 21.36
CA VAL A 39 -2.79 -9.33 22.16
C VAL A 39 -1.32 -9.53 21.88
N GLU A 40 -0.59 -9.77 22.91
CA GLU A 40 0.84 -9.97 22.81
C GLU A 40 1.13 -11.32 22.18
N GLY A 41 2.21 -11.39 21.43
CA GLY A 41 2.56 -12.59 20.71
C GLY A 41 2.39 -12.38 19.24
N SER A 42 1.62 -11.36 18.90
CA SER A 42 1.44 -10.96 17.53
C SER A 42 2.69 -10.24 17.04
N ASP A 43 2.81 -10.07 15.74
CA ASP A 43 3.99 -9.44 15.19
C ASP A 43 3.62 -8.10 14.56
N TRP A 44 4.61 -7.42 14.03
CA TRP A 44 4.44 -6.10 13.42
C TRP A 44 3.49 -6.20 12.23
N MET A 45 3.43 -7.40 11.66
CA MET A 45 2.65 -7.65 10.46
C MET A 45 1.17 -7.43 10.74
N ALA A 46 0.73 -7.80 11.94
CA ALA A 46 -0.66 -7.58 12.33
C ALA A 46 -0.96 -6.08 12.31
N ALA A 47 0.00 -5.30 12.84
CA ALA A 47 -0.10 -3.85 12.85
C ALA A 47 -0.10 -3.30 11.42
N TYR A 48 0.74 -3.91 10.58
CA TYR A 48 0.86 -3.54 9.18
C TYR A 48 -0.47 -3.69 8.47
N TYR A 49 -1.10 -4.84 8.63
CA TYR A 49 -2.39 -5.09 8.01
C TYR A 49 -3.49 -4.22 8.60
N THR A 50 -3.40 -3.96 9.90
CA THR A 50 -4.40 -3.11 10.54
C THR A 50 -4.39 -1.74 9.87
N ALA A 51 -3.20 -1.17 9.72
CA ALA A 51 -3.06 0.12 9.07
C ALA A 51 -3.47 0.04 7.61
N TYR A 52 -3.03 -1.03 6.93
CA TYR A 52 -3.32 -1.25 5.52
C TYR A 52 -4.81 -1.32 5.23
N CYS A 53 -5.50 -2.16 5.96
CA CYS A 53 -6.92 -2.36 5.77
C CYS A 53 -7.70 -1.09 6.03
N ARG A 54 -7.29 -0.33 7.04
CA ARG A 54 -7.98 0.90 7.39
C ARG A 54 -7.73 1.99 6.32
N ILE A 55 -6.50 2.06 5.85
CA ILE A 55 -6.07 3.08 4.86
C ILE A 55 -6.69 2.91 3.46
N ILE A 56 -6.81 1.69 2.98
CA ILE A 56 -7.30 1.46 1.60
C ILE A 56 -8.70 2.10 1.32
N PRO A 57 -9.72 1.86 2.17
CA PRO A 57 -11.05 2.46 1.98
C PRO A 57 -11.03 3.97 2.19
N ALA A 58 -9.98 4.47 2.85
CA ALA A 58 -9.83 5.90 3.15
C ALA A 58 -9.79 6.73 1.87
N PHE A 59 -9.19 6.18 0.83
CA PHE A 59 -9.11 6.86 -0.46
C PHE A 59 -10.51 7.19 -0.98
N GLY A 60 -11.43 6.26 -0.79
CA GLY A 60 -12.78 6.48 -1.21
C GLY A 60 -13.67 6.96 -0.08
N ASN A 61 -13.06 7.31 1.04
CA ASN A 61 -13.79 7.74 2.22
C ASN A 61 -13.05 8.90 2.90
N PRO A 62 -12.92 10.02 2.20
CA PRO A 62 -12.15 11.18 2.66
C PRO A 62 -12.78 11.86 3.88
N SER A 63 -14.09 11.71 4.04
CA SER A 63 -14.83 12.39 5.11
C SER A 63 -14.31 12.00 6.50
N GLU A 64 -14.06 10.73 6.71
CA GLU A 64 -13.58 10.26 8.00
C GLU A 64 -12.19 9.68 7.87
N ALA A 65 -11.56 9.94 6.74
CA ALA A 65 -10.26 9.37 6.42
C ALA A 65 -9.21 9.77 7.44
N ASP A 66 -9.27 11.00 7.90
CA ASP A 66 -8.28 11.51 8.84
C ASP A 66 -8.39 10.77 10.17
N ARG A 67 -9.61 10.60 10.63
CA ARG A 67 -9.90 9.96 11.89
C ARG A 67 -9.48 8.49 11.88
N LEU A 68 -9.75 7.80 10.78
CA LEU A 68 -9.35 6.41 10.66
C LEU A 68 -7.85 6.31 10.38
N CYS A 69 -7.31 7.36 9.77
CA CYS A 69 -5.88 7.47 9.52
C CYS A 69 -5.13 7.46 10.83
N GLU A 70 -5.69 8.12 11.83
CA GLU A 70 -5.07 8.23 13.15
C GLU A 70 -4.84 6.85 13.75
N GLU A 71 -5.83 5.96 13.57
CA GLU A 71 -5.70 4.59 14.06
C GLU A 71 -4.56 3.89 13.34
N ALA A 72 -4.51 4.07 12.03
CA ALA A 72 -3.47 3.48 11.21
C ALA A 72 -2.10 4.03 11.58
N GLU A 73 -2.07 5.33 11.83
CA GLU A 73 -0.86 6.03 12.19
C GLU A 73 -0.27 5.46 13.48
N SER A 74 -1.11 5.26 14.46
CA SER A 74 -0.68 4.69 15.73
C SER A 74 -0.16 3.25 15.51
N MET A 75 -0.87 2.50 14.68
CA MET A 75 -0.50 1.13 14.37
C MET A 75 0.85 1.08 13.64
N LEU A 76 1.07 2.06 12.76
CA LEU A 76 2.32 2.15 12.02
C LEU A 76 3.48 2.33 12.99
N SER A 77 3.25 3.10 14.04
CA SER A 77 4.25 3.34 15.06
C SER A 77 4.62 2.02 15.74
N LYS A 78 3.62 1.21 15.98
CA LYS A 78 3.82 -0.08 16.60
C LYS A 78 4.62 -1.02 15.67
N ALA A 79 4.32 -0.95 14.38
CA ALA A 79 5.00 -1.77 13.37
C ALA A 79 6.50 -1.48 13.31
N GLU A 80 6.85 -0.20 13.34
CA GLU A 80 8.25 0.20 13.30
C GLU A 80 8.97 -0.14 14.61
N SER A 81 8.21 -0.09 15.71
CA SER A 81 8.74 -0.37 17.02
C SER A 81 9.22 -1.82 17.14
N LEU A 82 8.49 -2.73 16.52
CA LEU A 82 8.84 -4.15 16.58
C LEU A 82 9.95 -4.49 15.60
N GLY A 83 10.42 -3.51 14.83
CA GLY A 83 11.51 -3.76 13.93
C GLY A 83 11.03 -4.33 12.61
N GLY A 84 9.82 -4.00 12.25
CA GLY A 84 9.28 -4.46 11.01
C GLY A 84 9.79 -3.65 9.84
N ASP A 85 9.38 -4.02 8.65
CA ASP A 85 9.83 -3.33 7.45
C ASP A 85 9.33 -1.91 7.39
N LEU A 86 10.28 -0.99 7.43
CA LEU A 86 9.98 0.44 7.38
C LEU A 86 9.33 0.78 6.06
N SER A 87 9.84 0.20 4.99
CA SER A 87 9.38 0.49 3.65
C SER A 87 7.89 0.13 3.50
N GLU A 88 7.52 -1.04 4.04
CA GLU A 88 6.14 -1.52 3.96
C GLU A 88 5.18 -0.57 4.67
N ILE A 89 5.57 -0.08 5.82
CA ILE A 89 4.70 0.81 6.56
C ILE A 89 4.80 2.25 6.06
N ALA A 90 5.96 2.59 5.50
CA ALA A 90 6.17 3.91 4.92
C ALA A 90 5.26 4.13 3.71
N CYS A 91 5.10 3.07 2.89
CA CYS A 91 4.24 3.18 1.73
C CYS A 91 2.77 3.29 2.15
N LEU A 92 2.45 2.72 3.30
CA LEU A 92 1.11 2.87 3.84
C LEU A 92 0.91 4.31 4.32
N ARG A 93 1.98 4.84 4.91
CA ARG A 93 1.99 6.21 5.42
C ARG A 93 1.72 7.22 4.31
N SER A 94 2.39 7.02 3.17
CA SER A 94 2.23 7.91 2.03
C SER A 94 0.80 7.87 1.52
N MET A 95 0.21 6.69 1.51
CA MET A 95 -1.17 6.54 1.10
C MET A 95 -2.10 7.27 2.04
N ALA A 96 -1.78 7.20 3.34
CA ALA A 96 -2.58 7.86 4.35
C ALA A 96 -2.60 9.38 4.13
N ALA A 97 -1.44 9.94 3.79
CA ALA A 97 -1.37 11.35 3.48
C ALA A 97 -2.20 11.66 2.23
N SER A 98 -2.11 10.78 1.24
CA SER A 98 -2.82 10.93 -0.02
C SER A 98 -4.34 10.85 0.18
N ALA A 99 -4.78 9.91 1.02
CA ALA A 99 -6.21 9.74 1.29
C ALA A 99 -6.81 11.00 1.91
N ARG A 100 -6.08 11.59 2.83
CA ARG A 100 -6.50 12.83 3.48
C ARG A 100 -6.43 13.99 2.49
N LEU A 101 -5.52 13.90 1.54
CA LEU A 101 -5.38 14.91 0.49
C LEU A 101 -6.65 14.94 -0.36
N LEU A 102 -7.22 13.76 -0.57
CA LEU A 102 -8.40 13.59 -1.42
C LEU A 102 -9.66 14.24 -0.83
N VAL A 103 -9.57 14.73 0.41
CA VAL A 103 -10.68 15.45 1.03
C VAL A 103 -10.98 16.68 0.17
N ASN A 104 -9.92 17.35 -0.24
CA ASN A 104 -9.99 18.47 -1.14
C ASN A 104 -8.66 18.64 -1.85
N PRO A 105 -8.57 18.13 -3.10
CA PRO A 105 -7.35 18.22 -3.91
C PRO A 105 -7.15 19.65 -4.43
N GLN A 106 -7.19 20.59 -3.52
CA GLN A 106 -7.02 21.99 -3.81
C GLN A 106 -5.84 22.54 -3.06
N GLU A 107 -5.91 22.44 -1.74
CA GLU A 107 -4.90 23.01 -0.87
C GLU A 107 -4.11 21.93 -0.14
N ARG A 108 -4.65 20.72 -0.09
CA ARG A 108 -4.02 19.61 0.65
C ARG A 108 -2.69 19.18 0.02
N TRP A 109 -2.43 19.69 -1.17
CA TRP A 109 -1.21 19.39 -1.91
C TRP A 109 0.02 19.87 -1.15
N GLN A 110 -0.09 21.02 -0.50
CA GLN A 110 1.03 21.64 0.18
C GLN A 110 1.60 20.77 1.29
N THR A 111 0.75 20.19 2.11
CA THR A 111 1.21 19.39 3.23
C THR A 111 1.19 17.90 2.90
N TYR A 112 0.01 17.39 2.61
CA TYR A 112 -0.15 15.97 2.36
C TYR A 112 0.58 15.51 1.12
N GLY A 113 0.56 16.33 0.09
CA GLY A 113 1.27 15.99 -1.13
C GLY A 113 2.75 15.84 -0.89
N ALA A 114 3.31 16.79 -0.15
CA ALA A 114 4.73 16.75 0.19
C ALA A 114 5.04 15.55 1.07
N GLU A 115 4.20 15.31 2.06
CA GLU A 115 4.40 14.20 2.99
C GLU A 115 4.35 12.85 2.31
N SER A 116 3.38 12.65 1.43
CA SER A 116 3.28 11.40 0.71
C SER A 116 4.50 11.17 -0.15
N SER A 117 5.00 12.23 -0.78
CA SER A 117 6.19 12.14 -1.61
C SER A 117 7.41 11.78 -0.77
N ARG A 118 7.51 12.43 0.39
CA ARG A 118 8.62 12.18 1.32
C ARG A 118 8.57 10.77 1.87
N GLN A 119 7.37 10.31 2.17
CA GLN A 119 7.19 8.97 2.71
C GLN A 119 7.58 7.91 1.69
N LEU A 120 7.24 8.17 0.42
CA LEU A 120 7.62 7.27 -0.66
C LEU A 120 9.13 7.21 -0.82
N ALA A 121 9.75 8.35 -0.67
CA ALA A 121 11.20 8.42 -0.71
C ALA A 121 11.78 7.56 0.40
N VAL A 122 11.13 7.59 1.56
CA VAL A 122 11.50 6.74 2.69
C VAL A 122 11.32 5.27 2.32
N ALA A 123 10.19 4.96 1.66
CA ALA A 123 9.91 3.59 1.25
C ALA A 123 10.99 3.08 0.30
N LEU A 124 11.37 3.92 -0.64
CA LEU A 124 12.42 3.59 -1.59
C LEU A 124 13.76 3.40 -0.88
N GLU A 125 14.02 4.26 0.08
CA GLU A 125 15.25 4.20 0.83
C GLU A 125 15.31 2.95 1.71
N ALA A 126 14.21 2.65 2.39
CA ALA A 126 14.13 1.47 3.25
C ALA A 126 14.28 0.18 2.44
N ASN A 127 13.51 0.07 1.35
CA ASN A 127 13.67 -1.06 0.44
C ASN A 127 13.69 -0.56 -1.00
N PRO A 128 14.88 -0.51 -1.62
CA PRO A 128 15.05 0.01 -2.99
C PRO A 128 14.47 -0.91 -4.06
N ALA A 129 14.12 -2.11 -3.68
CA ALA A 129 13.55 -3.06 -4.62
C ALA A 129 12.06 -3.25 -4.36
N ASN A 130 11.51 -2.46 -3.45
CA ASN A 130 10.10 -2.60 -3.07
C ASN A 130 9.19 -2.19 -4.22
N PRO A 131 8.36 -3.14 -4.72
CA PRO A 131 7.47 -2.87 -5.84
C PRO A 131 6.38 -1.87 -5.48
N ARG A 132 5.90 -1.95 -4.26
CA ARG A 132 4.87 -1.06 -3.78
C ARG A 132 5.34 0.37 -3.70
N ALA A 133 6.59 0.56 -3.31
CA ALA A 133 7.18 1.89 -3.23
C ALA A 133 7.21 2.53 -4.62
N TYR A 134 7.61 1.76 -5.63
CA TYR A 134 7.65 2.24 -7.00
C TYR A 134 6.25 2.43 -7.56
N PHE A 135 5.34 1.54 -7.17
CA PHE A 135 3.96 1.61 -7.62
C PHE A 135 3.32 2.92 -7.23
N LEU A 136 3.47 3.29 -5.97
CA LEU A 136 2.90 4.52 -5.49
C LEU A 136 3.54 5.71 -6.17
N GLN A 137 4.85 5.63 -6.40
CA GLN A 137 5.55 6.68 -7.12
C GLN A 137 5.02 6.79 -8.54
N ALA A 138 4.81 5.66 -9.19
CA ALA A 138 4.29 5.64 -10.54
C ALA A 138 2.90 6.25 -10.59
N GLN A 139 2.06 5.87 -9.65
CA GLN A 139 0.72 6.41 -9.57
C GLN A 139 0.74 7.90 -9.29
N SER A 140 1.53 8.30 -8.31
CA SER A 140 1.62 9.70 -7.96
C SER A 140 2.17 10.52 -9.12
N LEU A 141 3.26 10.05 -9.72
CA LEU A 141 3.91 10.75 -10.83
C LEU A 141 2.98 10.87 -12.03
N LEU A 142 2.24 9.82 -12.30
CA LEU A 142 1.31 9.82 -13.43
C LEU A 142 0.22 10.87 -13.23
N TYR A 143 -0.30 10.97 -12.02
CA TYR A 143 -1.43 11.84 -11.74
C TYR A 143 -1.01 13.14 -11.05
N THR A 144 0.28 13.48 -11.08
CA THR A 144 0.76 14.70 -10.47
C THR A 144 0.27 15.94 -11.20
N PRO A 145 -0.09 16.97 -10.44
CA PRO A 145 -0.41 18.28 -11.00
C PRO A 145 0.87 19.04 -11.37
N ALA A 146 0.72 20.28 -11.78
CA ALA A 146 1.85 21.11 -12.20
C ALA A 146 2.86 21.31 -11.07
N GLN A 147 2.41 21.11 -9.83
CA GLN A 147 3.26 21.26 -8.65
C GLN A 147 4.47 20.35 -8.71
N PHE A 148 4.27 19.11 -9.09
CA PHE A 148 5.35 18.15 -9.13
C PHE A 148 5.88 18.00 -10.55
N GLY A 149 5.01 18.22 -11.53
CA GLY A 149 5.43 18.19 -12.92
C GLY A 149 5.84 16.80 -13.37
N GLY A 150 5.07 15.81 -12.99
CA GLY A 150 5.39 14.45 -13.35
C GLY A 150 4.89 14.07 -14.75
N GLY A 151 4.09 13.04 -14.82
CA GLY A 151 3.59 12.57 -16.08
C GLY A 151 3.92 11.10 -16.28
N LYS A 152 3.41 10.52 -17.37
CA LYS A 152 3.67 9.10 -17.65
C LYS A 152 5.15 8.87 -17.88
N ASP A 153 5.82 9.89 -18.40
CA ASP A 153 7.26 9.86 -18.63
C ASP A 153 8.03 9.63 -17.34
N LYS A 154 7.58 10.28 -16.28
CA LYS A 154 8.27 10.17 -15.00
C LYS A 154 7.87 8.89 -14.28
N ALA A 155 6.64 8.44 -14.53
CA ALA A 155 6.11 7.23 -13.90
C ALA A 155 6.54 6.00 -14.69
N LEU A 156 7.10 6.24 -15.86
CA LEU A 156 7.51 5.20 -16.79
C LEU A 156 8.45 4.14 -16.15
N PRO A 157 9.60 4.55 -15.54
CA PRO A 157 10.53 3.59 -14.94
C PRO A 157 9.95 2.97 -13.67
N PHE A 158 9.11 3.72 -12.98
CA PHE A 158 8.52 3.27 -11.73
C PHE A 158 7.51 2.16 -11.96
N ALA A 159 6.69 2.30 -12.99
CA ALA A 159 5.70 1.29 -13.32
C ALA A 159 6.37 -0.01 -13.71
N GLU A 160 7.42 0.08 -14.51
CA GLU A 160 8.15 -1.09 -14.96
C GLU A 160 8.88 -1.77 -13.80
N LYS A 161 9.45 -0.96 -12.91
CA LYS A 161 10.20 -1.47 -11.76
C LYS A 161 9.30 -2.29 -10.85
N SER A 162 8.15 -1.73 -10.51
CA SER A 162 7.22 -2.41 -9.62
C SER A 162 6.74 -3.73 -10.22
N VAL A 163 6.36 -3.71 -11.50
CA VAL A 163 5.87 -4.91 -12.18
C VAL A 163 6.98 -5.96 -12.28
N SER A 164 8.18 -5.51 -12.63
CA SER A 164 9.31 -6.39 -12.76
C SER A 164 9.60 -7.08 -11.42
N CYS A 165 9.53 -6.31 -10.36
CA CYS A 165 9.74 -6.82 -9.03
C CYS A 165 8.68 -7.86 -8.65
N TYR A 166 7.41 -7.60 -8.98
CA TYR A 166 6.32 -8.53 -8.64
C TYR A 166 6.55 -9.90 -9.27
N ALA A 167 7.16 -9.89 -10.45
CA ALA A 167 7.46 -11.13 -11.15
C ALA A 167 8.40 -12.02 -10.32
N ALA A 168 9.34 -11.40 -9.63
CA ALA A 168 10.31 -12.12 -8.82
C ALA A 168 9.88 -12.15 -7.37
N ALA A 169 8.74 -11.53 -7.08
CA ALA A 169 8.23 -11.45 -5.72
C ALA A 169 7.64 -12.74 -5.27
N THR A 170 8.49 -13.58 -4.73
CA THR A 170 8.04 -14.81 -4.16
C THR A 170 7.46 -14.52 -2.78
N VAL A 171 6.16 -14.56 -2.71
CA VAL A 171 5.45 -14.29 -1.47
C VAL A 171 5.80 -15.34 -0.40
N SER A 172 6.24 -14.85 0.74
CA SER A 172 6.61 -15.70 1.84
C SER A 172 6.38 -14.94 3.16
N PRO A 173 5.98 -15.64 4.24
CA PRO A 173 5.76 -17.10 4.25
C PRO A 173 4.54 -17.54 3.42
N ALA A 174 3.49 -16.73 3.45
CA ALA A 174 2.26 -17.03 2.74
C ALA A 174 1.28 -15.89 2.87
N TYR A 175 1.14 -15.41 4.09
CA TYR A 175 0.22 -14.32 4.37
C TYR A 175 0.86 -12.96 4.15
N ALA A 176 2.03 -12.96 3.52
CA ALA A 176 2.71 -11.71 3.19
C ALA A 176 1.87 -10.92 2.18
N PRO A 177 1.96 -9.58 2.17
CA PRO A 177 1.10 -8.73 1.32
C PRO A 177 1.12 -9.09 -0.16
N HIS A 178 -0.08 -9.24 -0.73
CA HIS A 178 -0.26 -9.59 -2.14
C HIS A 178 -0.83 -8.40 -2.91
N TRP A 179 -0.95 -7.27 -2.24
CA TRP A 179 -1.61 -6.13 -2.83
C TRP A 179 -0.69 -5.28 -3.68
N GLY A 180 -1.28 -4.61 -4.65
CA GLY A 180 -0.56 -3.70 -5.51
C GLY A 180 -0.07 -4.34 -6.78
N GLU A 181 -0.02 -5.66 -6.82
CA GLU A 181 0.47 -6.36 -8.01
C GLU A 181 -0.45 -6.13 -9.21
N GLN A 182 -1.74 -6.31 -9.00
CA GLN A 182 -2.71 -6.16 -10.08
C GLN A 182 -2.76 -4.73 -10.58
N GLN A 183 -2.73 -3.80 -9.64
CA GLN A 183 -2.80 -2.39 -9.97
C GLN A 183 -1.54 -1.92 -10.70
N ALA A 184 -0.38 -2.39 -10.25
CA ALA A 184 0.89 -2.01 -10.88
C ALA A 184 0.96 -2.47 -12.32
N ARG A 185 0.51 -3.69 -12.56
CA ARG A 185 0.55 -4.27 -13.90
C ARG A 185 -0.30 -3.48 -14.87
N GLN A 186 -1.49 -3.06 -14.45
CA GLN A 186 -2.35 -2.27 -15.30
C GLN A 186 -1.84 -0.84 -15.41
N LEU A 187 -1.20 -0.36 -14.33
CA LEU A 187 -0.64 0.99 -14.29
C LEU A 187 0.43 1.14 -15.34
N LEU A 188 1.26 0.11 -15.48
CA LEU A 188 2.30 0.10 -16.49
C LEU A 188 1.66 0.17 -17.89
N MET A 189 0.58 -0.57 -18.06
CA MET A 189 -0.15 -0.56 -19.33
C MET A 189 -0.68 0.80 -19.61
N LEU A 190 -1.17 1.41 -18.57
CA LEU A 190 -1.72 2.76 -18.67
C LEU A 190 -0.67 3.80 -19.05
N CYS A 191 0.53 3.70 -18.48
CA CYS A 191 1.56 4.68 -18.78
C CYS A 191 2.24 4.44 -20.12
N LYS A 192 2.72 3.23 -20.37
CA LYS A 192 3.36 2.95 -21.65
C LYS A 192 2.35 2.85 -22.75
N ALA A 193 1.28 2.15 -22.46
CA ALA A 193 0.20 1.85 -23.42
C ALA A 193 0.75 1.28 -24.73
N GLU A 194 1.97 0.76 -24.67
CA GLU A 194 2.63 0.24 -25.84
C GLU A 194 3.13 -1.17 -25.59
N THR A 195 2.68 -2.08 -26.41
CA THR A 195 3.10 -3.46 -26.36
C THR A 195 2.97 -4.06 -27.75
N GLN A 196 3.75 -5.09 -28.03
CA GLN A 196 3.72 -5.70 -29.34
C GLN A 196 4.06 -7.17 -29.27
N GLU A 197 3.65 -7.90 -30.28
CA GLU A 197 3.91 -9.32 -30.38
C GLU A 197 4.28 -9.65 -31.81
N LEU A 198 5.42 -10.30 -31.99
CA LEU A 198 5.89 -10.64 -33.33
C LEU A 198 5.07 -11.78 -33.91
N VAL A 199 4.76 -11.67 -35.19
CA VAL A 199 3.98 -12.68 -35.87
C VAL A 199 4.80 -13.39 -36.96
N PRO A 200 5.13 -14.67 -36.73
CA PRO A 200 5.84 -15.50 -37.71
C PRO A 200 5.05 -15.66 -39.01
N ARG A 201 5.76 -15.74 -40.11
CA ARG A 201 5.12 -15.91 -41.42
C ARG A 201 4.40 -17.24 -41.49
N MET A 1 -5.75 -30.57 13.30
CA MET A 1 -6.07 -29.57 12.28
C MET A 1 -6.66 -28.32 12.93
N GLY A 2 -5.85 -27.30 13.04
CA GLY A 2 -6.32 -26.08 13.62
C GLY A 2 -5.21 -25.06 13.77
N GLN A 3 -5.58 -23.82 13.96
CA GLN A 3 -4.61 -22.76 14.14
C GLN A 3 -3.85 -22.94 15.44
N GLY A 4 -4.54 -23.39 16.47
CA GLY A 4 -3.90 -23.62 17.75
C GLY A 4 -3.53 -22.33 18.44
N THR A 5 -4.20 -21.25 18.03
CA THR A 5 -3.96 -19.92 18.57
C THR A 5 -2.53 -19.41 18.24
N ALA A 6 -1.90 -20.08 17.28
CA ALA A 6 -0.58 -19.68 16.84
C ALA A 6 -0.67 -18.39 16.05
N TYR A 7 0.24 -17.47 16.29
CA TYR A 7 0.20 -16.16 15.65
C TYR A 7 0.27 -16.29 14.14
N ALA A 8 1.22 -17.08 13.67
CA ALA A 8 1.40 -17.30 12.24
C ALA A 8 0.15 -17.93 11.62
N GLU A 9 -0.38 -18.95 12.29
CA GLU A 9 -1.56 -19.64 11.79
C GLU A 9 -2.80 -18.77 11.79
N VAL A 10 -2.94 -17.96 12.84
CA VAL A 10 -4.06 -17.04 12.92
C VAL A 10 -3.98 -16.06 11.77
N MET A 11 -2.79 -15.50 11.56
CA MET A 11 -2.60 -14.55 10.49
C MET A 11 -2.77 -15.18 9.13
N ASN A 12 -2.28 -16.40 8.95
CA ASN A 12 -2.42 -17.09 7.67
C ASN A 12 -3.88 -17.26 7.32
N ARG A 13 -4.69 -17.62 8.32
CA ARG A 13 -6.12 -17.77 8.11
C ARG A 13 -6.77 -16.44 7.77
N LYS A 14 -6.39 -15.40 8.52
CA LYS A 14 -6.96 -14.06 8.33
C LYS A 14 -6.54 -13.47 7.00
N VAL A 15 -5.27 -13.63 6.65
CA VAL A 15 -4.77 -13.16 5.37
C VAL A 15 -5.40 -13.92 4.21
N ALA A 16 -5.58 -15.23 4.37
CA ALA A 16 -6.24 -16.02 3.34
C ALA A 16 -7.66 -15.53 3.13
N ALA A 17 -8.32 -15.18 4.23
CA ALA A 17 -9.66 -14.60 4.19
C ALA A 17 -9.60 -13.25 3.51
N LEU A 18 -8.53 -12.53 3.79
CA LEU A 18 -8.30 -11.19 3.28
C LEU A 18 -8.30 -11.19 1.75
N ASP A 19 -7.72 -12.22 1.16
CA ASP A 19 -7.71 -12.38 -0.30
C ASP A 19 -9.13 -12.52 -0.85
N SER A 20 -9.96 -13.26 -0.13
CA SER A 20 -11.31 -13.58 -0.60
C SER A 20 -12.35 -12.51 -0.22
N VAL A 21 -12.20 -11.94 0.95
CA VAL A 21 -13.15 -10.97 1.48
C VAL A 21 -13.15 -9.65 0.68
N PRO A 22 -14.34 -9.04 0.47
CA PRO A 22 -14.45 -7.74 -0.19
C PRO A 22 -13.71 -6.66 0.61
N PRO A 23 -13.13 -5.66 -0.08
CA PRO A 23 -12.36 -4.59 0.56
C PRO A 23 -13.19 -3.77 1.56
N THR A 24 -14.50 -3.75 1.37
CA THR A 24 -15.38 -3.01 2.26
C THR A 24 -15.46 -3.67 3.65
N GLU A 25 -15.24 -4.98 3.72
CA GLU A 25 -15.34 -5.71 4.97
C GLU A 25 -14.02 -5.74 5.71
N TYR A 26 -13.06 -4.98 5.23
CA TYR A 26 -11.75 -4.87 5.88
C TYR A 26 -11.89 -4.31 7.28
N ALA A 27 -12.99 -3.61 7.51
CA ALA A 27 -13.26 -3.02 8.81
C ALA A 27 -13.33 -4.08 9.90
N THR A 28 -13.90 -5.23 9.57
CA THR A 28 -14.04 -6.31 10.54
C THR A 28 -12.66 -6.87 10.86
N LEU A 29 -11.86 -7.01 9.81
CA LEU A 29 -10.55 -7.59 9.89
C LEU A 29 -9.57 -6.67 10.56
N ALA A 30 -9.71 -5.36 10.33
CA ALA A 30 -8.84 -4.39 10.95
C ALA A 30 -8.97 -4.46 12.45
N ALA A 31 -10.19 -4.59 12.93
CA ALA A 31 -10.45 -4.76 14.34
C ALA A 31 -9.88 -6.09 14.82
N ASP A 32 -10.02 -7.10 13.97
CA ASP A 32 -9.57 -8.45 14.27
C ASP A 32 -8.04 -8.48 14.45
N PHE A 33 -7.34 -7.84 13.53
CA PHE A 33 -5.89 -7.72 13.63
C PHE A 33 -5.51 -6.81 14.80
N SER A 34 -6.32 -5.78 15.03
CA SER A 34 -6.06 -4.79 16.08
C SER A 34 -6.08 -5.45 17.45
N ARG A 35 -7.05 -6.32 17.68
CA ARG A 35 -7.16 -7.00 18.95
C ARG A 35 -5.97 -7.93 19.15
N ILE A 36 -5.46 -8.48 18.06
CA ILE A 36 -4.27 -9.30 18.12
C ILE A 36 -3.09 -8.46 18.56
N ALA A 37 -2.96 -7.28 17.96
CA ALA A 37 -1.89 -6.33 18.26
C ALA A 37 -1.98 -5.87 19.71
N ALA A 38 -3.21 -5.71 20.20
CA ALA A 38 -3.45 -5.32 21.58
C ALA A 38 -2.87 -6.36 22.53
N VAL A 39 -3.01 -7.63 22.17
CA VAL A 39 -2.47 -8.69 22.99
C VAL A 39 -0.95 -8.70 22.86
N GLU A 40 -0.33 -9.05 23.94
CA GLU A 40 1.13 -9.05 24.07
C GLU A 40 1.80 -10.06 23.13
N GLY A 41 1.06 -11.07 22.70
CA GLY A 41 1.62 -12.11 21.87
C GLY A 41 1.44 -11.85 20.39
N SER A 42 1.71 -10.63 19.96
CA SER A 42 1.58 -10.27 18.58
C SER A 42 2.85 -9.60 18.06
N ASP A 43 2.99 -9.59 16.74
CA ASP A 43 4.12 -8.95 16.08
C ASP A 43 3.65 -7.77 15.27
N TRP A 44 4.62 -7.03 14.73
CA TRP A 44 4.36 -5.80 13.96
C TRP A 44 3.47 -6.07 12.74
N MET A 45 3.46 -7.32 12.29
CA MET A 45 2.71 -7.72 11.12
C MET A 45 1.22 -7.46 11.36
N ALA A 46 0.77 -7.74 12.58
CA ALA A 46 -0.60 -7.50 12.97
C ALA A 46 -0.92 -6.02 12.85
N ALA A 47 0.01 -5.20 13.29
CA ALA A 47 -0.12 -3.76 13.20
C ALA A 47 -0.14 -3.31 11.74
N TYR A 48 0.70 -3.93 10.93
CA TYR A 48 0.77 -3.62 9.50
C TYR A 48 -0.58 -3.86 8.85
N TYR A 49 -1.14 -5.03 9.12
CA TYR A 49 -2.44 -5.38 8.55
C TYR A 49 -3.59 -4.57 9.11
N THR A 50 -3.51 -4.20 10.38
CA THR A 50 -4.56 -3.38 10.97
C THR A 50 -4.66 -2.04 10.23
N ALA A 51 -3.51 -1.40 10.02
CA ALA A 51 -3.45 -0.14 9.29
C ALA A 51 -3.89 -0.34 7.85
N TYR A 52 -3.46 -1.45 7.27
CA TYR A 52 -3.78 -1.81 5.89
C TYR A 52 -5.28 -1.90 5.68
N CYS A 53 -5.94 -2.61 6.58
CA CYS A 53 -7.37 -2.84 6.48
C CYS A 53 -8.17 -1.54 6.63
N ARG A 54 -7.56 -0.52 7.24
CA ARG A 54 -8.23 0.77 7.36
C ARG A 54 -7.97 1.64 6.12
N ILE A 55 -6.73 1.65 5.66
CA ILE A 55 -6.30 2.49 4.56
C ILE A 55 -6.92 2.09 3.20
N ILE A 56 -7.00 0.80 2.92
CA ILE A 56 -7.52 0.32 1.63
C ILE A 56 -8.96 0.82 1.34
N PRO A 57 -9.92 0.59 2.27
CA PRO A 57 -11.29 1.06 2.08
C PRO A 57 -11.38 2.58 2.11
N ALA A 58 -10.37 3.23 2.69
CA ALA A 58 -10.34 4.69 2.80
C ALA A 58 -10.40 5.35 1.44
N PHE A 59 -9.76 4.73 0.46
CA PHE A 59 -9.76 5.24 -0.91
C PHE A 59 -11.19 5.31 -1.45
N GLY A 60 -11.99 4.32 -1.13
CA GLY A 60 -13.36 4.29 -1.59
C GLY A 60 -14.35 4.68 -0.52
N ASN A 61 -13.85 5.18 0.60
CA ASN A 61 -14.70 5.53 1.72
C ASN A 61 -14.25 6.85 2.35
N PRO A 62 -14.50 7.98 1.66
CA PRO A 62 -14.12 9.30 2.15
C PRO A 62 -14.99 9.76 3.33
N SER A 63 -16.10 9.05 3.53
CA SER A 63 -17.08 9.38 4.56
C SER A 63 -16.49 9.33 5.97
N GLU A 64 -15.67 8.33 6.23
CA GLU A 64 -15.06 8.17 7.55
C GLU A 64 -13.57 7.88 7.41
N ALA A 65 -13.02 8.29 6.27
CA ALA A 65 -11.62 8.05 5.94
C ALA A 65 -10.69 8.68 6.97
N ASP A 66 -11.08 9.83 7.46
CA ASP A 66 -10.28 10.55 8.43
C ASP A 66 -10.21 9.78 9.76
N ARG A 67 -11.36 9.28 10.22
CA ARG A 67 -11.43 8.56 11.50
C ARG A 67 -10.64 7.26 11.48
N LEU A 68 -10.76 6.51 10.41
CA LEU A 68 -10.08 5.23 10.30
C LEU A 68 -8.58 5.39 10.13
N CYS A 69 -8.18 6.49 9.50
CA CYS A 69 -6.78 6.79 9.31
C CYS A 69 -6.10 7.07 10.65
N GLU A 70 -6.83 7.74 11.54
CA GLU A 70 -6.28 8.10 12.85
C GLU A 70 -5.86 6.86 13.62
N GLU A 71 -6.66 5.81 13.53
CA GLU A 71 -6.33 4.55 14.17
C GLU A 71 -5.15 3.89 13.45
N ALA A 72 -5.16 3.98 12.12
CA ALA A 72 -4.13 3.38 11.29
C ALA A 72 -2.74 3.96 11.56
N GLU A 73 -2.66 5.29 11.66
CA GLU A 73 -1.37 5.95 11.89
C GLU A 73 -0.79 5.61 13.25
N SER A 74 -1.67 5.48 14.25
CA SER A 74 -1.25 5.10 15.58
C SER A 74 -0.64 3.69 15.54
N MET A 75 -1.34 2.80 14.85
CA MET A 75 -0.91 1.45 14.70
C MET A 75 0.40 1.35 13.91
N LEU A 76 0.51 2.18 12.89
CA LEU A 76 1.72 2.25 12.06
C LEU A 76 2.93 2.65 12.90
N SER A 77 2.69 3.52 13.86
CA SER A 77 3.73 3.96 14.77
C SER A 77 4.28 2.75 15.53
N LYS A 78 3.37 1.87 15.93
CA LYS A 78 3.71 0.66 16.64
C LYS A 78 4.58 -0.27 15.78
N ALA A 79 4.27 -0.34 14.49
CA ALA A 79 4.99 -1.20 13.57
C ALA A 79 6.47 -0.82 13.50
N GLU A 80 6.75 0.49 13.41
CA GLU A 80 8.12 0.96 13.39
C GLU A 80 8.73 0.91 14.79
N SER A 81 7.90 1.09 15.81
CA SER A 81 8.35 1.03 17.21
C SER A 81 8.88 -0.37 17.53
N LEU A 82 8.16 -1.39 17.09
CA LEU A 82 8.57 -2.77 17.30
C LEU A 82 9.88 -3.07 16.56
N GLY A 83 10.01 -2.51 15.38
CA GLY A 83 11.21 -2.74 14.61
C GLY A 83 10.94 -3.50 13.34
N GLY A 84 9.75 -3.34 12.79
CA GLY A 84 9.42 -4.01 11.55
C GLY A 84 9.97 -3.27 10.36
N ASP A 85 9.65 -3.73 9.18
CA ASP A 85 10.15 -3.08 7.98
C ASP A 85 9.47 -1.74 7.75
N LEU A 86 10.27 -0.70 7.77
CA LEU A 86 9.80 0.66 7.60
C LEU A 86 9.16 0.86 6.24
N SER A 87 9.76 0.25 5.24
CA SER A 87 9.33 0.43 3.86
C SER A 87 7.88 -0.04 3.65
N GLU A 88 7.54 -1.20 4.21
CA GLU A 88 6.21 -1.75 4.04
C GLU A 88 5.14 -0.86 4.66
N ILE A 89 5.42 -0.29 5.82
CA ILE A 89 4.46 0.58 6.47
C ILE A 89 4.51 1.98 5.87
N ALA A 90 5.65 2.33 5.30
CA ALA A 90 5.80 3.63 4.65
C ALA A 90 4.85 3.76 3.46
N CYS A 91 4.73 2.70 2.67
CA CYS A 91 3.86 2.74 1.51
C CYS A 91 2.40 2.89 1.92
N LEU A 92 2.05 2.31 3.08
CA LEU A 92 0.70 2.43 3.61
C LEU A 92 0.40 3.89 3.97
N ARG A 93 1.38 4.55 4.58
CA ARG A 93 1.24 5.95 4.98
C ARG A 93 1.09 6.85 3.77
N SER A 94 1.84 6.54 2.71
CA SER A 94 1.76 7.30 1.48
C SER A 94 0.34 7.18 0.90
N MET A 95 -0.23 5.98 0.97
CA MET A 95 -1.58 5.75 0.48
C MET A 95 -2.60 6.54 1.28
N ALA A 96 -2.36 6.68 2.58
CA ALA A 96 -3.28 7.41 3.45
C ALA A 96 -3.41 8.86 2.99
N ALA A 97 -2.30 9.48 2.63
CA ALA A 97 -2.33 10.84 2.11
C ALA A 97 -3.08 10.86 0.77
N SER A 98 -2.84 9.83 -0.04
CA SER A 98 -3.48 9.67 -1.32
C SER A 98 -5.01 9.56 -1.19
N ALA A 99 -5.46 8.87 -0.15
CA ALA A 99 -6.87 8.71 0.11
C ALA A 99 -7.55 10.07 0.33
N ARG A 100 -6.86 10.99 1.02
CA ARG A 100 -7.40 12.34 1.21
C ARG A 100 -7.46 13.09 -0.10
N LEU A 101 -6.55 12.76 -1.01
CA LEU A 101 -6.53 13.36 -2.33
C LEU A 101 -7.79 13.01 -3.09
N LEU A 102 -8.27 11.80 -2.92
CA LEU A 102 -9.51 11.41 -3.54
C LEU A 102 -10.66 12.25 -3.00
N VAL A 103 -10.58 12.59 -1.72
CA VAL A 103 -11.57 13.47 -1.10
C VAL A 103 -11.56 14.84 -1.80
N ASN A 104 -10.36 15.39 -2.04
CA ASN A 104 -10.25 16.67 -2.77
C ASN A 104 -9.03 16.67 -3.67
N PRO A 105 -9.18 16.17 -4.90
CA PRO A 105 -8.08 16.12 -5.86
C PRO A 105 -7.94 17.42 -6.61
N GLN A 106 -8.02 18.52 -5.88
CA GLN A 106 -7.91 19.81 -6.49
C GLN A 106 -6.76 20.58 -5.90
N GLU A 107 -6.83 20.86 -4.62
CA GLU A 107 -5.81 21.67 -3.98
C GLU A 107 -5.11 20.92 -2.85
N ARG A 108 -5.56 19.71 -2.56
CA ARG A 108 -4.93 18.92 -1.50
C ARG A 108 -3.62 18.32 -1.97
N TRP A 109 -3.35 18.46 -3.27
CA TRP A 109 -2.12 17.94 -3.89
C TRP A 109 -0.88 18.54 -3.23
N GLN A 110 -0.92 19.82 -2.93
CA GLN A 110 0.23 20.50 -2.35
C GLN A 110 0.59 19.88 -0.99
N THR A 111 -0.40 19.50 -0.23
CA THR A 111 -0.18 18.93 1.07
C THR A 111 0.03 17.41 0.99
N TYR A 112 -1.04 16.69 0.66
CA TYR A 112 -1.03 15.23 0.67
C TYR A 112 -0.20 14.64 -0.45
N GLY A 113 -0.25 15.26 -1.62
CA GLY A 113 0.53 14.77 -2.73
C GLY A 113 2.01 14.79 -2.41
N ALA A 114 2.44 15.87 -1.78
CA ALA A 114 3.81 15.99 -1.35
C ALA A 114 4.13 14.94 -0.29
N GLU A 115 3.20 14.74 0.65
CA GLU A 115 3.41 13.76 1.71
C GLU A 115 3.53 12.35 1.17
N SER A 116 2.68 12.01 0.21
CA SER A 116 2.74 10.70 -0.42
C SER A 116 4.09 10.50 -1.11
N SER A 117 4.55 11.51 -1.81
CA SER A 117 5.81 11.43 -2.53
C SER A 117 6.98 11.32 -1.55
N ARG A 118 6.93 12.09 -0.48
CA ARG A 118 7.96 12.08 0.55
C ARG A 118 7.98 10.73 1.28
N GLN A 119 6.80 10.20 1.56
CA GLN A 119 6.66 8.94 2.25
C GLN A 119 7.20 7.81 1.37
N LEU A 120 6.95 7.92 0.06
CA LEU A 120 7.45 6.94 -0.91
C LEU A 120 8.95 6.94 -0.94
N ALA A 121 9.53 8.11 -0.82
CA ALA A 121 10.96 8.24 -0.78
C ALA A 121 11.51 7.46 0.40
N VAL A 122 10.79 7.52 1.51
CA VAL A 122 11.13 6.77 2.70
C VAL A 122 11.03 5.27 2.43
N ALA A 123 9.94 4.87 1.75
CA ALA A 123 9.75 3.47 1.40
C ALA A 123 10.87 2.96 0.51
N LEU A 124 11.25 3.78 -0.47
CA LEU A 124 12.33 3.42 -1.37
C LEU A 124 13.65 3.33 -0.62
N GLU A 125 13.85 4.25 0.31
CA GLU A 125 15.06 4.25 1.12
C GLU A 125 15.14 2.99 1.98
N ALA A 126 14.03 2.68 2.66
CA ALA A 126 13.97 1.53 3.54
C ALA A 126 14.11 0.21 2.77
N ASN A 127 13.40 0.08 1.65
CA ASN A 127 13.57 -1.09 0.79
C ASN A 127 13.58 -0.67 -0.68
N PRO A 128 14.77 -0.70 -1.30
CA PRO A 128 14.95 -0.29 -2.70
C PRO A 128 14.35 -1.27 -3.71
N ALA A 129 13.94 -2.43 -3.25
CA ALA A 129 13.37 -3.43 -4.14
C ALA A 129 11.89 -3.62 -3.89
N ASN A 130 11.34 -2.81 -2.98
CA ASN A 130 9.93 -2.89 -2.60
C ASN A 130 9.03 -2.53 -3.78
N PRO A 131 8.19 -3.47 -4.24
CA PRO A 131 7.31 -3.24 -5.37
C PRO A 131 6.24 -2.22 -5.08
N ARG A 132 5.75 -2.24 -3.86
CA ARG A 132 4.71 -1.34 -3.43
C ARG A 132 5.18 0.10 -3.44
N ALA A 133 6.43 0.31 -3.05
CA ALA A 133 7.01 1.66 -3.07
C ALA A 133 7.05 2.21 -4.50
N TYR A 134 7.50 1.37 -5.44
CA TYR A 134 7.57 1.79 -6.85
C TYR A 134 6.18 1.89 -7.46
N PHE A 135 5.28 1.01 -7.04
CA PHE A 135 3.91 1.01 -7.55
C PHE A 135 3.24 2.34 -7.29
N LEU A 136 3.31 2.79 -6.05
CA LEU A 136 2.72 4.05 -5.68
C LEU A 136 3.39 5.20 -6.41
N GLN A 137 4.69 5.09 -6.58
CA GLN A 137 5.45 6.08 -7.33
C GLN A 137 4.97 6.14 -8.76
N ALA A 138 4.87 4.99 -9.39
CA ALA A 138 4.43 4.91 -10.77
C ALA A 138 3.00 5.44 -10.90
N GLN A 139 2.15 5.07 -9.95
CA GLN A 139 0.78 5.52 -9.94
C GLN A 139 0.71 7.05 -9.83
N SER A 140 1.47 7.59 -8.89
CA SER A 140 1.51 9.02 -8.69
C SER A 140 2.05 9.73 -9.94
N LEU A 141 3.12 9.17 -10.50
CA LEU A 141 3.76 9.73 -11.68
C LEU A 141 2.83 9.70 -12.89
N LEU A 142 2.13 8.59 -13.06
CA LEU A 142 1.20 8.42 -14.18
C LEU A 142 0.04 9.40 -14.11
N TYR A 143 -0.46 9.60 -12.91
CA TYR A 143 -1.62 10.45 -12.72
C TYR A 143 -1.23 11.83 -12.18
N THR A 144 0.02 12.22 -12.42
CA THR A 144 0.51 13.53 -11.98
C THR A 144 -0.25 14.65 -12.69
N PRO A 145 -0.87 15.57 -11.91
CA PRO A 145 -1.59 16.72 -12.47
C PRO A 145 -0.62 17.73 -13.08
N ALA A 146 0.56 17.88 -12.45
CA ALA A 146 1.63 18.82 -12.90
C ALA A 146 2.71 18.95 -11.82
N GLN A 147 2.28 18.82 -10.57
CA GLN A 147 3.16 19.03 -9.40
C GLN A 147 4.40 18.12 -9.38
N PHE A 148 4.20 16.85 -9.64
CA PHE A 148 5.28 15.88 -9.51
C PHE A 148 6.20 15.90 -10.72
N GLY A 149 5.71 16.42 -11.84
CA GLY A 149 6.50 16.44 -13.04
C GLY A 149 6.70 15.05 -13.60
N GLY A 150 5.71 14.20 -13.39
CA GLY A 150 5.78 12.84 -13.84
C GLY A 150 5.22 12.65 -15.22
N GLY A 151 4.57 11.53 -15.41
CA GLY A 151 4.01 11.19 -16.69
C GLY A 151 4.01 9.71 -16.90
N LYS A 152 3.51 9.27 -18.04
CA LYS A 152 3.45 7.85 -18.37
C LYS A 152 4.86 7.33 -18.48
N ASP A 153 5.67 8.16 -19.09
CA ASP A 153 7.10 7.93 -19.28
C ASP A 153 7.82 7.74 -17.94
N LYS A 154 7.55 8.62 -16.99
CA LYS A 154 8.22 8.58 -15.70
C LYS A 154 7.73 7.40 -14.87
N ALA A 155 6.45 7.13 -14.97
CA ALA A 155 5.83 6.02 -14.27
C ALA A 155 6.38 4.67 -14.77
N LEU A 156 6.64 4.62 -16.07
CA LEU A 156 7.05 3.39 -16.76
C LEU A 156 8.20 2.62 -16.05
N PRO A 157 9.36 3.25 -15.73
CA PRO A 157 10.46 2.54 -15.04
C PRO A 157 10.06 2.08 -13.64
N PHE A 158 9.24 2.87 -12.97
CA PHE A 158 8.76 2.52 -11.65
C PHE A 158 7.81 1.35 -11.72
N ALA A 159 6.97 1.36 -12.73
CA ALA A 159 6.03 0.29 -12.97
C ALA A 159 6.77 -1.01 -13.28
N GLU A 160 7.85 -0.91 -14.06
CA GLU A 160 8.65 -2.07 -14.40
C GLU A 160 9.25 -2.73 -13.17
N LYS A 161 9.80 -1.93 -12.27
CA LYS A 161 10.44 -2.49 -11.11
C LYS A 161 9.46 -3.08 -10.13
N SER A 162 8.34 -2.40 -9.94
CA SER A 162 7.32 -2.91 -9.05
C SER A 162 6.83 -4.26 -9.56
N VAL A 163 6.66 -4.36 -10.86
CA VAL A 163 6.29 -5.61 -11.49
C VAL A 163 7.45 -6.62 -11.40
N SER A 164 8.69 -6.11 -11.45
CA SER A 164 9.86 -6.98 -11.44
C SER A 164 9.88 -7.84 -10.17
N CYS A 165 9.54 -7.25 -9.04
CA CYS A 165 9.47 -8.00 -7.79
C CYS A 165 8.38 -9.08 -7.88
N TYR A 166 7.23 -8.71 -8.45
CA TYR A 166 6.11 -9.66 -8.61
C TYR A 166 6.46 -10.77 -9.59
N ALA A 167 7.36 -10.48 -10.52
CA ALA A 167 7.82 -11.49 -11.47
C ALA A 167 8.47 -12.64 -10.71
N ALA A 168 9.28 -12.29 -9.70
CA ALA A 168 9.89 -13.28 -8.83
C ALA A 168 8.80 -14.02 -8.06
N ALA A 169 7.78 -13.25 -7.63
CA ALA A 169 6.61 -13.78 -6.92
C ALA A 169 6.97 -14.61 -5.72
N THR A 170 7.96 -14.18 -4.98
CA THR A 170 8.37 -14.89 -3.80
C THR A 170 7.63 -14.35 -2.59
N VAL A 171 6.56 -15.02 -2.22
CA VAL A 171 5.77 -14.64 -1.08
C VAL A 171 6.12 -15.51 0.11
N SER A 172 6.63 -14.90 1.16
CA SER A 172 7.02 -15.61 2.34
C SER A 172 6.91 -14.70 3.56
N PRO A 173 6.69 -15.26 4.77
CA PRO A 173 6.56 -16.71 4.99
C PRO A 173 5.32 -17.32 4.35
N ALA A 174 4.23 -16.58 4.36
CA ALA A 174 2.96 -17.05 3.79
C ALA A 174 1.94 -15.94 3.84
N TYR A 175 1.84 -15.30 5.01
CA TYR A 175 0.91 -14.22 5.22
C TYR A 175 1.49 -12.89 4.78
N ALA A 176 2.58 -12.94 4.03
CA ALA A 176 3.20 -11.72 3.52
C ALA A 176 2.25 -11.02 2.56
N PRO A 177 2.31 -9.67 2.48
CA PRO A 177 1.37 -8.88 1.67
C PRO A 177 1.33 -9.35 0.21
N HIS A 178 0.13 -9.72 -0.24
CA HIS A 178 -0.08 -10.18 -1.60
C HIS A 178 -0.62 -9.05 -2.46
N TRP A 179 -1.15 -8.05 -1.82
CA TRP A 179 -1.83 -6.95 -2.51
C TRP A 179 -0.89 -6.16 -3.41
N GLY A 180 -1.47 -5.62 -4.48
CA GLY A 180 -0.72 -4.83 -5.43
C GLY A 180 -0.33 -5.60 -6.68
N GLU A 181 -0.51 -6.92 -6.66
CA GLU A 181 -0.11 -7.77 -7.80
C GLU A 181 -0.86 -7.38 -9.08
N GLN A 182 -2.17 -7.27 -8.96
CA GLN A 182 -3.01 -7.00 -10.12
C GLN A 182 -2.83 -5.58 -10.64
N GLN A 183 -2.79 -4.64 -9.72
CA GLN A 183 -2.70 -3.24 -10.08
C GLN A 183 -1.35 -2.87 -10.67
N ALA A 184 -0.27 -3.41 -10.11
CA ALA A 184 1.07 -3.06 -10.58
C ALA A 184 1.28 -3.46 -12.03
N ARG A 185 0.85 -4.65 -12.38
CA ARG A 185 1.01 -5.13 -13.74
C ARG A 185 0.18 -4.29 -14.70
N GLN A 186 -1.05 -3.96 -14.29
CA GLN A 186 -1.93 -3.13 -15.09
C GLN A 186 -1.37 -1.74 -15.26
N LEU A 187 -0.80 -1.22 -14.20
CA LEU A 187 -0.21 0.09 -14.19
C LEU A 187 0.93 0.13 -15.21
N LEU A 188 1.74 -0.92 -15.21
CA LEU A 188 2.83 -1.06 -16.16
C LEU A 188 2.35 -1.13 -17.60
N MET A 189 1.30 -1.90 -17.83
CA MET A 189 0.76 -2.06 -19.19
C MET A 189 0.34 -0.71 -19.70
N LEU A 190 -0.32 0.01 -18.84
CA LEU A 190 -0.76 1.36 -19.14
C LEU A 190 0.44 2.31 -19.37
N CYS A 191 1.48 2.14 -18.56
CA CYS A 191 2.68 2.97 -18.66
C CYS A 191 3.46 2.70 -19.96
N LYS A 192 3.58 1.42 -20.34
CA LYS A 192 4.33 1.06 -21.57
C LYS A 192 3.48 1.25 -22.77
N ALA A 193 2.23 1.47 -22.51
CA ALA A 193 1.25 1.75 -23.55
C ALA A 193 1.57 3.08 -24.23
N GLU A 194 2.42 3.89 -23.58
CA GLU A 194 2.87 5.16 -24.14
C GLU A 194 3.57 4.92 -25.47
N THR A 195 3.04 5.50 -26.52
CA THR A 195 3.65 5.33 -27.82
C THR A 195 3.33 6.50 -28.74
N GLN A 196 4.33 6.93 -29.47
CA GLN A 196 4.18 8.02 -30.42
C GLN A 196 4.88 7.63 -31.69
N GLU A 197 4.39 8.11 -32.83
CA GLU A 197 4.98 7.77 -34.09
C GLU A 197 6.33 8.45 -34.25
N LEU A 198 7.34 7.66 -34.53
CA LEU A 198 8.70 8.15 -34.64
C LEU A 198 8.96 8.67 -36.04
N VAL A 199 8.01 8.43 -36.92
CA VAL A 199 8.10 8.91 -38.28
C VAL A 199 7.06 10.01 -38.53
N PRO A 200 7.51 11.20 -38.96
CA PRO A 200 6.62 12.31 -39.25
C PRO A 200 5.76 12.04 -40.48
N ARG A 201 4.58 12.61 -40.53
CA ARG A 201 3.67 12.39 -41.64
C ARG A 201 3.40 13.71 -42.33
N MET A 1 -16.60 -15.35 15.67
CA MET A 1 -16.89 -16.77 15.36
C MET A 1 -15.73 -17.37 14.60
N GLY A 2 -15.59 -18.68 14.68
CA GLY A 2 -14.52 -19.36 13.99
C GLY A 2 -13.34 -19.61 14.91
N GLN A 3 -12.38 -20.37 14.43
CA GLN A 3 -11.21 -20.72 15.22
C GLN A 3 -9.95 -20.68 14.38
N GLY A 4 -8.82 -20.44 15.02
CA GLY A 4 -7.57 -20.41 14.32
C GLY A 4 -6.41 -20.79 15.20
N THR A 5 -5.44 -21.46 14.63
CA THR A 5 -4.27 -21.91 15.35
C THR A 5 -3.01 -21.43 14.63
N ALA A 6 -2.05 -20.91 15.42
CA ALA A 6 -0.78 -20.36 14.90
C ALA A 6 -1.00 -19.00 14.26
N TYR A 7 -0.21 -18.04 14.71
CA TYR A 7 -0.33 -16.66 14.24
C TYR A 7 -0.14 -16.57 12.73
N ALA A 8 0.90 -17.19 12.22
CA ALA A 8 1.18 -17.16 10.80
C ALA A 8 0.06 -17.82 10.00
N GLU A 9 -0.42 -18.96 10.50
CA GLU A 9 -1.47 -19.72 9.81
C GLU A 9 -2.79 -18.95 9.79
N VAL A 10 -3.11 -18.27 10.90
CA VAL A 10 -4.33 -17.47 10.97
C VAL A 10 -4.27 -16.36 9.94
N MET A 11 -3.13 -15.71 9.85
CA MET A 11 -2.93 -14.62 8.91
C MET A 11 -3.03 -15.11 7.47
N ASN A 12 -2.57 -16.33 7.22
CA ASN A 12 -2.62 -16.90 5.88
C ASN A 12 -4.06 -16.97 5.39
N ARG A 13 -4.96 -17.36 6.29
CA ARG A 13 -6.38 -17.42 5.95
C ARG A 13 -6.97 -16.04 5.78
N LYS A 14 -6.56 -15.12 6.65
CA LYS A 14 -7.06 -13.75 6.62
C LYS A 14 -6.62 -13.03 5.34
N VAL A 15 -5.35 -13.22 5.00
CA VAL A 15 -4.79 -12.63 3.80
C VAL A 15 -5.41 -13.21 2.55
N ALA A 16 -5.69 -14.51 2.57
CA ALA A 16 -6.31 -15.19 1.45
C ALA A 16 -7.66 -14.56 1.13
N ALA A 17 -8.40 -14.19 2.16
CA ALA A 17 -9.65 -13.48 1.96
C ALA A 17 -9.37 -12.05 1.52
N LEU A 18 -8.32 -11.49 2.10
CA LEU A 18 -7.94 -10.11 1.89
C LEU A 18 -7.65 -9.79 0.41
N ASP A 19 -6.95 -10.69 -0.27
CA ASP A 19 -6.56 -10.41 -1.64
C ASP A 19 -7.68 -10.75 -2.62
N SER A 20 -8.79 -11.22 -2.09
CA SER A 20 -9.93 -11.56 -2.93
C SER A 20 -11.11 -10.63 -2.64
N VAL A 21 -11.27 -10.25 -1.38
CA VAL A 21 -12.36 -9.37 -0.95
C VAL A 21 -12.13 -7.96 -1.53
N PRO A 22 -13.22 -7.28 -1.93
CA PRO A 22 -13.15 -5.90 -2.45
C PRO A 22 -12.57 -4.94 -1.40
N PRO A 23 -11.82 -3.92 -1.86
CA PRO A 23 -11.13 -2.97 -0.97
C PRO A 23 -12.10 -2.17 -0.10
N THR A 24 -13.32 -2.00 -0.55
CA THR A 24 -14.32 -1.24 0.19
C THR A 24 -14.83 -2.03 1.40
N GLU A 25 -14.57 -3.32 1.42
CA GLU A 25 -15.02 -4.18 2.50
C GLU A 25 -13.88 -4.53 3.45
N TYR A 26 -12.78 -3.80 3.32
CA TYR A 26 -11.60 -3.99 4.18
C TYR A 26 -11.87 -3.59 5.62
N ALA A 27 -12.92 -2.80 5.83
CA ALA A 27 -13.23 -2.28 7.15
C ALA A 27 -13.44 -3.39 8.17
N THR A 28 -14.11 -4.46 7.75
CA THR A 28 -14.33 -5.59 8.63
C THR A 28 -13.02 -6.29 8.96
N LEU A 29 -12.14 -6.43 7.95
CA LEU A 29 -10.89 -7.11 8.13
C LEU A 29 -9.92 -6.30 8.98
N ALA A 30 -9.92 -4.98 8.80
CA ALA A 30 -9.03 -4.10 9.56
C ALA A 30 -9.29 -4.24 11.05
N ALA A 31 -10.56 -4.25 11.42
CA ALA A 31 -10.94 -4.44 12.81
C ALA A 31 -10.50 -5.82 13.28
N ASP A 32 -10.66 -6.80 12.40
CA ASP A 32 -10.34 -8.19 12.71
C ASP A 32 -8.82 -8.41 12.90
N PHE A 33 -8.00 -7.79 12.04
CA PHE A 33 -6.54 -7.87 12.17
C PHE A 33 -6.10 -7.19 13.46
N SER A 34 -6.79 -6.10 13.80
CA SER A 34 -6.54 -5.37 15.03
C SER A 34 -6.74 -6.29 16.24
N ARG A 35 -7.75 -7.16 16.15
CA ARG A 35 -8.04 -8.11 17.22
C ARG A 35 -6.85 -9.02 17.44
N ILE A 36 -6.23 -9.43 16.34
CA ILE A 36 -5.06 -10.28 16.39
C ILE A 36 -3.91 -9.55 17.08
N ALA A 37 -3.70 -8.30 16.69
CA ALA A 37 -2.63 -7.47 17.24
C ALA A 37 -2.78 -7.30 18.75
N ALA A 38 -4.02 -7.22 19.20
CA ALA A 38 -4.31 -7.11 20.63
C ALA A 38 -3.79 -8.33 21.39
N VAL A 39 -3.90 -9.50 20.77
CA VAL A 39 -3.43 -10.73 21.36
C VAL A 39 -1.91 -10.78 21.32
N GLU A 40 -1.36 -11.34 22.35
CA GLU A 40 0.08 -11.44 22.50
C GLU A 40 0.68 -12.41 21.47
N GLY A 41 1.92 -12.16 21.10
CA GLY A 41 2.61 -13.01 20.16
C GLY A 41 2.48 -12.53 18.74
N SER A 42 1.56 -11.60 18.52
CA SER A 42 1.37 -11.02 17.23
C SER A 42 2.52 -10.10 16.89
N ASP A 43 2.82 -9.99 15.61
CA ASP A 43 3.94 -9.21 15.15
C ASP A 43 3.49 -7.91 14.54
N TRP A 44 4.47 -7.14 14.07
CA TRP A 44 4.23 -5.86 13.43
C TRP A 44 3.34 -6.06 12.21
N MET A 45 3.37 -7.29 11.68
CA MET A 45 2.64 -7.64 10.49
C MET A 45 1.16 -7.41 10.70
N ALA A 46 0.66 -7.79 11.88
CA ALA A 46 -0.75 -7.62 12.20
C ALA A 46 -1.11 -6.14 12.15
N ALA A 47 -0.23 -5.32 12.68
CA ALA A 47 -0.41 -3.87 12.66
C ALA A 47 -0.37 -3.35 11.22
N TYR A 48 0.54 -3.90 10.43
CA TYR A 48 0.68 -3.52 9.03
C TYR A 48 -0.61 -3.76 8.26
N TYR A 49 -1.15 -4.95 8.41
CA TYR A 49 -2.38 -5.31 7.70
C TYR A 49 -3.57 -4.52 8.23
N THR A 50 -3.58 -4.24 9.53
CA THR A 50 -4.66 -3.45 10.10
C THR A 50 -4.66 -2.04 9.48
N ALA A 51 -3.48 -1.42 9.42
CA ALA A 51 -3.33 -0.12 8.82
C ALA A 51 -3.69 -0.14 7.34
N TYR A 52 -3.25 -1.21 6.67
CA TYR A 52 -3.53 -1.40 5.26
C TYR A 52 -5.02 -1.45 4.97
N CYS A 53 -5.72 -2.26 5.73
CA CYS A 53 -7.14 -2.46 5.53
C CYS A 53 -7.92 -1.20 5.92
N ARG A 54 -7.33 -0.36 6.74
CA ARG A 54 -7.98 0.87 7.17
C ARG A 54 -7.71 2.02 6.16
N ILE A 55 -6.47 2.11 5.71
CA ILE A 55 -6.05 3.16 4.77
C ILE A 55 -6.66 3.01 3.37
N ILE A 56 -6.73 1.78 2.87
CA ILE A 56 -7.26 1.54 1.51
C ILE A 56 -8.68 2.13 1.30
N PRO A 57 -9.67 1.83 2.18
CA PRO A 57 -11.02 2.39 2.07
C PRO A 57 -11.06 3.90 2.28
N ALA A 58 -9.99 4.46 2.86
CA ALA A 58 -9.89 5.90 3.08
C ALA A 58 -9.97 6.66 1.78
N PHE A 59 -9.38 6.08 0.73
CA PHE A 59 -9.41 6.66 -0.61
C PHE A 59 -10.86 6.85 -1.08
N GLY A 60 -11.70 5.90 -0.72
CA GLY A 60 -13.10 5.96 -1.11
C GLY A 60 -13.98 6.50 0.01
N ASN A 61 -13.36 6.99 1.07
CA ASN A 61 -14.11 7.50 2.22
C ASN A 61 -13.54 8.85 2.67
N PRO A 62 -13.77 9.90 1.87
CA PRO A 62 -13.28 11.25 2.17
C PRO A 62 -14.05 11.91 3.30
N SER A 63 -15.14 11.28 3.73
CA SER A 63 -15.99 11.82 4.78
C SER A 63 -15.23 12.00 6.10
N GLU A 64 -14.43 11.02 6.47
CA GLU A 64 -13.69 11.07 7.72
C GLU A 64 -12.35 10.40 7.58
N ALA A 65 -11.75 10.56 6.41
CA ALA A 65 -10.48 9.92 6.09
C ALA A 65 -9.39 10.34 7.06
N ASP A 66 -9.39 11.60 7.45
CA ASP A 66 -8.36 12.12 8.36
C ASP A 66 -8.43 11.44 9.72
N ARG A 67 -9.64 11.28 10.26
CA ARG A 67 -9.82 10.69 11.58
C ARG A 67 -9.30 9.27 11.62
N LEU A 68 -9.57 8.51 10.58
CA LEU A 68 -9.14 7.13 10.52
C LEU A 68 -7.66 7.05 10.13
N CYS A 69 -7.21 8.02 9.36
CA CYS A 69 -5.80 8.11 8.96
C CYS A 69 -4.91 8.29 10.18
N GLU A 70 -5.29 9.23 11.06
CA GLU A 70 -4.53 9.48 12.26
C GLU A 70 -4.50 8.25 13.16
N GLU A 71 -5.64 7.56 13.23
CA GLU A 71 -5.73 6.32 13.99
C GLU A 71 -4.80 5.27 13.38
N ALA A 72 -4.78 5.22 12.04
CA ALA A 72 -3.91 4.32 11.29
C ALA A 72 -2.45 4.66 11.54
N GLU A 73 -2.16 5.96 11.66
CA GLU A 73 -0.83 6.46 11.90
C GLU A 73 -0.27 5.87 13.19
N SER A 74 -1.11 5.80 14.21
CA SER A 74 -0.72 5.22 15.48
C SER A 74 -0.33 3.74 15.28
N MET A 75 -1.15 3.02 14.54
CA MET A 75 -0.89 1.64 14.23
C MET A 75 0.41 1.49 13.43
N LEU A 76 0.60 2.39 12.47
CA LEU A 76 1.80 2.42 11.64
C LEU A 76 3.02 2.66 12.50
N SER A 77 2.85 3.52 13.49
CA SER A 77 3.91 3.84 14.41
C SER A 77 4.32 2.61 15.22
N LYS A 78 3.34 1.78 15.57
CA LYS A 78 3.60 0.57 16.34
C LYS A 78 4.43 -0.41 15.51
N ALA A 79 4.09 -0.53 14.23
CA ALA A 79 4.82 -1.38 13.30
C ALA A 79 6.26 -0.88 13.17
N GLU A 80 6.39 0.44 13.10
CA GLU A 80 7.69 1.11 13.01
C GLU A 80 8.49 0.88 14.29
N SER A 81 7.79 0.95 15.43
CA SER A 81 8.40 0.75 16.75
C SER A 81 8.99 -0.66 16.85
N LEU A 82 8.25 -1.64 16.36
CA LEU A 82 8.72 -3.02 16.35
C LEU A 82 9.88 -3.18 15.37
N GLY A 83 9.95 -2.30 14.38
CA GLY A 83 11.03 -2.32 13.44
C GLY A 83 10.88 -3.40 12.43
N GLY A 84 9.63 -3.68 12.09
CA GLY A 84 9.36 -4.71 11.12
C GLY A 84 9.89 -4.34 9.75
N ASP A 85 9.14 -3.55 9.02
CA ASP A 85 9.59 -3.05 7.73
C ASP A 85 9.06 -1.66 7.52
N LEU A 86 9.95 -0.71 7.60
CA LEU A 86 9.63 0.70 7.45
C LEU A 86 9.05 0.99 6.08
N SER A 87 9.62 0.38 5.06
CA SER A 87 9.21 0.64 3.69
C SER A 87 7.75 0.23 3.46
N GLU A 88 7.37 -0.94 3.96
CA GLU A 88 5.99 -1.42 3.80
C GLU A 88 4.98 -0.49 4.46
N ILE A 89 5.29 -0.03 5.65
CA ILE A 89 4.37 0.86 6.35
C ILE A 89 4.44 2.27 5.79
N ALA A 90 5.61 2.64 5.26
CA ALA A 90 5.78 3.92 4.61
C ALA A 90 4.88 4.00 3.39
N CYS A 91 4.79 2.89 2.67
CA CYS A 91 3.94 2.80 1.50
C CYS A 91 2.48 3.03 1.88
N LEU A 92 2.06 2.45 2.98
CA LEU A 92 0.69 2.61 3.44
C LEU A 92 0.47 4.04 3.92
N ARG A 93 1.44 4.57 4.64
CA ARG A 93 1.38 5.90 5.20
C ARG A 93 1.34 6.99 4.12
N SER A 94 2.11 6.79 3.06
CA SER A 94 2.11 7.75 1.95
C SER A 94 0.73 7.79 1.29
N MET A 95 0.09 6.63 1.22
CA MET A 95 -1.26 6.54 0.68
C MET A 95 -2.23 7.28 1.56
N ALA A 96 -2.01 7.21 2.86
CA ALA A 96 -2.86 7.87 3.81
C ALA A 96 -2.87 9.39 3.57
N ALA A 97 -1.69 9.95 3.26
CA ALA A 97 -1.60 11.36 2.95
C ALA A 97 -2.38 11.70 1.69
N SER A 98 -2.25 10.85 0.66
CA SER A 98 -2.94 11.08 -0.61
C SER A 98 -4.45 10.86 -0.48
N ALA A 99 -4.85 9.92 0.36
CA ALA A 99 -6.27 9.66 0.61
C ALA A 99 -6.93 10.90 1.21
N ARG A 100 -6.23 11.52 2.14
CA ARG A 100 -6.71 12.75 2.78
C ARG A 100 -6.67 13.91 1.80
N LEU A 101 -5.76 13.81 0.84
CA LEU A 101 -5.64 14.80 -0.22
C LEU A 101 -6.91 14.81 -1.06
N LEU A 102 -7.49 13.63 -1.28
CA LEU A 102 -8.69 13.46 -2.10
C LEU A 102 -9.90 14.18 -1.51
N VAL A 103 -9.82 14.56 -0.24
CA VAL A 103 -10.89 15.32 0.39
C VAL A 103 -11.07 16.64 -0.36
N ASN A 104 -9.95 17.26 -0.69
CA ASN A 104 -9.92 18.48 -1.50
C ASN A 104 -8.75 18.39 -2.47
N PRO A 105 -8.93 17.67 -3.59
CA PRO A 105 -7.86 17.43 -4.57
C PRO A 105 -7.55 18.65 -5.44
N GLN A 106 -7.57 19.81 -4.83
CA GLN A 106 -7.21 21.03 -5.52
C GLN A 106 -6.14 21.78 -4.74
N GLU A 107 -6.33 21.86 -3.43
CA GLU A 107 -5.41 22.63 -2.58
C GLU A 107 -4.58 21.72 -1.68
N ARG A 108 -5.04 20.49 -1.46
CA ARG A 108 -4.37 19.58 -0.53
C ARG A 108 -3.07 19.05 -1.09
N TRP A 109 -2.81 19.34 -2.37
CA TRP A 109 -1.57 18.93 -3.03
C TRP A 109 -0.35 19.52 -2.32
N GLN A 110 -0.49 20.77 -1.91
CA GLN A 110 0.60 21.50 -1.26
C GLN A 110 1.01 20.83 0.05
N THR A 111 0.02 20.37 0.81
CA THR A 111 0.29 19.77 2.10
C THR A 111 0.47 18.25 1.99
N TYR A 112 -0.61 17.57 1.67
CA TYR A 112 -0.63 16.12 1.66
C TYR A 112 0.19 15.54 0.53
N GLY A 113 0.18 16.19 -0.62
CA GLY A 113 0.96 15.68 -1.75
C GLY A 113 2.43 15.64 -1.43
N ALA A 114 2.93 16.68 -0.80
CA ALA A 114 4.31 16.75 -0.39
C ALA A 114 4.63 15.67 0.64
N GLU A 115 3.72 15.50 1.61
CA GLU A 115 3.89 14.52 2.67
C GLU A 115 3.91 13.10 2.11
N SER A 116 3.01 12.82 1.17
CA SER A 116 2.95 11.53 0.51
C SER A 116 4.25 11.24 -0.23
N SER A 117 4.74 12.23 -0.97
CA SER A 117 5.97 12.08 -1.74
C SER A 117 7.16 11.84 -0.82
N ARG A 118 7.21 12.59 0.28
CA ARG A 118 8.27 12.45 1.27
C ARG A 118 8.23 11.07 1.90
N GLN A 119 7.02 10.60 2.19
CA GLN A 119 6.82 9.29 2.76
C GLN A 119 7.28 8.20 1.78
N LEU A 120 7.01 8.40 0.49
CA LEU A 120 7.46 7.49 -0.56
C LEU A 120 8.97 7.43 -0.62
N ALA A 121 9.58 8.57 -0.42
CA ALA A 121 11.02 8.65 -0.38
C ALA A 121 11.55 7.77 0.75
N VAL A 122 10.82 7.79 1.87
CA VAL A 122 11.14 6.94 3.00
C VAL A 122 11.02 5.47 2.61
N ALA A 123 9.95 5.13 1.88
CA ALA A 123 9.73 3.76 1.43
C ALA A 123 10.87 3.29 0.54
N LEU A 124 11.29 4.15 -0.38
CA LEU A 124 12.39 3.83 -1.28
C LEU A 124 13.69 3.68 -0.50
N GLU A 125 13.90 4.55 0.49
CA GLU A 125 15.09 4.51 1.29
C GLU A 125 15.13 3.23 2.12
N ALA A 126 14.00 2.92 2.76
CA ALA A 126 13.89 1.73 3.60
C ALA A 126 14.06 0.44 2.79
N ASN A 127 13.37 0.33 1.67
CA ASN A 127 13.56 -0.83 0.79
C ASN A 127 13.66 -0.35 -0.67
N PRO A 128 14.88 -0.34 -1.23
CA PRO A 128 15.13 0.11 -2.61
C PRO A 128 14.59 -0.85 -3.67
N ALA A 129 14.16 -2.02 -3.26
CA ALA A 129 13.63 -3.01 -4.18
C ALA A 129 12.15 -3.24 -3.94
N ASN A 130 11.55 -2.40 -3.12
CA ASN A 130 10.14 -2.54 -2.78
C ASN A 130 9.27 -2.13 -3.97
N PRO A 131 8.49 -3.07 -4.52
CA PRO A 131 7.65 -2.79 -5.68
C PRO A 131 6.54 -1.81 -5.38
N ARG A 132 6.01 -1.89 -4.19
CA ARG A 132 4.93 -1.02 -3.76
C ARG A 132 5.40 0.42 -3.64
N ALA A 133 6.62 0.61 -3.17
CA ALA A 133 7.19 1.95 -3.07
C ALA A 133 7.29 2.60 -4.44
N TYR A 134 7.75 1.82 -5.42
CA TYR A 134 7.87 2.30 -6.79
C TYR A 134 6.50 2.46 -7.43
N PHE A 135 5.57 1.58 -7.08
CA PHE A 135 4.22 1.63 -7.63
C PHE A 135 3.55 2.95 -7.33
N LEU A 136 3.61 3.34 -6.08
CA LEU A 136 3.03 4.58 -5.66
C LEU A 136 3.74 5.74 -6.33
N GLN A 137 5.05 5.63 -6.46
CA GLN A 137 5.84 6.62 -7.15
C GLN A 137 5.41 6.74 -8.60
N ALA A 138 5.30 5.61 -9.28
CA ALA A 138 4.90 5.59 -10.67
C ALA A 138 3.50 6.16 -10.84
N GLN A 139 2.60 5.77 -9.95
CA GLN A 139 1.24 6.27 -9.98
C GLN A 139 1.20 7.77 -9.76
N SER A 140 1.92 8.22 -8.76
CA SER A 140 1.98 9.64 -8.45
C SER A 140 2.60 10.42 -9.61
N LEU A 141 3.69 9.89 -10.15
CA LEU A 141 4.39 10.52 -11.26
C LEU A 141 3.50 10.59 -12.51
N LEU A 142 2.81 9.52 -12.80
CA LEU A 142 1.93 9.44 -13.95
C LEU A 142 0.78 10.44 -13.87
N TYR A 143 0.21 10.56 -12.70
CA TYR A 143 -0.96 11.42 -12.52
C TYR A 143 -0.59 12.75 -11.84
N THR A 144 0.68 13.14 -11.96
CA THR A 144 1.15 14.39 -11.37
C THR A 144 0.47 15.61 -12.01
N PRO A 145 -0.11 16.50 -11.17
CA PRO A 145 -0.75 17.72 -11.64
C PRO A 145 0.27 18.87 -11.83
N ALA A 146 1.33 18.58 -12.59
CA ALA A 146 2.40 19.54 -12.93
C ALA A 146 3.28 19.95 -11.73
N GLN A 147 2.72 19.90 -10.53
CA GLN A 147 3.42 20.35 -9.32
C GLN A 147 4.68 19.54 -9.03
N PHE A 148 4.61 18.24 -9.22
CA PHE A 148 5.75 17.38 -8.90
C PHE A 148 6.62 17.10 -10.12
N GLY A 149 6.22 17.65 -11.27
CA GLY A 149 6.99 17.44 -12.49
C GLY A 149 7.05 15.99 -12.92
N GLY A 150 5.92 15.34 -12.92
CA GLY A 150 5.87 13.94 -13.27
C GLY A 150 5.67 13.70 -14.75
N GLY A 151 5.04 12.60 -15.06
CA GLY A 151 4.81 12.21 -16.43
C GLY A 151 5.07 10.74 -16.61
N LYS A 152 4.64 10.19 -17.74
CA LYS A 152 4.84 8.77 -18.02
C LYS A 152 6.32 8.45 -18.15
N ASP A 153 7.08 9.44 -18.57
CA ASP A 153 8.53 9.32 -18.70
C ASP A 153 9.14 8.99 -17.34
N LYS A 154 8.68 9.69 -16.32
CA LYS A 154 9.11 9.44 -14.95
C LYS A 154 8.52 8.14 -14.42
N ALA A 155 7.27 7.89 -14.78
CA ALA A 155 6.53 6.72 -14.32
C ALA A 155 7.11 5.39 -14.81
N LEU A 156 7.59 5.37 -16.06
CA LEU A 156 8.08 4.13 -16.69
C LEU A 156 9.12 3.36 -15.85
N PRO A 157 10.23 4.00 -15.38
CA PRO A 157 11.25 3.30 -14.58
C PRO A 157 10.67 2.73 -13.32
N PHE A 158 9.84 3.53 -12.69
CA PHE A 158 9.18 3.16 -11.43
C PHE A 158 8.21 1.99 -11.66
N ALA A 159 7.49 2.03 -12.76
CA ALA A 159 6.57 0.96 -13.11
C ALA A 159 7.35 -0.34 -13.34
N GLU A 160 8.48 -0.23 -14.02
CA GLU A 160 9.32 -1.40 -14.30
C GLU A 160 9.87 -1.99 -13.01
N LYS A 161 10.26 -1.13 -12.09
CA LYS A 161 10.80 -1.55 -10.80
C LYS A 161 9.79 -2.36 -10.03
N SER A 162 8.57 -1.87 -10.03
CA SER A 162 7.48 -2.52 -9.34
C SER A 162 7.24 -3.91 -9.92
N VAL A 163 7.14 -3.97 -11.23
CA VAL A 163 6.87 -5.22 -11.92
C VAL A 163 8.05 -6.19 -11.80
N SER A 164 9.27 -5.67 -11.89
CA SER A 164 10.46 -6.50 -11.85
C SER A 164 10.52 -7.31 -10.55
N CYS A 165 10.20 -6.65 -9.44
CA CYS A 165 10.21 -7.31 -8.15
C CYS A 165 9.16 -8.42 -8.10
N TYR A 166 7.95 -8.16 -8.65
CA TYR A 166 6.87 -9.15 -8.63
C TYR A 166 7.22 -10.38 -9.47
N ALA A 167 8.03 -10.15 -10.49
CA ALA A 167 8.47 -11.21 -11.37
C ALA A 167 9.23 -12.29 -10.62
N ALA A 168 10.03 -11.86 -9.63
CA ALA A 168 10.84 -12.78 -8.85
C ALA A 168 10.23 -12.99 -7.47
N ALA A 169 9.08 -12.37 -7.25
CA ALA A 169 8.40 -12.45 -5.98
C ALA A 169 7.69 -13.77 -5.83
N THR A 170 8.30 -14.67 -5.09
CA THR A 170 7.73 -15.97 -4.81
C THR A 170 6.67 -15.88 -3.72
N VAL A 171 6.62 -14.72 -3.07
CA VAL A 171 5.69 -14.45 -1.97
C VAL A 171 6.00 -15.32 -0.76
N SER A 172 6.78 -14.78 0.13
CA SER A 172 7.18 -15.48 1.34
C SER A 172 6.85 -14.62 2.57
N PRO A 173 6.44 -15.23 3.70
CA PRO A 173 6.30 -16.71 3.82
C PRO A 173 5.13 -17.27 3.01
N ALA A 174 4.04 -16.51 2.94
CA ALA A 174 2.84 -16.94 2.22
C ALA A 174 1.79 -15.85 2.27
N TYR A 175 1.58 -15.31 3.47
CA TYR A 175 0.58 -14.27 3.66
C TYR A 175 1.15 -12.90 3.35
N ALA A 176 2.37 -12.87 2.82
CA ALA A 176 3.02 -11.61 2.47
C ALA A 176 2.16 -10.82 1.49
N PRO A 177 2.19 -9.47 1.57
CA PRO A 177 1.29 -8.62 0.78
C PRO A 177 1.33 -8.93 -0.71
N HIS A 178 0.17 -9.21 -1.27
CA HIS A 178 0.05 -9.55 -2.68
C HIS A 178 -0.44 -8.35 -3.45
N TRP A 179 -0.81 -7.30 -2.72
CA TRP A 179 -1.40 -6.13 -3.33
C TRP A 179 -0.40 -5.32 -4.12
N GLY A 180 -0.87 -4.72 -5.20
CA GLY A 180 -0.03 -3.91 -6.06
C GLY A 180 0.54 -4.70 -7.22
N GLU A 181 0.42 -6.03 -7.16
CA GLU A 181 0.97 -6.91 -8.20
C GLU A 181 0.33 -6.64 -9.56
N GLN A 182 -0.98 -6.60 -9.59
CA GLN A 182 -1.68 -6.41 -10.83
C GLN A 182 -1.76 -4.95 -11.21
N GLN A 183 -1.92 -4.09 -10.21
CA GLN A 183 -2.02 -2.66 -10.45
C GLN A 183 -0.73 -2.13 -11.07
N ALA A 184 0.41 -2.56 -10.54
CA ALA A 184 1.71 -2.14 -11.05
C ALA A 184 1.93 -2.68 -12.45
N ARG A 185 1.50 -3.92 -12.67
CA ARG A 185 1.68 -4.59 -13.94
C ARG A 185 0.97 -3.82 -15.05
N GLN A 186 -0.28 -3.44 -14.79
CA GLN A 186 -1.07 -2.69 -15.77
C GLN A 186 -0.64 -1.23 -15.81
N LEU A 187 -0.05 -0.74 -14.72
CA LEU A 187 0.37 0.64 -14.63
C LEU A 187 1.44 0.94 -15.68
N LEU A 188 2.35 -0.01 -15.87
CA LEU A 188 3.40 0.15 -16.88
C LEU A 188 2.75 0.24 -18.27
N MET A 189 1.74 -0.58 -18.50
CA MET A 189 1.03 -0.60 -19.78
C MET A 189 0.35 0.71 -19.98
N LEU A 190 -0.18 1.23 -18.93
CA LEU A 190 -0.79 2.55 -18.97
C LEU A 190 0.26 3.62 -19.28
N CYS A 191 1.44 3.47 -18.68
CA CYS A 191 2.52 4.42 -18.87
C CYS A 191 3.12 4.36 -20.29
N LYS A 192 3.33 3.15 -20.82
CA LYS A 192 3.89 3.03 -22.15
C LYS A 192 2.82 3.10 -23.21
N ALA A 193 1.69 2.43 -22.93
CA ALA A 193 0.53 2.41 -23.79
C ALA A 193 0.85 2.01 -25.22
N GLU A 194 1.79 1.08 -25.36
CA GLU A 194 2.18 0.58 -26.67
C GLU A 194 1.03 -0.14 -27.33
N THR A 195 0.28 -0.87 -26.51
CA THR A 195 -0.84 -1.68 -26.98
C THR A 195 -0.31 -2.81 -27.85
N GLN A 196 0.00 -3.93 -27.23
CA GLN A 196 0.59 -5.04 -27.92
C GLN A 196 0.03 -6.34 -27.41
N GLU A 197 0.24 -7.40 -28.16
CA GLU A 197 -0.16 -8.71 -27.74
C GLU A 197 0.94 -9.27 -26.87
N LEU A 198 0.64 -9.52 -25.61
CA LEU A 198 1.65 -9.94 -24.68
C LEU A 198 1.91 -11.44 -24.79
N VAL A 199 3.04 -11.77 -25.36
CA VAL A 199 3.44 -13.16 -25.47
C VAL A 199 4.20 -13.58 -24.22
N PRO A 200 3.74 -14.65 -23.55
CA PRO A 200 4.38 -15.15 -22.32
C PRO A 200 5.85 -15.52 -22.56
N ARG A 201 6.74 -14.80 -21.89
CA ARG A 201 8.19 -14.99 -22.02
C ARG A 201 8.62 -14.89 -23.49
N MET A 1 -13.40 -21.90 6.63
CA MET A 1 -14.45 -22.07 7.65
C MET A 1 -13.89 -21.81 9.04
N GLY A 2 -13.21 -22.79 9.60
CA GLY A 2 -12.59 -22.61 10.89
C GLY A 2 -11.32 -21.81 10.77
N GLN A 3 -10.95 -21.13 11.84
CA GLN A 3 -9.75 -20.34 11.84
C GLN A 3 -8.72 -20.97 12.76
N GLY A 4 -7.57 -21.32 12.22
CA GLY A 4 -6.54 -21.92 13.04
C GLY A 4 -6.07 -20.97 14.11
N THR A 5 -5.70 -21.49 15.25
CA THR A 5 -5.28 -20.65 16.36
C THR A 5 -3.84 -20.17 16.21
N ALA A 6 -3.14 -20.76 15.26
CA ALA A 6 -1.78 -20.37 14.98
C ALA A 6 -1.76 -18.95 14.40
N TYR A 7 -0.80 -18.15 14.83
CA TYR A 7 -0.70 -16.75 14.39
C TYR A 7 -0.58 -16.64 12.88
N ALA A 8 0.34 -17.41 12.31
CA ALA A 8 0.54 -17.40 10.87
C ALA A 8 -0.72 -17.83 10.14
N GLU A 9 -1.36 -18.87 10.67
CA GLU A 9 -2.59 -19.40 10.07
C GLU A 9 -3.76 -18.43 10.16
N VAL A 10 -3.87 -17.72 11.29
CA VAL A 10 -4.95 -16.75 11.46
C VAL A 10 -4.85 -15.68 10.38
N MET A 11 -3.65 -15.17 10.21
CA MET A 11 -3.38 -14.16 9.20
C MET A 11 -3.53 -14.76 7.82
N ASN A 12 -3.12 -16.00 7.67
CA ASN A 12 -3.20 -16.71 6.40
C ASN A 12 -4.67 -16.79 5.95
N ARG A 13 -5.56 -17.08 6.91
CA ARG A 13 -7.00 -17.15 6.62
C ARG A 13 -7.56 -15.77 6.29
N LYS A 14 -7.15 -14.78 7.07
CA LYS A 14 -7.65 -13.41 6.93
C LYS A 14 -7.17 -12.73 5.67
N VAL A 15 -5.91 -12.92 5.33
CA VAL A 15 -5.34 -12.32 4.13
C VAL A 15 -6.02 -12.86 2.88
N ALA A 16 -6.32 -14.16 2.87
CA ALA A 16 -7.02 -14.76 1.75
C ALA A 16 -8.39 -14.11 1.56
N ALA A 17 -9.08 -13.85 2.67
CA ALA A 17 -10.36 -13.17 2.62
C ALA A 17 -10.17 -11.74 2.16
N LEU A 18 -9.09 -11.15 2.64
CA LEU A 18 -8.72 -9.76 2.34
C LEU A 18 -8.56 -9.57 0.84
N ASP A 19 -8.01 -10.59 0.21
CA ASP A 19 -7.78 -10.62 -1.23
C ASP A 19 -9.08 -10.46 -2.03
N SER A 20 -10.11 -11.17 -1.61
CA SER A 20 -11.37 -11.20 -2.36
C SER A 20 -12.39 -10.16 -1.87
N VAL A 21 -12.34 -9.85 -0.60
CA VAL A 21 -13.29 -8.93 0.01
C VAL A 21 -13.09 -7.48 -0.51
N PRO A 22 -14.19 -6.73 -0.72
CA PRO A 22 -14.14 -5.32 -1.12
C PRO A 22 -13.43 -4.47 -0.06
N PRO A 23 -12.73 -3.39 -0.49
CA PRO A 23 -11.98 -2.51 0.42
C PRO A 23 -12.90 -1.85 1.46
N THR A 24 -14.15 -1.68 1.10
CA THR A 24 -15.15 -1.11 1.97
C THR A 24 -15.38 -2.03 3.19
N GLU A 25 -15.34 -3.33 2.95
CA GLU A 25 -15.60 -4.34 3.97
C GLU A 25 -14.35 -4.67 4.80
N TYR A 26 -13.30 -3.89 4.63
CA TYR A 26 -12.04 -4.09 5.38
C TYR A 26 -12.23 -3.85 6.87
N ALA A 27 -13.31 -3.18 7.22
CA ALA A 27 -13.60 -2.85 8.61
C ALA A 27 -13.66 -4.09 9.49
N THR A 28 -14.23 -5.17 8.96
CA THR A 28 -14.36 -6.40 9.73
C THR A 28 -12.99 -7.00 9.99
N LEU A 29 -12.17 -6.95 8.97
CA LEU A 29 -10.85 -7.53 9.00
C LEU A 29 -9.91 -6.74 9.87
N ALA A 30 -10.04 -5.41 9.82
CA ALA A 30 -9.21 -4.53 10.63
C ALA A 30 -9.43 -4.84 12.10
N ALA A 31 -10.68 -5.12 12.46
CA ALA A 31 -11.01 -5.49 13.82
C ALA A 31 -10.28 -6.76 14.23
N ASP A 32 -10.21 -7.74 13.33
CA ASP A 32 -9.50 -8.99 13.62
C ASP A 32 -8.01 -8.77 13.74
N PHE A 33 -7.44 -7.97 12.84
CA PHE A 33 -6.01 -7.72 12.85
C PHE A 33 -5.61 -6.94 14.10
N SER A 34 -6.43 -5.98 14.50
CA SER A 34 -6.18 -5.19 15.68
C SER A 34 -6.21 -6.07 16.94
N ARG A 35 -7.13 -7.05 16.95
CA ARG A 35 -7.23 -8.00 18.05
C ARG A 35 -5.96 -8.83 18.14
N ILE A 36 -5.47 -9.23 16.98
CA ILE A 36 -4.25 -10.01 16.88
C ILE A 36 -3.07 -9.20 17.38
N ALA A 37 -2.98 -7.96 16.90
CA ALA A 37 -1.89 -7.05 17.24
C ALA A 37 -1.86 -6.75 18.73
N ALA A 38 -3.03 -6.70 19.35
CA ALA A 38 -3.14 -6.42 20.77
C ALA A 38 -2.39 -7.46 21.60
N VAL A 39 -2.44 -8.71 21.16
CA VAL A 39 -1.76 -9.79 21.84
C VAL A 39 -0.28 -9.69 21.56
N GLU A 40 0.49 -9.96 22.55
CA GLU A 40 1.95 -9.85 22.48
C GLU A 40 2.58 -10.86 21.51
N GLY A 41 1.83 -11.91 21.20
CA GLY A 41 2.34 -12.93 20.30
C GLY A 41 2.41 -12.47 18.86
N SER A 42 1.75 -11.37 18.54
CA SER A 42 1.72 -10.84 17.19
C SER A 42 3.01 -10.10 16.87
N ASP A 43 3.23 -9.84 15.58
CA ASP A 43 4.36 -9.06 15.16
C ASP A 43 3.91 -7.82 14.40
N TRP A 44 4.86 -7.13 13.79
CA TRP A 44 4.61 -5.88 13.11
C TRP A 44 3.59 -6.03 11.97
N MET A 45 3.53 -7.22 11.39
CA MET A 45 2.66 -7.47 10.25
C MET A 45 1.20 -7.33 10.65
N ALA A 46 0.87 -7.76 11.85
CA ALA A 46 -0.50 -7.63 12.35
C ALA A 46 -0.88 -6.15 12.38
N ALA A 47 0.06 -5.33 12.85
CA ALA A 47 -0.12 -3.89 12.88
C ALA A 47 -0.20 -3.32 11.47
N TYR A 48 0.61 -3.88 10.58
CA TYR A 48 0.67 -3.47 9.18
C TYR A 48 -0.70 -3.60 8.52
N TYR A 49 -1.30 -4.77 8.68
CA TYR A 49 -2.60 -5.03 8.09
C TYR A 49 -3.71 -4.24 8.75
N THR A 50 -3.59 -3.99 10.05
CA THR A 50 -4.59 -3.19 10.74
C THR A 50 -4.65 -1.78 10.14
N ALA A 51 -3.46 -1.18 9.96
CA ALA A 51 -3.35 0.14 9.35
C ALA A 51 -3.84 0.10 7.90
N TYR A 52 -3.47 -0.97 7.21
CA TYR A 52 -3.84 -1.18 5.82
C TYR A 52 -5.35 -1.17 5.64
N CYS A 53 -6.04 -1.90 6.48
CA CYS A 53 -7.47 -2.04 6.39
C CYS A 53 -8.20 -0.72 6.67
N ARG A 54 -7.50 0.23 7.27
CA ARG A 54 -8.08 1.55 7.52
C ARG A 54 -7.68 2.55 6.44
N ILE A 55 -6.43 2.49 6.02
CA ILE A 55 -5.91 3.41 5.00
C ILE A 55 -6.56 3.24 3.63
N ILE A 56 -6.76 2.00 3.22
CA ILE A 56 -7.37 1.73 1.91
C ILE A 56 -8.79 2.36 1.77
N PRO A 57 -9.70 2.14 2.77
CA PRO A 57 -11.05 2.75 2.75
C PRO A 57 -10.98 4.28 2.74
N ALA A 58 -9.90 4.82 3.28
CA ALA A 58 -9.70 6.28 3.35
C ALA A 58 -9.76 6.91 1.98
N PHE A 59 -9.22 6.21 0.99
CA PHE A 59 -9.25 6.69 -0.39
C PHE A 59 -10.70 6.87 -0.85
N GLY A 60 -11.55 5.96 -0.43
CA GLY A 60 -12.94 6.01 -0.80
C GLY A 60 -13.82 6.61 0.27
N ASN A 61 -13.22 7.11 1.35
CA ASN A 61 -13.98 7.66 2.46
C ASN A 61 -13.33 8.93 3.00
N PRO A 62 -13.41 10.03 2.24
CA PRO A 62 -12.84 11.32 2.65
C PRO A 62 -13.62 11.96 3.79
N SER A 63 -14.84 11.46 4.02
CA SER A 63 -15.74 12.02 5.03
C SER A 63 -15.13 11.92 6.44
N GLU A 64 -14.52 10.79 6.75
CA GLU A 64 -13.93 10.61 8.07
C GLU A 64 -12.55 9.99 7.93
N ALA A 65 -11.88 10.32 6.83
CA ALA A 65 -10.56 9.79 6.54
C ALA A 65 -9.59 10.17 7.65
N ASP A 66 -9.76 11.37 8.17
CA ASP A 66 -8.91 11.87 9.26
C ASP A 66 -9.02 10.98 10.50
N ARG A 67 -10.26 10.65 10.86
CA ARG A 67 -10.52 9.87 12.07
C ARG A 67 -9.91 8.49 11.98
N LEU A 68 -9.99 7.88 10.82
CA LEU A 68 -9.45 6.55 10.62
C LEU A 68 -7.96 6.60 10.34
N CYS A 69 -7.48 7.71 9.75
CA CYS A 69 -6.06 7.90 9.47
C CYS A 69 -5.27 7.92 10.74
N GLU A 70 -5.76 8.67 11.73
CA GLU A 70 -5.07 8.78 13.00
C GLU A 70 -4.99 7.42 13.66
N GLU A 71 -6.05 6.66 13.55
CA GLU A 71 -6.09 5.31 14.08
C GLU A 71 -5.08 4.42 13.35
N ALA A 72 -5.07 4.54 12.02
CA ALA A 72 -4.18 3.73 11.18
C ALA A 72 -2.71 4.04 11.43
N GLU A 73 -2.36 5.30 11.53
CA GLU A 73 -0.96 5.69 11.73
C GLU A 73 -0.50 5.33 13.14
N SER A 74 -1.44 5.24 14.06
CA SER A 74 -1.15 4.79 15.40
C SER A 74 -0.63 3.35 15.34
N MET A 75 -1.27 2.54 14.50
CA MET A 75 -0.87 1.17 14.27
C MET A 75 0.47 1.10 13.53
N LEU A 76 0.69 2.05 12.62
CA LEU A 76 1.92 2.10 11.84
C LEU A 76 3.15 2.29 12.73
N SER A 77 3.02 3.12 13.76
CA SER A 77 4.14 3.37 14.65
C SER A 77 4.52 2.10 15.38
N LYS A 78 3.52 1.29 15.68
CA LYS A 78 3.72 0.02 16.35
C LYS A 78 4.53 -0.92 15.47
N ALA A 79 4.21 -0.91 14.16
CA ALA A 79 4.93 -1.72 13.18
C ALA A 79 6.40 -1.28 13.12
N GLU A 80 6.60 0.02 13.17
CA GLU A 80 7.94 0.62 13.17
C GLU A 80 8.69 0.21 14.44
N SER A 81 7.97 0.22 15.55
CA SER A 81 8.51 -0.08 16.88
C SER A 81 9.06 -1.51 16.97
N LEU A 82 8.37 -2.45 16.33
CA LEU A 82 8.77 -3.85 16.39
C LEU A 82 9.95 -4.15 15.48
N GLY A 83 10.36 -3.17 14.69
CA GLY A 83 11.49 -3.35 13.82
C GLY A 83 11.12 -4.03 12.55
N GLY A 84 9.91 -3.81 12.11
CA GLY A 84 9.45 -4.38 10.89
C GLY A 84 9.96 -3.60 9.70
N ASP A 85 9.55 -4.00 8.51
CA ASP A 85 10.01 -3.34 7.30
C ASP A 85 9.44 -1.93 7.24
N LEU A 86 10.33 -0.96 7.31
CA LEU A 86 9.96 0.43 7.32
C LEU A 86 9.28 0.83 6.01
N SER A 87 9.78 0.31 4.90
CA SER A 87 9.27 0.64 3.58
C SER A 87 7.82 0.24 3.42
N GLU A 88 7.49 -0.95 3.88
CA GLU A 88 6.15 -1.46 3.74
C GLU A 88 5.16 -0.58 4.47
N ILE A 89 5.54 -0.09 5.63
CA ILE A 89 4.65 0.79 6.36
C ILE A 89 4.75 2.23 5.88
N ALA A 90 5.91 2.59 5.30
CA ALA A 90 6.10 3.92 4.74
C ALA A 90 5.13 4.16 3.59
N CYS A 91 4.97 3.16 2.73
CA CYS A 91 4.06 3.28 1.60
C CYS A 91 2.60 3.38 2.07
N LEU A 92 2.27 2.73 3.18
CA LEU A 92 0.92 2.85 3.72
C LEU A 92 0.70 4.28 4.23
N ARG A 93 1.72 4.81 4.90
CA ARG A 93 1.67 6.14 5.44
C ARG A 93 1.57 7.20 4.34
N SER A 94 2.33 7.01 3.26
CA SER A 94 2.28 7.93 2.14
C SER A 94 0.91 7.91 1.48
N MET A 95 0.29 6.72 1.42
CA MET A 95 -1.05 6.59 0.87
C MET A 95 -2.06 7.34 1.72
N ALA A 96 -1.87 7.30 3.02
CA ALA A 96 -2.79 7.97 3.93
C ALA A 96 -2.82 9.46 3.63
N ALA A 97 -1.66 10.05 3.36
CA ALA A 97 -1.59 11.44 3.01
C ALA A 97 -2.32 11.72 1.70
N SER A 98 -2.14 10.83 0.71
CA SER A 98 -2.80 11.00 -0.58
C SER A 98 -4.31 10.79 -0.48
N ALA A 99 -4.75 9.87 0.36
CA ALA A 99 -6.17 9.62 0.56
C ALA A 99 -6.85 10.85 1.16
N ARG A 100 -6.17 11.45 2.12
CA ARG A 100 -6.66 12.65 2.77
C ARG A 100 -6.57 13.85 1.83
N LEU A 101 -5.62 13.77 0.92
CA LEU A 101 -5.43 14.78 -0.11
C LEU A 101 -6.70 14.87 -0.97
N LEU A 102 -7.33 13.72 -1.19
CA LEU A 102 -8.54 13.63 -2.01
C LEU A 102 -9.70 14.44 -1.42
N VAL A 103 -9.61 14.79 -0.13
CA VAL A 103 -10.64 15.62 0.50
C VAL A 103 -10.70 16.97 -0.21
N ASN A 104 -9.54 17.53 -0.49
CA ASN A 104 -9.42 18.76 -1.26
C ASN A 104 -8.22 18.66 -2.19
N PRO A 105 -8.43 18.08 -3.38
CA PRO A 105 -7.34 17.84 -4.34
C PRO A 105 -6.89 19.10 -5.07
N GLN A 106 -6.93 20.23 -4.38
CA GLN A 106 -6.46 21.47 -4.96
C GLN A 106 -5.36 22.08 -4.11
N GLU A 107 -5.54 22.07 -2.79
CA GLU A 107 -4.54 22.66 -1.90
C GLU A 107 -3.86 21.63 -1.00
N ARG A 108 -4.41 20.43 -0.94
CA ARG A 108 -3.82 19.39 -0.07
C ARG A 108 -2.50 18.89 -0.62
N TRP A 109 -2.20 19.27 -1.86
CA TRP A 109 -0.94 18.94 -2.49
C TRP A 109 0.23 19.53 -1.69
N GLN A 110 0.01 20.73 -1.17
CA GLN A 110 1.03 21.47 -0.43
C GLN A 110 1.49 20.71 0.82
N THR A 111 0.55 20.13 1.53
CA THR A 111 0.88 19.42 2.75
C THR A 111 0.92 17.90 2.51
N TYR A 112 -0.24 17.33 2.26
CA TYR A 112 -0.37 15.89 2.11
C TYR A 112 0.39 15.37 0.91
N GLY A 113 0.33 16.10 -0.20
CA GLY A 113 1.05 15.70 -1.37
C GLY A 113 2.54 15.67 -1.13
N ALA A 114 3.04 16.71 -0.48
CA ALA A 114 4.45 16.79 -0.14
C ALA A 114 4.84 15.66 0.80
N GLU A 115 4.01 15.41 1.81
CA GLU A 115 4.29 14.38 2.80
C GLU A 115 4.33 13.01 2.14
N SER A 116 3.39 12.74 1.26
CA SER A 116 3.35 11.49 0.53
C SER A 116 4.61 11.32 -0.33
N SER A 117 4.99 12.40 -1.02
CA SER A 117 6.16 12.38 -1.89
C SER A 117 7.43 12.11 -1.07
N ARG A 118 7.54 12.80 0.05
CA ARG A 118 8.67 12.65 0.94
C ARG A 118 8.73 11.24 1.53
N GLN A 119 7.56 10.74 1.87
CA GLN A 119 7.43 9.43 2.47
C GLN A 119 7.85 8.34 1.48
N LEU A 120 7.55 8.55 0.20
CA LEU A 120 7.93 7.61 -0.84
C LEU A 120 9.42 7.48 -0.94
N ALA A 121 10.10 8.58 -0.77
CA ALA A 121 11.54 8.60 -0.75
C ALA A 121 12.05 7.72 0.39
N VAL A 122 11.35 7.78 1.52
CA VAL A 122 11.68 6.99 2.68
C VAL A 122 11.50 5.50 2.37
N ALA A 123 10.38 5.16 1.71
CA ALA A 123 10.10 3.79 1.34
C ALA A 123 11.19 3.24 0.43
N LEU A 124 11.61 4.04 -0.54
CA LEU A 124 12.67 3.62 -1.45
C LEU A 124 13.99 3.44 -0.73
N GLU A 125 14.29 4.35 0.20
CA GLU A 125 15.54 4.28 0.92
C GLU A 125 15.59 3.07 1.85
N ALA A 126 14.50 2.82 2.59
CA ALA A 126 14.47 1.70 3.53
C ALA A 126 14.61 0.37 2.79
N ASN A 127 13.89 0.20 1.68
CA ASN A 127 14.06 -0.97 0.84
C ASN A 127 14.03 -0.52 -0.63
N PRO A 128 15.19 -0.54 -1.30
CA PRO A 128 15.30 -0.10 -2.70
C PRO A 128 14.58 -1.02 -3.68
N ALA A 129 14.18 -2.19 -3.22
CA ALA A 129 13.46 -3.13 -4.04
C ALA A 129 11.97 -3.15 -3.69
N ASN A 130 11.56 -2.17 -2.88
CA ASN A 130 10.16 -2.10 -2.43
C ASN A 130 9.22 -1.84 -3.62
N PRO A 131 8.30 -2.79 -3.87
CA PRO A 131 7.40 -2.70 -5.02
C PRO A 131 6.37 -1.58 -4.93
N ARG A 132 5.81 -1.38 -3.73
CA ARG A 132 4.79 -0.35 -3.54
C ARG A 132 5.38 1.04 -3.66
N ALA A 133 6.61 1.22 -3.20
CA ALA A 133 7.27 2.51 -3.27
C ALA A 133 7.39 2.97 -4.71
N TYR A 134 7.78 2.05 -5.59
CA TYR A 134 7.89 2.36 -7.01
C TYR A 134 6.51 2.59 -7.61
N PHE A 135 5.54 1.79 -7.19
CA PHE A 135 4.17 1.92 -7.69
C PHE A 135 3.62 3.30 -7.39
N LEU A 136 3.74 3.71 -6.14
CA LEU A 136 3.26 5.00 -5.73
C LEU A 136 4.01 6.10 -6.44
N GLN A 137 5.30 5.91 -6.62
CA GLN A 137 6.12 6.87 -7.34
C GLN A 137 5.64 7.01 -8.77
N ALA A 138 5.43 5.89 -9.43
CA ALA A 138 4.95 5.88 -10.80
C ALA A 138 3.57 6.52 -10.89
N GLN A 139 2.71 6.17 -9.94
CA GLN A 139 1.37 6.72 -9.89
C GLN A 139 1.41 8.23 -9.71
N SER A 140 2.21 8.68 -8.76
CA SER A 140 2.33 10.10 -8.49
C SER A 140 2.91 10.83 -9.69
N LEU A 141 3.96 10.27 -10.27
CA LEU A 141 4.63 10.87 -11.42
C LEU A 141 3.71 10.93 -12.64
N LEU A 142 2.96 9.87 -12.88
CA LEU A 142 2.04 9.81 -14.00
C LEU A 142 0.92 10.84 -13.89
N TYR A 143 0.39 10.99 -12.69
CA TYR A 143 -0.74 11.86 -12.48
C TYR A 143 -0.33 13.20 -11.86
N THR A 144 0.94 13.55 -12.02
CA THR A 144 1.45 14.81 -11.48
C THR A 144 0.72 16.02 -12.10
N PRO A 145 0.18 16.90 -11.24
CA PRO A 145 -0.52 18.11 -11.69
C PRO A 145 0.46 19.23 -12.04
N ALA A 146 1.47 18.90 -12.86
CA ALA A 146 2.50 19.84 -13.35
C ALA A 146 3.45 20.35 -12.24
N GLN A 147 2.97 20.41 -11.01
CA GLN A 147 3.76 20.96 -9.89
C GLN A 147 5.05 20.20 -9.62
N PHE A 148 4.99 18.89 -9.67
CA PHE A 148 6.15 18.07 -9.32
C PHE A 148 7.04 17.79 -10.53
N GLY A 149 6.65 18.32 -11.69
CA GLY A 149 7.45 18.12 -12.90
C GLY A 149 7.46 16.67 -13.35
N GLY A 150 6.36 15.98 -13.12
CA GLY A 150 6.26 14.60 -13.48
C GLY A 150 5.73 14.39 -14.88
N GLY A 151 5.35 13.18 -15.14
CA GLY A 151 4.85 12.78 -16.44
C GLY A 151 4.98 11.29 -16.60
N LYS A 152 4.44 10.75 -17.70
CA LYS A 152 4.50 9.31 -17.93
C LYS A 152 5.96 8.86 -18.06
N ASP A 153 6.77 9.72 -18.65
CA ASP A 153 8.18 9.46 -18.89
C ASP A 153 8.91 9.26 -17.58
N LYS A 154 8.57 10.07 -16.60
CA LYS A 154 9.16 9.97 -15.28
C LYS A 154 8.73 8.68 -14.59
N ALA A 155 7.47 8.31 -14.79
CA ALA A 155 6.89 7.14 -14.16
C ALA A 155 7.32 5.82 -14.81
N LEU A 156 7.91 5.91 -16.00
CA LEU A 156 8.30 4.72 -16.76
C LEU A 156 9.18 3.74 -15.97
N PRO A 157 10.33 4.19 -15.39
CA PRO A 157 11.21 3.29 -14.64
C PRO A 157 10.56 2.77 -13.37
N PHE A 158 9.73 3.59 -12.75
CA PHE A 158 9.05 3.22 -11.52
C PHE A 158 8.01 2.15 -11.76
N ALA A 159 7.28 2.27 -12.86
CA ALA A 159 6.30 1.27 -13.22
C ALA A 159 6.99 -0.06 -13.53
N GLU A 160 8.12 0.02 -14.21
CA GLU A 160 8.91 -1.17 -14.54
C GLU A 160 9.41 -1.87 -13.27
N LYS A 161 9.90 -1.07 -12.33
CA LYS A 161 10.44 -1.59 -11.07
C LYS A 161 9.40 -2.31 -10.24
N SER A 162 8.24 -1.69 -10.08
CA SER A 162 7.20 -2.25 -9.26
C SER A 162 6.72 -3.58 -9.81
N VAL A 163 6.46 -3.63 -11.11
CA VAL A 163 5.98 -4.84 -11.75
C VAL A 163 7.05 -5.94 -11.70
N SER A 164 8.30 -5.56 -11.98
CA SER A 164 9.38 -6.51 -11.97
C SER A 164 9.53 -7.12 -10.58
N CYS A 165 9.37 -6.28 -9.57
CA CYS A 165 9.47 -6.71 -8.20
C CYS A 165 8.38 -7.71 -7.84
N TYR A 166 7.13 -7.43 -8.23
CA TYR A 166 6.02 -8.31 -7.87
C TYR A 166 6.20 -9.70 -8.47
N ALA A 167 6.66 -9.75 -9.71
CA ALA A 167 6.88 -11.02 -10.38
C ALA A 167 7.94 -11.82 -9.64
N ALA A 168 9.01 -11.14 -9.27
CA ALA A 168 10.11 -11.74 -8.53
C ALA A 168 9.67 -12.18 -7.14
N ALA A 169 8.86 -11.35 -6.48
CA ALA A 169 8.40 -11.62 -5.12
C ALA A 169 7.58 -12.90 -5.06
N THR A 170 6.69 -13.05 -6.01
CA THR A 170 5.79 -14.22 -6.10
C THR A 170 4.94 -14.38 -4.81
N VAL A 171 4.90 -13.31 -4.01
CA VAL A 171 4.17 -13.27 -2.74
C VAL A 171 4.59 -14.38 -1.76
N SER A 172 5.47 -14.02 -0.85
CA SER A 172 5.97 -14.94 0.14
C SER A 172 5.95 -14.26 1.52
N PRO A 173 5.73 -15.02 2.61
CA PRO A 173 5.55 -16.49 2.57
C PRO A 173 4.24 -16.95 1.94
N ALA A 174 3.15 -16.29 2.29
CA ALA A 174 1.83 -16.67 1.78
C ALA A 174 0.82 -15.59 2.10
N TYR A 175 0.81 -15.18 3.36
CA TYR A 175 -0.11 -14.16 3.81
C TYR A 175 0.47 -12.77 3.55
N ALA A 176 1.50 -12.72 2.73
CA ALA A 176 2.12 -11.46 2.36
C ALA A 176 1.16 -10.65 1.49
N PRO A 177 1.32 -9.31 1.44
CA PRO A 177 0.40 -8.43 0.69
C PRO A 177 0.22 -8.85 -0.78
N HIS A 178 -1.04 -8.94 -1.20
CA HIS A 178 -1.36 -9.28 -2.59
C HIS A 178 -1.84 -8.06 -3.32
N TRP A 179 -1.75 -6.92 -2.67
CA TRP A 179 -2.28 -5.68 -3.22
C TRP A 179 -1.20 -4.88 -3.94
N GLY A 180 -1.63 -4.16 -4.96
CA GLY A 180 -0.74 -3.30 -5.69
C GLY A 180 -0.13 -3.96 -6.91
N GLU A 181 -0.14 -5.29 -6.93
CA GLU A 181 0.43 -6.02 -8.06
C GLU A 181 -0.35 -5.76 -9.35
N GLN A 182 -1.66 -5.90 -9.28
CA GLN A 182 -2.52 -5.70 -10.40
C GLN A 182 -2.47 -4.24 -10.83
N GLN A 183 -2.50 -3.37 -9.84
CA GLN A 183 -2.51 -1.94 -10.07
C GLN A 183 -1.23 -1.50 -10.78
N ALA A 184 -0.10 -2.04 -10.34
CA ALA A 184 1.20 -1.71 -10.93
C ALA A 184 1.29 -2.16 -12.38
N ARG A 185 0.78 -3.36 -12.65
CA ARG A 185 0.83 -3.90 -14.00
C ARG A 185 0.00 -3.02 -14.94
N GLN A 186 -1.16 -2.58 -14.45
CA GLN A 186 -2.02 -1.69 -15.20
C GLN A 186 -1.39 -0.32 -15.36
N LEU A 187 -0.76 0.14 -14.30
CA LEU A 187 -0.13 1.44 -14.30
C LEU A 187 0.97 1.51 -15.33
N LEU A 188 1.77 0.45 -15.40
CA LEU A 188 2.87 0.37 -16.34
C LEU A 188 2.36 0.41 -17.78
N MET A 189 1.37 -0.42 -18.09
CA MET A 189 0.85 -0.47 -19.46
C MET A 189 0.19 0.83 -19.83
N LEU A 190 -0.34 1.53 -18.85
CA LEU A 190 -0.87 2.86 -19.09
C LEU A 190 0.27 3.86 -19.36
N CYS A 191 1.37 3.71 -18.62
CA CYS A 191 2.52 4.60 -18.74
C CYS A 191 3.24 4.43 -20.09
N LYS A 192 3.43 3.19 -20.54
CA LYS A 192 4.12 2.96 -21.81
C LYS A 192 3.14 2.84 -22.94
N ALA A 193 2.09 2.09 -22.68
CA ALA A 193 1.05 1.80 -23.65
C ALA A 193 1.61 1.09 -24.87
N GLU A 194 2.73 0.41 -24.67
CA GLU A 194 3.38 -0.32 -25.72
C GLU A 194 3.10 -1.80 -25.58
N THR A 195 2.74 -2.42 -26.65
CA THR A 195 2.50 -3.84 -26.63
C THR A 195 2.98 -4.47 -27.91
N GLN A 196 3.50 -5.67 -27.80
CA GLN A 196 3.99 -6.40 -28.92
C GLN A 196 3.23 -7.71 -29.02
N GLU A 197 3.07 -8.20 -30.24
CA GLU A 197 2.36 -9.44 -30.43
C GLU A 197 3.30 -10.61 -30.24
N LEU A 198 2.95 -11.46 -29.30
CA LEU A 198 3.76 -12.62 -29.01
C LEU A 198 3.16 -13.84 -29.67
N VAL A 199 3.90 -14.44 -30.59
CA VAL A 199 3.43 -15.62 -31.29
C VAL A 199 3.45 -16.84 -30.35
N PRO A 200 2.38 -17.67 -30.38
CA PRO A 200 2.31 -18.88 -29.55
C PRO A 200 3.49 -19.81 -29.81
N ARG A 201 3.98 -20.41 -28.76
CA ARG A 201 5.12 -21.29 -28.87
C ARG A 201 4.69 -22.74 -28.69
N MET A 1 -11.02 -25.19 9.20
CA MET A 1 -11.04 -26.00 10.43
C MET A 1 -9.70 -26.70 10.61
N GLY A 2 -9.28 -26.83 11.86
CA GLY A 2 -8.01 -27.47 12.15
C GLY A 2 -7.81 -27.63 13.64
N GLN A 3 -6.65 -28.09 14.04
CA GLN A 3 -6.34 -28.27 15.45
C GLN A 3 -5.29 -27.28 15.92
N GLY A 4 -5.61 -26.55 16.97
CA GLY A 4 -4.69 -25.62 17.53
C GLY A 4 -4.86 -24.22 16.96
N THR A 5 -4.49 -23.24 17.75
CA THR A 5 -4.54 -21.86 17.32
C THR A 5 -3.15 -21.26 17.41
N ALA A 6 -2.68 -20.69 16.32
CA ALA A 6 -1.35 -20.12 16.27
C ALA A 6 -1.40 -18.74 15.65
N TYR A 7 -0.55 -17.86 16.13
CA TYR A 7 -0.49 -16.49 15.65
C TYR A 7 -0.22 -16.45 14.15
N ALA A 8 0.79 -17.19 13.71
CA ALA A 8 1.12 -17.24 12.30
C ALA A 8 -0.04 -17.82 11.48
N GLU A 9 -0.63 -18.90 12.00
CA GLU A 9 -1.74 -19.56 11.31
C GLU A 9 -2.98 -18.68 11.24
N VAL A 10 -3.26 -17.96 12.32
CA VAL A 10 -4.39 -17.05 12.35
C VAL A 10 -4.21 -15.96 11.30
N MET A 11 -3.01 -15.42 11.24
CA MET A 11 -2.70 -14.40 10.27
C MET A 11 -2.77 -14.96 8.87
N ASN A 12 -2.31 -16.20 8.69
CA ASN A 12 -2.36 -16.87 7.39
C ASN A 12 -3.79 -16.98 6.93
N ARG A 13 -4.68 -17.33 7.85
CA ARG A 13 -6.10 -17.44 7.55
C ARG A 13 -6.69 -16.09 7.16
N LYS A 14 -6.37 -15.07 7.95
CA LYS A 14 -6.88 -13.73 7.72
C LYS A 14 -6.37 -13.17 6.39
N VAL A 15 -5.09 -13.39 6.12
CA VAL A 15 -4.47 -12.95 4.89
C VAL A 15 -5.04 -13.73 3.69
N ALA A 16 -5.29 -15.02 3.88
CA ALA A 16 -5.87 -15.85 2.83
C ALA A 16 -7.25 -15.31 2.42
N ALA A 17 -8.02 -14.90 3.41
CA ALA A 17 -9.34 -14.35 3.17
C ALA A 17 -9.25 -12.91 2.68
N LEU A 18 -8.12 -12.28 2.95
CA LEU A 18 -7.91 -10.88 2.62
C LEU A 18 -8.05 -10.63 1.12
N ASP A 19 -7.46 -11.52 0.31
CA ASP A 19 -7.57 -11.41 -1.13
C ASP A 19 -9.00 -11.67 -1.60
N SER A 20 -9.64 -12.64 -0.97
CA SER A 20 -11.02 -13.03 -1.33
C SER A 20 -12.05 -11.97 -0.94
N VAL A 21 -11.90 -11.39 0.23
CA VAL A 21 -12.85 -10.43 0.77
C VAL A 21 -12.74 -9.06 0.06
N PRO A 22 -13.89 -8.41 -0.20
CA PRO A 22 -13.91 -7.06 -0.77
C PRO A 22 -13.24 -6.05 0.16
N PRO A 23 -12.60 -5.00 -0.41
CA PRO A 23 -11.94 -3.96 0.39
C PRO A 23 -12.93 -3.22 1.31
N THR A 24 -14.19 -3.26 0.92
CA THR A 24 -15.25 -2.66 1.67
C THR A 24 -15.40 -3.34 3.04
N GLU A 25 -15.24 -4.66 3.06
CA GLU A 25 -15.42 -5.46 4.26
C GLU A 25 -14.11 -5.64 5.02
N TYR A 26 -13.12 -4.83 4.70
CA TYR A 26 -11.82 -4.86 5.40
C TYR A 26 -11.99 -4.45 6.87
N ALA A 27 -13.11 -3.82 7.18
CA ALA A 27 -13.36 -3.32 8.52
C ALA A 27 -13.30 -4.44 9.56
N THR A 28 -13.85 -5.60 9.24
CA THR A 28 -13.81 -6.71 10.16
C THR A 28 -12.38 -7.21 10.33
N LEU A 29 -11.63 -7.26 9.23
CA LEU A 29 -10.27 -7.77 9.30
C LEU A 29 -9.37 -6.82 10.03
N ALA A 30 -9.54 -5.53 9.81
CA ALA A 30 -8.74 -4.52 10.50
C ALA A 30 -8.95 -4.65 12.00
N ALA A 31 -10.20 -4.85 12.40
CA ALA A 31 -10.52 -5.07 13.78
C ALA A 31 -9.87 -6.34 14.29
N ASP A 32 -9.91 -7.40 13.47
CA ASP A 32 -9.31 -8.68 13.85
C ASP A 32 -7.82 -8.57 14.05
N PHE A 33 -7.13 -7.88 13.14
CA PHE A 33 -5.70 -7.68 13.26
C PHE A 33 -5.39 -6.82 14.47
N SER A 34 -6.23 -5.82 14.70
CA SER A 34 -6.09 -4.93 15.83
C SER A 34 -6.24 -5.73 17.13
N ARG A 35 -7.21 -6.63 17.15
CA ARG A 35 -7.46 -7.49 18.30
C ARG A 35 -6.27 -8.40 18.56
N ILE A 36 -5.70 -8.92 17.48
CA ILE A 36 -4.52 -9.75 17.57
C ILE A 36 -3.35 -8.93 18.12
N ALA A 37 -3.16 -7.74 17.57
CA ALA A 37 -2.12 -6.83 18.02
C ALA A 37 -2.32 -6.43 19.47
N ALA A 38 -3.60 -6.26 19.85
CA ALA A 38 -3.98 -5.88 21.22
C ALA A 38 -3.51 -6.91 22.24
N VAL A 39 -3.23 -8.12 21.78
CA VAL A 39 -2.69 -9.17 22.64
C VAL A 39 -1.37 -8.72 23.21
N GLU A 40 -0.66 -7.98 22.39
CA GLU A 40 0.64 -7.36 22.71
C GLU A 40 1.79 -8.33 22.48
N GLY A 41 1.51 -9.61 22.54
CA GLY A 41 2.52 -10.60 22.23
C GLY A 41 2.78 -10.65 20.73
N SER A 42 1.86 -10.05 19.98
CA SER A 42 1.95 -9.99 18.54
C SER A 42 2.99 -8.96 18.11
N ASP A 43 3.54 -9.13 16.93
CA ASP A 43 4.58 -8.24 16.43
C ASP A 43 4.01 -7.15 15.54
N TRP A 44 4.92 -6.43 14.89
CA TRP A 44 4.58 -5.29 14.05
C TRP A 44 3.67 -5.67 12.88
N MET A 45 3.73 -6.93 12.45
CA MET A 45 2.97 -7.39 11.28
C MET A 45 1.49 -7.21 11.52
N ALA A 46 1.05 -7.49 12.75
CA ALA A 46 -0.34 -7.33 13.11
C ALA A 46 -0.75 -5.86 12.95
N ALA A 47 0.13 -4.96 13.40
CA ALA A 47 -0.08 -3.53 13.27
C ALA A 47 -0.09 -3.10 11.81
N TYR A 48 0.82 -3.69 11.01
CA TYR A 48 0.93 -3.39 9.59
C TYR A 48 -0.38 -3.69 8.88
N TYR A 49 -0.91 -4.87 9.11
CA TYR A 49 -2.17 -5.25 8.50
C TYR A 49 -3.36 -4.47 9.03
N THR A 50 -3.34 -4.12 10.31
CA THR A 50 -4.42 -3.34 10.87
C THR A 50 -4.53 -2.00 10.14
N ALA A 51 -3.39 -1.34 9.98
CA ALA A 51 -3.34 -0.08 9.29
C ALA A 51 -3.74 -0.24 7.83
N TYR A 52 -3.21 -1.29 7.20
CA TYR A 52 -3.50 -1.58 5.80
C TYR A 52 -4.99 -1.76 5.54
N CYS A 53 -5.61 -2.57 6.35
CA CYS A 53 -7.01 -2.87 6.19
C CYS A 53 -7.87 -1.63 6.34
N ARG A 54 -7.52 -0.76 7.28
CA ARG A 54 -8.27 0.47 7.49
C ARG A 54 -8.01 1.50 6.39
N ILE A 55 -6.77 1.58 5.94
CA ILE A 55 -6.36 2.53 4.89
C ILE A 55 -7.07 2.30 3.55
N ILE A 56 -7.19 1.05 3.13
CA ILE A 56 -7.78 0.74 1.82
C ILE A 56 -9.22 1.32 1.61
N PRO A 57 -10.16 1.14 2.59
CA PRO A 57 -11.53 1.70 2.50
C PRO A 57 -11.51 3.22 2.37
N ALA A 58 -10.47 3.85 2.90
CA ALA A 58 -10.34 5.30 2.89
C ALA A 58 -10.34 5.86 1.47
N PHE A 59 -9.71 5.14 0.56
CA PHE A 59 -9.67 5.55 -0.84
C PHE A 59 -11.07 5.67 -1.43
N GLY A 60 -11.93 4.73 -1.06
CA GLY A 60 -13.29 4.74 -1.54
C GLY A 60 -14.25 5.37 -0.56
N ASN A 61 -13.74 5.92 0.53
CA ASN A 61 -14.57 6.50 1.55
C ASN A 61 -13.98 7.81 2.03
N PRO A 62 -14.03 8.84 1.19
CA PRO A 62 -13.47 10.14 1.51
C PRO A 62 -14.34 10.89 2.51
N SER A 63 -15.54 10.35 2.72
CA SER A 63 -16.51 10.93 3.62
C SER A 63 -15.95 10.99 5.05
N GLU A 64 -15.31 9.92 5.50
CA GLU A 64 -14.73 9.91 6.84
C GLU A 64 -13.34 9.26 6.82
N ALA A 65 -12.67 9.38 5.69
CA ALA A 65 -11.35 8.82 5.51
C ALA A 65 -10.37 9.40 6.52
N ASP A 66 -10.54 10.67 6.81
CA ASP A 66 -9.64 11.39 7.69
C ASP A 66 -9.61 10.79 9.10
N ARG A 67 -10.79 10.52 9.64
CA ARG A 67 -10.90 10.03 11.00
C ARG A 67 -10.37 8.61 11.15
N LEU A 68 -10.54 7.79 10.13
CA LEU A 68 -10.10 6.41 10.18
C LEU A 68 -8.62 6.31 9.82
N CYS A 69 -8.16 7.21 8.95
CA CYS A 69 -6.77 7.24 8.53
C CYS A 69 -5.84 7.52 9.71
N GLU A 70 -6.27 8.44 10.58
CA GLU A 70 -5.48 8.79 11.76
C GLU A 70 -5.26 7.58 12.66
N GLU A 71 -6.29 6.79 12.84
CA GLU A 71 -6.18 5.59 13.64
C GLU A 71 -5.23 4.59 12.99
N ALA A 72 -5.32 4.48 11.67
CA ALA A 72 -4.44 3.61 10.90
C ALA A 72 -2.99 4.08 11.02
N GLU A 73 -2.80 5.39 10.98
CA GLU A 73 -1.51 6.01 11.11
C GLU A 73 -0.90 5.69 12.48
N SER A 74 -1.75 5.73 13.49
CA SER A 74 -1.35 5.41 14.84
C SER A 74 -0.85 3.95 14.91
N MET A 75 -1.56 3.05 14.23
CA MET A 75 -1.16 1.64 14.19
C MET A 75 0.18 1.50 13.47
N LEU A 76 0.36 2.30 12.43
CA LEU A 76 1.63 2.34 11.70
C LEU A 76 2.74 2.83 12.62
N SER A 77 2.40 3.78 13.49
CA SER A 77 3.35 4.30 14.44
C SER A 77 3.82 3.19 15.38
N LYS A 78 2.88 2.31 15.74
CA LYS A 78 3.16 1.17 16.57
C LYS A 78 4.11 0.19 15.85
N ALA A 79 3.89 0.02 14.55
CA ALA A 79 4.77 -0.80 13.71
C ALA A 79 6.18 -0.22 13.71
N GLU A 80 6.25 1.11 13.63
CA GLU A 80 7.50 1.85 13.69
C GLU A 80 8.17 1.61 15.04
N SER A 81 7.37 1.69 16.07
CA SER A 81 7.82 1.51 17.45
C SER A 81 8.38 0.11 17.68
N LEU A 82 7.75 -0.89 17.08
CA LEU A 82 8.16 -2.28 17.26
C LEU A 82 9.43 -2.62 16.49
N GLY A 83 9.95 -1.66 15.73
CA GLY A 83 11.17 -1.89 15.00
C GLY A 83 10.92 -2.71 13.79
N GLY A 84 9.72 -2.56 13.22
CA GLY A 84 9.36 -3.30 12.06
C GLY A 84 9.99 -2.74 10.81
N ASP A 85 9.61 -3.27 9.67
CA ASP A 85 10.19 -2.82 8.41
C ASP A 85 9.65 -1.45 8.05
N LEU A 86 10.56 -0.49 8.03
CA LEU A 86 10.23 0.90 7.75
C LEU A 86 9.63 1.08 6.38
N SER A 87 10.20 0.42 5.39
CA SER A 87 9.76 0.56 4.02
C SER A 87 8.31 0.14 3.85
N GLU A 88 7.95 -0.99 4.46
CA GLU A 88 6.60 -1.52 4.33
C GLU A 88 5.56 -0.58 4.92
N ILE A 89 5.86 0.01 6.07
CA ILE A 89 4.89 0.91 6.68
C ILE A 89 4.97 2.30 6.06
N ALA A 90 6.13 2.64 5.50
CA ALA A 90 6.27 3.90 4.79
C ALA A 90 5.35 3.91 3.60
N CYS A 91 5.25 2.76 2.94
CA CYS A 91 4.39 2.61 1.79
C CYS A 91 2.93 2.84 2.19
N LEU A 92 2.52 2.27 3.31
CA LEU A 92 1.17 2.45 3.80
C LEU A 92 0.91 3.90 4.19
N ARG A 93 1.92 4.54 4.79
CA ARG A 93 1.79 5.94 5.18
C ARG A 93 1.58 6.85 3.97
N SER A 94 2.29 6.57 2.87
CA SER A 94 2.09 7.35 1.65
C SER A 94 0.68 7.14 1.11
N MET A 95 0.20 5.90 1.22
CA MET A 95 -1.14 5.54 0.80
C MET A 95 -2.16 6.29 1.63
N ALA A 96 -1.88 6.40 2.92
CA ALA A 96 -2.76 7.11 3.84
C ALA A 96 -2.89 8.57 3.44
N ALA A 97 -1.76 9.20 3.09
CA ALA A 97 -1.78 10.58 2.64
C ALA A 97 -2.54 10.69 1.32
N SER A 98 -2.30 9.74 0.43
CA SER A 98 -2.95 9.72 -0.88
C SER A 98 -4.47 9.56 -0.75
N ALA A 99 -4.90 8.69 0.17
CA ALA A 99 -6.33 8.48 0.39
C ALA A 99 -7.01 9.76 0.83
N ARG A 100 -6.37 10.49 1.72
CA ARG A 100 -6.88 11.76 2.19
C ARG A 100 -6.76 12.84 1.12
N LEU A 101 -5.83 12.65 0.21
CA LEU A 101 -5.66 13.56 -0.91
C LEU A 101 -6.88 13.51 -1.84
N LEU A 102 -7.41 12.29 -2.01
CA LEU A 102 -8.53 12.04 -2.94
C LEU A 102 -9.80 12.80 -2.55
N VAL A 103 -9.93 13.18 -1.28
CA VAL A 103 -11.10 13.92 -0.84
C VAL A 103 -11.22 15.24 -1.61
N ASN A 104 -10.07 15.79 -1.97
CA ASN A 104 -10.01 17.01 -2.75
C ASN A 104 -8.71 17.04 -3.57
N PRO A 105 -8.73 16.44 -4.76
CA PRO A 105 -7.54 16.34 -5.63
C PRO A 105 -7.22 17.65 -6.34
N GLN A 106 -7.26 18.75 -5.61
CA GLN A 106 -6.89 20.06 -6.15
C GLN A 106 -6.03 20.83 -5.16
N GLU A 107 -6.31 20.68 -3.88
CA GLU A 107 -5.57 21.42 -2.87
C GLU A 107 -4.76 20.48 -1.95
N ARG A 108 -5.14 19.21 -1.92
CA ARG A 108 -4.49 18.25 -1.03
C ARG A 108 -3.12 17.82 -1.54
N TRP A 109 -2.80 18.23 -2.76
CA TRP A 109 -1.50 17.93 -3.37
C TRP A 109 -0.37 18.56 -2.56
N GLN A 110 -0.61 19.78 -2.09
CA GLN A 110 0.39 20.54 -1.36
C GLN A 110 0.82 19.83 -0.08
N THR A 111 -0.14 19.33 0.66
CA THR A 111 0.15 18.69 1.92
C THR A 111 0.34 17.19 1.76
N TYR A 112 -0.75 16.51 1.42
CA TYR A 112 -0.76 15.06 1.34
C TYR A 112 0.09 14.53 0.19
N GLY A 113 0.07 15.22 -0.94
CA GLY A 113 0.87 14.79 -2.08
C GLY A 113 2.34 14.81 -1.73
N ALA A 114 2.78 15.87 -1.08
CA ALA A 114 4.15 16.00 -0.64
C ALA A 114 4.50 14.93 0.38
N GLU A 115 3.58 14.68 1.32
CA GLU A 115 3.79 13.69 2.37
C GLU A 115 3.91 12.29 1.79
N SER A 116 3.08 11.99 0.79
CA SER A 116 3.15 10.72 0.09
C SER A 116 4.53 10.56 -0.55
N SER A 117 5.03 11.65 -1.12
CA SER A 117 6.33 11.65 -1.76
C SER A 117 7.43 11.41 -0.73
N ARG A 118 7.28 12.01 0.46
CA ARG A 118 8.24 11.86 1.54
C ARG A 118 8.33 10.40 1.94
N GLN A 119 7.17 9.77 2.08
CA GLN A 119 7.09 8.38 2.46
C GLN A 119 7.64 7.46 1.39
N LEU A 120 7.37 7.77 0.14
CA LEU A 120 7.88 6.98 -0.97
C LEU A 120 9.38 7.04 -1.03
N ALA A 121 9.93 8.20 -0.80
CA ALA A 121 11.37 8.36 -0.76
C ALA A 121 11.94 7.50 0.36
N VAL A 122 11.25 7.50 1.50
CA VAL A 122 11.62 6.67 2.63
C VAL A 122 11.50 5.19 2.29
N ALA A 123 10.40 4.81 1.63
CA ALA A 123 10.17 3.42 1.25
C ALA A 123 11.27 2.92 0.33
N LEU A 124 11.65 3.73 -0.65
CA LEU A 124 12.72 3.37 -1.57
C LEU A 124 14.05 3.24 -0.87
N GLU A 125 14.31 4.14 0.07
CA GLU A 125 15.56 4.11 0.81
C GLU A 125 15.61 2.89 1.75
N ALA A 126 14.52 2.69 2.48
CA ALA A 126 14.43 1.59 3.44
C ALA A 126 14.53 0.24 2.73
N ASN A 127 13.78 0.05 1.65
CA ASN A 127 13.89 -1.16 0.85
C ASN A 127 13.83 -0.81 -0.64
N PRO A 128 14.99 -0.75 -1.31
CA PRO A 128 15.07 -0.39 -2.73
C PRO A 128 14.47 -1.44 -3.67
N ALA A 129 14.21 -2.62 -3.15
CA ALA A 129 13.65 -3.70 -3.94
C ALA A 129 12.16 -3.89 -3.63
N ASN A 130 11.61 -2.99 -2.83
CA ASN A 130 10.21 -3.07 -2.42
C ASN A 130 9.30 -2.72 -3.60
N PRO A 131 8.44 -3.67 -4.03
CA PRO A 131 7.53 -3.46 -5.16
C PRO A 131 6.49 -2.39 -4.87
N ARG A 132 6.10 -2.31 -3.61
CA ARG A 132 5.11 -1.36 -3.16
C ARG A 132 5.60 0.07 -3.33
N ALA A 133 6.88 0.29 -3.02
CA ALA A 133 7.48 1.60 -3.14
C ALA A 133 7.46 2.08 -4.59
N TYR A 134 7.84 1.19 -5.51
CA TYR A 134 7.84 1.51 -6.93
C TYR A 134 6.44 1.65 -7.48
N PHE A 135 5.52 0.79 -7.02
CA PHE A 135 4.14 0.84 -7.46
C PHE A 135 3.51 2.17 -7.17
N LEU A 136 3.65 2.62 -5.95
CA LEU A 136 3.10 3.89 -5.55
C LEU A 136 3.75 5.02 -6.31
N GLN A 137 5.06 4.90 -6.54
CA GLN A 137 5.79 5.87 -7.32
C GLN A 137 5.25 5.94 -8.73
N ALA A 138 5.07 4.78 -9.34
CA ALA A 138 4.56 4.72 -10.70
C ALA A 138 3.16 5.32 -10.77
N GLN A 139 2.33 4.97 -9.80
CA GLN A 139 0.97 5.48 -9.74
C GLN A 139 0.99 7.00 -9.57
N SER A 140 1.78 7.49 -8.64
CA SER A 140 1.87 8.91 -8.38
C SER A 140 2.41 9.65 -9.61
N LEU A 141 3.48 9.10 -10.21
CA LEU A 141 4.11 9.70 -11.37
C LEU A 141 3.17 9.72 -12.57
N LEU A 142 2.44 8.62 -12.75
CA LEU A 142 1.48 8.49 -13.86
C LEU A 142 0.37 9.53 -13.75
N TYR A 143 -0.13 9.72 -12.56
CA TYR A 143 -1.25 10.60 -12.34
C TYR A 143 -0.80 11.98 -11.85
N THR A 144 0.46 12.30 -12.06
CA THR A 144 0.99 13.60 -11.67
C THR A 144 0.35 14.70 -12.53
N PRO A 145 -0.32 15.67 -11.90
CA PRO A 145 -0.95 16.79 -12.61
C PRO A 145 0.06 17.62 -13.41
N ALA A 146 1.17 18.03 -12.75
CA ALA A 146 2.23 18.85 -13.42
C ALA A 146 3.31 19.30 -12.44
N GLN A 147 2.91 19.62 -11.21
CA GLN A 147 3.82 20.21 -10.20
C GLN A 147 4.99 19.28 -9.87
N PHE A 148 4.71 18.01 -9.79
CA PHE A 148 5.73 17.05 -9.35
C PHE A 148 6.65 16.65 -10.50
N GLY A 149 6.33 17.13 -11.71
CA GLY A 149 7.16 16.85 -12.87
C GLY A 149 7.13 15.40 -13.29
N GLY A 150 6.00 14.77 -13.07
CA GLY A 150 5.87 13.38 -13.40
C GLY A 150 5.36 13.17 -14.80
N GLY A 151 4.78 12.02 -15.02
CA GLY A 151 4.27 11.65 -16.30
C GLY A 151 4.34 10.16 -16.49
N LYS A 152 3.68 9.64 -17.51
CA LYS A 152 3.68 8.20 -17.77
C LYS A 152 5.11 7.72 -18.06
N ASP A 153 5.91 8.60 -18.65
CA ASP A 153 7.30 8.28 -18.95
C ASP A 153 8.08 8.01 -17.67
N LYS A 154 7.80 8.80 -16.63
CA LYS A 154 8.43 8.61 -15.33
C LYS A 154 7.89 7.35 -14.68
N ALA A 155 6.60 7.13 -14.86
CA ALA A 155 5.90 5.98 -14.31
C ALA A 155 6.40 4.64 -14.86
N LEU A 156 6.72 4.61 -16.16
CA LEU A 156 7.12 3.37 -16.84
C LEU A 156 8.22 2.57 -16.12
N PRO A 157 9.39 3.18 -15.78
CA PRO A 157 10.46 2.45 -15.11
C PRO A 157 10.04 1.97 -13.71
N PHE A 158 9.23 2.77 -13.03
CA PHE A 158 8.75 2.41 -11.71
C PHE A 158 7.75 1.26 -11.79
N ALA A 159 6.89 1.30 -12.79
CA ALA A 159 5.93 0.24 -13.01
C ALA A 159 6.66 -1.06 -13.31
N GLU A 160 7.69 -0.97 -14.13
CA GLU A 160 8.49 -2.13 -14.48
C GLU A 160 9.21 -2.68 -13.26
N LYS A 161 9.69 -1.77 -12.40
CA LYS A 161 10.37 -2.15 -11.16
C LYS A 161 9.46 -2.95 -10.25
N SER A 162 8.24 -2.47 -10.05
CA SER A 162 7.31 -3.16 -9.20
C SER A 162 6.96 -4.54 -9.75
N VAL A 163 6.77 -4.60 -11.07
CA VAL A 163 6.45 -5.86 -11.73
C VAL A 163 7.64 -6.82 -11.67
N SER A 164 8.86 -6.26 -11.79
CA SER A 164 10.08 -7.07 -11.75
C SER A 164 10.17 -7.83 -10.43
N CYS A 165 9.88 -7.14 -9.34
CA CYS A 165 9.89 -7.77 -8.03
C CYS A 165 8.83 -8.88 -7.94
N TYR A 166 7.65 -8.61 -8.51
CA TYR A 166 6.56 -9.61 -8.51
C TYR A 166 6.92 -10.80 -9.38
N ALA A 167 7.77 -10.58 -10.38
CA ALA A 167 8.23 -11.68 -11.23
C ALA A 167 8.99 -12.69 -10.37
N ALA A 168 9.82 -12.17 -9.46
CA ALA A 168 10.53 -13.03 -8.50
C ALA A 168 9.52 -13.68 -7.56
N ALA A 169 8.52 -12.88 -7.16
CA ALA A 169 7.40 -13.33 -6.32
C ALA A 169 7.86 -13.91 -4.99
N THR A 170 8.86 -13.29 -4.38
CA THR A 170 9.35 -13.74 -3.10
C THR A 170 8.39 -13.34 -1.98
N VAL A 171 7.44 -14.22 -1.70
CA VAL A 171 6.49 -13.99 -0.64
C VAL A 171 6.79 -14.93 0.51
N SER A 172 7.26 -14.39 1.60
CA SER A 172 7.56 -15.16 2.78
C SER A 172 7.37 -14.30 4.02
N PRO A 173 6.69 -14.83 5.06
CA PRO A 173 6.13 -16.17 5.05
C PRO A 173 4.82 -16.23 4.27
N ALA A 174 3.97 -17.16 4.62
CA ALA A 174 2.70 -17.37 3.96
C ALA A 174 1.79 -16.13 4.04
N TYR A 175 1.79 -15.45 5.19
CA TYR A 175 0.92 -14.31 5.38
C TYR A 175 1.57 -13.00 4.96
N ALA A 176 2.65 -13.08 4.20
CA ALA A 176 3.30 -11.88 3.71
C ALA A 176 2.37 -11.20 2.70
N PRO A 177 2.40 -9.86 2.59
CA PRO A 177 1.46 -9.11 1.72
C PRO A 177 1.45 -9.60 0.27
N HIS A 178 0.26 -9.91 -0.23
CA HIS A 178 0.11 -10.39 -1.61
C HIS A 178 -0.55 -9.32 -2.45
N TRP A 179 -0.88 -8.20 -1.83
CA TRP A 179 -1.63 -7.16 -2.50
C TRP A 179 -0.75 -6.30 -3.39
N GLY A 180 -1.38 -5.75 -4.43
CA GLY A 180 -0.70 -4.84 -5.33
C GLY A 180 -0.07 -5.53 -6.53
N GLU A 181 -0.01 -6.85 -6.53
CA GLU A 181 0.61 -7.58 -7.63
C GLU A 181 -0.13 -7.37 -8.95
N GLN A 182 -1.45 -7.46 -8.88
CA GLN A 182 -2.28 -7.28 -10.06
C GLN A 182 -2.30 -5.81 -10.48
N GLN A 183 -2.28 -4.95 -9.48
CA GLN A 183 -2.34 -3.53 -9.71
C GLN A 183 -1.09 -3.03 -10.42
N ALA A 184 0.07 -3.51 -9.99
CA ALA A 184 1.33 -3.10 -10.58
C ALA A 184 1.45 -3.50 -12.04
N ARG A 185 1.05 -4.73 -12.34
CA ARG A 185 1.14 -5.24 -13.69
C ARG A 185 0.23 -4.46 -14.65
N GLN A 186 -0.97 -4.13 -14.19
CA GLN A 186 -1.88 -3.36 -15.04
C GLN A 186 -1.51 -1.88 -15.08
N LEU A 187 -0.83 -1.41 -14.04
CA LEU A 187 -0.42 -0.03 -13.96
C LEU A 187 0.52 0.32 -15.10
N LEU A 188 1.43 -0.61 -15.40
CA LEU A 188 2.36 -0.44 -16.51
C LEU A 188 1.55 -0.36 -17.81
N MET A 189 0.52 -1.18 -17.93
CA MET A 189 -0.33 -1.21 -19.11
C MET A 189 -1.00 0.12 -19.28
N LEU A 190 -1.44 0.66 -18.18
CA LEU A 190 -2.04 1.98 -18.16
C LEU A 190 -1.01 3.04 -18.59
N CYS A 191 0.22 2.87 -18.12
CA CYS A 191 1.30 3.81 -18.43
C CYS A 191 1.65 3.78 -19.93
N LYS A 192 1.71 2.58 -20.51
CA LYS A 192 2.03 2.44 -21.94
C LYS A 192 0.87 2.89 -22.81
N ALA A 193 -0.31 2.82 -22.24
CA ALA A 193 -1.54 3.14 -22.94
C ALA A 193 -1.61 4.60 -23.38
N GLU A 194 -2.42 4.83 -24.42
CA GLU A 194 -2.63 6.14 -25.02
C GLU A 194 -1.34 6.70 -25.61
N THR A 195 -0.52 5.80 -26.12
CA THR A 195 0.72 6.19 -26.78
C THR A 195 0.73 5.63 -28.19
N GLN A 196 0.99 6.49 -29.18
CA GLN A 196 1.01 6.05 -30.56
C GLN A 196 2.23 5.18 -30.84
N GLU A 197 2.07 4.24 -31.76
CA GLU A 197 3.14 3.33 -32.14
C GLU A 197 4.28 4.13 -32.76
N LEU A 198 3.91 5.13 -33.57
CA LEU A 198 4.85 6.06 -34.21
C LEU A 198 5.74 5.32 -35.22
N VAL A 199 5.17 4.33 -35.88
CA VAL A 199 5.88 3.55 -36.87
C VAL A 199 5.28 3.73 -38.29
N PRO A 200 6.09 4.25 -39.23
CA PRO A 200 5.66 4.43 -40.63
C PRO A 200 5.30 3.09 -41.29
N ARG A 201 4.31 3.13 -42.19
CA ARG A 201 3.83 1.93 -42.90
C ARG A 201 3.37 0.85 -41.90
N MET A 1 -11.28 -19.05 12.02
CA MET A 1 -9.87 -19.45 11.99
C MET A 1 -9.73 -20.88 12.50
N GLY A 2 -8.52 -21.41 12.45
CA GLY A 2 -8.28 -22.75 12.94
C GLY A 2 -8.45 -22.84 14.44
N GLN A 3 -8.94 -23.97 14.91
CA GLN A 3 -9.18 -24.20 16.34
C GLN A 3 -7.88 -24.17 17.13
N GLY A 4 -6.81 -24.69 16.55
CA GLY A 4 -5.52 -24.73 17.22
C GLY A 4 -5.05 -23.35 17.58
N THR A 5 -5.29 -22.40 16.68
CA THR A 5 -4.96 -21.00 16.89
C THR A 5 -3.46 -20.74 16.83
N ALA A 6 -3.02 -20.25 15.70
CA ALA A 6 -1.63 -19.88 15.49
C ALA A 6 -1.60 -18.60 14.71
N TYR A 7 -0.63 -17.75 15.00
CA TYR A 7 -0.54 -16.46 14.32
C TYR A 7 -0.39 -16.66 12.83
N ALA A 8 0.52 -17.53 12.43
CA ALA A 8 0.74 -17.79 11.02
C ALA A 8 -0.51 -18.33 10.34
N GLU A 9 -1.21 -19.26 11.01
CA GLU A 9 -2.42 -19.84 10.44
C GLU A 9 -3.52 -18.81 10.29
N VAL A 10 -3.65 -17.96 11.30
CA VAL A 10 -4.65 -16.92 11.28
C VAL A 10 -4.36 -15.93 10.16
N MET A 11 -3.11 -15.50 10.08
CA MET A 11 -2.69 -14.52 9.10
C MET A 11 -2.81 -15.09 7.68
N ASN A 12 -2.46 -16.37 7.51
CA ASN A 12 -2.60 -17.04 6.21
C ASN A 12 -4.03 -17.01 5.74
N ARG A 13 -4.95 -17.30 6.65
CA ARG A 13 -6.36 -17.28 6.35
C ARG A 13 -6.85 -15.87 6.05
N LYS A 14 -6.44 -14.92 6.87
CA LYS A 14 -6.88 -13.55 6.74
C LYS A 14 -6.38 -12.92 5.44
N VAL A 15 -5.11 -13.15 5.14
CA VAL A 15 -4.52 -12.64 3.91
C VAL A 15 -5.14 -13.33 2.68
N ALA A 16 -5.39 -14.62 2.80
CA ALA A 16 -5.99 -15.37 1.71
C ALA A 16 -7.38 -14.83 1.38
N ALA A 17 -8.14 -14.50 2.43
CA ALA A 17 -9.48 -13.96 2.25
C ALA A 17 -9.42 -12.55 1.72
N LEU A 18 -8.31 -11.89 2.00
CA LEU A 18 -8.11 -10.49 1.61
C LEU A 18 -8.20 -10.35 0.09
N ASP A 19 -7.59 -11.28 -0.64
CA ASP A 19 -7.65 -11.25 -2.10
C ASP A 19 -9.06 -11.51 -2.60
N SER A 20 -9.72 -12.49 -1.97
CA SER A 20 -11.04 -12.92 -2.36
C SER A 20 -12.12 -11.87 -2.04
N VAL A 21 -12.00 -11.29 -0.87
CA VAL A 21 -13.00 -10.36 -0.35
C VAL A 21 -13.00 -9.03 -1.15
N PRO A 22 -14.19 -8.46 -1.39
CA PRO A 22 -14.33 -7.14 -2.03
C PRO A 22 -13.66 -6.04 -1.20
N PRO A 23 -13.14 -4.99 -1.86
CA PRO A 23 -12.44 -3.88 -1.18
C PRO A 23 -13.32 -3.14 -0.17
N THR A 24 -14.63 -3.21 -0.36
CA THR A 24 -15.57 -2.55 0.54
C THR A 24 -15.58 -3.22 1.90
N GLU A 25 -15.18 -4.48 1.94
CA GLU A 25 -15.21 -5.24 3.16
C GLU A 25 -13.89 -5.15 3.91
N TYR A 26 -13.00 -4.32 3.41
CA TYR A 26 -11.71 -4.12 4.07
C TYR A 26 -11.92 -3.47 5.42
N ALA A 27 -13.06 -2.82 5.59
CA ALA A 27 -13.41 -2.18 6.83
C ALA A 27 -13.47 -3.18 7.97
N THR A 28 -14.02 -4.36 7.69
CA THR A 28 -14.11 -5.38 8.70
C THR A 28 -12.77 -6.03 8.94
N LEU A 29 -11.99 -6.23 7.87
CA LEU A 29 -10.69 -6.85 8.01
C LEU A 29 -9.74 -5.95 8.75
N ALA A 30 -9.81 -4.64 8.50
CA ALA A 30 -8.95 -3.69 9.19
C ALA A 30 -9.20 -3.78 10.68
N ALA A 31 -10.47 -3.81 11.04
CA ALA A 31 -10.87 -3.98 12.42
C ALA A 31 -10.42 -5.33 12.93
N ASP A 32 -10.57 -6.35 12.09
CA ASP A 32 -10.26 -7.72 12.44
C ASP A 32 -8.75 -7.92 12.71
N PHE A 33 -7.90 -7.39 11.83
CA PHE A 33 -6.45 -7.45 12.04
C PHE A 33 -6.09 -6.64 13.26
N SER A 34 -6.81 -5.53 13.43
CA SER A 34 -6.64 -4.66 14.58
C SER A 34 -6.94 -5.43 15.87
N ARG A 35 -7.95 -6.30 15.81
CA ARG A 35 -8.33 -7.12 16.96
C ARG A 35 -7.15 -8.00 17.36
N ILE A 36 -6.48 -8.54 16.36
CA ILE A 36 -5.32 -9.39 16.57
C ILE A 36 -4.22 -8.56 17.23
N ALA A 37 -4.00 -7.37 16.71
CA ALA A 37 -3.02 -6.45 17.24
C ALA A 37 -3.37 -6.01 18.68
N ALA A 38 -4.66 -5.82 18.92
CA ALA A 38 -5.15 -5.40 20.23
C ALA A 38 -4.82 -6.41 21.32
N VAL A 39 -4.94 -7.68 20.98
CA VAL A 39 -4.67 -8.74 21.94
C VAL A 39 -3.25 -9.21 21.76
N GLU A 40 -2.54 -9.27 22.84
CA GLU A 40 -1.12 -9.70 22.86
C GLU A 40 -0.19 -8.64 22.23
N GLY A 41 -0.74 -7.83 21.37
CA GLY A 41 0.04 -6.86 20.65
C GLY A 41 0.43 -7.42 19.31
N SER A 42 0.33 -8.76 19.20
CA SER A 42 0.64 -9.50 17.99
C SER A 42 2.00 -9.07 17.40
N ASP A 43 2.16 -9.30 16.11
CA ASP A 43 3.35 -8.85 15.41
C ASP A 43 3.03 -7.58 14.66
N TRP A 44 4.07 -6.90 14.24
CA TRP A 44 3.96 -5.64 13.53
C TRP A 44 3.09 -5.79 12.28
N MET A 45 3.07 -7.00 11.74
CA MET A 45 2.38 -7.29 10.52
C MET A 45 0.88 -7.07 10.68
N ALA A 46 0.35 -7.41 11.84
CA ALA A 46 -1.07 -7.22 12.11
C ALA A 46 -1.42 -5.74 11.98
N ALA A 47 -0.54 -4.90 12.52
CA ALA A 47 -0.69 -3.45 12.42
C ALA A 47 -0.59 -3.01 10.97
N TYR A 48 0.34 -3.62 10.24
CA TYR A 48 0.56 -3.33 8.82
C TYR A 48 -0.71 -3.55 8.01
N TYR A 49 -1.32 -4.71 8.18
CA TYR A 49 -2.53 -5.04 7.43
C TYR A 49 -3.70 -4.19 7.87
N THR A 50 -3.73 -3.81 9.14
CA THR A 50 -4.78 -2.95 9.64
C THR A 50 -4.75 -1.61 8.91
N ALA A 51 -3.55 -1.02 8.82
CA ALA A 51 -3.36 0.23 8.12
C ALA A 51 -3.67 0.07 6.64
N TYR A 52 -3.23 -1.04 6.08
CA TYR A 52 -3.45 -1.37 4.68
C TYR A 52 -4.93 -1.41 4.34
N CYS A 53 -5.68 -2.12 5.15
CA CYS A 53 -7.10 -2.28 4.94
C CYS A 53 -7.84 -0.96 5.00
N ARG A 54 -7.44 -0.07 5.90
CA ARG A 54 -8.05 1.27 5.99
C ARG A 54 -7.70 2.13 4.77
N ILE A 55 -6.45 2.05 4.38
CA ILE A 55 -5.89 2.88 3.31
C ILE A 55 -6.44 2.56 1.90
N ILE A 56 -6.60 1.28 1.58
CA ILE A 56 -7.05 0.90 0.23
C ILE A 56 -8.41 1.53 -0.15
N PRO A 57 -9.46 1.38 0.67
CA PRO A 57 -10.76 1.99 0.41
C PRO A 57 -10.73 3.51 0.59
N ALA A 58 -9.70 4.01 1.26
CA ALA A 58 -9.55 5.45 1.52
C ALA A 58 -9.49 6.22 0.21
N PHE A 59 -8.83 5.63 -0.77
CA PHE A 59 -8.73 6.24 -2.09
C PHE A 59 -10.12 6.44 -2.69
N GLY A 60 -11.02 5.50 -2.43
CA GLY A 60 -12.37 5.60 -2.93
C GLY A 60 -13.37 6.01 -1.86
N ASN A 61 -12.87 6.44 -0.70
CA ASN A 61 -13.73 6.84 0.40
C ASN A 61 -13.21 8.11 1.05
N PRO A 62 -13.41 9.24 0.38
CA PRO A 62 -12.95 10.54 0.87
C PRO A 62 -13.77 11.03 2.07
N SER A 63 -14.92 10.41 2.30
CA SER A 63 -15.82 10.82 3.35
C SER A 63 -15.18 10.72 4.75
N GLU A 64 -14.53 9.59 5.02
CA GLU A 64 -13.92 9.40 6.33
C GLU A 64 -12.46 9.02 6.17
N ALA A 65 -11.88 9.39 5.03
CA ALA A 65 -10.50 9.04 4.73
C ALA A 65 -9.56 9.61 5.78
N ASP A 66 -9.86 10.81 6.22
CA ASP A 66 -9.09 11.47 7.26
C ASP A 66 -9.16 10.69 8.58
N ARG A 67 -10.36 10.27 8.96
CA ARG A 67 -10.57 9.53 10.20
C ARG A 67 -10.04 8.10 10.16
N LEU A 68 -10.00 7.51 9.00
CA LEU A 68 -9.41 6.19 8.90
C LEU A 68 -7.89 6.31 8.81
N CYS A 69 -7.44 7.45 8.30
CA CYS A 69 -6.03 7.76 8.21
C CYS A 69 -5.41 7.84 9.61
N GLU A 70 -6.10 8.50 10.54
CA GLU A 70 -5.60 8.65 11.92
C GLU A 70 -5.35 7.27 12.55
N GLU A 71 -6.27 6.33 12.31
CA GLU A 71 -6.14 4.99 12.83
C GLU A 71 -4.99 4.27 12.15
N ALA A 72 -4.90 4.43 10.83
CA ALA A 72 -3.86 3.80 10.04
C ALA A 72 -2.49 4.29 10.49
N GLU A 73 -2.39 5.60 10.72
CA GLU A 73 -1.16 6.19 11.17
C GLU A 73 -0.74 5.64 12.52
N SER A 74 -1.68 5.55 13.42
CA SER A 74 -1.43 5.05 14.75
C SER A 74 -0.97 3.58 14.69
N MET A 75 -1.61 2.81 13.82
CA MET A 75 -1.25 1.42 13.62
C MET A 75 0.14 1.29 13.02
N LEU A 76 0.47 2.20 12.10
CA LEU A 76 1.78 2.21 11.45
C LEU A 76 2.88 2.43 12.48
N SER A 77 2.61 3.27 13.47
CA SER A 77 3.57 3.54 14.53
C SER A 77 3.86 2.26 15.30
N LYS A 78 2.80 1.49 15.54
CA LYS A 78 2.91 0.24 16.28
C LYS A 78 3.77 -0.76 15.50
N ALA A 79 3.58 -0.78 14.19
CA ALA A 79 4.35 -1.64 13.30
C ALA A 79 5.83 -1.27 13.36
N GLU A 80 6.10 0.03 13.34
CA GLU A 80 7.46 0.54 13.39
C GLU A 80 8.12 0.24 14.74
N SER A 81 7.36 0.40 15.81
CA SER A 81 7.84 0.19 17.16
C SER A 81 8.29 -1.26 17.37
N LEU A 82 7.55 -2.20 16.80
CA LEU A 82 7.85 -3.61 16.95
C LEU A 82 9.05 -4.06 16.11
N GLY A 83 9.63 -3.12 15.35
CA GLY A 83 10.80 -3.46 14.56
C GLY A 83 10.44 -4.06 13.24
N GLY A 84 9.26 -3.75 12.76
CA GLY A 84 8.82 -4.24 11.51
C GLY A 84 9.46 -3.53 10.35
N ASP A 85 9.14 -3.96 9.15
CA ASP A 85 9.72 -3.38 7.96
C ASP A 85 9.20 -1.97 7.75
N LEU A 86 10.12 -1.03 7.83
CA LEU A 86 9.81 0.38 7.69
C LEU A 86 9.28 0.69 6.31
N SER A 87 9.88 0.09 5.31
CA SER A 87 9.53 0.34 3.93
C SER A 87 8.07 -0.04 3.66
N GLU A 88 7.65 -1.19 4.18
CA GLU A 88 6.29 -1.67 4.01
C GLU A 88 5.27 -0.72 4.64
N ILE A 89 5.57 -0.21 5.81
CA ILE A 89 4.64 0.68 6.47
C ILE A 89 4.77 2.11 5.93
N ALA A 90 5.97 2.48 5.50
CA ALA A 90 6.19 3.80 4.92
C ALA A 90 5.43 3.98 3.62
N CYS A 91 5.36 2.92 2.80
CA CYS A 91 4.64 3.01 1.55
C CYS A 91 3.13 3.15 1.80
N LEU A 92 2.65 2.53 2.87
CA LEU A 92 1.26 2.68 3.26
C LEU A 92 1.02 4.12 3.71
N ARG A 93 2.00 4.66 4.42
CA ARG A 93 1.95 6.02 4.94
C ARG A 93 1.77 7.03 3.81
N SER A 94 2.56 6.89 2.76
CA SER A 94 2.49 7.79 1.63
C SER A 94 1.14 7.70 0.91
N MET A 95 0.58 6.49 0.86
CA MET A 95 -0.72 6.30 0.23
C MET A 95 -1.81 7.03 0.99
N ALA A 96 -1.71 7.04 2.32
CA ALA A 96 -2.70 7.72 3.14
C ALA A 96 -2.74 9.21 2.81
N ALA A 97 -1.56 9.81 2.65
CA ALA A 97 -1.45 11.20 2.25
C ALA A 97 -2.04 11.40 0.86
N SER A 98 -1.77 10.43 -0.01
CA SER A 98 -2.26 10.46 -1.38
C SER A 98 -3.79 10.39 -1.44
N ALA A 99 -4.38 9.58 -0.56
CA ALA A 99 -5.84 9.46 -0.47
C ALA A 99 -6.47 10.80 -0.11
N ARG A 100 -5.81 11.52 0.79
CA ARG A 100 -6.25 12.83 1.21
C ARG A 100 -6.23 13.81 0.04
N LEU A 101 -5.25 13.65 -0.84
CA LEU A 101 -5.14 14.45 -2.05
C LEU A 101 -6.34 14.25 -2.95
N LEU A 102 -6.84 13.04 -3.02
CA LEU A 102 -8.03 12.77 -3.81
C LEU A 102 -9.21 13.56 -3.25
N VAL A 103 -9.22 13.72 -1.93
CA VAL A 103 -10.23 14.51 -1.27
C VAL A 103 -10.17 15.96 -1.78
N ASN A 104 -8.96 16.52 -1.86
CA ASN A 104 -8.78 17.88 -2.36
C ASN A 104 -7.49 18.01 -3.16
N PRO A 105 -7.55 17.71 -4.46
CA PRO A 105 -6.38 17.79 -5.33
C PRO A 105 -6.19 19.21 -5.85
N GLN A 106 -6.22 20.17 -4.95
CA GLN A 106 -6.05 21.55 -5.32
C GLN A 106 -5.05 22.24 -4.42
N GLU A 107 -5.28 22.15 -3.12
CA GLU A 107 -4.45 22.84 -2.14
C GLU A 107 -3.65 21.87 -1.29
N ARG A 108 -4.08 20.63 -1.27
CA ARG A 108 -3.47 19.63 -0.41
C ARG A 108 -2.13 19.14 -0.93
N TRP A 109 -1.79 19.53 -2.14
CA TRP A 109 -0.52 19.12 -2.77
C TRP A 109 0.67 19.59 -1.96
N GLN A 110 0.58 20.80 -1.43
CA GLN A 110 1.66 21.36 -0.64
C GLN A 110 1.92 20.55 0.62
N THR A 111 0.86 20.13 1.27
CA THR A 111 0.98 19.41 2.52
C THR A 111 1.09 17.89 2.32
N TYR A 112 -0.01 17.27 1.89
CA TYR A 112 -0.06 15.81 1.74
C TYR A 112 0.83 15.32 0.63
N GLY A 113 0.90 16.09 -0.45
CA GLY A 113 1.78 15.70 -1.54
C GLY A 113 3.21 15.63 -1.09
N ALA A 114 3.61 16.61 -0.29
CA ALA A 114 4.94 16.63 0.27
C ALA A 114 5.15 15.44 1.21
N GLU A 115 4.15 15.16 2.05
CA GLU A 115 4.23 14.05 3.00
C GLU A 115 4.36 12.72 2.27
N SER A 116 3.57 12.56 1.22
CA SER A 116 3.61 11.36 0.43
C SER A 116 5.00 11.19 -0.19
N SER A 117 5.55 12.27 -0.73
CA SER A 117 6.85 12.23 -1.35
C SER A 117 7.95 11.91 -0.32
N ARG A 118 7.86 12.55 0.84
CA ARG A 118 8.83 12.35 1.90
C ARG A 118 8.82 10.92 2.40
N GLN A 119 7.62 10.40 2.63
CA GLN A 119 7.44 9.05 3.11
C GLN A 119 7.80 8.01 2.07
N LEU A 120 7.45 8.30 0.82
CA LEU A 120 7.74 7.40 -0.27
C LEU A 120 9.26 7.25 -0.43
N ALA A 121 9.96 8.37 -0.25
CA ALA A 121 11.42 8.39 -0.30
C ALA A 121 11.99 7.48 0.78
N VAL A 122 11.34 7.51 1.93
CA VAL A 122 11.71 6.66 3.06
C VAL A 122 11.54 5.19 2.68
N ALA A 123 10.46 4.88 1.97
CA ALA A 123 10.19 3.51 1.55
C ALA A 123 11.32 2.96 0.69
N LEU A 124 11.78 3.76 -0.27
CA LEU A 124 12.90 3.34 -1.11
C LEU A 124 14.16 3.16 -0.29
N GLU A 125 14.38 4.08 0.63
CA GLU A 125 15.55 4.05 1.49
C GLU A 125 15.52 2.82 2.40
N ALA A 126 14.38 2.57 3.02
CA ALA A 126 14.22 1.46 3.94
C ALA A 126 14.43 0.11 3.25
N ASN A 127 13.78 -0.10 2.10
CA ASN A 127 14.02 -1.30 1.32
C ASN A 127 14.04 -0.99 -0.18
N PRO A 128 15.25 -0.91 -0.75
CA PRO A 128 15.45 -0.57 -2.18
C PRO A 128 14.98 -1.68 -3.13
N ALA A 129 14.67 -2.84 -2.59
CA ALA A 129 14.17 -3.93 -3.41
C ALA A 129 12.67 -4.11 -3.23
N ASN A 130 12.07 -3.22 -2.47
CA ASN A 130 10.64 -3.28 -2.18
C ASN A 130 9.83 -2.82 -3.38
N PRO A 131 8.96 -3.72 -3.92
CA PRO A 131 8.14 -3.41 -5.08
C PRO A 131 7.12 -2.32 -4.80
N ARG A 132 6.67 -2.23 -3.56
CA ARG A 132 5.69 -1.23 -3.17
C ARG A 132 6.26 0.17 -3.30
N ALA A 133 7.51 0.34 -2.90
CA ALA A 133 8.17 1.64 -2.98
C ALA A 133 8.27 2.11 -4.43
N TYR A 134 8.66 1.21 -5.32
CA TYR A 134 8.78 1.53 -6.73
C TYR A 134 7.41 1.73 -7.38
N PHE A 135 6.44 0.92 -6.96
CA PHE A 135 5.08 1.00 -7.49
C PHE A 135 4.49 2.36 -7.24
N LEU A 136 4.60 2.83 -6.02
CA LEU A 136 4.07 4.11 -5.65
C LEU A 136 4.77 5.22 -6.39
N GLN A 137 6.08 5.07 -6.57
CA GLN A 137 6.85 6.04 -7.31
C GLN A 137 6.35 6.16 -8.72
N ALA A 138 6.18 5.03 -9.37
CA ALA A 138 5.70 5.03 -10.74
C ALA A 138 4.30 5.62 -10.82
N GLN A 139 3.44 5.24 -9.89
CA GLN A 139 2.08 5.75 -9.87
C GLN A 139 2.07 7.26 -9.63
N SER A 140 2.82 7.70 -8.63
CA SER A 140 2.88 9.11 -8.29
C SER A 140 3.47 9.92 -9.44
N LEU A 141 4.57 9.42 -10.00
CA LEU A 141 5.26 10.10 -11.09
C LEU A 141 4.36 10.19 -12.33
N LEU A 142 3.66 9.11 -12.63
CA LEU A 142 2.76 9.06 -13.77
C LEU A 142 1.62 10.05 -13.63
N TYR A 143 1.06 10.13 -12.45
CA TYR A 143 -0.10 10.98 -12.20
C TYR A 143 0.30 12.32 -11.60
N THR A 144 1.57 12.67 -11.74
CA THR A 144 2.07 13.95 -11.26
C THR A 144 1.45 15.11 -12.05
N PRO A 145 0.86 16.11 -11.35
CA PRO A 145 0.30 17.30 -11.98
C PRO A 145 1.36 18.37 -12.24
N ALA A 146 2.48 17.94 -12.88
CA ALA A 146 3.62 18.82 -13.23
C ALA A 146 4.39 19.40 -12.01
N GLN A 147 3.71 19.50 -10.88
CA GLN A 147 4.29 20.10 -9.68
C GLN A 147 5.52 19.35 -9.17
N PHE A 148 5.47 18.05 -9.25
CA PHE A 148 6.54 17.23 -8.70
C PHE A 148 7.59 16.88 -9.75
N GLY A 149 7.40 17.39 -10.96
CA GLY A 149 8.38 17.15 -12.04
C GLY A 149 8.47 15.70 -12.44
N GLY A 150 7.33 15.02 -12.44
CA GLY A 150 7.30 13.62 -12.77
C GLY A 150 7.08 13.37 -14.23
N GLY A 151 6.09 12.55 -14.53
CA GLY A 151 5.77 12.21 -15.88
C GLY A 151 5.94 10.73 -16.13
N LYS A 152 5.41 10.24 -17.23
CA LYS A 152 5.50 8.82 -17.56
C LYS A 152 6.96 8.40 -17.75
N ASP A 153 7.78 9.35 -18.20
CA ASP A 153 9.22 9.13 -18.40
C ASP A 153 9.89 8.76 -17.08
N LYS A 154 9.55 9.51 -16.05
CA LYS A 154 10.08 9.28 -14.71
C LYS A 154 9.57 7.95 -14.15
N ALA A 155 8.31 7.65 -14.43
CA ALA A 155 7.65 6.45 -13.94
C ALA A 155 8.14 5.17 -14.62
N LEU A 156 8.78 5.32 -15.79
CA LEU A 156 9.20 4.16 -16.59
C LEU A 156 10.09 3.18 -15.81
N PRO A 157 11.21 3.64 -15.18
CA PRO A 157 12.08 2.74 -14.42
C PRO A 157 11.40 2.17 -13.19
N PHE A 158 10.59 2.99 -12.53
CA PHE A 158 9.91 2.59 -11.31
C PHE A 158 8.87 1.51 -11.57
N ALA A 159 8.14 1.68 -12.67
CA ALA A 159 7.15 0.69 -13.05
C ALA A 159 7.80 -0.65 -13.37
N GLU A 160 8.93 -0.59 -14.07
CA GLU A 160 9.70 -1.80 -14.39
C GLU A 160 10.22 -2.47 -13.12
N LYS A 161 10.70 -1.66 -12.17
CA LYS A 161 11.26 -2.15 -10.91
C LYS A 161 10.26 -2.92 -10.08
N SER A 162 9.07 -2.36 -9.92
CA SER A 162 8.06 -3.00 -9.12
C SER A 162 7.63 -4.33 -9.72
N VAL A 163 7.45 -4.35 -11.03
CA VAL A 163 7.05 -5.55 -11.73
C VAL A 163 8.19 -6.59 -11.70
N SER A 164 9.42 -6.10 -11.89
CA SER A 164 10.59 -6.98 -11.91
C SER A 164 10.72 -7.71 -10.57
N CYS A 165 10.49 -7.00 -9.49
CA CYS A 165 10.54 -7.56 -8.16
C CYS A 165 9.48 -8.67 -8.00
N TYR A 166 8.27 -8.42 -8.51
CA TYR A 166 7.19 -9.41 -8.42
C TYR A 166 7.51 -10.63 -9.25
N ALA A 167 8.28 -10.45 -10.31
CA ALA A 167 8.72 -11.57 -11.13
C ALA A 167 9.55 -12.53 -10.28
N ALA A 168 10.46 -11.97 -9.46
CA ALA A 168 11.25 -12.77 -8.53
C ALA A 168 10.33 -13.39 -7.49
N ALA A 169 9.37 -12.58 -7.04
CA ALA A 169 8.34 -12.99 -6.10
C ALA A 169 8.91 -13.53 -4.80
N THR A 170 9.58 -12.69 -4.05
CA THR A 170 10.09 -13.07 -2.76
C THR A 170 8.99 -12.94 -1.71
N VAL A 171 8.21 -14.00 -1.56
CA VAL A 171 7.11 -14.00 -0.61
C VAL A 171 7.42 -14.94 0.55
N SER A 172 7.45 -14.37 1.74
CA SER A 172 7.74 -15.13 2.94
C SER A 172 7.12 -14.44 4.15
N PRO A 173 6.61 -15.20 5.13
CA PRO A 173 6.60 -16.68 5.11
C PRO A 173 5.64 -17.27 4.08
N ALA A 174 4.48 -16.63 3.93
CA ALA A 174 3.45 -17.10 3.01
C ALA A 174 2.36 -16.07 2.88
N TYR A 175 1.95 -15.53 4.01
CA TYR A 175 0.91 -14.54 4.06
C TYR A 175 1.45 -13.15 3.78
N ALA A 176 2.71 -13.08 3.39
CA ALA A 176 3.35 -11.80 3.08
C ALA A 176 2.59 -11.10 1.94
N PRO A 177 2.58 -9.75 1.93
CA PRO A 177 1.78 -8.97 0.96
C PRO A 177 2.02 -9.37 -0.49
N HIS A 178 0.92 -9.66 -1.19
CA HIS A 178 0.98 -10.04 -2.61
C HIS A 178 0.35 -8.93 -3.44
N TRP A 179 -0.18 -7.93 -2.76
CA TRP A 179 -0.94 -6.87 -3.39
C TRP A 179 -0.08 -5.95 -4.24
N GLY A 180 -0.70 -5.41 -5.27
CA GLY A 180 -0.02 -4.47 -6.14
C GLY A 180 0.64 -5.16 -7.32
N GLU A 181 0.68 -6.48 -7.29
CA GLU A 181 1.32 -7.26 -8.36
C GLU A 181 0.63 -7.04 -9.71
N GLN A 182 -0.70 -7.11 -9.70
CA GLN A 182 -1.47 -6.94 -10.91
C GLN A 182 -1.53 -5.47 -11.32
N GLN A 183 -1.60 -4.61 -10.32
CA GLN A 183 -1.65 -3.16 -10.56
C GLN A 183 -0.33 -2.63 -11.10
N ALA A 184 0.79 -3.15 -10.59
CA ALA A 184 2.11 -2.70 -11.03
C ALA A 184 2.31 -2.96 -12.49
N ARG A 185 1.89 -4.14 -12.94
CA ARG A 185 2.00 -4.50 -14.34
C ARG A 185 1.16 -3.54 -15.19
N GLN A 186 -0.06 -3.24 -14.72
CA GLN A 186 -0.94 -2.32 -15.41
C GLN A 186 -0.33 -0.94 -15.45
N LEU A 187 0.25 -0.56 -14.33
CA LEU A 187 0.89 0.72 -14.20
C LEU A 187 2.04 0.85 -15.20
N LEU A 188 2.82 -0.20 -15.30
CA LEU A 188 3.92 -0.24 -16.26
C LEU A 188 3.43 -0.10 -17.70
N MET A 189 2.35 -0.79 -18.00
CA MET A 189 1.76 -0.71 -19.34
C MET A 189 1.30 0.69 -19.58
N LEU A 190 0.73 1.27 -18.56
CA LEU A 190 0.22 2.64 -18.60
C LEU A 190 1.35 3.68 -18.65
N CYS A 191 2.53 3.31 -18.18
CA CYS A 191 3.68 4.21 -18.25
C CYS A 191 4.38 4.11 -19.60
N LYS A 192 4.68 2.88 -20.04
CA LYS A 192 5.36 2.68 -21.32
C LYS A 192 4.44 2.99 -22.47
N ALA A 193 3.23 2.60 -22.30
CA ALA A 193 2.17 2.80 -23.29
C ALA A 193 1.02 3.54 -22.65
N GLU A 194 -0.09 3.66 -23.33
CA GLU A 194 -1.27 4.29 -22.77
C GLU A 194 -2.44 3.33 -22.85
N THR A 195 -3.53 3.68 -22.18
CA THR A 195 -4.69 2.80 -22.10
C THR A 195 -5.22 2.43 -23.50
N GLN A 196 -5.12 1.16 -23.82
CA GLN A 196 -5.60 0.64 -25.08
C GLN A 196 -5.79 -0.86 -24.95
N GLU A 197 -6.90 -1.36 -25.42
CA GLU A 197 -7.14 -2.78 -25.41
C GLU A 197 -6.63 -3.39 -26.70
N LEU A 198 -5.42 -3.91 -26.65
CA LEU A 198 -4.77 -4.50 -27.82
C LEU A 198 -5.53 -5.72 -28.29
N VAL A 199 -5.95 -6.52 -27.36
CA VAL A 199 -6.67 -7.74 -27.66
C VAL A 199 -7.75 -7.98 -26.60
N PRO A 200 -8.96 -8.42 -27.03
CA PRO A 200 -10.02 -8.80 -26.09
C PRO A 200 -9.54 -9.94 -25.21
N ARG A 201 -9.70 -9.78 -23.91
CA ARG A 201 -9.22 -10.78 -22.97
C ARG A 201 -9.68 -10.44 -21.57
#